data_7MW2
#
_entry.id   7MW2
#
_cell.length_a   1.00
_cell.length_b   1.00
_cell.length_c   1.00
_cell.angle_alpha   90.00
_cell.angle_beta   90.00
_cell.angle_gamma   90.00
#
_symmetry.space_group_name_H-M   'P 1'
#
loop_
_entity.id
_entity.type
_entity.pdbx_description
1 polymer 'Spike glycoprotein'
2 polymer 'Fab of antibody clone 6, light chain'
3 polymer 'Fab of antibody clone 6, heavy chain'
4 branched 2-acetamido-2-deoxy-beta-D-glucopyranose-(1-4)-2-acetamido-2-deoxy-beta-D-glucopyranose
5 non-polymer 2-acetamido-2-deoxy-beta-D-glucopyranose
#
loop_
_entity_poly.entity_id
_entity_poly.type
_entity_poly.pdbx_seq_one_letter_code
_entity_poly.pdbx_strand_id
1 'polypeptide(L)'
;MFVFLVLLPLVSSQCVNLTTRTQLPPAYTNSFTRGVYYPDKVFRSSVLHSTQDLFLPFFSNVTWFHAIHVSGTNGTKRFD
NPVLPFNDGVYFASTEKSNIIRGWIFGTTLDSKTQSLLIVNNATNVVIKVCEFQFCNDPFLGVYYHKNNKSWMESEFRVY
SSANNCTFEYVSQPFLMDLEGKQGNFKNLREFVFKNIDGYFKIYSKHTPINLVRDLPQGFSALEPLVDLPIGINITRFQT
LLALHRSYLTPGDSSSGWTAGAAAYYVGYLQPRTFLLKYNENGTITDAVDCALDPLSETKCTLKSFTVEKGIYQTSNFRV
QPTESIVRFPNITNLCPFGEVFNATRFASVYAWNRKRISNCVADYSVLYNSASFSTFKCYGVSPTKLNDLCFTNVYADSF
VIRGDEVRQIAPGQTGKIADYNYKLPDDFTGCVIAWNSNNLDSKVGGNYNYLYRLFRKSNLKPFERDISTEIYQAGSTPC
NGVEGFNCYFPLQSYGFQPTNGVGYQPYRVVVLSFELLHAPATVCGPKKSTNLVKNKCVNFNFNGLTGTGVLTESNKKFL
PFQQFGRDIADTTDAVRDPQTLEILDITPCSFGGVSVITPGTNTSNQVAVLYQDVNCTEVPVAIHADQLTPTWRVYSTGS
NVFQTRAGCLIGAEHVNNSYECDIPIGAGICASYQTQTNSPGSASSVASQSIIAYTMSLGAENSVAYSNNSIAIPTNFTI
SVTTEILPVSMTKTSVDCTMYICGDSTECSNLLLQYGSFCTQLNRALTGIAVEQDKNTQEVFAQVKQIYKTPPIKDFGGF
NFSQILPDPSKPSKRSFIEDLLFNKVTLADAGFIKQYGDCLGDIAARDLICAQKFNGLTVLPPLLTDEMIAQYTSALLAG
TITSGWTFGAGAALQIPFAMQMAYRFNGIGVTQNVLYENQKLIANQFNSAIGKIQDSLSSTASALGKLQDVVNQNAQALN
TLVKQLSSNFGAISSVLNDILSRLDPPEAEVQIDRLITGRLQSLQTYVTQQLIRAAEIRASANLAATKMSECVLGQSKRV
DFCGKGYHLMSFPQSAPHGVVFLHVTYVPAQEKNFTTAPAICHDGKAHFPREGVFVSNGTHWFVTQRNFYEPQIITTDNT
FVSGNCDVVIGIVNNTVYDPLQPELDSFKEELDKYFKNHTSPDVDLGDISGINASVVNIQKEIDRLNEVAKNLNESLIDL
QELGKYEQGSGYIPEAPRDGQAYVRKDGEWVLLSTFLGRSLEVLFQGPGHHHHHHHHSAWSHPQFEKGGGSGGGGSGGSA
WSHPQFEK
;
A,C,B
2 'polypeptide(L)'
;MEKDTLLLWVLLLWVPGSTGDIVLTQSPASLAVSLGQRATISCRASESVDNYGISFMNWFQQTPGQPPKLLIYGSSNQGS
GVPARFSGSGSGTDFSLNIHPMEEDDTAMYFCQQSKEVPYTFGGGTKLEIKRTVAAPSVFIFPPSDEQLKSGTASVVCLL
NNFYPREAKVQWKVDNALQSGNSQESVTEQDSKDSTYSLSSTLTLSKADYEKHKVYACEVTHQGLSSPVTKSFNRGEA
;
E,L,G
3 'polypeptide(L)'
;MERHWIFLFLLSVTAGVHSQVQLQQSAAELARPGASVKMSCKASGYTFTSYTMHWVKQRPGQGLEWIGYINPTSGYTEYN
QNFKDKTTLTADKSSSTAYMQLNSLTSEDSAVYYCAREGHRVGPAYWGQGTLVTVSAASTKGPSVFPLAPSSKSTSGGTA
ALGCLVKDYFPEPVTVSWNSGALTSGVHTFPAVLQSSGLYSLSSVVTVPSSSLGTQTYICNVNHKPSNTKVDKKVEP
;
D,H,F
#
loop_
_chem_comp.id
_chem_comp.type
_chem_comp.name
_chem_comp.formula
NAG D-saccharide, beta linking 2-acetamido-2-deoxy-beta-D-glucopyranose 'C8 H15 N O6'
#
# COMPACT_ATOMS: atom_id res chain seq x y z
N ALA A 27 21.27 47.66 -29.15
CA ALA A 27 21.93 46.78 -30.11
C ALA A 27 21.74 45.32 -29.74
N TYR A 28 21.72 44.46 -30.74
CA TYR A 28 21.55 43.02 -30.54
C TYR A 28 22.52 42.29 -31.45
N THR A 29 22.93 41.09 -31.02
CA THR A 29 23.77 40.25 -31.86
C THR A 29 23.31 38.80 -31.68
N ASN A 30 23.96 37.87 -32.37
CA ASN A 30 23.53 36.48 -32.43
C ASN A 30 24.50 35.60 -31.65
N SER A 31 23.96 34.80 -30.74
CA SER A 31 24.74 33.78 -30.03
C SER A 31 24.54 32.43 -30.73
N PHE A 32 25.40 32.20 -31.71
CA PHE A 32 25.25 31.06 -32.63
C PHE A 32 25.20 29.72 -31.91
N THR A 33 26.32 29.33 -31.29
CA THR A 33 26.39 28.07 -30.57
C THR A 33 27.01 28.22 -29.19
N ARG A 34 27.10 29.45 -28.68
CA ARG A 34 27.72 29.70 -27.39
C ARG A 34 26.72 29.44 -26.26
N GLY A 35 27.26 29.38 -25.04
CA GLY A 35 26.45 29.21 -23.86
C GLY A 35 26.33 27.80 -23.34
N VAL A 36 26.90 26.82 -24.05
CA VAL A 36 26.86 25.43 -23.60
C VAL A 36 27.85 25.24 -22.46
N TYR A 37 27.47 24.42 -21.48
CA TYR A 37 28.32 24.16 -20.33
C TYR A 37 28.17 22.70 -19.94
N TYR A 38 28.99 22.28 -18.98
CA TYR A 38 28.90 20.91 -18.49
C TYR A 38 27.73 20.79 -17.52
N PRO A 39 26.72 20.00 -17.85
CA PRO A 39 25.53 19.94 -16.98
C PRO A 39 25.81 19.40 -15.59
N ASP A 40 26.73 18.45 -15.47
CA ASP A 40 27.00 17.80 -14.19
C ASP A 40 28.49 17.47 -14.08
N LYS A 41 28.83 16.76 -12.99
CA LYS A 41 30.21 16.37 -12.74
C LYS A 41 30.54 15.00 -13.32
N VAL A 42 29.58 14.33 -13.95
CA VAL A 42 29.84 12.99 -14.48
C VAL A 42 30.75 13.08 -15.71
N PHE A 43 31.73 12.20 -15.76
CA PHE A 43 32.66 12.12 -16.89
C PHE A 43 32.07 11.19 -17.94
N ARG A 44 32.02 11.66 -19.18
CA ARG A 44 31.51 10.88 -20.30
C ARG A 44 32.47 10.96 -21.46
N SER A 45 32.71 9.83 -22.13
CA SER A 45 33.71 9.75 -23.18
C SER A 45 33.13 9.04 -24.39
N SER A 46 33.29 9.68 -25.56
CA SER A 46 32.89 9.10 -26.84
C SER A 46 31.43 8.65 -26.83
N VAL A 47 30.56 9.48 -26.26
CA VAL A 47 29.14 9.19 -26.16
C VAL A 47 28.36 10.49 -26.37
N LEU A 48 27.17 10.35 -26.94
CA LEU A 48 26.23 11.46 -27.08
C LEU A 48 25.23 11.37 -25.95
N HIS A 49 25.13 12.44 -25.15
CA HIS A 49 24.33 12.42 -23.94
C HIS A 49 23.24 13.48 -24.05
N SER A 50 21.99 13.08 -23.84
CA SER A 50 20.87 14.00 -23.88
C SER A 50 20.55 14.47 -22.47
N THR A 51 20.52 15.79 -22.28
CA THR A 51 20.23 16.38 -20.98
C THR A 51 19.16 17.44 -21.15
N GLN A 52 18.52 17.80 -20.04
CA GLN A 52 17.51 18.85 -20.02
C GLN A 52 17.83 19.80 -18.88
N ASP A 53 18.13 21.05 -19.22
CA ASP A 53 18.62 21.99 -18.21
C ASP A 53 18.41 23.41 -18.73
N LEU A 54 18.78 24.40 -17.92
CA LEU A 54 18.71 25.79 -18.31
C LEU A 54 19.89 26.09 -19.24
N PHE A 55 19.61 26.17 -20.52
CA PHE A 55 20.62 26.42 -21.53
C PHE A 55 20.30 27.69 -22.30
N LEU A 56 21.32 28.27 -22.91
CA LEU A 56 21.09 29.38 -23.82
C LEU A 56 20.66 28.83 -25.17
N PRO A 57 19.47 29.17 -25.67
CA PRO A 57 19.02 28.61 -26.94
C PRO A 57 19.96 28.97 -28.08
N PHE A 58 20.14 28.03 -28.99
CA PHE A 58 21.01 28.24 -30.13
C PHE A 58 20.46 29.32 -31.05
N PHE A 59 21.35 30.15 -31.58
CA PHE A 59 21.02 31.21 -32.53
C PHE A 59 20.00 32.18 -31.95
N SER A 60 20.03 32.38 -30.63
CA SER A 60 19.23 33.41 -30.00
C SER A 60 19.91 34.77 -30.18
N ASN A 61 19.16 35.83 -29.88
CA ASN A 61 19.72 37.18 -29.93
C ASN A 61 20.03 37.64 -28.51
N VAL A 62 21.27 38.08 -28.31
CA VAL A 62 21.74 38.57 -27.01
C VAL A 62 21.96 40.07 -27.12
N THR A 63 21.60 40.78 -26.05
CA THR A 63 21.75 42.23 -26.04
C THR A 63 23.21 42.63 -25.95
N TRP A 64 23.59 43.64 -26.70
CA TRP A 64 24.96 44.10 -26.81
C TRP A 64 25.08 45.47 -26.16
N PHE A 65 25.95 45.59 -25.16
CA PHE A 65 26.24 46.86 -24.51
C PHE A 65 27.70 47.20 -24.75
N HIS A 66 27.95 48.33 -25.42
CA HIS A 66 29.29 48.76 -25.75
C HIS A 66 29.68 49.90 -24.83
N ALA A 67 30.89 49.84 -24.27
CA ALA A 67 31.39 50.88 -23.37
C ALA A 67 32.29 51.85 -24.12
N PHE A 79 29.85 53.39 -21.90
CA PHE A 79 29.69 53.14 -20.47
C PHE A 79 28.21 53.06 -20.13
N ASP A 80 27.67 51.84 -20.15
CA ASP A 80 26.23 51.62 -20.04
C ASP A 80 25.81 51.21 -18.64
N ASN A 81 26.33 50.08 -18.15
CA ASN A 81 25.97 49.38 -16.91
C ASN A 81 24.48 49.49 -16.56
N PRO A 82 23.57 49.04 -17.44
CA PRO A 82 22.15 49.07 -17.08
C PRO A 82 21.81 48.02 -16.02
N VAL A 83 20.73 48.27 -15.30
CA VAL A 83 20.19 47.25 -14.41
C VAL A 83 19.31 46.31 -15.25
N LEU A 84 19.68 45.03 -15.25
CA LEU A 84 19.06 44.06 -16.14
C LEU A 84 18.42 42.95 -15.33
N PRO A 85 17.32 42.38 -15.82
CA PRO A 85 16.70 41.25 -15.13
C PRO A 85 17.57 40.01 -15.18
N PHE A 86 17.27 39.06 -14.29
CA PHE A 86 18.00 37.80 -14.23
C PHE A 86 17.33 36.70 -15.03
N ASN A 87 16.07 36.37 -14.71
CA ASN A 87 15.25 35.46 -15.51
C ASN A 87 15.90 34.09 -15.67
N ASP A 88 16.01 33.38 -14.54
CA ASP A 88 16.41 31.98 -14.43
C ASP A 88 17.89 31.74 -14.70
N GLY A 89 18.66 32.76 -15.02
CA GLY A 89 20.08 32.60 -15.30
C GLY A 89 20.47 33.45 -16.49
N VAL A 90 21.75 33.82 -16.53
CA VAL A 90 22.23 34.71 -17.57
C VAL A 90 23.55 34.21 -18.13
N TYR A 91 23.74 34.44 -19.43
CA TYR A 91 24.99 34.19 -20.11
C TYR A 91 25.62 35.55 -20.41
N PHE A 92 26.83 35.76 -19.91
CA PHE A 92 27.50 37.05 -19.97
C PHE A 92 28.84 36.87 -20.66
N ALA A 93 29.01 37.51 -21.83
CA ALA A 93 30.25 37.42 -22.57
C ALA A 93 30.90 38.80 -22.62
N SER A 94 32.23 38.84 -22.52
CA SER A 94 32.95 40.10 -22.52
C SER A 94 34.20 39.97 -23.37
N THR A 95 34.60 41.05 -24.01
CA THR A 95 35.80 41.06 -24.83
C THR A 95 36.80 42.11 -24.35
N SER A 98 41.80 45.65 -22.24
CA SER A 98 41.93 45.91 -20.81
C SER A 98 40.77 45.30 -20.03
N ASN A 99 40.93 45.22 -18.71
CA ASN A 99 39.91 44.62 -17.84
C ASN A 99 38.93 45.70 -17.40
N ILE A 100 38.15 46.19 -18.36
CA ILE A 100 37.14 47.19 -18.06
C ILE A 100 36.03 46.60 -17.21
N ILE A 101 35.52 45.43 -17.59
CA ILE A 101 34.51 44.76 -16.79
C ILE A 101 35.19 44.10 -15.60
N ARG A 102 34.70 44.40 -14.40
CA ARG A 102 35.34 43.93 -13.18
C ARG A 102 34.50 42.90 -12.43
N GLY A 103 33.21 43.16 -12.25
CA GLY A 103 32.39 42.24 -11.49
C GLY A 103 30.92 42.43 -11.79
N TRP A 104 30.10 41.91 -10.90
CA TRP A 104 28.65 41.95 -11.07
C TRP A 104 27.96 42.17 -9.72
N ILE A 105 26.72 42.63 -9.81
CA ILE A 105 25.83 42.78 -8.68
C ILE A 105 24.56 41.98 -8.97
N PHE A 106 24.12 41.19 -8.00
CA PHE A 106 22.87 40.44 -8.11
C PHE A 106 22.01 40.74 -6.90
N GLY A 107 20.71 40.50 -7.05
CA GLY A 107 19.82 40.67 -5.93
C GLY A 107 18.39 40.89 -6.39
N THR A 108 17.58 41.39 -5.45
CA THR A 108 16.16 41.63 -5.67
C THR A 108 15.84 43.10 -5.84
N THR A 109 16.23 43.94 -4.89
CA THR A 109 16.01 45.38 -4.98
C THR A 109 17.29 46.19 -5.10
N LEU A 110 18.45 45.57 -4.92
CA LEU A 110 19.74 46.25 -4.97
C LEU A 110 19.79 47.42 -4.00
N ASP A 111 19.16 47.27 -2.84
CA ASP A 111 19.08 48.30 -1.82
C ASP A 111 19.31 47.65 -0.47
N SER A 112 19.50 48.48 0.56
CA SER A 112 19.78 47.95 1.89
C SER A 112 18.59 47.19 2.46
N LYS A 113 17.39 47.40 1.91
CA LYS A 113 16.21 46.73 2.44
C LYS A 113 16.29 45.22 2.23
N THR A 114 16.77 44.78 1.07
CA THR A 114 16.79 43.37 0.71
C THR A 114 18.23 42.92 0.49
N GLN A 115 18.49 41.66 0.85
CA GLN A 115 19.83 41.09 0.79
C GLN A 115 20.26 40.90 -0.66
N SER A 116 21.51 41.25 -0.94
CA SER A 116 22.04 41.25 -2.31
C SER A 116 23.44 40.66 -2.34
N LEU A 117 23.85 40.23 -3.52
CA LEU A 117 25.13 39.56 -3.73
C LEU A 117 26.03 40.44 -4.60
N LEU A 118 27.32 40.43 -4.33
CA LEU A 118 28.31 41.22 -5.04
C LEU A 118 29.53 40.37 -5.37
N ILE A 119 30.05 40.54 -6.59
CA ILE A 119 31.27 39.89 -7.03
C ILE A 119 32.17 40.98 -7.61
N VAL A 120 33.37 41.14 -7.05
CA VAL A 120 34.31 42.17 -7.49
C VAL A 120 35.65 41.53 -7.82
N ASN A 121 36.34 42.09 -8.81
CA ASN A 121 37.67 41.61 -9.19
C ASN A 121 38.57 42.83 -9.34
N ASN A 122 38.60 43.68 -8.31
CA ASN A 122 39.45 44.87 -8.34
C ASN A 122 40.93 44.50 -8.42
N ALA A 123 41.33 43.49 -7.66
CA ALA A 123 42.71 43.02 -7.61
C ALA A 123 42.74 41.52 -7.87
N THR A 124 43.88 40.87 -7.59
CA THR A 124 44.03 39.44 -7.79
C THR A 124 43.19 38.62 -6.82
N ASN A 125 42.28 39.27 -6.08
CA ASN A 125 41.34 38.61 -5.20
C ASN A 125 39.92 38.80 -5.74
N VAL A 126 39.22 37.69 -5.93
CA VAL A 126 37.81 37.72 -6.33
C VAL A 126 36.98 37.76 -5.05
N VAL A 127 36.34 38.90 -4.81
CA VAL A 127 35.61 39.14 -3.57
C VAL A 127 34.14 38.85 -3.85
N ILE A 128 33.60 37.85 -3.16
CA ILE A 128 32.20 37.48 -3.29
C ILE A 128 31.53 37.66 -1.94
N LYS A 129 30.40 38.35 -1.91
CA LYS A 129 29.68 38.58 -0.67
C LYS A 129 28.18 38.50 -0.92
N VAL A 130 27.44 38.13 0.11
CA VAL A 130 25.98 38.20 0.09
C VAL A 130 25.65 39.25 1.13
N CYS A 131 26.63 40.11 1.38
CA CYS A 131 26.55 41.13 2.40
C CYS A 131 25.47 42.14 2.05
N GLU A 132 24.86 42.76 3.06
CA GLU A 132 23.76 43.69 2.77
C GLU A 132 24.32 45.05 2.38
N PHE A 133 24.13 45.43 1.12
CA PHE A 133 24.74 46.64 0.56
C PHE A 133 23.71 47.72 0.30
N GLN A 134 24.17 48.97 0.43
CA GLN A 134 23.45 50.12 -0.09
C GLN A 134 24.15 50.59 -1.36
N PHE A 135 23.60 50.23 -2.50
CA PHE A 135 24.24 50.43 -3.79
C PHE A 135 24.01 51.85 -4.32
N CYS A 136 25.04 52.39 -4.96
CA CYS A 136 24.90 53.65 -5.67
C CYS A 136 24.09 53.47 -6.93
N ASN A 137 23.58 54.59 -7.46
CA ASN A 137 22.79 54.53 -8.69
C ASN A 137 23.63 54.07 -9.87
N ASP A 138 24.91 54.47 -9.92
CA ASP A 138 25.83 54.09 -10.98
C ASP A 138 27.05 53.42 -10.37
N PRO A 139 27.00 52.12 -10.10
CA PRO A 139 28.17 51.44 -9.52
C PRO A 139 29.32 51.38 -10.51
N PHE A 140 30.51 51.71 -10.04
CA PHE A 140 31.70 51.69 -10.87
C PHE A 140 32.93 51.63 -9.98
N LEU A 141 34.01 51.06 -10.50
CA LEU A 141 35.25 50.94 -9.74
C LEU A 141 36.13 52.16 -9.94
N PHE A 157 36.76 52.59 -5.91
CA PHE A 157 35.88 51.52 -5.48
C PHE A 157 34.57 52.16 -5.00
N ARG A 158 33.87 52.81 -5.93
CA ARG A 158 32.59 53.46 -5.63
C ARG A 158 31.45 52.55 -6.07
N VAL A 159 31.22 51.51 -5.28
CA VAL A 159 30.22 50.49 -5.57
C VAL A 159 29.00 50.60 -4.65
N TYR A 160 29.23 50.60 -3.34
CA TYR A 160 28.16 50.60 -2.36
C TYR A 160 28.41 51.68 -1.32
N SER A 161 27.32 52.26 -0.81
CA SER A 161 27.45 53.28 0.22
C SER A 161 27.85 52.67 1.55
N SER A 162 27.24 51.56 1.93
CA SER A 162 27.51 50.92 3.21
C SER A 162 27.20 49.43 3.12
N ALA A 163 27.79 48.67 4.04
CA ALA A 163 27.58 47.24 4.16
C ALA A 163 27.18 46.90 5.58
N ASN A 164 26.20 46.02 5.72
CA ASN A 164 25.62 45.69 7.02
C ASN A 164 24.86 44.37 6.92
N ASN A 165 24.48 43.85 8.10
CA ASN A 165 23.76 42.58 8.23
C ASN A 165 24.35 41.52 7.30
N CYS A 166 25.61 41.18 7.56
CA CYS A 166 26.49 40.74 6.49
C CYS A 166 26.83 39.27 6.67
N THR A 167 26.27 38.42 5.81
CA THR A 167 26.13 37.01 6.11
C THR A 167 27.06 36.07 5.34
N PHE A 168 27.90 36.58 4.44
CA PHE A 168 28.76 35.67 3.68
C PHE A 168 29.93 36.40 3.04
N GLU A 169 31.10 35.77 3.02
CA GLU A 169 32.27 36.30 2.35
C GLU A 169 33.05 35.15 1.73
N TYR A 170 33.74 35.44 0.63
CA TYR A 170 34.49 34.40 -0.08
C TYR A 170 35.56 35.07 -0.94
N VAL A 171 36.75 34.49 -0.91
CA VAL A 171 37.87 34.94 -1.72
C VAL A 171 38.52 33.70 -2.37
N SER A 172 38.89 33.82 -3.63
CA SER A 172 39.47 32.69 -4.35
C SER A 172 40.40 33.24 -5.43
N GLN A 173 40.80 32.38 -6.36
CA GLN A 173 41.72 32.75 -7.42
C GLN A 173 41.05 33.73 -8.39
N PRO A 174 41.82 34.56 -9.08
CA PRO A 174 41.23 35.53 -10.01
C PRO A 174 40.44 34.85 -11.12
N PHE A 175 39.33 35.49 -11.50
CA PHE A 175 38.60 35.05 -12.68
C PHE A 175 39.34 35.44 -13.96
N LEU A 176 39.99 36.59 -13.95
CA LEU A 176 40.79 37.08 -15.08
C LEU A 176 39.96 37.16 -16.37
N LYS A 187 40.63 41.25 -27.28
CA LYS A 187 41.58 40.27 -27.78
C LYS A 187 41.29 38.88 -27.20
N ASN A 188 40.63 38.85 -26.04
CA ASN A 188 40.27 37.60 -25.38
C ASN A 188 38.82 37.69 -24.94
N LEU A 189 38.06 36.62 -25.18
CA LEU A 189 36.65 36.56 -24.84
C LEU A 189 36.47 35.73 -23.58
N ARG A 190 35.81 36.32 -22.58
CA ARG A 190 35.49 35.63 -21.33
C ARG A 190 33.99 35.41 -21.27
N GLU A 191 33.58 34.16 -21.13
CA GLU A 191 32.17 33.81 -21.05
C GLU A 191 31.86 33.27 -19.66
N PHE A 192 30.73 33.71 -19.12
CA PHE A 192 30.25 33.26 -17.83
C PHE A 192 28.79 32.87 -17.96
N VAL A 193 28.37 31.91 -17.15
CA VAL A 193 26.98 31.50 -17.04
C VAL A 193 26.65 31.50 -15.55
N PHE A 194 25.70 32.35 -15.16
CA PHE A 194 25.24 32.44 -13.78
C PHE A 194 23.87 31.79 -13.68
N LYS A 195 23.73 30.84 -12.76
CA LYS A 195 22.50 30.07 -12.62
C LYS A 195 22.17 29.91 -11.15
N ASN A 196 21.06 30.49 -10.72
CA ASN A 196 20.60 30.39 -9.33
C ASN A 196 19.46 29.38 -9.28
N ILE A 197 19.78 28.16 -8.84
CA ILE A 197 18.80 27.07 -8.84
C ILE A 197 19.08 26.16 -7.65
N ASP A 198 18.00 25.64 -7.07
CA ASP A 198 18.09 24.68 -5.95
C ASP A 198 18.86 25.27 -4.76
N GLY A 199 18.66 26.56 -4.52
CA GLY A 199 19.36 27.24 -3.46
C GLY A 199 20.85 27.40 -3.69
N TYR A 200 21.34 27.12 -4.88
CA TYR A 200 22.75 27.15 -5.21
C TYR A 200 22.98 28.16 -6.32
N PHE A 201 23.97 29.03 -6.14
CA PHE A 201 24.38 29.97 -7.17
C PHE A 201 25.62 29.42 -7.85
N LYS A 202 25.45 28.93 -9.07
CA LYS A 202 26.52 28.26 -9.80
C LYS A 202 27.04 29.17 -10.90
N ILE A 203 28.36 29.24 -11.02
CA ILE A 203 29.02 30.03 -12.06
C ILE A 203 29.85 29.09 -12.92
N TYR A 204 29.65 29.17 -14.23
CA TYR A 204 30.47 28.47 -15.20
C TYR A 204 31.25 29.50 -15.99
N SER A 205 32.50 29.18 -16.32
CA SER A 205 33.33 30.18 -16.98
C SER A 205 34.21 29.53 -18.03
N LYS A 206 34.60 30.33 -19.01
CA LYS A 206 35.51 29.92 -20.06
C LYS A 206 36.24 31.13 -20.60
N HIS A 207 37.49 30.96 -21.00
CA HIS A 207 38.30 32.00 -21.60
C HIS A 207 38.84 31.51 -22.93
N THR A 208 38.75 32.35 -23.96
CA THR A 208 39.20 31.95 -25.28
C THR A 208 39.83 33.12 -26.02
N PRO A 209 41.08 33.01 -26.45
CA PRO A 209 41.63 34.04 -27.33
C PRO A 209 40.83 34.14 -28.62
N ILE A 210 40.60 35.37 -29.08
CA ILE A 210 39.79 35.64 -30.25
C ILE A 210 40.49 36.70 -31.09
N ASN A 211 40.34 36.61 -32.42
CA ASN A 211 40.90 37.63 -33.29
C ASN A 211 39.89 38.73 -33.55
N LEU A 212 38.63 38.38 -33.81
CA LEU A 212 37.61 39.36 -34.13
C LEU A 212 37.32 40.24 -32.92
N VAL A 213 37.14 41.53 -33.18
CA VAL A 213 36.85 42.52 -32.15
C VAL A 213 35.58 43.30 -32.47
N ARG A 214 34.64 42.68 -33.19
CA ARG A 214 33.42 43.38 -33.59
C ARG A 214 32.19 42.82 -32.88
N ASP A 215 31.97 41.51 -32.98
CA ASP A 215 30.80 40.86 -32.42
C ASP A 215 31.19 39.52 -31.81
N LEU A 216 30.18 38.78 -31.38
CA LEU A 216 30.39 37.49 -30.74
C LEU A 216 30.93 36.48 -31.73
N PRO A 217 32.07 35.85 -31.46
CA PRO A 217 32.61 34.87 -32.41
C PRO A 217 31.69 33.65 -32.53
N GLN A 218 31.68 33.07 -33.73
CA GLN A 218 30.92 31.85 -33.99
C GLN A 218 31.83 30.66 -33.73
N GLY A 219 31.43 29.80 -32.80
CA GLY A 219 32.24 28.66 -32.42
C GLY A 219 31.60 27.92 -31.28
N PHE A 220 32.27 26.85 -30.86
CA PHE A 220 31.79 25.98 -29.79
C PHE A 220 32.88 25.84 -28.74
N SER A 221 32.62 26.39 -27.55
CA SER A 221 33.50 26.24 -26.41
C SER A 221 32.68 25.98 -25.16
N ALA A 222 32.77 24.76 -24.63
CA ALA A 222 32.02 24.40 -23.45
C ALA A 222 32.57 25.13 -22.22
N LEU A 223 31.68 25.46 -21.30
CA LEU A 223 32.01 26.23 -20.12
C LEU A 223 32.11 25.31 -18.91
N GLU A 224 33.24 25.38 -18.20
CA GLU A 224 33.46 24.57 -17.01
C GLU A 224 33.06 25.32 -15.76
N PRO A 225 32.48 24.63 -14.77
CA PRO A 225 32.08 25.31 -13.54
C PRO A 225 33.27 25.87 -12.79
N LEU A 226 33.05 26.99 -12.11
CA LEU A 226 34.04 27.58 -11.21
C LEU A 226 33.61 27.49 -9.76
N VAL A 227 32.43 28.00 -9.41
CA VAL A 227 31.96 28.02 -8.03
C VAL A 227 30.51 27.54 -8.00
N ASP A 228 30.15 26.97 -6.85
CA ASP A 228 28.82 26.41 -6.59
C ASP A 228 28.32 26.97 -5.25
N LEU A 229 28.34 28.28 -5.13
CA LEU A 229 28.18 28.94 -3.85
C LEU A 229 26.81 28.62 -3.24
N PRO A 230 26.75 28.19 -1.99
CA PRO A 230 25.46 28.08 -1.29
C PRO A 230 25.00 29.44 -0.80
N ILE A 231 23.96 30.01 -1.42
CA ILE A 231 23.62 31.40 -1.16
C ILE A 231 22.19 31.52 -0.63
N GLY A 232 21.22 31.07 -1.41
CA GLY A 232 19.84 31.04 -0.98
C GLY A 232 19.11 32.37 -0.85
N ILE A 233 19.21 33.22 -1.87
CA ILE A 233 18.37 34.41 -2.00
C ILE A 233 17.76 34.41 -3.39
N ASN A 234 16.63 35.09 -3.56
CA ASN A 234 16.08 35.22 -4.90
C ASN A 234 16.95 36.22 -5.64
N ILE A 235 17.24 35.95 -6.91
CA ILE A 235 17.90 36.92 -7.77
C ILE A 235 16.94 37.23 -8.91
N THR A 236 16.62 38.52 -9.08
CA THR A 236 15.74 38.96 -10.16
C THR A 236 16.31 40.09 -11.00
N ARG A 237 17.33 40.80 -10.52
CA ARG A 237 17.97 41.85 -11.28
C ARG A 237 19.47 41.76 -11.08
N PHE A 238 20.22 42.23 -12.07
CA PHE A 238 21.67 42.25 -11.95
C PHE A 238 22.23 43.42 -12.75
N GLN A 239 23.43 43.85 -12.36
CA GLN A 239 24.13 44.94 -13.03
C GLN A 239 25.61 44.59 -13.11
N THR A 240 26.29 45.22 -14.06
CA THR A 240 27.69 44.93 -14.35
C THR A 240 28.56 46.08 -13.86
N LEU A 241 29.66 45.74 -13.19
CA LEU A 241 30.61 46.73 -12.69
C LEU A 241 31.68 47.00 -13.74
N LEU A 242 31.89 48.27 -14.07
CA LEU A 242 32.92 48.68 -15.00
C LEU A 242 33.96 49.54 -14.29
N ALA A 243 35.13 49.66 -14.91
CA ALA A 243 36.24 50.42 -14.36
C ALA A 243 36.39 51.71 -15.15
N LEU A 244 36.12 52.83 -14.50
CA LEU A 244 36.23 54.14 -15.16
C LEU A 244 37.69 54.47 -15.42
N HIS A 245 37.96 55.04 -16.59
CA HIS A 245 39.32 55.42 -16.97
C HIS A 245 39.85 56.55 -16.09
N ALA A 263 35.71 48.36 -24.23
CA ALA A 263 35.21 46.99 -24.15
C ALA A 263 33.70 46.96 -24.28
N ALA A 264 33.14 45.75 -24.32
CA ALA A 264 31.70 45.57 -24.47
C ALA A 264 31.32 44.23 -23.88
N TYR A 265 30.02 44.06 -23.60
CA TYR A 265 29.53 42.79 -23.09
C TYR A 265 28.17 42.45 -23.70
N TYR A 266 27.94 41.16 -23.86
CA TYR A 266 26.74 40.61 -24.45
C TYR A 266 26.01 39.78 -23.39
N VAL A 267 24.72 40.01 -23.24
CA VAL A 267 23.90 39.36 -22.22
C VAL A 267 22.78 38.59 -22.88
N GLY A 268 22.67 37.30 -22.53
CA GLY A 268 21.57 36.48 -22.98
C GLY A 268 20.93 35.78 -21.80
N TYR A 269 19.73 35.25 -22.03
CA TYR A 269 18.93 34.65 -20.98
C TYR A 269 18.71 33.17 -21.24
N LEU A 270 18.91 32.36 -20.20
CA LEU A 270 18.75 30.93 -20.30
C LEU A 270 17.27 30.54 -20.28
N GLN A 271 16.98 29.39 -20.88
CA GLN A 271 15.64 28.82 -20.92
C GLN A 271 15.74 27.33 -20.69
N PRO A 272 14.69 26.71 -20.16
CA PRO A 272 14.71 25.25 -19.97
C PRO A 272 14.65 24.52 -21.31
N ARG A 273 15.77 23.95 -21.73
CA ARG A 273 15.88 23.33 -23.04
C ARG A 273 16.49 21.94 -22.91
N THR A 274 16.16 21.08 -23.86
CA THR A 274 16.80 19.79 -24.01
C THR A 274 17.92 19.90 -25.04
N PHE A 275 19.11 19.48 -24.64
CA PHE A 275 20.29 19.52 -25.49
C PHE A 275 20.81 18.11 -25.66
N LEU A 276 21.45 17.86 -26.79
CA LEU A 276 22.18 16.62 -27.03
C LEU A 276 23.64 16.98 -27.20
N LEU A 277 24.48 16.58 -26.24
CA LEU A 277 25.88 16.96 -26.20
C LEU A 277 26.74 15.82 -26.74
N LYS A 278 27.56 16.14 -27.74
CA LYS A 278 28.57 15.23 -28.26
C LYS A 278 29.86 15.45 -27.50
N TYR A 279 30.22 14.47 -26.67
CA TYR A 279 31.46 14.45 -25.92
C TYR A 279 32.61 14.01 -26.82
N ASN A 280 33.75 13.71 -26.20
CA ASN A 280 34.97 13.42 -26.93
C ASN A 280 35.68 12.23 -26.28
N GLU A 281 36.67 11.71 -26.99
CA GLU A 281 37.54 10.67 -26.44
C GLU A 281 38.26 11.22 -25.22
N ASN A 282 38.55 12.52 -25.23
CA ASN A 282 39.17 13.20 -24.11
C ASN A 282 38.20 13.45 -22.96
N GLY A 283 36.89 13.37 -23.21
CA GLY A 283 35.88 13.66 -22.22
C GLY A 283 35.27 15.04 -22.31
N THR A 284 35.69 15.86 -23.26
CA THR A 284 35.18 17.22 -23.38
C THR A 284 33.99 17.28 -24.34
N ILE A 285 33.11 18.26 -24.13
CA ILE A 285 31.95 18.45 -24.98
C ILE A 285 32.37 19.18 -26.25
N THR A 286 32.59 18.42 -27.33
CA THR A 286 33.04 19.05 -28.57
C THR A 286 31.88 19.61 -29.38
N ASP A 287 30.68 19.05 -29.22
CA ASP A 287 29.55 19.55 -30.00
C ASP A 287 28.27 19.47 -29.20
N ALA A 288 27.21 20.08 -29.74
CA ALA A 288 25.89 20.00 -29.14
C ALA A 288 24.85 20.42 -30.15
N VAL A 289 23.62 19.91 -29.96
CA VAL A 289 22.47 20.31 -30.76
C VAL A 289 21.32 20.66 -29.82
N ASP A 290 20.60 21.74 -30.15
CA ASP A 290 19.45 22.20 -29.40
C ASP A 290 18.20 21.52 -29.96
N CYS A 291 17.53 20.71 -29.14
CA CYS A 291 16.48 19.84 -29.65
C CYS A 291 15.29 20.64 -30.17
N ALA A 292 15.02 21.81 -29.60
CA ALA A 292 13.85 22.60 -29.95
C ALA A 292 14.16 23.67 -30.99
N LEU A 293 15.39 23.73 -31.50
CA LEU A 293 15.75 24.79 -32.43
C LEU A 293 15.06 24.61 -33.78
N ASP A 294 15.14 23.42 -34.35
CA ASP A 294 14.68 23.18 -35.71
C ASP A 294 14.13 21.77 -35.79
N PRO A 295 13.31 21.47 -36.79
CA PRO A 295 12.91 20.08 -37.02
C PRO A 295 14.07 19.14 -37.27
N LEU A 296 15.11 19.59 -37.97
CA LEU A 296 16.29 18.75 -38.15
C LEU A 296 17.01 18.51 -36.83
N SER A 297 17.10 19.54 -35.98
CA SER A 297 17.66 19.34 -34.65
C SER A 297 16.80 18.37 -33.84
N GLU A 298 15.48 18.48 -33.97
CA GLU A 298 14.59 17.55 -33.28
C GLU A 298 14.80 16.11 -33.73
N THR A 299 14.96 15.88 -35.03
CA THR A 299 15.20 14.51 -35.49
C THR A 299 16.59 14.03 -35.11
N LYS A 300 17.57 14.95 -35.03
CA LYS A 300 18.88 14.56 -34.52
C LYS A 300 18.78 14.11 -33.07
N CYS A 301 17.98 14.81 -32.26
CA CYS A 301 17.80 14.39 -30.87
C CYS A 301 17.05 13.07 -30.78
N THR A 302 16.02 12.88 -31.60
CA THR A 302 15.26 11.63 -31.53
C THR A 302 16.10 10.44 -31.98
N LEU A 303 16.92 10.62 -33.01
CA LEU A 303 17.80 9.57 -33.48
C LEU A 303 19.06 9.43 -32.65
N LYS A 304 19.30 10.36 -31.72
CA LYS A 304 20.51 10.35 -30.89
C LYS A 304 21.77 10.33 -31.75
N SER A 305 21.74 11.11 -32.83
CA SER A 305 22.84 11.14 -33.77
C SER A 305 22.99 12.54 -34.34
N PHE A 306 24.21 12.87 -34.73
CA PHE A 306 24.50 14.12 -35.42
C PHE A 306 24.45 13.98 -36.93
N THR A 307 24.19 12.78 -37.44
CA THR A 307 24.06 12.53 -38.86
C THR A 307 22.75 11.79 -39.11
N VAL A 308 22.06 12.18 -40.18
CA VAL A 308 20.75 11.67 -40.54
C VAL A 308 20.82 11.18 -41.99
N GLU A 309 20.17 10.04 -42.26
CA GLU A 309 20.35 9.33 -43.53
C GLU A 309 19.00 9.25 -44.26
N LYS A 310 18.69 10.30 -45.02
CA LYS A 310 17.70 10.28 -46.10
C LYS A 310 16.45 9.45 -45.81
N GLY A 311 15.66 9.85 -44.83
CA GLY A 311 14.43 9.13 -44.57
C GLY A 311 13.36 10.06 -44.03
N ILE A 312 12.27 9.45 -43.59
CA ILE A 312 11.19 10.16 -42.90
C ILE A 312 11.10 9.58 -41.49
N TYR A 313 11.19 10.45 -40.50
CA TYR A 313 11.27 10.05 -39.10
C TYR A 313 10.23 10.78 -38.29
N GLN A 314 9.48 10.05 -37.48
CA GLN A 314 8.53 10.67 -36.56
C GLN A 314 9.28 11.19 -35.35
N THR A 315 9.15 12.49 -35.09
CA THR A 315 9.89 13.13 -34.02
C THR A 315 9.06 13.46 -32.79
N SER A 316 7.80 13.83 -32.97
CA SER A 316 6.94 14.19 -31.84
C SER A 316 5.49 14.09 -32.30
N ASN A 317 4.57 14.61 -31.47
CA ASN A 317 3.15 14.60 -31.78
C ASN A 317 2.62 16.02 -31.71
N PHE A 318 1.78 16.36 -32.68
CA PHE A 318 1.10 17.64 -32.74
C PHE A 318 -0.27 17.49 -32.10
N ARG A 319 -0.54 18.34 -31.11
CA ARG A 319 -1.79 18.33 -30.37
C ARG A 319 -2.39 19.73 -30.47
N VAL A 320 -3.67 19.81 -30.80
CA VAL A 320 -4.34 21.11 -30.83
C VAL A 320 -4.67 21.51 -29.39
N GLN A 321 -4.14 22.63 -28.95
CA GLN A 321 -4.31 23.04 -27.57
C GLN A 321 -5.70 23.64 -27.35
N PRO A 322 -6.36 23.31 -26.24
CA PRO A 322 -7.68 23.89 -25.96
C PRO A 322 -7.60 25.39 -25.73
N THR A 323 -8.65 26.09 -26.12
CA THR A 323 -8.79 27.53 -25.92
C THR A 323 -10.16 27.82 -25.32
N GLU A 324 -10.20 28.72 -24.35
CA GLU A 324 -11.46 29.18 -23.76
C GLU A 324 -12.26 28.01 -23.16
N SER A 325 -11.75 27.43 -22.08
CA SER A 325 -12.48 26.39 -21.37
C SER A 325 -13.84 26.90 -20.90
N ILE A 326 -14.86 26.08 -21.06
CA ILE A 326 -16.24 26.46 -20.76
C ILE A 326 -16.80 25.54 -19.68
N VAL A 327 -17.70 26.10 -18.87
CA VAL A 327 -18.39 25.38 -17.80
C VAL A 327 -19.88 25.59 -17.98
N ARG A 328 -20.65 24.50 -17.93
CA ARG A 328 -22.09 24.55 -18.14
C ARG A 328 -22.76 23.73 -17.04
N PHE A 329 -23.07 24.39 -15.93
CA PHE A 329 -23.75 23.75 -14.81
C PHE A 329 -25.24 24.08 -14.81
N PRO A 330 -26.04 23.34 -14.03
CA PRO A 330 -27.50 23.51 -14.11
C PRO A 330 -27.95 24.92 -13.73
N ASN A 331 -29.13 25.26 -14.25
CA ASN A 331 -29.72 26.59 -14.14
C ASN A 331 -30.23 26.89 -12.74
N ILE A 332 -30.27 25.91 -11.85
CA ILE A 332 -30.79 26.13 -10.50
C ILE A 332 -29.85 27.04 -9.72
N THR A 333 -30.40 27.70 -8.70
CA THR A 333 -29.63 28.60 -7.86
C THR A 333 -29.94 28.48 -6.37
N ASN A 334 -30.88 27.60 -5.99
CA ASN A 334 -31.26 27.50 -4.59
C ASN A 334 -30.14 26.91 -3.75
N LEU A 335 -29.91 27.49 -2.58
CA LEU A 335 -28.86 27.03 -1.70
C LEU A 335 -29.18 25.65 -1.13
N CYS A 336 -28.13 24.91 -0.80
CA CYS A 336 -28.27 23.52 -0.40
C CYS A 336 -28.19 23.41 1.12
N PRO A 337 -29.13 22.74 1.76
CA PRO A 337 -29.28 22.80 3.23
C PRO A 337 -28.27 21.94 3.98
N PHE A 338 -26.99 22.16 3.70
CA PHE A 338 -25.96 21.51 4.51
C PHE A 338 -25.86 22.13 5.89
N GLY A 339 -26.08 23.44 6.00
CA GLY A 339 -25.96 24.11 7.27
C GLY A 339 -26.96 23.64 8.31
N GLU A 340 -28.18 23.31 7.86
CA GLU A 340 -29.22 22.87 8.79
C GLU A 340 -28.84 21.56 9.48
N VAL A 341 -28.05 20.72 8.81
CA VAL A 341 -27.67 19.44 9.40
C VAL A 341 -26.70 19.65 10.55
N PHE A 342 -25.74 20.56 10.40
CA PHE A 342 -24.67 20.72 11.38
C PHE A 342 -25.06 21.54 12.59
N ASN A 343 -26.17 22.27 12.54
CA ASN A 343 -26.57 23.15 13.64
C ASN A 343 -27.95 22.79 14.20
N ALA A 344 -28.40 21.55 13.98
CA ALA A 344 -29.65 21.12 14.58
C ALA A 344 -29.54 21.12 16.09
N THR A 345 -30.63 21.52 16.75
CA THR A 345 -30.61 21.64 18.20
C THR A 345 -30.40 20.29 18.87
N ARG A 346 -31.06 19.25 18.36
CA ARG A 346 -30.99 17.91 18.94
C ARG A 346 -30.73 16.90 17.83
N PHE A 347 -29.62 16.17 17.93
CA PHE A 347 -29.38 15.03 17.06
C PHE A 347 -30.11 13.81 17.60
N ALA A 348 -29.85 12.65 17.00
CA ALA A 348 -30.51 11.41 17.38
C ALA A 348 -29.48 10.43 17.93
N SER A 349 -29.98 9.38 18.58
CA SER A 349 -29.11 8.33 19.07
C SER A 349 -28.47 7.58 17.91
N VAL A 350 -27.29 7.00 18.17
CA VAL A 350 -26.55 6.34 17.11
C VAL A 350 -27.32 5.14 16.55
N TYR A 351 -28.08 4.45 17.41
CA TYR A 351 -28.81 3.28 16.94
C TYR A 351 -29.88 3.65 15.93
N ALA A 352 -30.54 4.80 16.13
CA ALA A 352 -31.51 5.34 15.19
C ALA A 352 -30.95 6.66 14.68
N TRP A 353 -30.09 6.59 13.67
CA TRP A 353 -29.41 7.76 13.15
C TRP A 353 -30.23 8.46 12.08
N ASN A 354 -30.20 9.78 12.09
CA ASN A 354 -30.99 10.56 11.14
C ASN A 354 -30.34 10.54 9.76
N ARG A 355 -31.14 10.28 8.74
CA ARG A 355 -30.68 10.30 7.36
C ARG A 355 -31.47 11.35 6.60
N LYS A 356 -30.77 12.37 6.09
CA LYS A 356 -31.38 13.41 5.27
C LYS A 356 -30.84 13.27 3.85
N ARG A 357 -31.74 13.09 2.89
CA ARG A 357 -31.33 13.00 1.50
C ARG A 357 -31.20 14.40 0.91
N ILE A 358 -30.12 14.63 0.18
CA ILE A 358 -29.80 15.92 -0.40
C ILE A 358 -29.68 15.76 -1.90
N SER A 359 -30.51 16.50 -2.64
CA SER A 359 -30.49 16.48 -4.09
C SER A 359 -31.16 17.74 -4.60
N ASN A 360 -30.87 18.08 -5.86
CA ASN A 360 -31.40 19.26 -6.52
C ASN A 360 -31.11 20.53 -5.72
N CYS A 361 -29.81 20.79 -5.51
CA CYS A 361 -29.36 21.96 -4.78
C CYS A 361 -28.00 22.37 -5.30
N VAL A 362 -27.62 23.61 -4.99
CA VAL A 362 -26.29 24.12 -5.27
C VAL A 362 -25.47 23.89 -4.01
N ALA A 363 -24.64 22.84 -4.04
CA ALA A 363 -23.88 22.45 -2.85
C ALA A 363 -22.87 23.52 -2.47
N ASP A 364 -23.01 24.05 -1.26
CA ASP A 364 -22.06 25.01 -0.71
C ASP A 364 -21.47 24.42 0.56
N TYR A 365 -20.16 24.12 0.53
CA TYR A 365 -19.48 23.49 1.64
C TYR A 365 -18.73 24.50 2.50
N SER A 366 -19.12 25.78 2.45
CA SER A 366 -18.43 26.79 3.23
C SER A 366 -18.59 26.54 4.73
N VAL A 367 -19.69 25.90 5.13
CA VAL A 367 -19.90 25.57 6.53
C VAL A 367 -18.81 24.64 7.04
N LEU A 368 -18.36 23.70 6.21
CA LEU A 368 -17.32 22.76 6.60
C LEU A 368 -15.97 23.44 6.82
N TYR A 369 -15.69 24.52 6.11
CA TYR A 369 -14.38 25.16 6.21
C TYR A 369 -14.38 26.30 7.22
N ASN A 370 -15.54 26.93 7.45
CA ASN A 370 -15.58 28.10 8.32
C ASN A 370 -15.77 27.71 9.78
N SER A 371 -16.33 26.54 10.04
CA SER A 371 -16.64 26.14 11.41
C SER A 371 -15.37 25.90 12.21
N ALA A 372 -15.42 26.22 13.51
CA ALA A 372 -14.28 26.00 14.38
C ALA A 372 -14.44 24.75 15.23
N SER A 373 -15.65 24.22 15.32
CA SER A 373 -15.94 23.17 16.30
C SER A 373 -15.40 21.81 15.86
N PHE A 374 -15.25 21.59 14.56
CA PHE A 374 -14.95 20.25 14.06
C PHE A 374 -13.62 19.73 14.60
N SER A 375 -13.64 18.49 15.09
CA SER A 375 -12.44 17.82 15.57
C SER A 375 -11.87 16.83 14.58
N THR A 376 -12.71 16.08 13.88
CA THR A 376 -12.27 15.18 12.82
C THR A 376 -13.01 15.54 11.54
N PHE A 377 -12.27 15.64 10.44
CA PHE A 377 -12.80 16.04 9.14
C PHE A 377 -12.29 15.08 8.08
N LYS A 378 -12.45 13.78 8.32
CA LYS A 378 -11.84 12.79 7.46
C LYS A 378 -12.64 12.64 6.17
N CYS A 379 -11.96 12.36 5.06
CA CYS A 379 -12.61 12.12 3.79
C CYS A 379 -11.96 10.93 3.09
N TYR A 380 -12.80 10.09 2.49
CA TYR A 380 -12.35 8.88 1.81
C TYR A 380 -12.87 8.90 0.39
N GLY A 381 -11.96 8.78 -0.57
CA GLY A 381 -12.32 8.80 -1.98
C GLY A 381 -12.41 10.17 -2.60
N VAL A 382 -12.44 11.23 -1.78
CA VAL A 382 -12.48 12.59 -2.28
C VAL A 382 -11.50 13.43 -1.46
N SER A 383 -11.11 14.58 -2.03
CA SER A 383 -10.27 15.45 -1.24
C SER A 383 -11.12 16.52 -0.57
N PRO A 384 -10.86 16.80 0.72
CA PRO A 384 -11.72 17.77 1.43
C PRO A 384 -11.78 19.14 0.79
N THR A 385 -10.66 19.61 0.23
CA THR A 385 -10.63 20.97 -0.30
C THR A 385 -11.31 21.05 -1.67
N LYS A 386 -11.45 19.92 -2.35
CA LYS A 386 -11.99 19.92 -3.70
C LYS A 386 -13.49 19.72 -3.76
N LEU A 387 -14.18 19.68 -2.61
CA LEU A 387 -15.60 19.37 -2.61
C LEU A 387 -16.44 20.39 -3.38
N ASN A 388 -15.94 21.60 -3.58
CA ASN A 388 -16.69 22.65 -4.28
C ASN A 388 -16.54 22.56 -5.79
N ASP A 389 -15.68 21.68 -6.30
CA ASP A 389 -15.47 21.53 -7.74
C ASP A 389 -16.00 20.21 -8.27
N LEU A 390 -16.91 19.57 -7.55
CA LEU A 390 -17.44 18.26 -7.91
C LEU A 390 -18.96 18.31 -8.01
N CYS A 391 -19.49 17.44 -8.87
CA CYS A 391 -20.92 17.25 -9.01
C CYS A 391 -21.27 15.82 -8.58
N PHE A 392 -22.25 15.71 -7.70
CA PHE A 392 -22.66 14.44 -7.13
C PHE A 392 -24.08 14.09 -7.59
N THR A 393 -24.32 12.80 -7.84
CA THR A 393 -25.65 12.36 -8.21
C THR A 393 -26.64 12.56 -7.06
N ASN A 394 -26.24 12.19 -5.85
CA ASN A 394 -27.09 12.34 -4.68
C ASN A 394 -26.20 12.33 -3.44
N VAL A 395 -26.66 12.99 -2.39
CA VAL A 395 -25.91 13.07 -1.13
C VAL A 395 -26.79 12.58 0.00
N TYR A 396 -26.18 11.95 1.00
CA TYR A 396 -26.87 11.56 2.22
C TYR A 396 -26.13 12.15 3.41
N ALA A 397 -26.85 12.81 4.29
CA ALA A 397 -26.29 13.31 5.54
C ALA A 397 -26.84 12.48 6.68
N ASP A 398 -26.01 11.63 7.26
CA ASP A 398 -26.39 10.80 8.39
C ASP A 398 -25.80 11.41 9.66
N SER A 399 -26.66 11.87 10.56
CA SER A 399 -26.25 12.55 11.76
C SER A 399 -26.64 11.74 12.98
N PHE A 400 -25.75 11.71 13.97
CA PHE A 400 -26.02 11.04 15.24
C PHE A 400 -25.06 11.57 16.30
N VAL A 401 -25.21 11.05 17.51
CA VAL A 401 -24.36 11.40 18.65
C VAL A 401 -23.73 10.12 19.17
N ILE A 402 -22.41 10.13 19.34
CA ILE A 402 -21.66 8.95 19.71
C ILE A 402 -20.74 9.34 20.87
N ARG A 403 -20.13 8.34 21.50
CA ARG A 403 -19.09 8.62 22.48
C ARG A 403 -17.80 8.99 21.74
N GLY A 404 -16.97 9.79 22.40
CA GLY A 404 -15.76 10.26 21.75
C GLY A 404 -14.80 9.16 21.37
N ASP A 405 -14.54 8.23 22.30
CA ASP A 405 -13.59 7.15 22.03
C ASP A 405 -14.07 6.25 20.89
N GLU A 406 -15.36 6.30 20.57
CA GLU A 406 -15.91 5.50 19.49
C GLU A 406 -15.91 6.21 18.15
N VAL A 407 -15.47 7.48 18.08
CA VAL A 407 -15.46 8.19 16.81
C VAL A 407 -14.52 7.51 15.82
N ARG A 408 -13.49 6.83 16.31
CA ARG A 408 -12.59 6.11 15.42
C ARG A 408 -13.31 4.98 14.68
N GLN A 409 -14.45 4.52 15.20
CA GLN A 409 -15.16 3.42 14.57
C GLN A 409 -15.99 3.86 13.38
N ILE A 410 -16.20 5.16 13.19
CA ILE A 410 -16.92 5.65 12.03
C ILE A 410 -15.93 5.84 10.90
N ALA A 411 -15.64 4.75 10.19
CA ALA A 411 -14.67 4.74 9.11
C ALA A 411 -14.80 3.42 8.37
N PRO A 412 -14.42 3.38 7.09
CA PRO A 412 -14.51 2.12 6.35
C PRO A 412 -13.64 1.03 6.96
N GLY A 413 -14.19 -0.19 6.99
CA GLY A 413 -13.46 -1.35 7.46
C GLY A 413 -13.00 -1.29 8.90
N GLN A 414 -13.89 -0.88 9.81
CA GLN A 414 -13.58 -0.83 11.23
C GLN A 414 -14.52 -1.76 11.98
N THR A 415 -14.14 -2.07 13.22
CA THR A 415 -14.90 -2.98 14.06
C THR A 415 -15.05 -2.39 15.45
N GLY A 416 -16.08 -2.84 16.14
CA GLY A 416 -16.42 -2.32 17.45
C GLY A 416 -17.92 -2.42 17.65
N LYS A 417 -18.36 -1.96 18.82
CA LYS A 417 -19.79 -2.01 19.11
C LYS A 417 -20.60 -1.15 18.15
N ILE A 418 -20.16 0.08 17.91
CA ILE A 418 -20.92 0.99 17.05
C ILE A 418 -20.91 0.51 15.60
N ALA A 419 -19.74 0.13 15.08
CA ALA A 419 -19.67 -0.33 13.70
C ALA A 419 -20.45 -1.62 13.51
N ASP A 420 -20.38 -2.53 14.47
CA ASP A 420 -21.03 -3.82 14.30
C ASP A 420 -22.55 -3.73 14.47
N TYR A 421 -23.02 -2.98 15.47
CA TYR A 421 -24.43 -3.05 15.85
C TYR A 421 -25.19 -1.75 15.69
N ASN A 422 -24.53 -0.62 15.48
CA ASN A 422 -25.21 0.67 15.45
C ASN A 422 -25.13 1.34 14.08
N TYR A 423 -23.94 1.53 13.54
CA TYR A 423 -23.77 2.25 12.28
C TYR A 423 -22.51 1.74 11.59
N LYS A 424 -22.69 1.13 10.41
CA LYS A 424 -21.58 0.55 9.67
C LYS A 424 -21.39 1.31 8.36
N LEU A 425 -20.16 1.71 8.10
CA LEU A 425 -19.80 2.35 6.84
C LEU A 425 -19.32 1.28 5.84
N PRO A 426 -19.71 1.39 4.57
CA PRO A 426 -19.23 0.43 3.58
C PRO A 426 -17.74 0.56 3.34
N ASP A 427 -17.15 -0.53 2.82
CA ASP A 427 -15.71 -0.54 2.60
C ASP A 427 -15.29 0.47 1.55
N ASP A 428 -16.16 0.74 0.56
CA ASP A 428 -15.82 1.73 -0.44
C ASP A 428 -15.96 3.15 0.11
N PHE A 429 -17.20 3.55 0.43
CA PHE A 429 -17.50 4.81 1.11
C PHE A 429 -16.77 6.03 0.55
N THR A 430 -17.12 6.46 -0.65
CA THR A 430 -16.73 7.78 -1.12
C THR A 430 -17.56 8.82 -0.37
N GLY A 431 -16.92 9.53 0.56
CA GLY A 431 -17.63 10.49 1.38
C GLY A 431 -16.77 10.95 2.54
N CYS A 432 -17.36 11.80 3.38
CA CYS A 432 -16.61 12.45 4.46
C CYS A 432 -17.32 12.28 5.80
N VAL A 433 -16.53 12.07 6.84
CA VAL A 433 -17.01 11.98 8.22
C VAL A 433 -16.53 13.21 8.96
N ILE A 434 -17.46 13.93 9.58
CA ILE A 434 -17.19 15.17 10.29
C ILE A 434 -17.71 15.01 11.70
N ALA A 435 -16.83 15.06 12.69
CA ALA A 435 -17.23 14.88 14.07
C ALA A 435 -16.65 16.00 14.93
N TRP A 436 -17.47 16.51 15.84
CA TRP A 436 -17.04 17.56 16.74
C TRP A 436 -17.56 17.31 18.15
N ASN A 437 -16.75 17.70 19.13
CA ASN A 437 -17.14 17.53 20.53
C ASN A 437 -18.33 18.42 20.87
N SER A 438 -19.30 17.84 21.57
CA SER A 438 -20.51 18.54 21.99
C SER A 438 -20.76 18.33 23.47
N ASN A 439 -19.69 18.39 24.27
CA ASN A 439 -19.84 18.21 25.71
C ASN A 439 -20.70 19.32 26.32
N ASN A 440 -20.50 20.56 25.86
CA ASN A 440 -21.24 21.67 26.42
C ASN A 440 -22.73 21.58 26.13
N LEU A 441 -23.09 20.96 25.00
CA LEU A 441 -24.48 20.99 24.57
C LEU A 441 -25.21 19.69 24.91
N ASP A 442 -24.50 18.57 24.92
CA ASP A 442 -25.10 17.26 25.12
C ASP A 442 -24.78 16.63 26.47
N SER A 443 -24.39 17.43 27.46
CA SER A 443 -24.14 16.93 28.80
C SER A 443 -24.90 17.78 29.82
N LYS A 444 -25.45 17.12 30.83
CA LYS A 444 -26.21 17.79 31.88
C LYS A 444 -25.70 17.34 33.24
N VAL A 445 -25.83 18.22 34.23
CA VAL A 445 -25.55 17.84 35.60
C VAL A 445 -26.51 16.74 36.02
N GLY A 446 -25.98 15.69 36.64
CA GLY A 446 -26.73 14.47 36.80
C GLY A 446 -26.32 13.48 35.72
N GLY A 447 -27.13 13.36 34.68
CA GLY A 447 -26.78 12.52 33.55
C GLY A 447 -27.74 12.70 32.40
N ASN A 448 -27.19 12.69 31.19
CA ASN A 448 -27.98 12.78 29.97
C ASN A 448 -28.12 11.36 29.42
N TYR A 449 -29.26 10.74 29.69
CA TYR A 449 -29.52 9.36 29.31
C TYR A 449 -30.44 9.25 28.10
N ASN A 450 -30.72 10.35 27.41
CA ASN A 450 -31.55 10.29 26.22
C ASN A 450 -30.86 9.50 25.11
N TYR A 451 -29.56 9.71 24.93
CA TYR A 451 -28.82 9.07 23.85
C TYR A 451 -28.58 7.60 24.18
N LEU A 452 -28.85 6.74 23.21
CA LEU A 452 -28.78 5.30 23.40
C LEU A 452 -27.92 4.68 22.31
N TYR A 453 -27.33 3.52 22.61
CA TYR A 453 -26.69 2.70 21.61
C TYR A 453 -27.11 1.24 21.80
N ARG A 454 -26.80 0.41 20.82
CA ARG A 454 -27.27 -0.97 20.81
C ARG A 454 -26.15 -1.89 21.31
N LEU A 455 -26.34 -2.45 22.50
CA LEU A 455 -25.35 -3.35 23.07
C LEU A 455 -25.37 -4.72 22.41
N PHE A 456 -26.57 -5.24 22.15
CA PHE A 456 -26.72 -6.63 21.71
C PHE A 456 -27.40 -6.68 20.35
N ARG A 457 -26.91 -7.58 19.50
CA ARG A 457 -27.56 -7.88 18.23
C ARG A 457 -27.12 -9.26 17.79
N LYS A 458 -28.00 -9.94 17.04
CA LYS A 458 -27.71 -11.30 16.62
C LYS A 458 -26.53 -11.36 15.65
N SER A 459 -26.47 -10.41 14.72
CA SER A 459 -25.39 -10.39 13.73
C SER A 459 -25.05 -8.94 13.38
N ASN A 460 -23.85 -8.77 12.83
CA ASN A 460 -23.42 -7.45 12.39
C ASN A 460 -24.31 -6.96 11.25
N LEU A 461 -24.75 -5.72 11.36
CA LEU A 461 -25.65 -5.14 10.38
C LEU A 461 -24.90 -4.74 9.12
N LYS A 462 -25.59 -4.86 7.98
CA LYS A 462 -25.00 -4.55 6.69
C LYS A 462 -24.74 -3.05 6.59
N PRO A 463 -23.85 -2.63 5.68
CA PRO A 463 -23.56 -1.20 5.54
C PRO A 463 -24.82 -0.40 5.28
N PHE A 464 -24.92 0.76 5.95
CA PHE A 464 -26.04 1.68 5.81
C PHE A 464 -27.37 1.01 6.13
N GLU A 465 -27.37 0.16 7.16
CA GLU A 465 -28.57 -0.48 7.65
C GLU A 465 -28.90 0.06 9.04
N ARG A 466 -30.18 0.29 9.29
CA ARG A 466 -30.65 0.85 10.55
CA ARG A 466 -30.65 0.85 10.55
C ARG A 466 -31.55 -0.16 11.24
N ASP A 467 -31.31 -0.39 12.53
CA ASP A 467 -32.08 -1.32 13.34
C ASP A 467 -32.67 -0.55 14.52
N ILE A 468 -33.96 -0.26 14.44
CA ILE A 468 -34.66 0.47 15.50
C ILE A 468 -35.47 -0.47 16.39
N SER A 469 -35.38 -1.77 16.16
CA SER A 469 -36.15 -2.73 16.95
C SER A 469 -35.64 -2.78 18.38
N THR A 470 -36.57 -2.90 19.33
CA THR A 470 -36.23 -3.00 20.75
C THR A 470 -36.65 -4.34 21.35
N GLU A 471 -36.67 -5.40 20.54
CA GLU A 471 -37.02 -6.72 21.05
C GLU A 471 -35.96 -7.21 22.03
N ILE A 472 -36.39 -7.99 23.02
CA ILE A 472 -35.47 -8.48 24.04
C ILE A 472 -34.48 -9.44 23.40
N TYR A 473 -33.20 -9.24 23.69
CA TYR A 473 -32.13 -10.05 23.11
C TYR A 473 -31.97 -11.34 23.89
N GLN A 474 -31.84 -12.45 23.18
CA GLN A 474 -31.69 -13.78 23.80
C GLN A 474 -30.21 -14.14 23.80
N ALA A 475 -29.53 -13.88 24.92
CA ALA A 475 -28.12 -14.21 25.02
C ALA A 475 -27.91 -15.67 25.38
N GLY A 476 -28.88 -16.31 26.04
CA GLY A 476 -28.76 -17.67 26.47
C GLY A 476 -29.54 -18.64 25.58
N SER A 477 -29.61 -19.88 26.05
CA SER A 477 -30.33 -20.90 25.29
C SER A 477 -31.84 -20.75 25.44
N THR A 478 -32.28 -20.35 26.63
CA THR A 478 -33.72 -20.25 26.89
C THR A 478 -34.35 -19.15 26.04
N PRO A 479 -35.45 -19.42 25.37
CA PRO A 479 -36.15 -18.36 24.62
C PRO A 479 -36.65 -17.27 25.55
N CYS A 480 -36.74 -16.05 25.03
CA CYS A 480 -37.09 -14.90 25.87
C CYS A 480 -38.59 -14.69 25.98
N ASN A 481 -39.32 -14.80 24.87
CA ASN A 481 -40.77 -14.59 24.85
C ASN A 481 -41.15 -13.20 25.34
N GLY A 482 -40.29 -12.21 25.11
CA GLY A 482 -40.62 -10.82 25.40
C GLY A 482 -40.40 -10.37 26.82
N VAL A 483 -39.84 -11.21 27.68
CA VAL A 483 -39.59 -10.83 29.07
C VAL A 483 -38.12 -10.48 29.23
N GLU A 484 -37.81 -9.84 30.34
CA GLU A 484 -36.44 -9.52 30.71
C GLU A 484 -36.02 -10.38 31.89
N GLY A 485 -34.95 -11.15 31.70
CA GLY A 485 -34.54 -12.10 32.72
C GLY A 485 -33.04 -12.26 32.85
N PHE A 486 -32.59 -13.47 33.19
CA PHE A 486 -31.16 -13.69 33.41
C PHE A 486 -30.35 -13.48 32.14
N ASN A 487 -30.75 -14.14 31.05
CA ASN A 487 -30.03 -14.01 29.79
C ASN A 487 -30.85 -13.24 28.75
N CYS A 488 -31.99 -12.68 29.15
CA CYS A 488 -32.79 -11.82 28.30
C CYS A 488 -32.54 -10.38 28.69
N TYR A 489 -32.08 -9.57 27.73
CA TYR A 489 -31.66 -8.21 28.01
C TYR A 489 -32.29 -7.25 27.02
N PHE A 490 -32.53 -6.04 27.49
CA PHE A 490 -32.94 -4.97 26.59
C PHE A 490 -31.78 -4.60 25.68
N PRO A 491 -31.96 -4.61 24.36
CA PRO A 491 -30.81 -4.41 23.46
C PRO A 491 -30.12 -3.07 23.63
N LEU A 492 -30.87 -2.02 23.99
CA LEU A 492 -30.29 -0.69 24.04
C LEU A 492 -29.69 -0.39 25.41
N GLN A 493 -28.75 0.55 25.43
CA GLN A 493 -28.04 0.94 26.63
C GLN A 493 -27.77 2.44 26.56
N SER A 494 -27.94 3.12 27.69
CA SER A 494 -27.78 4.57 27.74
C SER A 494 -26.30 4.94 27.79
N TYR A 495 -25.93 5.98 27.04
CA TYR A 495 -24.58 6.52 27.14
C TYR A 495 -24.32 7.13 28.51
N GLY A 496 -25.29 7.82 29.08
CA GLY A 496 -25.11 8.42 30.40
C GLY A 496 -24.03 9.49 30.44
N PHE A 497 -24.28 10.60 29.76
CA PHE A 497 -23.31 11.66 29.59
C PHE A 497 -23.40 12.63 30.76
N GLN A 498 -22.22 12.95 31.30
CA GLN A 498 -22.13 13.85 32.45
C GLN A 498 -21.06 14.83 32.06
N PRO A 499 -21.13 16.07 32.55
CA PRO A 499 -20.16 17.07 32.12
C PRO A 499 -18.74 16.73 32.51
N THR A 500 -18.53 16.18 33.70
CA THR A 500 -17.21 15.83 34.15
C THR A 500 -16.77 14.45 33.69
N ASN A 501 -16.48 14.30 32.41
CA ASN A 501 -16.10 13.02 31.88
C ASN A 501 -14.83 13.20 31.08
N GLY A 502 -14.07 12.14 30.90
CA GLY A 502 -12.84 12.24 30.16
C GLY A 502 -13.19 12.59 28.74
N VAL A 503 -12.34 13.37 28.07
CA VAL A 503 -12.60 13.72 26.69
C VAL A 503 -13.03 12.46 25.95
N GLY A 504 -12.49 11.33 26.36
CA GLY A 504 -12.87 10.07 25.75
C GLY A 504 -14.35 9.76 25.88
N TYR A 505 -14.94 10.02 27.03
CA TYR A 505 -16.34 9.64 27.27
C TYR A 505 -17.28 10.79 27.14
N GLN A 506 -16.86 11.82 26.43
CA GLN A 506 -17.71 12.97 26.22
C GLN A 506 -18.49 12.84 24.91
N PRO A 507 -19.72 13.39 24.82
CA PRO A 507 -20.43 13.16 23.57
C PRO A 507 -19.77 13.88 22.39
N TYR A 508 -19.90 13.28 21.22
CA TYR A 508 -19.41 13.85 19.98
C TYR A 508 -20.52 13.75 18.95
N ARG A 509 -20.79 14.86 18.27
CA ARG A 509 -21.78 14.86 17.20
C ARG A 509 -21.10 14.53 15.88
N VAL A 510 -21.68 13.59 15.15
CA VAL A 510 -21.08 13.06 13.92
C VAL A 510 -22.06 13.23 12.77
N VAL A 511 -21.55 13.74 11.66
CA VAL A 511 -22.29 13.85 10.40
C VAL A 511 -21.48 13.15 9.32
N VAL A 512 -22.12 12.24 8.60
CA VAL A 512 -21.49 11.45 7.56
C VAL A 512 -22.16 11.80 6.23
N LEU A 513 -21.36 12.28 5.28
CA LEU A 513 -21.84 12.62 3.96
C LEU A 513 -21.45 11.52 2.98
N SER A 514 -22.45 11.00 2.27
CA SER A 514 -22.26 9.87 1.35
C SER A 514 -22.48 10.37 -0.07
N PHE A 515 -21.38 10.72 -0.74
CA PHE A 515 -21.46 11.17 -2.12
C PHE A 515 -21.63 9.98 -3.06
N GLU A 516 -22.26 10.23 -4.19
CA GLU A 516 -22.39 9.25 -5.28
C GLU A 516 -21.82 9.90 -6.53
N LEU A 517 -20.62 9.48 -6.92
CA LEU A 517 -19.89 10.11 -8.02
C LEU A 517 -19.93 9.19 -9.23
N LEU A 518 -20.48 9.69 -10.33
CA LEU A 518 -20.64 8.91 -11.54
C LEU A 518 -20.82 9.86 -12.71
N HIS A 519 -20.58 9.34 -13.92
CA HIS A 519 -20.81 10.12 -15.13
C HIS A 519 -22.27 10.41 -15.39
N ALA A 520 -23.19 9.76 -14.67
CA ALA A 520 -24.61 10.00 -14.84
C ALA A 520 -24.94 11.45 -14.46
N PRO A 521 -26.03 12.00 -15.00
CA PRO A 521 -26.38 13.40 -14.69
C PRO A 521 -26.47 13.65 -13.20
N ALA A 522 -25.62 14.56 -12.72
CA ALA A 522 -25.50 14.84 -11.30
C ALA A 522 -26.44 15.99 -10.92
N THR A 523 -27.30 15.75 -9.94
CA THR A 523 -28.24 16.77 -9.51
C THR A 523 -27.55 17.82 -8.63
N VAL A 524 -26.60 17.40 -7.80
CA VAL A 524 -25.94 18.28 -6.84
C VAL A 524 -24.61 18.72 -7.43
N CYS A 525 -24.35 20.03 -7.40
CA CYS A 525 -23.15 20.60 -7.97
C CYS A 525 -22.72 21.81 -7.14
N GLY A 526 -21.43 22.15 -7.27
CA GLY A 526 -20.93 23.41 -6.75
C GLY A 526 -21.37 24.55 -7.64
N PRO A 527 -21.34 25.77 -7.12
CA PRO A 527 -21.81 26.92 -7.93
C PRO A 527 -21.03 27.09 -9.23
N LYS A 528 -19.72 27.31 -9.11
CA LYS A 528 -18.78 27.26 -10.23
C LYS A 528 -19.01 28.32 -11.29
N LYS A 529 -20.09 29.11 -11.18
CA LYS A 529 -20.34 30.23 -12.09
C LYS A 529 -20.24 29.82 -13.55
N SER A 530 -21.19 29.01 -14.02
CA SER A 530 -21.19 28.54 -15.40
C SER A 530 -21.05 29.71 -16.38
N THR A 531 -20.41 29.42 -17.51
CA THR A 531 -20.07 30.44 -18.50
C THR A 531 -20.72 30.10 -19.83
N ASN A 532 -20.46 30.94 -20.82
CA ASN A 532 -21.00 30.75 -22.15
C ASN A 532 -20.25 29.63 -22.89
N LEU A 533 -20.84 29.13 -23.95
CA LEU A 533 -20.29 28.02 -24.72
C LEU A 533 -20.04 28.45 -26.16
N VAL A 534 -18.95 27.95 -26.74
CA VAL A 534 -18.61 28.19 -28.13
C VAL A 534 -18.61 26.85 -28.86
N LYS A 535 -18.84 26.90 -30.17
CA LYS A 535 -19.07 25.66 -30.91
C LYS A 535 -17.83 25.07 -31.55
N ASN A 536 -17.20 25.80 -32.47
CA ASN A 536 -16.17 25.22 -33.34
C ASN A 536 -14.77 25.61 -32.87
N LYS A 537 -14.47 25.29 -31.61
CA LYS A 537 -13.14 25.49 -31.05
C LYS A 537 -12.83 24.34 -30.11
N CYS A 538 -11.60 23.87 -30.14
CA CYS A 538 -11.17 22.89 -29.14
C CYS A 538 -11.16 23.55 -27.77
N VAL A 539 -12.05 23.10 -26.90
CA VAL A 539 -12.25 23.70 -25.58
C VAL A 539 -12.18 22.63 -24.52
N ASN A 540 -11.90 23.05 -23.30
CA ASN A 540 -12.05 22.21 -22.12
C ASN A 540 -13.44 22.43 -21.56
N PHE A 541 -14.34 21.48 -21.81
CA PHE A 541 -15.73 21.60 -21.43
C PHE A 541 -16.02 20.84 -20.14
N ASN A 542 -16.83 21.48 -19.28
CA ASN A 542 -17.32 20.90 -18.03
C ASN A 542 -18.85 20.93 -18.08
N PHE A 543 -19.44 19.85 -18.62
CA PHE A 543 -20.90 19.73 -18.76
C PHE A 543 -21.46 18.96 -17.58
N ASN A 544 -21.83 19.70 -16.52
CA ASN A 544 -22.55 19.12 -15.38
C ASN A 544 -21.81 17.91 -14.80
N GLY A 545 -20.49 18.02 -14.69
CA GLY A 545 -19.66 16.94 -14.24
C GLY A 545 -18.87 16.24 -15.32
N LEU A 546 -19.41 16.12 -16.52
CA LEU A 546 -18.63 15.63 -17.64
C LEU A 546 -17.55 16.64 -18.00
N THR A 547 -16.35 16.14 -18.27
CA THR A 547 -15.22 17.02 -18.54
C THR A 547 -14.38 16.44 -19.67
N GLY A 548 -13.98 17.28 -20.62
CA GLY A 548 -13.19 16.78 -21.73
C GLY A 548 -12.60 17.91 -22.52
N THR A 549 -11.86 17.54 -23.56
CA THR A 549 -11.18 18.49 -24.43
C THR A 549 -11.57 18.18 -25.88
N GLY A 550 -12.34 19.06 -26.49
CA GLY A 550 -12.76 18.87 -27.87
C GLY A 550 -13.61 20.00 -28.37
N VAL A 551 -14.02 19.87 -29.62
CA VAL A 551 -14.91 20.84 -30.27
C VAL A 551 -16.35 20.39 -30.08
N LEU A 552 -17.25 21.36 -29.90
CA LEU A 552 -18.66 21.09 -29.63
C LEU A 552 -19.47 21.50 -30.85
N THR A 553 -19.62 20.57 -31.77
CA THR A 553 -20.40 20.84 -32.98
C THR A 553 -21.89 20.67 -32.69
N GLU A 554 -22.72 21.36 -33.47
CA GLU A 554 -24.14 21.11 -33.40
C GLU A 554 -24.45 19.71 -33.94
N SER A 555 -25.34 19.01 -33.25
CA SER A 555 -25.55 17.59 -33.49
C SER A 555 -26.98 17.31 -33.93
N ASN A 556 -27.11 16.31 -34.80
CA ASN A 556 -28.41 15.82 -35.25
C ASN A 556 -28.90 14.61 -34.47
N LYS A 557 -28.20 14.23 -33.40
CA LYS A 557 -28.63 13.11 -32.58
C LYS A 557 -30.00 13.40 -31.99
N LYS A 558 -30.89 12.42 -32.07
CA LYS A 558 -32.25 12.56 -31.54
C LYS A 558 -32.27 12.00 -30.13
N PHE A 559 -32.14 12.87 -29.14
CA PHE A 559 -32.11 12.48 -27.73
C PHE A 559 -33.54 12.42 -27.21
N LEU A 560 -33.89 11.30 -26.60
CA LEU A 560 -35.15 11.23 -25.88
C LEU A 560 -35.06 12.11 -24.63
N PRO A 561 -36.18 12.66 -24.16
CA PRO A 561 -36.13 13.66 -23.08
C PRO A 561 -35.32 13.25 -21.86
N PHE A 562 -35.41 11.98 -21.46
CA PHE A 562 -34.67 11.53 -20.28
C PHE A 562 -33.17 11.42 -20.55
N GLN A 563 -32.78 11.27 -21.82
CA GLN A 563 -31.37 11.10 -22.15
C GLN A 563 -30.62 12.41 -21.97
N GLN A 564 -29.40 12.33 -21.40
CA GLN A 564 -28.59 13.50 -21.10
C GLN A 564 -27.26 13.53 -21.85
N PHE A 565 -26.72 12.39 -22.23
CA PHE A 565 -25.48 12.35 -23.00
C PHE A 565 -25.45 11.05 -23.79
N GLY A 566 -24.57 10.98 -24.76
CA GLY A 566 -24.48 9.83 -25.63
C GLY A 566 -23.11 9.21 -25.63
N ARG A 567 -23.06 7.88 -25.68
CA ARG A 567 -21.82 7.13 -25.77
C ARG A 567 -21.86 6.27 -27.02
N ASP A 568 -20.81 6.34 -27.83
CA ASP A 568 -20.74 5.58 -29.07
C ASP A 568 -20.16 4.19 -28.77
N ILE A 569 -19.78 3.45 -29.82
CA ILE A 569 -19.11 2.17 -29.62
C ILE A 569 -17.78 2.40 -28.91
N ALA A 570 -17.35 1.41 -28.14
CA ALA A 570 -16.20 1.45 -27.25
C ALA A 570 -16.46 2.38 -26.07
N ASP A 571 -17.70 2.88 -25.92
CA ASP A 571 -18.13 3.65 -24.76
C ASP A 571 -17.27 4.88 -24.54
N THR A 572 -17.26 5.77 -25.52
CA THR A 572 -16.66 7.10 -25.40
C THR A 572 -17.75 8.14 -25.54
N THR A 573 -17.79 9.09 -24.62
CA THR A 573 -18.82 10.13 -24.66
C THR A 573 -18.65 10.97 -25.92
N ASP A 574 -19.67 10.92 -26.78
CA ASP A 574 -19.62 11.63 -28.05
C ASP A 574 -20.72 12.67 -28.20
N ALA A 575 -21.70 12.72 -27.30
CA ALA A 575 -22.74 13.72 -27.38
C ALA A 575 -23.16 14.10 -25.97
N VAL A 576 -23.71 15.31 -25.84
CA VAL A 576 -24.14 15.80 -24.53
C VAL A 576 -25.17 16.92 -24.72
N ARG A 577 -26.10 17.03 -23.78
CA ARG A 577 -27.04 18.15 -23.76
C ARG A 577 -26.68 19.08 -22.60
N ASP A 578 -26.63 20.38 -22.89
CA ASP A 578 -26.29 21.34 -21.86
C ASP A 578 -27.49 21.62 -20.95
N PRO A 579 -27.29 21.67 -19.64
CA PRO A 579 -28.44 21.84 -18.73
C PRO A 579 -29.23 23.12 -18.96
N GLN A 580 -28.56 24.22 -19.29
CA GLN A 580 -29.24 25.50 -19.36
C GLN A 580 -30.07 25.64 -20.63
N THR A 581 -29.57 25.11 -21.75
CA THR A 581 -30.23 25.27 -23.04
C THR A 581 -30.96 24.02 -23.52
N LEU A 582 -30.50 22.83 -23.12
CA LEU A 582 -31.10 21.56 -23.54
C LEU A 582 -31.00 21.36 -25.04
N GLU A 583 -29.79 21.50 -25.57
CA GLU A 583 -29.50 21.21 -26.97
C GLU A 583 -28.41 20.15 -27.06
N ILE A 584 -28.49 19.30 -28.08
CA ILE A 584 -27.58 18.17 -28.23
C ILE A 584 -26.37 18.63 -29.02
N LEU A 585 -25.18 18.47 -28.44
CA LEU A 585 -23.93 18.86 -29.05
C LEU A 585 -23.04 17.62 -29.17
N ASP A 586 -22.45 17.46 -30.36
CA ASP A 586 -21.45 16.42 -30.57
C ASP A 586 -20.08 16.89 -30.09
N ILE A 587 -19.39 16.00 -29.40
CA ILE A 587 -18.05 16.25 -28.89
C ILE A 587 -17.06 15.52 -29.80
N THR A 588 -16.22 16.28 -30.49
CA THR A 588 -15.22 15.70 -31.37
C THR A 588 -13.83 16.09 -30.90
N PRO A 589 -12.93 15.14 -30.68
CA PRO A 589 -11.58 15.51 -30.22
C PRO A 589 -10.89 16.39 -31.26
N CYS A 590 -10.31 17.48 -30.79
CA CYS A 590 -9.59 18.36 -31.70
C CYS A 590 -8.36 17.65 -32.25
N SER A 591 -8.01 18.00 -33.49
CA SER A 591 -7.13 17.18 -34.31
C SER A 591 -5.78 16.95 -33.64
N PHE A 592 -5.28 15.72 -33.74
CA PHE A 592 -3.99 15.35 -33.21
C PHE A 592 -3.31 14.42 -34.20
N GLY A 593 -1.98 14.32 -34.10
CA GLY A 593 -1.28 13.40 -34.97
C GLY A 593 0.23 13.49 -34.92
N GLY A 594 0.92 12.38 -35.20
CA GLY A 594 2.36 12.40 -35.22
C GLY A 594 2.90 13.32 -36.30
N VAL A 595 4.06 13.91 -36.03
CA VAL A 595 4.72 14.81 -36.97
C VAL A 595 6.05 14.18 -37.37
N SER A 596 6.30 14.15 -38.68
CA SER A 596 7.48 13.51 -39.24
C SER A 596 8.29 14.53 -40.01
N VAL A 597 9.59 14.26 -40.14
CA VAL A 597 10.51 15.13 -40.86
C VAL A 597 11.12 14.35 -42.02
N ILE A 598 11.14 14.97 -43.19
CA ILE A 598 11.73 14.39 -44.38
C ILE A 598 13.07 15.09 -44.62
N THR A 599 14.15 14.33 -44.58
CA THR A 599 15.49 14.85 -44.77
C THR A 599 16.17 14.16 -45.94
N PRO A 600 16.97 14.88 -46.72
CA PRO A 600 17.73 14.23 -47.79
C PRO A 600 19.01 13.58 -47.28
N GLY A 601 19.39 13.91 -46.05
CA GLY A 601 20.65 13.47 -45.48
C GLY A 601 21.42 14.70 -45.05
N THR A 602 22.34 14.50 -44.11
CA THR A 602 23.08 15.65 -43.56
C THR A 602 24.15 16.15 -44.51
N ASN A 603 24.67 15.28 -45.39
CA ASN A 603 25.61 15.79 -46.39
C ASN A 603 24.92 16.69 -47.40
N THR A 604 23.71 16.32 -47.81
CA THR A 604 22.98 17.02 -48.86
C THR A 604 21.98 17.97 -48.18
N SER A 605 22.48 19.14 -47.77
CA SER A 605 21.67 20.22 -47.22
C SER A 605 21.07 19.87 -45.86
N ASN A 606 20.91 20.88 -45.01
CA ASN A 606 20.18 20.73 -43.76
C ASN A 606 18.69 21.00 -43.93
N GLN A 607 18.25 21.24 -45.16
CA GLN A 607 16.84 21.53 -45.42
C GLN A 607 15.99 20.31 -45.13
N VAL A 608 14.82 20.56 -44.55
CA VAL A 608 13.92 19.49 -44.10
C VAL A 608 12.49 19.88 -44.47
N ALA A 609 11.67 18.87 -44.76
CA ALA A 609 10.24 19.04 -44.93
C ALA A 609 9.53 18.47 -43.73
N VAL A 610 8.33 18.98 -43.45
CA VAL A 610 7.58 18.58 -42.27
C VAL A 610 6.23 18.03 -42.71
N LEU A 611 5.85 16.88 -42.17
CA LEU A 611 4.58 16.24 -42.44
C LEU A 611 3.78 16.14 -41.15
N TYR A 612 2.58 16.74 -41.14
CA TYR A 612 1.67 16.65 -40.01
C TYR A 612 0.60 15.61 -40.35
N GLN A 613 0.76 14.41 -39.79
CA GLN A 613 -0.09 13.29 -40.17
C GLN A 613 -1.52 13.50 -39.70
N ASP A 614 -2.46 13.22 -40.60
CA ASP A 614 -3.89 13.26 -40.29
C ASP A 614 -4.32 14.62 -39.75
N VAL A 615 -3.67 15.69 -40.20
CA VAL A 615 -3.97 17.04 -39.75
C VAL A 615 -4.30 17.90 -40.97
N ASN A 616 -5.44 18.57 -40.91
CA ASN A 616 -5.86 19.44 -42.00
C ASN A 616 -4.98 20.69 -41.99
N CYS A 617 -4.59 21.14 -43.19
CA CYS A 617 -3.57 22.18 -43.31
C CYS A 617 -4.01 23.52 -42.74
N THR A 618 -5.30 23.72 -42.49
CA THR A 618 -5.73 24.99 -41.90
C THR A 618 -5.13 25.18 -40.51
N GLU A 619 -5.09 24.12 -39.71
CA GLU A 619 -4.39 24.15 -38.43
C GLU A 619 -2.89 24.04 -38.68
N VAL A 620 -2.10 24.76 -37.90
CA VAL A 620 -0.66 24.76 -38.06
C VAL A 620 -0.09 23.37 -37.78
N ASN A 641 5.48 27.06 -48.56
CA ASN A 641 4.68 26.20 -49.43
C ASN A 641 4.03 25.06 -48.65
N VAL A 642 2.72 25.15 -48.47
CA VAL A 642 1.94 24.19 -47.71
C VAL A 642 1.13 23.34 -48.68
N PHE A 643 1.22 22.02 -48.53
CA PHE A 643 0.56 21.07 -49.43
C PHE A 643 -0.19 20.03 -48.60
N GLN A 644 -1.42 19.75 -49.02
CA GLN A 644 -2.28 18.79 -48.32
C GLN A 644 -2.23 17.45 -49.04
N THR A 645 -1.90 16.39 -48.30
CA THR A 645 -1.91 15.03 -48.80
C THR A 645 -2.95 14.21 -48.05
N ARG A 646 -3.14 12.98 -48.52
CA ARG A 646 -3.98 12.04 -47.77
C ARG A 646 -3.28 11.61 -46.48
N ALA A 647 -1.95 11.56 -46.50
CA ALA A 647 -1.21 11.25 -45.29
C ALA A 647 -1.32 12.38 -44.27
N GLY A 648 -1.32 13.62 -44.74
CA GLY A 648 -1.46 14.76 -43.86
C GLY A 648 -0.92 16.02 -44.52
N CYS A 649 -0.71 17.05 -43.69
CA CYS A 649 -0.20 18.32 -44.17
C CYS A 649 1.31 18.26 -44.32
N LEU A 650 1.80 18.52 -45.53
CA LEU A 650 3.23 18.48 -45.82
C LEU A 650 3.72 19.90 -46.05
N ILE A 651 4.63 20.36 -45.20
CA ILE A 651 5.16 21.73 -45.25
C ILE A 651 6.63 21.65 -45.59
N GLY A 652 7.08 22.54 -46.49
CA GLY A 652 8.46 22.59 -46.90
C GLY A 652 8.79 21.82 -48.16
N ALA A 653 7.84 21.07 -48.71
CA ALA A 653 8.01 20.36 -49.97
C ALA A 653 7.02 20.89 -50.98
N GLU A 654 7.52 21.24 -52.17
CA GLU A 654 6.68 21.79 -53.22
C GLU A 654 6.16 20.68 -54.13
N HIS A 655 4.89 20.76 -54.48
CA HIS A 655 4.29 19.75 -55.32
C HIS A 655 4.64 19.99 -56.79
N VAL A 656 5.00 18.93 -57.49
CA VAL A 656 5.35 18.98 -58.91
C VAL A 656 4.47 17.98 -59.65
N ASN A 657 4.08 18.33 -60.87
CA ASN A 657 3.25 17.42 -61.67
C ASN A 657 4.03 16.17 -62.05
N ASN A 658 5.32 16.29 -62.29
CA ASN A 658 6.12 15.19 -62.81
C ASN A 658 6.14 14.02 -61.82
N SER A 659 6.13 12.81 -62.37
CA SER A 659 6.18 11.58 -61.58
C SER A 659 7.58 10.99 -61.67
N TYR A 660 8.13 10.62 -60.52
CA TYR A 660 9.46 10.03 -60.45
C TYR A 660 9.37 8.73 -59.65
N GLU A 661 10.46 7.97 -59.66
CA GLU A 661 10.55 6.82 -58.79
C GLU A 661 10.57 7.26 -57.33
N CYS A 662 9.88 6.50 -56.49
CA CYS A 662 9.77 6.88 -55.09
C CYS A 662 11.14 6.92 -54.42
N ASP A 663 11.39 7.98 -53.67
CA ASP A 663 12.63 8.14 -52.93
C ASP A 663 12.40 8.08 -51.42
N ILE A 664 11.53 8.94 -50.90
CA ILE A 664 11.17 8.94 -49.50
C ILE A 664 9.65 8.83 -49.41
N PRO A 665 9.10 7.75 -48.85
CA PRO A 665 7.65 7.53 -48.96
C PRO A 665 6.83 8.39 -48.01
N ILE A 666 6.13 9.38 -48.56
CA ILE A 666 5.21 10.17 -47.75
C ILE A 666 3.99 9.33 -47.39
N GLY A 667 3.45 8.59 -48.36
CA GLY A 667 2.27 7.78 -48.13
C GLY A 667 1.14 8.09 -49.08
N ALA A 668 0.27 7.10 -49.31
CA ALA A 668 -0.88 7.24 -50.20
C ALA A 668 -0.46 7.65 -51.61
N GLY A 669 0.65 7.09 -52.09
CA GLY A 669 1.10 7.31 -53.44
C GLY A 669 1.98 8.52 -53.65
N ILE A 670 2.25 9.30 -52.60
CA ILE A 670 3.06 10.50 -52.69
C ILE A 670 4.41 10.22 -52.04
N CYS A 671 5.48 10.67 -52.69
CA CYS A 671 6.83 10.51 -52.18
C CYS A 671 7.51 11.87 -52.16
N ALA A 672 8.73 11.90 -51.62
CA ALA A 672 9.50 13.12 -51.52
C ALA A 672 10.93 12.86 -51.96
N SER A 673 11.55 13.89 -52.54
CA SER A 673 12.94 13.79 -52.98
C SER A 673 13.56 15.17 -52.98
N TYR A 674 14.90 15.19 -52.97
CA TYR A 674 15.67 16.43 -53.01
C TYR A 674 16.27 16.58 -54.40
N GLN A 675 15.75 17.54 -55.16
CA GLN A 675 16.24 17.78 -56.52
C GLN A 675 16.37 19.28 -56.79
N GLN A 690 18.22 21.22 -55.10
CA GLN A 690 18.16 22.57 -54.54
C GLN A 690 17.03 22.69 -53.52
N SER A 691 15.94 21.97 -53.76
CA SER A 691 14.76 22.01 -52.89
C SER A 691 14.21 20.60 -52.73
N ILE A 692 13.24 20.47 -51.83
CA ILE A 692 12.55 19.21 -51.56
C ILE A 692 11.21 19.24 -52.29
N ILE A 693 10.95 18.22 -53.09
CA ILE A 693 9.77 18.18 -53.94
C ILE A 693 8.88 17.02 -53.51
N ALA A 694 7.57 17.23 -53.60
CA ALA A 694 6.57 16.21 -53.36
C ALA A 694 5.90 15.87 -54.67
N TYR A 695 5.78 14.58 -54.96
CA TYR A 695 5.25 14.13 -56.24
C TYR A 695 4.52 12.82 -56.06
N THR A 696 3.61 12.53 -57.00
CA THR A 696 3.01 11.21 -57.09
C THR A 696 4.01 10.26 -57.72
N MET A 697 4.28 9.15 -57.04
CA MET A 697 5.34 8.25 -57.46
C MET A 697 5.01 7.62 -58.81
N SER A 698 6.05 7.29 -59.55
CA SER A 698 5.93 6.67 -60.86
C SER A 698 6.16 5.17 -60.74
N LEU A 699 5.17 4.38 -61.14
CA LEU A 699 5.30 2.93 -61.08
C LEU A 699 6.31 2.41 -62.09
N GLY A 700 6.45 3.11 -63.21
CA GLY A 700 7.39 2.70 -64.23
C GLY A 700 7.08 3.36 -65.56
N ALA A 701 7.95 3.10 -66.52
CA ALA A 701 7.76 3.62 -67.86
C ALA A 701 6.72 2.79 -68.61
N GLU A 702 5.71 3.45 -69.15
CA GLU A 702 4.69 2.75 -69.92
C GLU A 702 5.32 2.14 -71.17
N ASN A 703 5.06 0.86 -71.39
CA ASN A 703 5.64 0.13 -72.51
C ASN A 703 4.57 -0.77 -73.11
N SER A 704 4.03 -0.36 -74.26
CA SER A 704 3.04 -1.16 -74.98
C SER A 704 3.79 -2.16 -75.84
N VAL A 705 3.68 -3.44 -75.50
CA VAL A 705 4.32 -4.48 -76.30
C VAL A 705 3.63 -4.55 -77.65
N ALA A 706 4.44 -4.59 -78.72
CA ALA A 706 3.94 -4.60 -80.09
C ALA A 706 3.38 -5.99 -80.41
N TYR A 707 2.30 -6.33 -79.72
CA TYR A 707 1.69 -7.64 -79.88
C TYR A 707 0.92 -7.72 -81.19
N SER A 708 0.96 -8.90 -81.81
CA SER A 708 0.19 -9.18 -83.01
C SER A 708 -0.03 -10.68 -83.08
N ASN A 709 -0.99 -11.09 -83.92
CA ASN A 709 -1.31 -12.50 -84.01
C ASN A 709 -0.33 -13.29 -84.87
N ASN A 710 0.62 -12.62 -85.52
CA ASN A 710 1.63 -13.30 -86.32
C ASN A 710 3.01 -12.69 -86.12
N SER A 711 3.28 -12.14 -84.94
CA SER A 711 4.53 -11.47 -84.65
C SER A 711 5.19 -12.08 -83.44
N ILE A 712 6.47 -12.42 -83.57
CA ILE A 712 7.25 -12.94 -82.44
C ILE A 712 8.52 -12.14 -82.32
N ALA A 713 9.16 -12.17 -81.16
CA ALA A 713 10.43 -11.53 -81.01
C ALA A 713 11.40 -12.55 -80.47
N ILE A 714 12.47 -12.79 -81.19
CA ILE A 714 13.45 -13.81 -80.80
C ILE A 714 14.76 -13.11 -80.47
N PRO A 715 15.34 -13.33 -79.30
CA PRO A 715 16.63 -12.71 -78.97
C PRO A 715 17.73 -13.21 -79.90
N THR A 716 18.58 -12.27 -80.31
CA THR A 716 19.74 -12.59 -81.13
C THR A 716 21.04 -12.53 -80.34
N ASN A 717 20.97 -12.39 -79.02
CA ASN A 717 22.15 -12.27 -78.18
C ASN A 717 21.73 -12.60 -76.75
N PHE A 718 22.63 -12.37 -75.80
CA PHE A 718 22.33 -12.63 -74.40
C PHE A 718 23.29 -11.83 -73.54
N THR A 719 22.95 -11.75 -72.25
CA THR A 719 23.78 -11.09 -71.25
C THR A 719 23.91 -11.98 -70.04
N ILE A 720 25.15 -12.36 -69.72
CA ILE A 720 25.42 -13.12 -68.50
C ILE A 720 25.49 -12.14 -67.34
N SER A 721 24.49 -12.18 -66.47
CA SER A 721 24.38 -11.25 -65.37
C SER A 721 24.57 -12.01 -64.06
N VAL A 722 25.36 -11.43 -63.15
CA VAL A 722 25.56 -11.97 -61.82
C VAL A 722 24.95 -10.98 -60.83
N THR A 723 24.01 -11.47 -60.02
CA THR A 723 23.28 -10.65 -59.08
C THR A 723 23.42 -11.22 -57.68
N THR A 724 23.65 -10.36 -56.70
CA THR A 724 23.85 -10.76 -55.33
C THR A 724 22.51 -10.79 -54.58
N GLU A 725 22.36 -11.79 -53.72
CA GLU A 725 21.23 -11.86 -52.79
C GLU A 725 21.77 -12.10 -51.40
N ILE A 726 21.39 -11.26 -50.46
CA ILE A 726 21.91 -11.30 -49.09
C ILE A 726 20.79 -11.77 -48.17
N LEU A 727 21.05 -12.82 -47.40
CA LEU A 727 20.06 -13.39 -46.50
C LEU A 727 20.67 -13.55 -45.12
N PRO A 728 20.07 -12.95 -44.08
CA PRO A 728 20.50 -13.25 -42.72
C PRO A 728 20.25 -14.71 -42.36
N VAL A 729 21.20 -15.29 -41.63
CA VAL A 729 21.04 -16.67 -41.18
C VAL A 729 21.08 -16.82 -39.66
N SER A 730 21.68 -15.91 -38.91
CA SER A 730 21.73 -16.07 -37.46
C SER A 730 21.87 -14.71 -36.80
N MET A 731 21.51 -14.67 -35.52
CA MET A 731 21.78 -13.53 -34.66
C MET A 731 22.83 -13.91 -33.63
N THR A 732 23.24 -12.91 -32.84
CA THR A 732 24.18 -13.18 -31.76
C THR A 732 23.53 -14.03 -30.69
N LYS A 733 24.27 -15.02 -30.20
CA LYS A 733 23.79 -15.91 -29.15
C LYS A 733 24.02 -15.22 -27.82
N THR A 734 23.00 -14.50 -27.35
CA THR A 734 23.10 -13.74 -26.12
C THR A 734 22.29 -14.42 -25.02
N SER A 735 22.80 -14.36 -23.81
CA SER A 735 22.15 -14.92 -22.64
C SER A 735 22.09 -13.86 -21.54
N VAL A 736 20.97 -13.81 -20.82
CA VAL A 736 20.80 -12.90 -19.71
C VAL A 736 20.40 -13.74 -18.49
N ASP A 737 21.24 -13.73 -17.47
CA ASP A 737 20.88 -14.38 -16.21
C ASP A 737 19.77 -13.59 -15.54
N CYS A 738 18.60 -14.20 -15.43
CA CYS A 738 17.42 -13.49 -14.93
C CYS A 738 17.62 -13.01 -13.50
N THR A 739 18.19 -13.85 -12.64
CA THR A 739 18.41 -13.44 -11.25
C THR A 739 19.43 -12.31 -11.17
N MET A 740 20.50 -12.40 -11.95
CA MET A 740 21.55 -11.39 -11.89
C MET A 740 21.09 -10.05 -12.47
N TYR A 741 20.29 -10.08 -13.55
CA TYR A 741 19.80 -8.84 -14.13
C TYR A 741 18.86 -8.11 -13.16
N ILE A 742 17.93 -8.85 -12.57
CA ILE A 742 16.93 -8.22 -11.70
C ILE A 742 17.55 -7.83 -10.36
N CYS A 743 18.31 -8.73 -9.75
CA CYS A 743 18.74 -8.56 -8.38
C CYS A 743 20.24 -8.30 -8.22
N GLY A 744 21.04 -8.57 -9.24
CA GLY A 744 22.48 -8.42 -9.08
C GLY A 744 23.00 -9.38 -8.04
N ASP A 745 23.76 -8.84 -7.08
CA ASP A 745 24.34 -9.63 -6.00
C ASP A 745 23.56 -9.49 -4.69
N SER A 746 22.33 -8.98 -4.77
CA SER A 746 21.51 -8.74 -3.59
C SER A 746 20.79 -10.03 -3.21
N THR A 747 21.04 -10.50 -1.99
CA THR A 747 20.35 -11.69 -1.51
C THR A 747 18.91 -11.38 -1.10
N GLU A 748 18.68 -10.19 -0.56
CA GLU A 748 17.34 -9.79 -0.18
C GLU A 748 16.41 -9.75 -1.39
N CYS A 749 16.91 -9.25 -2.52
CA CYS A 749 16.12 -9.23 -3.74
C CYS A 749 15.85 -10.66 -4.24
N SER A 750 16.85 -11.54 -4.13
CA SER A 750 16.69 -12.91 -4.61
C SER A 750 15.61 -13.65 -3.83
N ASN A 751 15.56 -13.44 -2.51
CA ASN A 751 14.50 -14.04 -1.71
C ASN A 751 13.12 -13.52 -2.12
N LEU A 752 13.02 -12.22 -2.39
CA LEU A 752 11.77 -11.66 -2.86
C LEU A 752 11.42 -12.17 -4.25
N LEU A 753 12.42 -12.39 -5.11
CA LEU A 753 12.18 -12.88 -6.45
C LEU A 753 11.69 -14.31 -6.48
N LEU A 754 11.92 -15.08 -5.42
CA LEU A 754 11.47 -16.47 -5.39
C LEU A 754 9.95 -16.57 -5.27
N GLN A 755 9.30 -15.51 -4.81
CA GLN A 755 7.85 -15.52 -4.69
C GLN A 755 7.16 -15.60 -6.06
N TYR A 756 7.84 -15.13 -7.10
CA TYR A 756 7.27 -15.18 -8.44
C TYR A 756 7.40 -16.55 -9.10
N GLY A 757 8.13 -17.47 -8.48
CA GLY A 757 8.20 -18.82 -9.00
C GLY A 757 9.23 -19.00 -10.09
N SER A 758 8.80 -19.49 -11.25
CA SER A 758 9.70 -19.91 -12.31
C SER A 758 9.70 -18.98 -13.52
N PHE A 759 9.43 -17.68 -13.33
CA PHE A 759 9.59 -16.76 -14.45
C PHE A 759 11.05 -16.70 -14.91
N CYS A 760 11.98 -16.64 -13.95
CA CYS A 760 13.40 -16.56 -14.31
C CYS A 760 13.87 -17.83 -15.00
N THR A 761 13.43 -18.99 -14.50
CA THR A 761 13.79 -20.26 -15.15
C THR A 761 13.20 -20.33 -16.55
N GLN A 762 11.96 -19.87 -16.71
CA GLN A 762 11.32 -19.90 -18.02
C GLN A 762 11.95 -18.91 -18.99
N LEU A 763 12.35 -17.73 -18.48
CA LEU A 763 13.00 -16.75 -19.34
C LEU A 763 14.36 -17.23 -19.80
N ASN A 764 15.15 -17.82 -18.90
CA ASN A 764 16.46 -18.34 -19.28
C ASN A 764 16.32 -19.50 -20.27
N ARG A 765 15.32 -20.35 -20.05
CA ARG A 765 15.11 -21.48 -20.96
C ARG A 765 14.75 -21.00 -22.36
N ALA A 766 13.92 -19.96 -22.45
CA ALA A 766 13.55 -19.44 -23.76
C ALA A 766 14.74 -18.87 -24.49
N LEU A 767 15.60 -18.12 -23.80
CA LEU A 767 16.77 -17.54 -24.43
C LEU A 767 17.78 -18.62 -24.84
N THR A 768 17.87 -19.69 -24.07
CA THR A 768 18.74 -20.79 -24.43
C THR A 768 18.29 -21.46 -25.72
N GLY A 769 16.97 -21.63 -25.89
CA GLY A 769 16.46 -22.20 -27.12
C GLY A 769 16.76 -21.34 -28.34
N ILE A 770 16.74 -20.02 -28.15
CA ILE A 770 17.10 -19.11 -29.23
C ILE A 770 18.57 -19.28 -29.60
N ALA A 771 19.44 -19.37 -28.60
CA ALA A 771 20.87 -19.47 -28.87
C ALA A 771 21.22 -20.78 -29.58
N VAL A 772 20.65 -21.89 -29.11
CA VAL A 772 20.95 -23.17 -29.75
C VAL A 772 20.37 -23.23 -31.15
N GLU A 773 19.30 -22.46 -31.41
CA GLU A 773 18.72 -22.41 -32.75
C GLU A 773 19.66 -21.71 -33.73
N GLN A 774 20.41 -20.71 -33.25
CA GLN A 774 21.31 -19.98 -34.13
C GLN A 774 22.40 -20.88 -34.68
N ASP A 775 22.94 -21.78 -33.85
CA ASP A 775 23.90 -22.75 -34.35
C ASP A 775 23.25 -23.72 -35.32
N LYS A 776 21.99 -24.10 -35.08
CA LYS A 776 21.28 -24.97 -36.00
C LYS A 776 21.02 -24.28 -37.33
N ASN A 777 20.79 -22.97 -37.29
CA ASN A 777 20.56 -22.22 -38.53
C ASN A 777 21.79 -22.28 -39.43
N THR A 778 22.98 -22.13 -38.86
CA THR A 778 24.19 -22.13 -39.67
C THR A 778 24.50 -23.53 -40.18
N GLN A 779 24.14 -24.57 -39.43
CA GLN A 779 24.33 -25.93 -39.91
C GLN A 779 23.51 -26.18 -41.18
N GLU A 780 22.26 -25.73 -41.21
CA GLU A 780 21.39 -26.04 -42.34
C GLU A 780 21.80 -25.27 -43.58
N VAL A 781 22.36 -24.08 -43.42
CA VAL A 781 22.72 -23.28 -44.59
C VAL A 781 24.06 -23.75 -45.16
N PHE A 782 25.08 -23.90 -44.32
CA PHE A 782 26.44 -24.10 -44.78
C PHE A 782 26.88 -25.56 -44.75
N ALA A 783 26.46 -26.33 -43.75
CA ALA A 783 26.88 -27.73 -43.68
C ALA A 783 26.01 -28.59 -44.60
N GLN A 784 25.91 -28.20 -45.87
CA GLN A 784 25.15 -28.93 -46.87
C GLN A 784 26.06 -29.79 -47.76
N VAL A 785 27.33 -29.92 -47.40
CA VAL A 785 28.31 -30.63 -48.20
C VAL A 785 29.03 -31.64 -47.33
N LYS A 786 29.19 -32.85 -47.86
CA LYS A 786 30.01 -33.88 -47.24
C LYS A 786 31.33 -33.92 -47.97
N GLN A 787 32.43 -33.85 -47.21
CA GLN A 787 33.80 -33.76 -47.71
C GLN A 787 34.11 -32.33 -48.13
N ILE A 788 35.25 -31.81 -47.67
CA ILE A 788 35.66 -30.44 -47.98
C ILE A 788 36.37 -30.49 -49.33
N TYR A 789 35.62 -30.23 -50.39
CA TYR A 789 36.20 -30.20 -51.72
C TYR A 789 37.13 -29.02 -51.89
N LYS A 790 38.25 -29.24 -52.56
CA LYS A 790 39.19 -28.17 -52.87
C LYS A 790 39.47 -28.14 -54.37
N THR A 791 39.66 -26.93 -54.89
CA THR A 791 39.89 -26.71 -56.31
C THR A 791 41.31 -27.13 -56.70
N PRO A 792 41.52 -27.59 -57.93
CA PRO A 792 42.84 -28.05 -58.32
C PRO A 792 43.81 -26.88 -58.37
N PRO A 793 45.12 -27.16 -58.20
CA PRO A 793 46.10 -26.08 -58.34
C PRO A 793 46.10 -25.43 -59.72
N ILE A 794 45.86 -26.22 -60.77
CA ILE A 794 45.77 -25.70 -62.13
C ILE A 794 44.30 -25.39 -62.40
N LYS A 795 44.00 -24.10 -62.54
CA LYS A 795 42.61 -23.64 -62.67
C LYS A 795 42.34 -23.28 -64.13
N ASP A 796 41.96 -24.30 -64.90
CA ASP A 796 41.60 -24.13 -66.31
C ASP A 796 40.10 -24.39 -66.44
N PHE A 797 39.31 -23.33 -66.25
CA PHE A 797 37.86 -23.43 -66.23
C PHE A 797 37.23 -22.90 -67.51
N GLY A 798 37.91 -23.06 -68.65
CA GLY A 798 37.39 -22.58 -69.91
C GLY A 798 37.47 -21.09 -70.10
N GLY A 799 38.30 -20.39 -69.32
CA GLY A 799 38.36 -18.95 -69.37
C GLY A 799 37.59 -18.25 -68.27
N PHE A 800 36.72 -18.98 -67.57
CA PHE A 800 36.01 -18.41 -66.43
C PHE A 800 36.98 -18.20 -65.28
N ASN A 801 36.83 -17.07 -64.59
CA ASN A 801 37.77 -16.64 -63.56
C ASN A 801 37.02 -16.53 -62.23
N PHE A 802 37.41 -17.35 -61.26
CA PHE A 802 36.82 -17.33 -59.93
C PHE A 802 37.82 -16.86 -58.87
N SER A 803 38.79 -16.05 -59.27
CA SER A 803 39.83 -15.61 -58.33
C SER A 803 39.23 -14.82 -57.17
N GLN A 804 38.28 -13.93 -57.48
CA GLN A 804 37.67 -13.13 -56.42
C GLN A 804 36.77 -13.96 -55.53
N ILE A 805 36.28 -15.09 -56.04
CA ILE A 805 35.34 -15.90 -55.27
C ILE A 805 36.06 -17.04 -54.56
N LEU A 806 37.18 -17.51 -55.09
CA LEU A 806 37.90 -18.61 -54.48
C LEU A 806 38.73 -18.10 -53.29
N PRO A 807 38.98 -18.96 -52.30
CA PRO A 807 39.70 -18.52 -51.11
C PRO A 807 41.12 -18.06 -51.42
N ASP A 808 41.59 -17.11 -50.61
CA ASP A 808 42.94 -16.57 -50.72
C ASP A 808 43.68 -16.90 -49.43
N PRO A 809 44.76 -17.66 -49.49
CA PRO A 809 45.50 -17.98 -48.24
C PRO A 809 46.05 -16.75 -47.54
N SER A 810 46.32 -15.67 -48.27
CA SER A 810 46.88 -14.47 -47.64
C SER A 810 45.85 -13.78 -46.74
N LYS A 811 44.57 -14.07 -46.96
CA LYS A 811 43.53 -13.48 -46.14
C LYS A 811 43.58 -14.06 -44.72
N PRO A 812 43.06 -13.34 -43.72
CA PRO A 812 43.16 -13.84 -42.34
C PRO A 812 42.51 -15.20 -42.13
N SER A 813 41.21 -15.31 -42.40
CA SER A 813 40.48 -16.57 -42.23
C SER A 813 40.46 -17.40 -43.50
N LYS A 814 41.45 -17.21 -44.38
CA LYS A 814 41.51 -17.86 -45.69
C LYS A 814 40.24 -17.59 -46.49
N ARG A 815 39.66 -16.41 -46.30
CA ARG A 815 38.46 -16.02 -47.01
C ARG A 815 38.79 -15.63 -48.45
N SER A 816 37.75 -15.53 -49.27
CA SER A 816 37.92 -15.06 -50.63
C SER A 816 38.10 -13.54 -50.63
N PHE A 817 38.35 -12.99 -51.82
CA PHE A 817 38.44 -11.54 -51.95
C PHE A 817 37.11 -10.88 -51.62
N ILE A 818 36.03 -11.39 -52.22
CA ILE A 818 34.70 -10.78 -52.02
C ILE A 818 34.24 -10.99 -50.59
N GLU A 819 34.52 -12.15 -50.00
CA GLU A 819 34.17 -12.39 -48.62
C GLU A 819 34.85 -11.40 -47.68
N ASP A 820 36.09 -11.03 -48.01
CA ASP A 820 36.79 -10.04 -47.19
C ASP A 820 36.10 -8.69 -47.23
N LEU A 821 35.62 -8.28 -48.41
CA LEU A 821 34.85 -7.04 -48.51
C LEU A 821 33.57 -7.12 -47.70
N LEU A 822 32.87 -8.26 -47.76
CA LEU A 822 31.61 -8.39 -47.03
C LEU A 822 31.82 -8.24 -45.53
N PHE A 823 32.89 -8.82 -45.01
CA PHE A 823 33.14 -8.73 -43.57
C PHE A 823 33.56 -7.33 -43.16
N ASN A 824 34.15 -6.56 -44.07
CA ASN A 824 34.53 -5.18 -43.75
C ASN A 824 33.32 -4.25 -43.82
N LYS A 825 32.39 -4.51 -44.74
CA LYS A 825 31.25 -3.62 -44.91
C LYS A 825 30.36 -3.61 -43.67
N VAL A 826 30.13 -4.77 -43.06
CA VAL A 826 29.26 -4.87 -41.90
C VAL A 826 29.98 -4.32 -40.68
N THR A 827 29.32 -3.37 -40.00
CA THR A 827 29.89 -2.76 -38.81
C THR A 827 29.02 -3.04 -37.58
N LYS A 854 30.72 -8.01 -20.71
CA LYS A 854 29.91 -8.70 -19.72
C LYS A 854 29.49 -7.75 -18.60
N PHE A 855 28.24 -7.28 -18.65
CA PHE A 855 27.70 -6.36 -17.67
C PHE A 855 26.29 -6.74 -17.31
N ASN A 856 26.00 -6.78 -16.00
CA ASN A 856 24.66 -7.02 -15.48
C ASN A 856 24.10 -8.36 -15.95
N GLY A 857 24.91 -9.41 -15.84
CA GLY A 857 24.49 -10.73 -16.23
C GLY A 857 24.38 -10.97 -17.71
N LEU A 858 24.87 -10.04 -18.53
CA LEU A 858 24.81 -10.16 -19.98
C LEU A 858 26.03 -10.90 -20.50
N THR A 859 25.81 -11.87 -21.38
CA THR A 859 26.90 -12.59 -22.02
C THR A 859 26.49 -12.96 -23.42
N VAL A 860 27.47 -13.00 -24.32
CA VAL A 860 27.27 -13.40 -25.70
C VAL A 860 28.01 -14.72 -25.90
N LEU A 861 27.26 -15.78 -26.15
CA LEU A 861 27.88 -17.08 -26.38
C LEU A 861 28.44 -17.15 -27.80
N PRO A 862 29.69 -17.53 -27.96
CA PRO A 862 30.28 -17.63 -29.30
C PRO A 862 29.56 -18.68 -30.13
N PRO A 863 29.39 -18.43 -31.43
CA PRO A 863 28.77 -19.45 -32.29
C PRO A 863 29.64 -20.69 -32.39
N LEU A 864 28.97 -21.83 -32.62
CA LEU A 864 29.68 -23.10 -32.70
C LEU A 864 30.63 -23.12 -33.90
N LEU A 865 30.16 -22.66 -35.06
CA LEU A 865 31.02 -22.57 -36.24
C LEU A 865 31.72 -21.22 -36.26
N THR A 866 33.05 -21.26 -36.33
CA THR A 866 33.81 -20.03 -36.41
C THR A 866 33.80 -19.50 -37.84
N ASP A 867 34.33 -18.28 -38.00
CA ASP A 867 34.35 -17.66 -39.32
C ASP A 867 35.23 -18.44 -40.29
N GLU A 868 36.31 -19.04 -39.79
CA GLU A 868 37.15 -19.87 -40.64
C GLU A 868 36.41 -21.11 -41.11
N MET A 869 35.60 -21.72 -40.23
CA MET A 869 34.87 -22.92 -40.61
C MET A 869 33.76 -22.61 -41.61
N ILE A 870 33.04 -21.51 -41.41
CA ILE A 870 31.95 -21.18 -42.32
C ILE A 870 32.50 -20.86 -43.71
N ALA A 871 33.65 -20.17 -43.77
CA ALA A 871 34.29 -19.94 -45.06
C ALA A 871 34.79 -21.25 -45.67
N GLN A 872 35.07 -22.25 -44.84
CA GLN A 872 35.55 -23.52 -45.36
C GLN A 872 34.43 -24.34 -45.98
N TYR A 873 33.24 -24.32 -45.38
CA TYR A 873 32.05 -24.82 -46.08
C TYR A 873 31.80 -24.06 -47.37
N THR A 874 31.89 -22.73 -47.35
CA THR A 874 31.65 -21.96 -48.57
C THR A 874 32.70 -22.29 -49.62
N SER A 875 33.96 -22.43 -49.21
CA SER A 875 35.00 -22.84 -50.15
C SER A 875 34.73 -24.25 -50.68
N ALA A 876 34.30 -25.15 -49.80
CA ALA A 876 33.99 -26.51 -50.23
C ALA A 876 32.81 -26.54 -51.19
N LEU A 877 31.74 -25.80 -50.88
CA LEU A 877 30.59 -25.74 -51.77
C LEU A 877 30.95 -25.11 -53.10
N LEU A 878 31.75 -24.02 -53.07
CA LEU A 878 32.17 -23.38 -54.30
C LEU A 878 33.05 -24.28 -55.14
N ALA A 879 34.00 -24.99 -54.50
CA ALA A 879 34.89 -25.86 -55.24
C ALA A 879 34.15 -27.05 -55.83
N GLY A 880 33.11 -27.52 -55.13
CA GLY A 880 32.31 -28.61 -55.66
C GLY A 880 31.52 -28.21 -56.88
N THR A 881 30.96 -27.00 -56.88
CA THR A 881 30.11 -26.58 -57.98
C THR A 881 30.92 -26.21 -59.21
N ILE A 882 32.21 -25.92 -59.05
CA ILE A 882 33.06 -25.61 -60.20
C ILE A 882 33.61 -26.87 -60.83
N THR A 883 33.98 -27.84 -60.00
CA THR A 883 34.65 -29.03 -60.53
C THR A 883 33.65 -30.13 -60.88
N SER A 884 32.48 -30.13 -60.26
CA SER A 884 31.55 -31.24 -60.39
C SER A 884 30.16 -30.85 -60.87
N GLY A 885 29.71 -29.62 -60.64
CA GLY A 885 28.39 -29.24 -61.12
C GLY A 885 27.30 -29.67 -60.16
N TRP A 886 26.26 -30.32 -60.70
CA TRP A 886 25.16 -30.83 -59.88
C TRP A 886 25.55 -32.03 -59.05
N THR A 887 26.59 -32.77 -59.47
CA THR A 887 26.78 -34.14 -59.02
C THR A 887 27.05 -34.22 -57.51
N PHE A 888 27.84 -33.30 -56.97
CA PHE A 888 28.16 -33.36 -55.55
C PHE A 888 26.94 -33.09 -54.70
N GLY A 889 25.93 -32.41 -55.25
CA GLY A 889 24.69 -32.21 -54.52
C GLY A 889 23.92 -33.51 -54.32
N ALA A 890 23.96 -34.40 -55.31
CA ALA A 890 23.20 -35.65 -55.23
C ALA A 890 24.01 -36.74 -54.52
N GLY A 891 25.17 -37.08 -55.05
CA GLY A 891 26.01 -38.09 -54.45
C GLY A 891 27.48 -37.73 -54.46
N ALA A 892 28.31 -38.62 -54.96
CA ALA A 892 29.73 -38.36 -55.12
C ALA A 892 29.96 -37.32 -56.20
N ALA A 893 30.98 -36.49 -55.99
CA ALA A 893 31.31 -35.46 -56.97
C ALA A 893 31.89 -36.10 -58.23
N LEU A 894 31.27 -35.82 -59.36
CA LEU A 894 31.70 -36.33 -60.65
C LEU A 894 32.31 -35.17 -61.43
N GLN A 895 33.59 -35.25 -61.70
CA GLN A 895 34.27 -34.19 -62.39
C GLN A 895 33.74 -33.96 -63.77
N ILE A 896 33.78 -32.73 -64.21
CA ILE A 896 33.38 -32.41 -65.58
C ILE A 896 34.05 -31.09 -65.94
N PRO A 897 34.56 -30.92 -67.16
CA PRO A 897 35.13 -29.63 -67.54
C PRO A 897 34.11 -28.53 -67.39
N PHE A 898 34.56 -27.37 -66.90
CA PHE A 898 33.61 -26.29 -66.62
C PHE A 898 32.92 -25.82 -67.88
N ALA A 899 33.62 -25.82 -69.00
CA ALA A 899 33.00 -25.43 -70.27
C ALA A 899 31.84 -26.34 -70.62
N MET A 900 31.91 -27.62 -70.27
CA MET A 900 30.79 -28.50 -70.59
C MET A 900 29.74 -28.51 -69.49
N GLN A 901 30.13 -28.17 -68.26
CA GLN A 901 29.14 -27.91 -67.22
C GLN A 901 28.22 -26.76 -67.62
N MET A 902 28.79 -25.68 -68.13
CA MET A 902 27.99 -24.52 -68.49
C MET A 902 27.13 -24.80 -69.72
N ALA A 903 27.56 -25.72 -70.59
CA ALA A 903 26.76 -26.11 -71.73
C ALA A 903 25.53 -26.91 -71.32
N TYR A 904 25.64 -27.70 -70.25
CA TYR A 904 24.50 -28.46 -69.77
C TYR A 904 23.54 -27.58 -68.98
N ARG A 905 24.03 -26.43 -68.51
CA ARG A 905 23.18 -25.44 -67.87
C ARG A 905 22.48 -24.53 -68.86
N PHE A 906 22.95 -24.47 -70.11
CA PHE A 906 22.15 -23.85 -71.16
C PHE A 906 21.04 -24.77 -71.62
N ASN A 907 21.28 -26.09 -71.62
CA ASN A 907 20.22 -27.03 -71.93
C ASN A 907 19.08 -26.94 -70.93
N GLY A 908 19.40 -26.61 -69.67
CA GLY A 908 18.36 -26.45 -68.67
C GLY A 908 17.44 -25.28 -68.96
N ILE A 909 17.96 -24.20 -69.53
CA ILE A 909 17.18 -23.01 -69.79
C ILE A 909 16.61 -23.04 -71.21
N GLY A 910 16.86 -24.13 -71.93
CA GLY A 910 16.33 -24.28 -73.27
C GLY A 910 17.21 -23.77 -74.38
N VAL A 911 18.51 -23.62 -74.15
CA VAL A 911 19.45 -23.19 -75.17
C VAL A 911 20.38 -24.35 -75.49
N THR A 912 20.66 -24.54 -76.78
CA THR A 912 21.49 -25.66 -77.20
C THR A 912 22.95 -25.46 -76.78
N GLN A 913 23.68 -26.57 -76.70
CA GLN A 913 25.07 -26.54 -76.27
C GLN A 913 25.93 -25.71 -77.22
N ASN A 914 25.63 -25.75 -78.52
CA ASN A 914 26.46 -25.05 -79.50
C ASN A 914 26.53 -23.55 -79.22
N VAL A 915 25.49 -22.99 -78.60
CA VAL A 915 25.49 -21.56 -78.31
C VAL A 915 26.59 -21.20 -77.32
N LEU A 916 26.81 -22.02 -76.30
CA LEU A 916 27.90 -21.77 -75.38
C LEU A 916 29.26 -21.92 -76.06
N TYR A 917 29.46 -23.04 -76.75
CA TYR A 917 30.76 -23.32 -77.33
C TYR A 917 31.14 -22.30 -78.40
N GLU A 918 30.17 -21.89 -79.21
CA GLU A 918 30.46 -20.92 -80.26
C GLU A 918 30.61 -19.52 -79.70
N ASN A 919 30.20 -19.29 -78.45
CA ASN A 919 30.34 -18.00 -77.79
C ASN A 919 31.06 -18.13 -76.46
N GLN A 920 31.97 -19.09 -76.33
CA GLN A 920 32.57 -19.40 -75.03
C GLN A 920 33.41 -18.23 -74.51
N LYS A 921 34.26 -17.66 -75.37
CA LYS A 921 35.09 -16.54 -74.94
C LYS A 921 34.23 -15.33 -74.59
N LEU A 922 33.17 -15.08 -75.37
CA LEU A 922 32.27 -13.99 -75.06
C LEU A 922 31.58 -14.21 -73.72
N ILE A 923 31.10 -15.44 -73.48
CA ILE A 923 30.36 -15.72 -72.25
C ILE A 923 31.29 -15.70 -71.05
N ALA A 924 32.51 -16.23 -71.21
CA ALA A 924 33.48 -16.17 -70.12
C ALA A 924 33.84 -14.73 -69.77
N ASN A 925 34.01 -13.88 -70.79
CA ASN A 925 34.33 -12.48 -70.54
C ASN A 925 33.17 -11.77 -69.85
N GLN A 926 31.94 -12.05 -70.28
CA GLN A 926 30.77 -11.44 -69.63
C GLN A 926 30.66 -11.87 -68.18
N PHE A 927 30.94 -13.14 -67.87
CA PHE A 927 30.92 -13.57 -66.48
C PHE A 927 32.02 -12.88 -65.68
N ASN A 928 33.23 -12.80 -66.24
CA ASN A 928 34.34 -12.18 -65.54
C ASN A 928 34.07 -10.71 -65.27
N SER A 929 33.54 -9.99 -66.26
CA SER A 929 33.24 -8.58 -66.09
C SER A 929 32.15 -8.37 -65.04
N ALA A 930 31.14 -9.24 -65.04
CA ALA A 930 30.03 -9.08 -64.10
C ALA A 930 30.49 -9.30 -62.66
N ILE A 931 31.42 -10.23 -62.45
CA ILE A 931 31.96 -10.43 -61.10
C ILE A 931 32.77 -9.21 -60.67
N GLY A 932 33.52 -8.61 -61.59
CA GLY A 932 34.27 -7.41 -61.26
C GLY A 932 33.38 -6.25 -60.89
N LYS A 933 32.22 -6.14 -61.53
CA LYS A 933 31.25 -5.11 -61.16
C LYS A 933 30.69 -5.37 -59.76
N ILE A 934 30.46 -6.63 -59.40
CA ILE A 934 30.01 -6.96 -58.06
C ILE A 934 31.06 -6.56 -57.03
N GLN A 935 32.33 -6.85 -57.33
CA GLN A 935 33.41 -6.45 -56.44
C GLN A 935 33.49 -4.93 -56.31
N ASP A 936 33.35 -4.22 -57.43
CA ASP A 936 33.36 -2.77 -57.40
C ASP A 936 32.17 -2.21 -56.63
N SER A 937 30.99 -2.79 -56.84
CA SER A 937 29.79 -2.28 -56.18
C SER A 937 29.89 -2.43 -54.66
N LEU A 938 30.39 -3.56 -54.18
CA LEU A 938 30.49 -3.77 -52.74
C LEU A 938 31.48 -2.82 -52.10
N SER A 939 32.66 -2.66 -52.72
CA SER A 939 33.68 -1.80 -52.14
C SER A 939 33.29 -0.32 -52.23
N SER A 940 32.87 0.12 -53.42
CA SER A 940 32.61 1.53 -53.63
C SER A 940 31.33 1.98 -52.93
N THR A 941 30.25 1.20 -53.06
CA THR A 941 28.95 1.58 -52.54
C THR A 941 28.74 0.93 -51.17
N ALA A 942 28.54 1.75 -50.16
CA ALA A 942 28.21 1.24 -48.83
C ALA A 942 26.71 0.95 -48.74
N SER A 943 26.31 0.42 -47.58
CA SER A 943 24.93 0.07 -47.23
C SER A 943 24.38 -1.06 -48.10
N ALA A 944 25.22 -1.77 -48.85
CA ALA A 944 24.73 -2.90 -49.63
C ALA A 944 24.21 -4.01 -48.72
N LEU A 945 24.90 -4.28 -47.63
CA LEU A 945 24.50 -5.32 -46.68
C LEU A 945 23.58 -4.75 -45.60
N GLY A 946 22.52 -4.07 -46.04
CA GLY A 946 21.59 -3.48 -45.10
C GLY A 946 20.81 -4.52 -44.31
N LYS A 947 20.47 -5.64 -44.96
CA LYS A 947 19.70 -6.68 -44.29
C LYS A 947 20.48 -7.28 -43.12
N LEU A 948 21.78 -7.52 -43.33
CA LEU A 948 22.61 -8.02 -42.23
C LEU A 948 22.81 -6.97 -41.16
N GLN A 949 22.99 -5.70 -41.57
CA GLN A 949 23.20 -4.63 -40.61
C GLN A 949 21.95 -4.39 -39.76
N ASP A 950 20.77 -4.65 -40.32
CA ASP A 950 19.54 -4.47 -39.56
C ASP A 950 19.48 -5.42 -38.36
N VAL A 951 19.88 -6.67 -38.55
CA VAL A 951 19.84 -7.63 -37.46
C VAL A 951 20.82 -7.22 -36.36
N VAL A 952 22.02 -6.78 -36.74
CA VAL A 952 23.00 -6.33 -35.76
C VAL A 952 22.48 -5.10 -35.02
N ASN A 953 21.89 -4.16 -35.75
CA ASN A 953 21.38 -2.94 -35.12
C ASN A 953 20.17 -3.24 -34.24
N GLN A 954 19.23 -4.06 -34.73
CA GLN A 954 18.01 -4.31 -33.99
C GLN A 954 18.30 -5.07 -32.70
N ASN A 955 19.24 -6.02 -32.73
CA ASN A 955 19.57 -6.77 -31.53
C ASN A 955 20.37 -5.92 -30.55
N ALA A 956 21.31 -5.13 -31.05
CA ALA A 956 22.08 -4.26 -30.17
C ALA A 956 21.21 -3.20 -29.52
N GLN A 957 20.24 -2.66 -30.28
CA GLN A 957 19.32 -1.68 -29.70
C GLN A 957 18.46 -2.32 -28.63
N ALA A 958 18.02 -3.56 -28.84
CA ALA A 958 17.25 -4.27 -27.83
C ALA A 958 18.08 -4.51 -26.58
N LEU A 959 19.35 -4.88 -26.74
CA LEU A 959 20.21 -5.10 -25.59
C LEU A 959 20.52 -3.79 -24.87
N ASN A 960 20.70 -2.71 -25.63
CA ASN A 960 20.90 -1.41 -25.01
C ASN A 960 19.67 -0.97 -24.24
N THR A 961 18.48 -1.21 -24.80
CA THR A 961 17.25 -0.87 -24.10
C THR A 961 17.10 -1.68 -22.81
N LEU A 962 17.51 -2.95 -22.85
CA LEU A 962 17.42 -3.79 -21.65
C LEU A 962 18.29 -3.24 -20.53
N VAL A 963 19.52 -2.84 -20.84
CA VAL A 963 20.42 -2.33 -19.81
C VAL A 963 19.97 -0.96 -19.33
N LYS A 964 19.43 -0.14 -20.23
CA LYS A 964 18.97 1.19 -19.84
C LYS A 964 17.78 1.11 -18.89
N GLN A 965 17.02 0.01 -18.95
CA GLN A 965 15.88 -0.14 -18.05
C GLN A 965 16.30 -0.37 -16.60
N LEU A 966 17.57 -0.73 -16.37
CA LEU A 966 18.07 -0.91 -15.02
C LEU A 966 18.19 0.42 -14.28
N SER A 967 18.15 1.54 -14.99
CA SER A 967 18.26 2.86 -14.40
C SER A 967 16.91 3.55 -14.26
N SER A 968 15.84 2.78 -14.15
CA SER A 968 14.49 3.31 -13.98
C SER A 968 13.98 2.99 -12.58
N ASN A 969 13.28 3.96 -11.99
CA ASN A 969 12.78 3.80 -10.63
C ASN A 969 11.64 2.78 -10.56
N PHE A 970 10.74 2.79 -11.55
CA PHE A 970 9.50 2.00 -11.51
C PHE A 970 8.68 2.33 -10.27
N GLY A 971 8.70 3.58 -9.85
CA GLY A 971 7.98 4.01 -8.67
C GLY A 971 8.73 3.87 -7.37
N ALA A 972 9.89 3.24 -7.38
CA ALA A 972 10.69 3.09 -6.17
C ALA A 972 11.48 4.36 -5.89
N ILE A 973 12.03 4.45 -4.68
CA ILE A 973 12.77 5.64 -4.28
C ILE A 973 14.03 5.80 -5.11
N SER A 974 14.67 4.70 -5.47
CA SER A 974 15.91 4.74 -6.24
C SER A 974 15.88 3.62 -7.28
N SER A 975 16.76 3.73 -8.26
CA SER A 975 16.88 2.74 -9.33
C SER A 975 17.97 1.71 -9.05
N VAL A 976 18.60 1.75 -7.88
CA VAL A 976 19.70 0.86 -7.53
C VAL A 976 19.36 0.19 -6.20
N LEU A 977 19.53 -1.13 -6.15
CA LEU A 977 19.15 -1.89 -4.97
C LEU A 977 20.04 -1.56 -3.78
N ASN A 978 21.33 -1.32 -4.02
CA ASN A 978 22.26 -1.07 -2.93
C ASN A 978 21.86 0.16 -2.13
N ASP A 979 21.47 1.23 -2.80
CA ASP A 979 21.06 2.45 -2.10
C ASP A 979 19.80 2.20 -1.28
N ILE A 980 18.83 1.47 -1.84
CA ILE A 980 17.61 1.17 -1.11
C ILE A 980 17.92 0.33 0.12
N LEU A 981 18.77 -0.68 -0.04
CA LEU A 981 19.16 -1.51 1.10
C LEU A 981 20.00 -0.72 2.10
N SER A 982 20.73 0.30 1.62
CA SER A 982 21.63 1.04 2.48
C SER A 982 20.87 1.93 3.45
N ARG A 983 19.72 2.45 3.05
CA ARG A 983 19.04 3.47 3.83
C ARG A 983 17.63 3.09 4.27
N LEU A 984 17.22 1.83 4.11
CA LEU A 984 15.90 1.43 4.54
C LEU A 984 15.98 0.15 5.37
N ASP A 985 15.11 0.06 6.36
CA ASP A 985 14.97 -1.14 7.17
C ASP A 985 14.33 -2.24 6.33
N PRO A 986 14.50 -3.50 6.72
CA PRO A 986 13.99 -4.62 5.93
C PRO A 986 12.49 -4.51 5.65
N PRO A 987 11.67 -4.02 6.60
CA PRO A 987 10.25 -3.85 6.24
C PRO A 987 10.01 -2.90 5.09
N GLU A 988 10.55 -1.69 5.16
CA GLU A 988 10.32 -0.70 4.10
C GLU A 988 11.10 -1.04 2.83
N ALA A 989 12.27 -1.66 2.99
CA ALA A 989 13.08 -1.99 1.81
C ALA A 989 12.37 -2.99 0.91
N GLU A 990 11.60 -3.91 1.50
CA GLU A 990 10.91 -4.92 0.71
C GLU A 990 9.88 -4.28 -0.23
N VAL A 991 9.23 -3.21 0.23
CA VAL A 991 8.24 -2.53 -0.59
C VAL A 991 8.90 -1.91 -1.82
N GLN A 992 10.04 -1.26 -1.62
CA GLN A 992 10.71 -0.59 -2.74
C GLN A 992 11.36 -1.61 -3.67
N ILE A 993 11.95 -2.67 -3.12
CA ILE A 993 12.58 -3.69 -3.95
C ILE A 993 11.53 -4.39 -4.81
N ASP A 994 10.34 -4.60 -4.26
CA ASP A 994 9.27 -5.26 -5.02
C ASP A 994 8.88 -4.44 -6.23
N ARG A 995 8.91 -3.10 -6.12
CA ARG A 995 8.61 -2.26 -7.27
C ARG A 995 9.70 -2.38 -8.33
N LEU A 996 10.95 -2.53 -7.92
CA LEU A 996 12.03 -2.72 -8.88
C LEU A 996 11.95 -4.10 -9.52
N ILE A 997 11.56 -5.12 -8.75
CA ILE A 997 11.49 -6.47 -9.29
C ILE A 997 10.43 -6.56 -10.37
N THR A 998 9.24 -6.04 -10.10
CA THR A 998 8.16 -6.13 -11.10
C THR A 998 8.48 -5.31 -12.34
N GLY A 999 9.15 -4.17 -12.17
CA GLY A 999 9.57 -3.39 -13.33
C GLY A 999 10.63 -4.08 -14.15
N ARG A 1000 11.63 -4.66 -13.48
CA ARG A 1000 12.74 -5.31 -14.20
C ARG A 1000 12.30 -6.64 -14.78
N LEU A 1001 11.48 -7.40 -14.06
CA LEU A 1001 10.97 -8.66 -14.59
C LEU A 1001 10.10 -8.42 -15.81
N GLN A 1002 9.28 -7.37 -15.78
CA GLN A 1002 8.53 -6.99 -16.97
C GLN A 1002 9.46 -6.53 -18.08
N SER A 1003 10.52 -5.80 -17.72
CA SER A 1003 11.48 -5.35 -18.73
C SER A 1003 12.21 -6.53 -19.35
N LEU A 1004 12.50 -7.56 -18.54
CA LEU A 1004 13.16 -8.75 -19.07
C LEU A 1004 12.19 -9.59 -19.91
N GLN A 1005 10.94 -9.71 -19.47
CA GLN A 1005 9.96 -10.46 -20.24
C GLN A 1005 9.72 -9.82 -21.59
N THR A 1006 9.68 -8.49 -21.64
CA THR A 1006 9.52 -7.79 -22.91
C THR A 1006 10.67 -8.11 -23.85
N TYR A 1007 11.91 -8.12 -23.33
CA TYR A 1007 13.07 -8.41 -24.17
C TYR A 1007 13.02 -9.82 -24.73
N VAL A 1008 12.69 -10.80 -23.89
CA VAL A 1008 12.70 -12.19 -24.35
C VAL A 1008 11.58 -12.44 -25.36
N THR A 1009 10.41 -11.83 -25.14
CA THR A 1009 9.31 -12.00 -26.07
C THR A 1009 9.66 -11.44 -27.45
N GLN A 1010 10.31 -10.28 -27.50
N GLN A 1010 10.29 -10.26 -27.48
CA GLN A 1010 10.67 -9.72 -28.80
CA GLN A 1010 10.71 -9.68 -28.75
C GLN A 1010 11.88 -10.42 -29.41
C GLN A 1010 11.78 -10.54 -29.40
N GLN A 1011 12.67 -11.13 -28.58
CA GLN A 1011 13.75 -11.95 -29.13
C GLN A 1011 13.19 -13.21 -29.78
N LEU A 1012 12.17 -13.81 -29.17
CA LEU A 1012 11.55 -15.01 -29.74
C LEU A 1012 10.88 -14.70 -31.06
N ILE A 1013 10.21 -13.55 -31.15
CA ILE A 1013 9.59 -13.15 -32.41
C ILE A 1013 10.66 -12.85 -33.46
N ARG A 1014 11.78 -12.25 -33.04
CA ARG A 1014 12.86 -11.96 -33.97
C ARG A 1014 13.61 -13.22 -34.36
N ALA A 1015 13.68 -14.20 -33.44
CA ALA A 1015 14.31 -15.47 -33.77
C ALA A 1015 13.51 -16.23 -34.81
N ALA A 1016 12.18 -16.15 -34.75
CA ALA A 1016 11.34 -16.80 -35.74
C ALA A 1016 11.55 -16.19 -37.13
N GLU A 1017 11.74 -14.87 -37.18
CA GLU A 1017 12.01 -14.21 -38.46
C GLU A 1017 13.34 -14.68 -39.05
N ILE A 1018 14.37 -14.81 -38.21
CA ILE A 1018 15.67 -15.26 -38.70
C ILE A 1018 15.61 -16.72 -39.13
N ARG A 1019 14.90 -17.56 -38.38
CA ARG A 1019 14.80 -18.97 -38.75
C ARG A 1019 14.13 -19.14 -40.11
N ALA A 1020 13.11 -18.32 -40.39
CA ALA A 1020 12.50 -18.34 -41.71
C ALA A 1020 13.50 -17.90 -42.77
N SER A 1021 14.29 -16.87 -42.47
CA SER A 1021 15.31 -16.41 -43.41
C SER A 1021 16.42 -17.45 -43.56
N ALA A 1022 16.82 -18.09 -42.45
CA ALA A 1022 17.80 -19.16 -42.53
C ALA A 1022 17.27 -20.35 -43.31
N ASN A 1023 16.00 -20.69 -43.13
CA ASN A 1023 15.41 -21.79 -43.89
C ASN A 1023 15.33 -21.47 -45.36
N LEU A 1024 15.01 -20.22 -45.71
CA LEU A 1024 15.03 -19.80 -47.10
C LEU A 1024 16.46 -19.85 -47.66
N ALA A 1025 17.44 -19.43 -46.86
CA ALA A 1025 18.82 -19.49 -47.31
C ALA A 1025 19.29 -20.93 -47.51
N ALA A 1026 18.86 -21.84 -46.65
CA ALA A 1026 19.21 -23.24 -46.82
C ALA A 1026 18.58 -23.81 -48.09
N THR A 1027 17.33 -23.43 -48.37
CA THR A 1027 16.69 -23.86 -49.62
C THR A 1027 17.38 -23.28 -50.83
N LYS A 1028 17.81 -22.02 -50.75
CA LYS A 1028 18.53 -21.41 -51.87
C LYS A 1028 19.90 -22.05 -52.05
N MET A 1029 20.52 -22.51 -50.97
CA MET A 1029 21.78 -23.23 -51.09
C MET A 1029 21.59 -24.55 -51.82
N SER A 1030 20.53 -25.28 -51.50
CA SER A 1030 20.30 -26.57 -52.13
C SER A 1030 19.86 -26.43 -53.58
N GLU A 1031 19.00 -25.46 -53.87
CA GLU A 1031 18.35 -25.38 -55.18
C GLU A 1031 19.03 -24.43 -56.15
N CYS A 1032 19.84 -23.49 -55.67
CA CYS A 1032 20.56 -22.60 -56.58
C CYS A 1032 22.05 -22.92 -56.68
N VAL A 1033 22.66 -23.48 -55.63
CA VAL A 1033 24.09 -23.75 -55.62
C VAL A 1033 24.34 -25.21 -55.94
N LEU A 1034 23.60 -26.10 -55.29
CA LEU A 1034 23.75 -27.53 -55.52
C LEU A 1034 22.99 -28.03 -56.74
N GLY A 1035 22.26 -27.15 -57.43
CA GLY A 1035 21.55 -27.53 -58.63
C GLY A 1035 21.20 -26.29 -59.42
N GLN A 1036 20.50 -26.51 -60.54
CA GLN A 1036 20.01 -25.44 -61.37
C GLN A 1036 18.50 -25.38 -61.25
N SER A 1037 17.98 -24.21 -60.88
CA SER A 1037 16.59 -24.07 -60.49
C SER A 1037 15.75 -23.57 -61.65
N LYS A 1038 14.59 -24.19 -61.85
CA LYS A 1038 13.60 -23.72 -62.81
C LYS A 1038 12.55 -22.81 -62.18
N ARG A 1039 12.59 -22.60 -60.87
CA ARG A 1039 11.67 -21.68 -60.23
C ARG A 1039 12.02 -20.26 -60.59
N VAL A 1040 11.01 -19.50 -61.03
CA VAL A 1040 11.25 -18.18 -61.60
C VAL A 1040 11.56 -17.19 -60.47
N ASP A 1041 12.65 -16.44 -60.64
CA ASP A 1041 13.12 -15.41 -59.71
C ASP A 1041 13.53 -15.98 -58.36
N PHE A 1042 13.69 -17.29 -58.24
CA PHE A 1042 14.18 -17.86 -57.00
C PHE A 1042 15.68 -17.64 -56.84
N CYS A 1043 16.41 -17.70 -57.95
CA CYS A 1043 17.87 -17.60 -57.93
C CYS A 1043 18.31 -16.51 -58.91
N GLY A 1044 17.69 -15.34 -58.80
CA GLY A 1044 18.08 -14.21 -59.61
C GLY A 1044 17.05 -13.90 -60.69
N LYS A 1045 17.12 -12.67 -61.20
CA LYS A 1045 16.21 -12.20 -62.23
C LYS A 1045 16.75 -12.63 -63.59
N GLY A 1046 16.08 -13.59 -64.20
CA GLY A 1046 16.52 -14.13 -65.47
C GLY A 1046 16.45 -15.65 -65.44
N TYR A 1047 17.08 -16.27 -66.42
CA TYR A 1047 17.14 -17.72 -66.52
C TYR A 1047 18.34 -18.21 -65.72
N HIS A 1048 18.07 -18.93 -64.64
CA HIS A 1048 19.13 -19.33 -63.73
C HIS A 1048 20.10 -20.29 -64.39
N LEU A 1049 21.40 -20.05 -64.18
CA LEU A 1049 22.44 -20.97 -64.60
C LEU A 1049 23.11 -21.64 -63.42
N MET A 1050 23.67 -20.86 -62.50
CA MET A 1050 24.37 -21.42 -61.35
C MET A 1050 24.61 -20.29 -60.36
N SER A 1051 24.81 -20.67 -59.09
CA SER A 1051 24.99 -19.70 -58.02
C SER A 1051 26.20 -20.07 -57.17
N PHE A 1052 26.80 -19.05 -56.58
CA PHE A 1052 27.96 -19.20 -55.72
C PHE A 1052 27.65 -18.68 -54.33
N PRO A 1053 27.91 -19.46 -53.28
CA PRO A 1053 27.76 -18.93 -51.92
C PRO A 1053 28.97 -18.11 -51.52
N GLN A 1054 28.72 -17.12 -50.66
CA GLN A 1054 29.79 -16.33 -50.06
C GLN A 1054 29.47 -16.13 -48.60
N SER A 1055 30.46 -16.40 -47.74
CA SER A 1055 30.29 -16.21 -46.31
C SER A 1055 30.15 -14.74 -45.98
N ALA A 1056 29.22 -14.44 -45.09
CA ALA A 1056 28.94 -13.09 -44.64
C ALA A 1056 28.94 -13.10 -43.12
N PRO A 1057 29.12 -11.94 -42.48
CA PRO A 1057 29.24 -11.94 -41.00
C PRO A 1057 28.16 -12.71 -40.27
N HIS A 1058 26.89 -12.40 -40.50
CA HIS A 1058 25.80 -13.13 -39.86
C HIS A 1058 24.81 -13.69 -40.88
N GLY A 1059 25.21 -13.80 -42.13
CA GLY A 1059 24.33 -14.30 -43.17
C GLY A 1059 25.11 -14.92 -44.30
N VAL A 1060 24.48 -14.97 -45.46
CA VAL A 1060 25.07 -15.57 -46.66
C VAL A 1060 24.74 -14.70 -47.85
N VAL A 1061 25.71 -14.51 -48.73
CA VAL A 1061 25.55 -13.77 -49.98
C VAL A 1061 25.59 -14.77 -51.12
N PHE A 1062 24.55 -14.77 -51.94
CA PHE A 1062 24.46 -15.64 -53.11
C PHE A 1062 24.74 -14.84 -54.36
N LEU A 1063 25.71 -15.27 -55.15
CA LEU A 1063 26.02 -14.68 -56.44
C LEU A 1063 25.33 -15.50 -57.51
N HIS A 1064 24.18 -15.02 -57.98
CA HIS A 1064 23.35 -15.75 -58.93
C HIS A 1064 23.78 -15.41 -60.35
N VAL A 1065 24.24 -16.42 -61.08
CA VAL A 1065 24.59 -16.25 -62.49
C VAL A 1065 23.37 -16.62 -63.33
N THR A 1066 22.87 -15.67 -64.10
CA THR A 1066 21.63 -15.85 -64.85
C THR A 1066 21.89 -15.59 -66.34
N TYR A 1067 20.96 -16.08 -67.15
CA TYR A 1067 20.97 -15.87 -68.58
C TYR A 1067 19.90 -14.85 -68.92
N VAL A 1068 20.32 -13.67 -69.39
CA VAL A 1068 19.41 -12.60 -69.75
C VAL A 1068 19.43 -12.45 -71.27
N PRO A 1069 18.37 -12.80 -71.97
CA PRO A 1069 18.32 -12.56 -73.42
C PRO A 1069 18.41 -11.07 -73.74
N ALA A 1070 19.06 -10.77 -74.86
CA ALA A 1070 19.32 -9.39 -75.24
C ALA A 1070 19.31 -9.27 -76.75
N GLN A 1071 19.18 -8.03 -77.22
CA GLN A 1071 19.22 -7.68 -78.64
C GLN A 1071 18.20 -8.48 -79.45
N GLU A 1072 16.94 -8.37 -79.03
CA GLU A 1072 15.86 -9.12 -79.67
C GLU A 1072 15.50 -8.51 -81.03
N LYS A 1073 15.02 -9.33 -81.95
CA LYS A 1073 14.54 -8.81 -83.24
C LYS A 1073 13.13 -9.32 -83.47
N ASN A 1074 12.37 -8.66 -84.36
CA ASN A 1074 10.99 -9.05 -84.60
C ASN A 1074 10.83 -9.81 -85.90
N PHE A 1075 10.09 -10.91 -85.86
CA PHE A 1075 9.89 -11.73 -87.04
C PHE A 1075 8.44 -12.16 -87.21
N THR A 1076 8.02 -12.50 -88.42
CA THR A 1076 6.69 -13.00 -88.72
C THR A 1076 6.63 -14.47 -88.37
N THR A 1077 5.48 -14.91 -87.87
CA THR A 1077 5.39 -16.21 -87.22
C THR A 1077 4.14 -16.96 -87.66
N ALA A 1078 4.25 -18.29 -87.68
CA ALA A 1078 3.14 -19.18 -87.97
C ALA A 1078 3.12 -20.33 -86.98
N PRO A 1079 1.94 -20.85 -86.64
CA PRO A 1079 1.85 -21.98 -85.71
C PRO A 1079 2.32 -23.28 -86.34
N ALA A 1080 2.05 -23.44 -87.63
CA ALA A 1080 2.38 -24.66 -88.34
C ALA A 1080 2.55 -24.32 -89.82
N ILE A 1081 3.11 -25.27 -90.56
CA ILE A 1081 3.36 -25.11 -91.98
C ILE A 1081 2.64 -26.23 -92.73
N CYS A 1082 1.87 -25.86 -93.75
CA CYS A 1082 1.15 -26.81 -94.58
C CYS A 1082 2.02 -27.18 -95.78
N HIS A 1083 2.39 -28.45 -95.88
CA HIS A 1083 3.14 -28.98 -97.01
C HIS A 1083 2.49 -30.27 -97.46
N ASP A 1084 2.09 -30.33 -98.74
CA ASP A 1084 1.42 -31.49 -99.32
C ASP A 1084 0.17 -31.85 -98.52
N GLY A 1085 -0.57 -30.83 -98.11
CA GLY A 1085 -1.78 -31.05 -97.33
C GLY A 1085 -1.55 -31.69 -95.99
N LYS A 1086 -0.43 -31.36 -95.34
CA LYS A 1086 -0.10 -31.90 -94.03
C LYS A 1086 0.40 -30.76 -93.15
N ALA A 1087 0.01 -30.79 -91.88
CA ALA A 1087 0.38 -29.75 -90.92
C ALA A 1087 1.67 -30.14 -90.23
N HIS A 1088 2.70 -29.31 -90.37
CA HIS A 1088 4.00 -29.55 -89.79
C HIS A 1088 4.20 -28.64 -88.59
N PHE A 1089 4.59 -29.21 -87.46
CA PHE A 1089 4.82 -28.47 -86.24
C PHE A 1089 6.27 -28.61 -85.81
N PRO A 1090 6.87 -27.55 -85.26
CA PRO A 1090 8.28 -27.64 -84.86
C PRO A 1090 8.46 -28.60 -83.69
N ARG A 1091 9.55 -29.36 -83.74
CA ARG A 1091 9.83 -30.29 -82.65
C ARG A 1091 10.21 -29.56 -81.38
N GLU A 1092 11.12 -28.60 -81.47
CA GLU A 1092 11.63 -27.90 -80.31
C GLU A 1092 11.84 -26.41 -80.52
N GLY A 1093 11.42 -25.86 -81.65
CA GLY A 1093 11.69 -24.46 -81.95
C GLY A 1093 10.42 -23.71 -82.31
N VAL A 1094 10.60 -22.63 -83.07
CA VAL A 1094 9.51 -21.79 -83.54
C VAL A 1094 9.64 -21.66 -85.05
N PHE A 1095 8.53 -21.39 -85.71
CA PHE A 1095 8.54 -21.06 -87.13
C PHE A 1095 8.62 -19.54 -87.26
N VAL A 1096 9.74 -19.05 -87.78
CA VAL A 1096 9.94 -17.62 -87.96
C VAL A 1096 10.15 -17.32 -89.44
N SER A 1097 9.86 -16.08 -89.81
CA SER A 1097 10.04 -15.60 -91.17
C SER A 1097 10.74 -14.26 -91.13
N ASN A 1098 11.80 -14.11 -91.92
CA ASN A 1098 12.50 -12.83 -92.00
C ASN A 1098 11.84 -11.89 -93.00
N GLY A 1099 10.74 -12.31 -93.63
CA GLY A 1099 10.02 -11.50 -94.57
C GLY A 1099 9.75 -12.23 -95.86
N THR A 1100 10.69 -13.08 -96.27
CA THR A 1100 10.58 -13.85 -97.50
C THR A 1100 10.73 -15.35 -97.30
N HIS A 1101 11.52 -15.80 -96.32
CA HIS A 1101 11.82 -17.20 -96.13
C HIS A 1101 11.46 -17.60 -94.70
N TRP A 1102 11.12 -18.87 -94.53
CA TRP A 1102 10.70 -19.42 -93.25
C TRP A 1102 11.78 -20.36 -92.71
N PHE A 1103 12.02 -20.27 -91.40
CA PHE A 1103 13.05 -21.05 -90.75
C PHE A 1103 12.52 -21.60 -89.43
N VAL A 1104 13.23 -22.59 -88.89
CA VAL A 1104 13.05 -23.05 -87.52
C VAL A 1104 14.22 -22.54 -86.70
N THR A 1105 13.92 -21.88 -85.58
CA THR A 1105 14.95 -21.50 -84.62
C THR A 1105 14.48 -21.85 -83.22
N GLN A 1106 15.45 -22.13 -82.35
CA GLN A 1106 15.15 -22.35 -80.95
C GLN A 1106 14.58 -21.08 -80.33
N ARG A 1107 13.70 -21.26 -79.34
CA ARG A 1107 12.85 -20.16 -78.89
C ARG A 1107 13.65 -19.05 -78.21
N ASN A 1108 14.65 -19.41 -77.42
CA ASN A 1108 15.35 -18.42 -76.60
C ASN A 1108 16.56 -17.81 -77.30
N PHE A 1109 16.88 -18.23 -78.52
CA PHE A 1109 18.05 -17.71 -79.22
C PHE A 1109 17.81 -17.84 -80.71
N TYR A 1110 18.09 -16.78 -81.46
CA TYR A 1110 17.85 -16.77 -82.90
C TYR A 1110 18.92 -17.60 -83.60
N GLU A 1111 18.54 -18.81 -84.02
CA GLU A 1111 19.41 -19.69 -84.80
C GLU A 1111 18.59 -20.27 -85.95
N PRO A 1112 18.36 -19.48 -87.00
CA PRO A 1112 17.46 -19.93 -88.08
C PRO A 1112 18.02 -21.16 -88.79
N GLN A 1113 17.11 -22.07 -89.14
CA GLN A 1113 17.48 -23.31 -89.81
C GLN A 1113 16.39 -23.70 -90.79
N ILE A 1114 16.78 -24.40 -91.86
CA ILE A 1114 15.85 -24.74 -92.93
C ILE A 1114 14.77 -25.68 -92.41
N ILE A 1115 13.55 -25.51 -92.91
CA ILE A 1115 12.44 -26.38 -92.55
C ILE A 1115 12.74 -27.78 -93.07
N THR A 1116 12.82 -28.75 -92.16
CA THR A 1116 13.07 -30.14 -92.55
C THR A 1116 12.11 -31.06 -91.83
N THR A 1117 12.01 -32.29 -92.33
CA THR A 1117 11.19 -33.29 -91.66
C THR A 1117 11.89 -33.80 -90.39
N ASP A 1118 13.18 -33.51 -90.25
CA ASP A 1118 13.90 -33.93 -89.06
C ASP A 1118 13.59 -33.05 -87.85
N ASN A 1119 13.42 -31.75 -88.06
CA ASN A 1119 13.12 -30.83 -86.97
C ASN A 1119 11.64 -30.46 -86.86
N THR A 1120 10.78 -31.07 -87.67
CA THR A 1120 9.35 -30.86 -87.58
C THR A 1120 8.64 -32.20 -87.59
N PHE A 1121 7.42 -32.23 -87.07
CA PHE A 1121 6.59 -33.42 -87.10
C PHE A 1121 5.22 -33.09 -87.69
N VAL A 1122 4.57 -34.11 -88.23
CA VAL A 1122 3.32 -33.97 -88.97
C VAL A 1122 2.17 -34.42 -88.08
N SER A 1123 1.08 -33.66 -88.07
CA SER A 1123 -0.11 -34.01 -87.30
C SER A 1123 -1.34 -33.52 -88.05
N GLY A 1124 -1.96 -34.40 -88.83
CA GLY A 1124 -3.20 -34.11 -89.49
C GLY A 1124 -3.04 -33.20 -90.71
N ASN A 1125 -4.18 -32.92 -91.33
CA ASN A 1125 -4.21 -32.01 -92.47
C ASN A 1125 -4.11 -30.56 -92.00
N CYS A 1126 -3.88 -29.67 -92.96
CA CYS A 1126 -3.60 -28.27 -92.66
C CYS A 1126 -4.82 -27.37 -92.79
N ASP A 1127 -6.01 -27.85 -92.42
CA ASP A 1127 -7.19 -26.99 -92.50
C ASP A 1127 -7.77 -26.72 -91.11
N VAL A 1128 -7.50 -27.60 -90.15
CA VAL A 1128 -8.03 -27.40 -88.80
C VAL A 1128 -7.33 -26.24 -88.11
N VAL A 1129 -6.00 -26.21 -88.20
CA VAL A 1129 -5.22 -25.23 -87.44
C VAL A 1129 -5.45 -23.83 -87.98
N ILE A 1130 -5.49 -22.85 -87.07
CA ILE A 1130 -5.75 -21.46 -87.42
C ILE A 1130 -4.42 -20.74 -87.57
N GLY A 1131 -4.22 -20.09 -88.71
CA GLY A 1131 -3.02 -19.33 -88.98
C GLY A 1131 -1.91 -20.08 -89.66
N ILE A 1132 -2.16 -21.30 -90.15
CA ILE A 1132 -1.13 -22.06 -90.84
C ILE A 1132 -0.76 -21.36 -92.14
N VAL A 1133 0.53 -21.44 -92.49
CA VAL A 1133 1.04 -20.84 -93.72
C VAL A 1133 1.61 -21.94 -94.60
N ASN A 1134 1.99 -21.57 -95.81
CA ASN A 1134 2.60 -22.48 -96.77
C ASN A 1134 4.09 -22.23 -96.90
N ASN A 1135 4.85 -23.32 -96.88
CA ASN A 1135 6.26 -23.31 -97.22
C ASN A 1135 6.62 -24.73 -97.65
N THR A 1136 7.91 -24.97 -97.87
CA THR A 1136 8.39 -26.29 -98.26
C THR A 1136 9.14 -26.92 -97.09
N VAL A 1137 8.75 -28.15 -96.76
CA VAL A 1137 9.42 -28.93 -95.72
C VAL A 1137 10.41 -29.85 -96.43
N TYR A 1138 11.67 -29.45 -96.44
CA TYR A 1138 12.69 -30.16 -97.18
C TYR A 1138 12.96 -31.52 -96.54
N ASP A 1139 12.92 -32.57 -97.36
CA ASP A 1139 13.18 -33.93 -96.89
C ASP A 1139 14.60 -34.32 -97.29
N PRO A 1140 15.49 -34.57 -96.33
CA PRO A 1140 16.89 -34.89 -96.69
C PRO A 1140 17.03 -36.15 -97.51
N LEU A 1141 16.08 -37.08 -97.40
CA LEU A 1141 16.20 -38.35 -98.11
C LEU A 1141 16.13 -38.17 -99.62
N GLN A 1142 15.28 -37.27 -100.10
CA GLN A 1142 15.07 -37.14 -101.55
C GLN A 1142 16.34 -36.77 -102.32
N PRO A 1143 17.16 -35.80 -101.89
CA PRO A 1143 18.40 -35.54 -102.63
C PRO A 1143 19.38 -36.70 -102.63
N GLU A 1144 19.71 -37.24 -101.45
CA GLU A 1144 20.68 -38.32 -101.37
C GLU A 1144 20.19 -39.56 -102.10
N LEU A 1145 18.92 -39.89 -101.94
CA LEU A 1145 18.35 -41.05 -102.63
C LEU A 1145 17.72 -40.60 -103.95
N ILE B 22 -20.35 -17.88 42.46
CA ILE B 22 -19.34 -16.83 42.55
C ILE B 22 -19.34 -16.25 43.95
N VAL B 23 -18.16 -16.12 44.55
CA VAL B 23 -17.99 -15.58 45.89
C VAL B 23 -17.31 -14.22 45.76
N LEU B 24 -17.94 -13.19 46.32
CA LEU B 24 -17.42 -11.83 46.26
C LEU B 24 -16.84 -11.45 47.62
N THR B 25 -15.58 -11.02 47.62
CA THR B 25 -14.91 -10.53 48.81
C THR B 25 -14.86 -9.00 48.71
N GLN B 26 -15.40 -8.33 49.72
CA GLN B 26 -15.54 -6.88 49.72
C GLN B 26 -14.52 -6.28 50.68
N SER B 27 -13.41 -5.78 50.15
CA SER B 27 -12.43 -5.07 50.96
C SER B 27 -12.97 -3.68 51.24
N PRO B 28 -12.27 -2.89 52.06
CA PRO B 28 -12.78 -2.59 53.40
C PRO B 28 -14.29 -2.59 53.52
N ALA B 29 -14.76 -3.39 54.48
CA ALA B 29 -16.19 -3.51 54.77
C ALA B 29 -16.60 -2.58 55.90
N SER B 30 -15.65 -1.82 56.45
CA SER B 30 -15.97 -0.79 57.43
C SER B 30 -14.99 0.36 57.21
N LEU B 31 -15.45 1.40 56.53
CA LEU B 31 -14.59 2.48 56.11
C LEU B 31 -15.08 3.80 56.71
N ALA B 32 -14.16 4.56 57.29
CA ALA B 32 -14.46 5.85 57.89
C ALA B 32 -13.66 6.92 57.17
N VAL B 33 -14.36 7.85 56.54
CA VAL B 33 -13.73 8.94 55.80
C VAL B 33 -14.46 10.24 56.13
N SER B 34 -13.69 11.31 56.31
CA SER B 34 -14.29 12.60 56.59
C SER B 34 -14.99 13.15 55.34
N LEU B 35 -15.84 14.14 55.55
CA LEU B 35 -16.57 14.75 54.45
C LEU B 35 -15.62 15.38 53.45
N GLY B 36 -15.93 15.24 52.17
CA GLY B 36 -15.07 15.77 51.13
C GLY B 36 -13.84 14.95 50.84
N GLN B 37 -13.77 13.72 51.32
CA GLN B 37 -12.62 12.85 51.13
C GLN B 37 -13.00 11.62 50.33
N ARG B 38 -12.02 11.04 49.65
CA ARG B 38 -12.26 9.87 48.81
C ARG B 38 -12.62 8.66 49.67
N ALA B 39 -13.60 7.90 49.21
CA ALA B 39 -13.99 6.64 49.83
C ALA B 39 -13.94 5.54 48.79
N THR B 40 -13.27 4.44 49.10
CA THR B 40 -13.09 3.34 48.15
C THR B 40 -13.54 2.04 48.79
N ILE B 41 -14.44 1.34 48.10
CA ILE B 41 -14.90 0.01 48.51
C ILE B 41 -14.63 -0.94 47.37
N SER B 42 -13.96 -2.06 47.66
CA SER B 42 -13.48 -2.89 46.55
C SER B 42 -14.14 -4.26 46.58
N CYS B 43 -14.45 -4.79 45.41
CA CYS B 43 -15.06 -6.11 45.27
C CYS B 43 -14.16 -6.98 44.41
N ARG B 44 -13.87 -8.19 44.90
CA ARG B 44 -13.05 -9.16 44.19
C ARG B 44 -13.85 -10.45 44.01
N ALA B 45 -13.86 -10.95 42.79
CA ALA B 45 -14.69 -12.10 42.43
C ALA B 45 -13.82 -13.35 42.29
N SER B 46 -14.39 -14.48 42.68
CA SER B 46 -13.68 -15.76 42.57
C SER B 46 -13.43 -16.12 41.11
N GLU B 47 -14.42 -15.94 40.24
CA GLU B 47 -14.26 -16.15 38.81
C GLU B 47 -14.64 -14.88 38.07
N SER B 48 -14.32 -14.86 36.78
CA SER B 48 -14.59 -13.69 35.96
C SER B 48 -16.08 -13.38 35.90
N VAL B 49 -16.42 -12.11 36.04
CA VAL B 49 -17.80 -11.65 35.95
C VAL B 49 -18.11 -11.08 34.56
N ASP B 50 -17.08 -10.83 33.76
CA ASP B 50 -17.26 -10.30 32.41
C ASP B 50 -17.91 -11.35 31.52
N ASN B 51 -18.85 -10.92 30.69
CA ASN B 51 -19.50 -11.81 29.75
C ASN B 51 -20.14 -10.97 28.64
N TYR B 52 -20.09 -11.50 27.42
CA TYR B 52 -20.60 -10.82 26.23
C TYR B 52 -19.94 -9.46 26.02
N GLY B 53 -18.69 -9.31 26.45
CA GLY B 53 -17.98 -8.06 26.27
C GLY B 53 -18.24 -7.05 27.37
N ILE B 54 -19.47 -7.05 27.89
CA ILE B 54 -19.82 -6.16 28.99
C ILE B 54 -19.51 -6.83 30.33
N SER B 55 -19.54 -6.02 31.39
CA SER B 55 -19.29 -6.50 32.74
C SER B 55 -20.59 -6.52 33.54
N PHE B 56 -20.69 -7.47 34.48
CA PHE B 56 -21.91 -7.64 35.25
C PHE B 56 -21.68 -7.47 36.75
N MET B 57 -20.92 -6.45 37.14
CA MET B 57 -20.71 -6.12 38.54
C MET B 57 -21.55 -4.89 38.88
N ASN B 58 -22.36 -5.00 39.93
CA ASN B 58 -23.35 -3.98 40.27
C ASN B 58 -23.11 -3.51 41.69
N TRP B 59 -23.26 -2.21 41.91
CA TRP B 59 -23.12 -1.63 43.23
C TRP B 59 -24.46 -1.09 43.72
N PHE B 60 -24.88 -1.57 44.89
CA PHE B 60 -26.12 -1.20 45.55
C PHE B 60 -25.83 -0.38 46.79
N GLN B 61 -26.77 0.49 47.14
CA GLN B 61 -26.70 1.30 48.35
C GLN B 61 -27.96 1.07 49.17
N GLN B 62 -27.80 0.96 50.49
CA GLN B 62 -28.93 0.76 51.40
C GLN B 62 -28.76 1.69 52.59
N THR B 63 -29.58 2.73 52.65
CA THR B 63 -29.63 3.54 53.85
C THR B 63 -30.45 2.82 54.92
N PRO B 64 -30.17 3.09 56.19
CA PRO B 64 -30.89 2.38 57.26
C PRO B 64 -32.39 2.59 57.17
N GLY B 65 -33.14 1.49 57.31
CA GLY B 65 -34.59 1.56 57.24
C GLY B 65 -35.16 1.71 55.85
N GLN B 66 -34.35 1.51 54.81
CA GLN B 66 -34.76 1.65 53.43
C GLN B 66 -34.33 0.44 52.62
N PRO B 67 -35.03 0.12 51.55
CA PRO B 67 -34.61 -0.97 50.67
C PRO B 67 -33.34 -0.61 49.94
N PRO B 68 -32.54 -1.61 49.53
CA PRO B 68 -31.34 -1.31 48.74
C PRO B 68 -31.69 -0.61 47.43
N LYS B 69 -30.82 0.31 47.02
CA LYS B 69 -31.03 1.09 45.81
C LYS B 69 -29.86 0.88 44.88
N LEU B 70 -30.17 0.72 43.59
CA LEU B 70 -29.13 0.49 42.59
C LEU B 70 -28.35 1.77 42.34
N LEU B 71 -27.05 1.75 42.62
CA LEU B 71 -26.16 2.85 42.29
C LEU B 71 -25.53 2.68 40.93
N ILE B 72 -24.81 1.58 40.73
CA ILE B 72 -23.98 1.38 39.54
C ILE B 72 -24.38 0.05 38.91
N TYR B 73 -25.15 0.10 37.83
CA TYR B 73 -25.40 -1.10 37.05
C TYR B 73 -24.32 -1.25 35.99
N GLY B 74 -23.83 -2.47 35.80
CA GLY B 74 -22.65 -2.67 34.99
C GLY B 74 -21.42 -2.14 35.70
N SER B 75 -20.28 -2.30 35.04
CA SER B 75 -19.01 -1.93 35.68
C SER B 75 -18.97 -0.45 36.02
N SER B 76 -19.45 0.41 35.13
CA SER B 76 -19.31 1.85 35.29
C SER B 76 -20.59 2.65 35.09
N ASN B 77 -21.62 2.08 34.47
CA ASN B 77 -22.83 2.84 34.19
C ASN B 77 -23.55 3.19 35.48
N GLN B 78 -24.05 4.42 35.56
CA GLN B 78 -24.68 4.92 36.77
C GLN B 78 -26.19 4.70 36.73
N GLY B 79 -26.76 4.37 37.88
CA GLY B 79 -28.18 4.12 37.97
C GLY B 79 -29.00 5.39 37.94
N SER B 80 -30.32 5.21 38.01
CA SER B 80 -31.23 6.35 37.95
C SER B 80 -31.13 7.21 39.20
N GLY B 81 -30.99 8.51 39.00
CA GLY B 81 -30.93 9.45 40.11
C GLY B 81 -29.74 9.24 41.03
N VAL B 82 -28.58 8.96 40.45
CA VAL B 82 -27.35 8.74 41.21
C VAL B 82 -26.42 9.92 40.97
N PRO B 83 -25.96 10.62 42.00
CA PRO B 83 -25.06 11.76 41.78
C PRO B 83 -23.74 11.34 41.19
N ALA B 84 -23.04 12.32 40.62
CA ALA B 84 -21.77 12.05 39.95
C ALA B 84 -20.67 11.63 40.92
N ARG B 85 -20.89 11.78 42.23
CA ARG B 85 -19.88 11.40 43.21
C ARG B 85 -19.57 9.91 43.13
N PHE B 86 -20.61 9.08 43.06
CA PHE B 86 -20.41 7.64 42.96
C PHE B 86 -19.85 7.28 41.59
N SER B 87 -18.78 6.49 41.58
CA SER B 87 -18.21 6.01 40.33
C SER B 87 -17.80 4.55 40.48
N GLY B 88 -18.10 3.75 39.48
CA GLY B 88 -17.71 2.35 39.44
C GLY B 88 -16.66 2.15 38.38
N SER B 89 -15.64 1.35 38.72
CA SER B 89 -14.55 1.09 37.80
C SER B 89 -14.04 -0.32 38.00
N GLY B 90 -13.20 -0.77 37.07
CA GLY B 90 -12.60 -2.08 37.16
C GLY B 90 -13.24 -3.05 36.18
N SER B 91 -12.68 -4.26 36.16
CA SER B 91 -13.13 -5.29 35.23
C SER B 91 -12.60 -6.64 35.69
N GLY B 92 -12.87 -7.66 34.87
CA GLY B 92 -12.44 -9.01 35.18
C GLY B 92 -12.98 -9.50 36.50
N THR B 93 -12.09 -9.59 37.50
CA THR B 93 -12.49 -10.00 38.83
C THR B 93 -12.37 -8.88 39.86
N ASP B 94 -11.79 -7.75 39.50
CA ASP B 94 -11.54 -6.66 40.45
C ASP B 94 -12.34 -5.43 40.06
N PHE B 95 -13.14 -4.93 40.99
CA PHE B 95 -13.94 -3.73 40.77
C PHE B 95 -13.83 -2.83 42.00
N SER B 96 -14.05 -1.54 41.77
CA SER B 96 -13.94 -0.55 42.83
C SER B 96 -15.07 0.46 42.71
N LEU B 97 -15.59 0.87 43.86
CA LEU B 97 -16.56 1.94 43.96
C LEU B 97 -15.92 3.10 44.71
N ASN B 98 -15.92 4.28 44.09
CA ASN B 98 -15.23 5.45 44.59
C ASN B 98 -16.21 6.60 44.78
N ILE B 99 -16.09 7.30 45.91
CA ILE B 99 -16.92 8.46 46.22
C ILE B 99 -15.96 9.56 46.67
N HIS B 100 -15.59 10.45 45.76
CA HIS B 100 -14.62 11.48 46.11
C HIS B 100 -15.26 12.62 46.92
N PRO B 101 -16.37 13.25 46.49
CA PRO B 101 -17.00 14.25 47.35
C PRO B 101 -17.92 13.60 48.37
N MET B 102 -17.36 13.01 49.42
CA MET B 102 -18.17 12.35 50.44
C MET B 102 -19.08 13.36 51.12
N GLU B 103 -20.35 12.99 51.29
CA GLU B 103 -21.35 13.85 51.91
C GLU B 103 -22.00 13.13 53.08
N GLU B 104 -22.88 13.85 53.77
CA GLU B 104 -23.57 13.28 54.93
C GLU B 104 -24.50 12.15 54.51
N ASP B 105 -25.20 12.31 53.40
CA ASP B 105 -26.20 11.33 52.95
C ASP B 105 -25.57 10.01 52.53
N ASP B 106 -24.24 9.94 52.37
CA ASP B 106 -23.57 8.73 51.93
C ASP B 106 -23.42 7.69 53.02
N THR B 107 -23.82 7.99 54.25
CA THR B 107 -23.77 7.01 55.33
C THR B 107 -24.79 5.91 55.05
N ALA B 108 -24.30 4.74 54.63
CA ALA B 108 -25.17 3.63 54.26
C ALA B 108 -24.33 2.37 54.13
N MET B 109 -25.01 1.26 53.87
CA MET B 109 -24.37 -0.01 53.58
C MET B 109 -24.28 -0.19 52.06
N TYR B 110 -23.07 -0.37 51.56
CA TYR B 110 -22.81 -0.50 50.13
C TYR B 110 -22.47 -1.96 49.82
N PHE B 111 -23.16 -2.53 48.85
CA PHE B 111 -22.99 -3.93 48.47
C PHE B 111 -22.52 -4.03 47.03
N CYS B 112 -21.73 -5.07 46.75
CA CYS B 112 -21.36 -5.42 45.39
C CYS B 112 -22.00 -6.76 45.06
N GLN B 113 -22.58 -6.84 43.87
CA GLN B 113 -23.37 -7.98 43.43
C GLN B 113 -22.95 -8.36 42.02
N GLN B 114 -23.11 -9.63 41.67
CA GLN B 114 -22.74 -10.13 40.35
C GLN B 114 -23.98 -10.66 39.66
N SER B 115 -24.12 -10.33 38.37
CA SER B 115 -25.22 -10.81 37.55
C SER B 115 -24.78 -11.74 36.44
N LYS B 116 -23.52 -12.20 36.47
CA LYS B 116 -23.02 -13.05 35.38
C LYS B 116 -23.60 -14.45 35.43
N GLU B 117 -23.69 -15.06 36.61
CA GLU B 117 -24.18 -16.41 36.76
C GLU B 117 -25.55 -16.41 37.43
N VAL B 118 -26.26 -17.53 37.28
CA VAL B 118 -27.65 -17.58 37.73
C VAL B 118 -27.79 -17.31 39.22
N PRO B 119 -27.05 -17.95 40.13
CA PRO B 119 -27.15 -17.60 41.55
C PRO B 119 -26.51 -16.25 41.81
N TYR B 120 -27.34 -15.22 41.94
CA TYR B 120 -26.82 -13.88 42.22
C TYR B 120 -26.27 -13.84 43.63
N THR B 121 -25.05 -13.35 43.76
CA THR B 121 -24.39 -13.27 45.06
C THR B 121 -23.99 -11.83 45.35
N PHE B 122 -24.18 -11.42 46.59
CA PHE B 122 -23.87 -10.07 47.03
C PHE B 122 -22.56 -10.07 47.81
N GLY B 123 -21.98 -8.89 47.96
CA GLY B 123 -20.77 -8.72 48.73
C GLY B 123 -21.04 -8.75 50.22
N GLY B 124 -19.96 -8.69 51.00
CA GLY B 124 -20.09 -8.66 52.44
C GLY B 124 -20.82 -7.42 52.94
N GLY B 125 -20.64 -6.29 52.25
CA GLY B 125 -21.28 -5.06 52.65
C GLY B 125 -20.34 -4.15 53.41
N THR B 126 -20.36 -2.86 53.09
CA THR B 126 -19.48 -1.88 53.71
C THR B 126 -20.33 -0.77 54.31
N LYS B 127 -20.23 -0.58 55.63
CA LYS B 127 -20.91 0.50 56.31
C LYS B 127 -20.03 1.74 56.24
N LEU B 128 -20.48 2.76 55.52
CA LEU B 128 -19.71 3.98 55.32
C LEU B 128 -20.01 4.96 56.44
N GLU B 129 -18.96 5.38 57.15
CA GLU B 129 -19.09 6.28 58.28
C GLU B 129 -18.26 7.53 58.03
N ILE B 130 -18.76 8.66 58.53
CA ILE B 130 -18.00 9.91 58.44
C ILE B 130 -17.02 9.98 59.61
N LYS B 131 -15.77 10.30 59.30
CA LYS B 131 -14.71 10.29 60.28
C LYS B 131 -14.66 11.59 61.06
N ARG B 132 -14.22 11.50 62.31
CA ARG B 132 -14.01 12.67 63.16
C ARG B 132 -12.84 12.38 64.08
N THR B 133 -12.52 13.35 64.93
CA THR B 133 -11.43 13.20 65.88
C THR B 133 -11.80 12.23 66.98
N VAL B 134 -10.79 11.53 67.51
CA VAL B 134 -11.02 10.58 68.58
C VAL B 134 -11.52 11.31 69.81
N ALA B 135 -12.64 10.82 70.36
CA ALA B 135 -13.29 11.47 71.49
C ALA B 135 -13.31 10.54 72.69
N ALA B 136 -13.21 11.14 73.87
CA ALA B 136 -13.17 10.37 75.11
C ALA B 136 -14.57 9.88 75.47
N PRO B 137 -14.72 8.60 75.81
CA PRO B 137 -16.04 8.11 76.24
C PRO B 137 -16.39 8.60 77.63
N SER B 138 -17.65 9.02 77.79
CA SER B 138 -18.17 9.38 79.10
C SER B 138 -18.78 8.12 79.71
N VAL B 139 -18.12 7.60 80.75
CA VAL B 139 -18.52 6.33 81.33
C VAL B 139 -19.38 6.56 82.57
N PHE B 140 -20.50 5.85 82.64
CA PHE B 140 -21.41 5.91 83.77
C PHE B 140 -21.84 4.49 84.11
N ILE B 141 -22.29 4.30 85.35
CA ILE B 141 -22.76 2.99 85.81
C ILE B 141 -24.13 3.17 86.45
N PHE B 142 -24.94 2.12 86.38
CA PHE B 142 -26.31 2.13 86.90
C PHE B 142 -26.61 0.81 87.61
N PRO B 143 -26.86 0.86 88.92
CA PRO B 143 -27.27 -0.35 89.64
C PRO B 143 -28.70 -0.71 89.29
N PRO B 144 -29.11 -1.95 89.53
CA PRO B 144 -30.51 -2.32 89.26
C PRO B 144 -31.47 -1.56 90.15
N SER B 145 -32.67 -1.30 89.63
CA SER B 145 -33.68 -0.57 90.38
C SER B 145 -34.23 -1.44 91.51
N ASP B 146 -34.75 -0.77 92.54
CA ASP B 146 -35.30 -1.49 93.68
C ASP B 146 -36.48 -2.37 93.29
N GLU B 147 -37.35 -1.84 92.41
CA GLU B 147 -38.50 -2.63 91.95
C GLU B 147 -38.02 -3.87 91.19
N GLN B 148 -36.94 -3.72 90.40
CA GLN B 148 -36.35 -4.89 89.76
C GLN B 148 -35.82 -5.88 90.78
N LEU B 149 -35.19 -5.38 91.85
CA LEU B 149 -34.71 -6.27 92.90
C LEU B 149 -35.87 -7.01 93.57
N LYS B 150 -37.06 -6.39 93.59
CA LYS B 150 -38.23 -7.09 94.08
C LYS B 150 -38.58 -8.27 93.19
N SER B 151 -38.26 -8.19 91.90
CA SER B 151 -38.63 -9.20 90.93
C SER B 151 -37.62 -10.35 90.89
N GLY B 152 -36.59 -10.27 91.73
CA GLY B 152 -35.60 -11.33 91.77
C GLY B 152 -34.58 -11.29 90.65
N THR B 153 -34.46 -10.16 89.95
CA THR B 153 -33.51 -10.00 88.87
C THR B 153 -32.73 -8.71 89.11
N ALA B 154 -31.47 -8.69 88.68
CA ALA B 154 -30.61 -7.53 88.85
C ALA B 154 -29.85 -7.29 87.55
N SER B 155 -30.06 -6.12 86.95
CA SER B 155 -29.35 -5.71 85.74
C SER B 155 -28.50 -4.50 86.04
N VAL B 156 -27.19 -4.64 85.87
CA VAL B 156 -26.23 -3.56 86.08
C VAL B 156 -25.82 -3.03 84.71
N VAL B 157 -25.91 -1.72 84.53
CA VAL B 157 -25.71 -1.09 83.23
C VAL B 157 -24.41 -0.30 83.25
N CYS B 158 -23.60 -0.46 82.21
CA CYS B 158 -22.44 0.40 81.97
C CYS B 158 -22.67 1.14 80.66
N LEU B 159 -22.62 2.47 80.72
CA LEU B 159 -22.99 3.33 79.61
C LEU B 159 -21.80 4.18 79.19
N LEU B 160 -21.51 4.19 77.89
CA LEU B 160 -20.48 5.04 77.30
C LEU B 160 -21.16 6.01 76.36
N ASN B 161 -20.98 7.30 76.63
CA ASN B 161 -21.60 8.37 75.85
C ASN B 161 -20.55 9.11 75.04
N ASN B 162 -20.85 9.31 73.75
CA ASN B 162 -20.08 10.18 72.86
C ASN B 162 -18.62 9.75 72.78
N PHE B 163 -18.39 8.56 72.24
CA PHE B 163 -17.05 8.07 72.00
C PHE B 163 -16.86 7.71 70.53
N TYR B 164 -15.73 8.11 69.96
CA TYR B 164 -15.32 7.73 68.63
C TYR B 164 -13.86 7.28 68.66
N PRO B 165 -13.50 6.20 67.94
CA PRO B 165 -14.38 5.37 67.11
C PRO B 165 -15.20 4.38 67.93
N ARG B 166 -15.91 3.48 67.24
CA ARG B 166 -16.75 2.51 67.93
C ARG B 166 -15.93 1.41 68.60
N GLU B 167 -14.66 1.28 68.23
CA GLU B 167 -13.83 0.22 68.79
C GLU B 167 -13.57 0.46 70.27
N ALA B 168 -14.17 -0.38 71.11
CA ALA B 168 -14.00 -0.29 72.55
C ALA B 168 -14.36 -1.64 73.16
N LYS B 169 -13.72 -1.97 74.28
CA LYS B 169 -13.96 -3.23 74.97
C LYS B 169 -14.42 -2.95 76.39
N VAL B 170 -15.48 -3.63 76.81
CA VAL B 170 -16.07 -3.46 78.14
C VAL B 170 -16.04 -4.82 78.84
N GLN B 171 -15.54 -4.83 80.07
CA GLN B 171 -15.42 -6.05 80.87
C GLN B 171 -16.09 -5.82 82.21
N TRP B 172 -16.72 -6.86 82.75
CA TRP B 172 -17.41 -6.80 84.03
C TRP B 172 -16.58 -7.52 85.09
N LYS B 173 -16.38 -6.87 86.23
CA LYS B 173 -15.59 -7.42 87.33
C LYS B 173 -16.48 -7.47 88.57
N VAL B 174 -16.88 -8.67 88.97
CA VAL B 174 -17.68 -8.87 90.17
C VAL B 174 -16.77 -9.49 91.23
N ASP B 175 -16.55 -8.76 92.33
CA ASP B 175 -15.58 -9.17 93.35
C ASP B 175 -14.23 -9.50 92.72
N ASN B 176 -13.67 -8.50 92.01
CA ASN B 176 -12.38 -8.59 91.29
C ASN B 176 -12.25 -9.87 90.47
N ALA B 177 -13.37 -10.41 90.00
CA ALA B 177 -13.38 -11.60 89.16
C ALA B 177 -14.06 -11.26 87.84
N LEU B 178 -13.38 -11.56 86.73
CA LEU B 178 -13.90 -11.23 85.41
C LEU B 178 -15.07 -12.13 85.05
N GLN B 179 -16.10 -11.55 84.45
CA GLN B 179 -17.28 -12.28 84.04
C GLN B 179 -17.24 -12.58 82.54
N SER B 180 -17.87 -13.69 82.15
CA SER B 180 -17.91 -14.11 80.76
C SER B 180 -19.26 -14.75 80.46
N GLY B 181 -19.82 -14.41 79.31
CA GLY B 181 -21.08 -15.00 78.88
C GLY B 181 -22.29 -14.58 79.69
N ASN B 182 -22.25 -13.40 80.30
CA ASN B 182 -23.35 -12.91 81.11
C ASN B 182 -23.73 -11.47 80.80
N SER B 183 -23.08 -10.84 79.83
CA SER B 183 -23.32 -9.44 79.51
C SER B 183 -23.78 -9.31 78.06
N GLN B 184 -24.81 -8.49 77.85
CA GLN B 184 -25.33 -8.18 76.52
C GLN B 184 -25.16 -6.70 76.26
N GLU B 185 -24.50 -6.35 75.15
CA GLU B 185 -24.18 -4.97 74.86
C GLU B 185 -24.86 -4.51 73.59
N SER B 186 -25.19 -3.22 73.54
CA SER B 186 -25.81 -2.60 72.39
C SER B 186 -25.06 -1.33 72.05
N VAL B 187 -25.03 -1.00 70.75
CA VAL B 187 -24.35 0.19 70.26
C VAL B 187 -25.35 1.00 69.42
N THR B 188 -25.61 2.22 69.84
CA THR B 188 -26.44 3.12 69.06
C THR B 188 -25.66 3.61 67.85
N GLU B 189 -26.35 3.75 66.71
CA GLU B 189 -25.70 4.17 65.48
C GLU B 189 -25.08 5.55 65.62
N GLN B 190 -24.18 5.87 64.69
CA GLN B 190 -23.43 7.11 64.71
C GLN B 190 -24.36 8.32 64.72
N ASP B 191 -24.04 9.31 65.56
CA ASP B 191 -24.90 10.48 65.70
C ASP B 191 -24.89 11.30 64.41
N SER B 192 -26.04 11.89 64.10
CA SER B 192 -26.17 12.68 62.86
C SER B 192 -25.25 13.90 62.90
N LYS B 193 -25.20 14.58 64.05
CA LYS B 193 -24.37 15.77 64.21
C LYS B 193 -23.08 15.50 64.98
N ASP B 194 -23.18 14.84 66.13
CA ASP B 194 -21.99 14.60 66.95
C ASP B 194 -21.05 13.62 66.29
N SER B 195 -21.57 12.70 65.46
CA SER B 195 -20.77 11.68 64.80
C SER B 195 -20.02 10.79 65.79
N THR B 196 -20.63 10.56 66.96
CA THR B 196 -20.02 9.78 68.03
C THR B 196 -20.93 8.62 68.38
N TYR B 197 -20.33 7.45 68.61
CA TYR B 197 -21.09 6.27 68.98
C TYR B 197 -21.46 6.31 70.47
N SER B 198 -22.47 5.52 70.83
CA SER B 198 -22.86 5.32 72.22
C SER B 198 -23.01 3.83 72.47
N LEU B 199 -22.57 3.40 73.66
CA LEU B 199 -22.56 1.97 73.99
C LEU B 199 -23.26 1.78 75.33
N SER B 200 -23.92 0.63 75.48
CA SER B 200 -24.58 0.28 76.74
C SER B 200 -24.52 -1.23 76.92
N SER B 201 -23.81 -1.67 77.94
CA SER B 201 -23.69 -3.09 78.25
C SER B 201 -24.42 -3.41 79.56
N THR B 202 -25.29 -4.41 79.51
CA THR B 202 -26.09 -4.80 80.66
C THR B 202 -25.67 -6.19 81.12
N LEU B 203 -25.35 -6.32 82.40
CA LEU B 203 -25.05 -7.59 83.02
C LEU B 203 -26.25 -8.02 83.86
N THR B 204 -26.77 -9.21 83.56
CA THR B 204 -27.98 -9.72 84.20
C THR B 204 -27.62 -10.83 85.18
N LEU B 205 -28.24 -10.80 86.36
CA LEU B 205 -27.97 -11.78 87.41
C LEU B 205 -29.26 -12.05 88.18
N SER B 206 -29.30 -13.21 88.84
CA SER B 206 -30.37 -13.49 89.78
C SER B 206 -30.15 -12.69 91.06
N LYS B 207 -31.24 -12.45 91.79
CA LYS B 207 -31.14 -11.67 93.03
C LYS B 207 -30.24 -12.34 94.05
N ALA B 208 -30.34 -13.67 94.18
CA ALA B 208 -29.48 -14.39 95.11
C ALA B 208 -28.01 -14.26 94.73
N ASP B 209 -27.71 -14.36 93.43
CA ASP B 209 -26.33 -14.19 92.98
C ASP B 209 -25.86 -12.75 93.10
N TYR B 210 -26.76 -11.78 92.85
CA TYR B 210 -26.37 -10.37 92.95
C TYR B 210 -26.05 -9.99 94.39
N GLU B 211 -26.86 -10.46 95.34
CA GLU B 211 -26.64 -10.12 96.74
C GLU B 211 -25.47 -10.88 97.36
N LYS B 212 -24.89 -11.85 96.65
CA LYS B 212 -23.76 -12.59 97.18
C LYS B 212 -22.42 -11.88 96.95
N HIS B 213 -22.43 -10.73 96.28
CA HIS B 213 -21.22 -9.96 96.03
C HIS B 213 -21.47 -8.49 96.34
N LYS B 214 -20.39 -7.78 96.66
CA LYS B 214 -20.46 -6.38 97.08
C LYS B 214 -20.03 -5.42 95.99
N VAL B 215 -18.82 -5.58 95.46
CA VAL B 215 -18.24 -4.62 94.53
C VAL B 215 -18.50 -5.08 93.10
N TYR B 216 -19.03 -4.17 92.28
CA TYR B 216 -19.26 -4.41 90.86
C TYR B 216 -18.58 -3.30 90.08
N ALA B 217 -17.75 -3.68 89.11
CA ALA B 217 -16.97 -2.72 88.34
C ALA B 217 -17.14 -2.97 86.85
N CYS B 218 -17.13 -1.87 86.10
CA CYS B 218 -17.10 -1.88 84.64
C CYS B 218 -15.76 -1.32 84.22
N GLU B 219 -14.97 -2.14 83.53
CA GLU B 219 -13.61 -1.79 83.10
C GLU B 219 -13.62 -1.64 81.59
N VAL B 220 -13.32 -0.45 81.10
CA VAL B 220 -13.46 -0.12 79.68
C VAL B 220 -12.11 0.29 79.12
N THR B 221 -11.79 -0.22 77.93
CA THR B 221 -10.62 0.22 77.19
C THR B 221 -11.06 0.76 75.83
N HIS B 222 -10.43 1.86 75.40
CA HIS B 222 -10.79 2.57 74.19
C HIS B 222 -9.56 3.28 73.64
N GLN B 223 -9.63 3.65 72.36
CA GLN B 223 -8.51 4.34 71.72
C GLN B 223 -8.27 5.70 72.34
N GLY B 224 -9.32 6.43 72.71
CA GLY B 224 -9.18 7.76 73.25
C GLY B 224 -8.72 7.82 74.70
N LEU B 225 -8.62 6.67 75.37
CA LEU B 225 -8.17 6.60 76.75
C LEU B 225 -6.74 6.10 76.79
N SER B 226 -5.86 6.84 77.47
CA SER B 226 -4.48 6.39 77.63
C SER B 226 -4.39 5.15 78.50
N SER B 227 -5.23 5.05 79.53
CA SER B 227 -5.31 3.86 80.37
C SER B 227 -6.77 3.50 80.54
N PRO B 228 -7.11 2.22 80.65
CA PRO B 228 -8.51 1.82 80.78
C PRO B 228 -9.16 2.41 82.02
N VAL B 229 -10.42 2.79 81.89
CA VAL B 229 -11.16 3.49 82.93
C VAL B 229 -12.07 2.50 83.65
N THR B 230 -12.08 2.56 84.97
CA THR B 230 -12.93 1.71 85.81
C THR B 230 -14.01 2.55 86.47
N LYS B 231 -15.24 2.05 86.45
CA LYS B 231 -16.35 2.65 87.18
C LYS B 231 -17.00 1.58 88.02
N SER B 232 -16.96 1.74 89.35
CA SER B 232 -17.38 0.68 90.24
C SER B 232 -18.32 1.23 91.30
N PHE B 233 -19.09 0.32 91.90
CA PHE B 233 -19.95 0.67 93.02
C PHE B 233 -20.07 -0.55 93.94
N ASN B 234 -20.34 -0.27 95.21
CA ASN B 234 -20.56 -1.29 96.22
C ASN B 234 -22.05 -1.38 96.53
N ARG B 235 -22.58 -2.60 96.51
CA ARG B 235 -24.01 -2.81 96.77
C ARG B 235 -24.40 -2.33 98.16
N GLY B 236 -25.29 -1.36 98.20
CA GLY B 236 -25.74 -0.81 99.46
C GLY B 236 -25.37 0.66 99.64
N VAL C 21 -42.32 2.90 38.76
CA VAL C 21 -42.13 1.53 39.21
C VAL C 21 -42.16 1.47 40.73
N GLN C 22 -43.22 0.89 41.30
CA GLN C 22 -43.36 0.73 42.74
C GLN C 22 -43.77 -0.69 43.06
N LEU C 23 -43.22 -1.21 44.16
CA LEU C 23 -43.53 -2.56 44.63
C LEU C 23 -43.91 -2.47 46.10
N GLN C 24 -45.02 -3.10 46.46
CA GLN C 24 -45.59 -3.00 47.80
C GLN C 24 -45.81 -4.39 48.39
N GLN C 25 -45.27 -4.63 49.57
CA GLN C 25 -45.37 -5.92 50.22
C GLN C 25 -46.25 -5.85 51.47
N SER C 26 -46.38 -7.01 52.13
CA SER C 26 -47.05 -7.09 53.41
C SER C 26 -46.21 -6.41 54.49
N ALA C 27 -46.69 -6.46 55.73
CA ALA C 27 -46.05 -5.73 56.82
C ALA C 27 -45.81 -6.64 58.01
N ALA C 28 -44.54 -6.93 58.27
CA ALA C 28 -44.06 -7.48 59.54
C ALA C 28 -44.89 -8.64 60.07
N GLU C 29 -44.89 -9.76 59.37
CA GLU C 29 -45.69 -10.92 59.77
C GLU C 29 -44.89 -11.81 60.72
N LEU C 30 -45.57 -12.29 61.76
CA LEU C 30 -44.97 -13.14 62.78
C LEU C 30 -45.59 -14.53 62.71
N ALA C 31 -44.77 -15.56 62.79
CA ALA C 31 -45.24 -16.93 62.73
C ALA C 31 -44.37 -17.81 63.61
N ARG C 32 -44.96 -18.90 64.11
CA ARG C 32 -44.24 -19.85 64.93
C ARG C 32 -43.45 -20.82 64.05
N PRO C 33 -42.39 -21.43 64.60
CA PRO C 33 -41.63 -22.42 63.82
C PRO C 33 -42.52 -23.57 63.36
N GLY C 34 -42.25 -24.03 62.14
CA GLY C 34 -42.99 -25.11 61.53
C GLY C 34 -44.16 -24.67 60.67
N ALA C 35 -44.62 -23.44 60.84
CA ALA C 35 -45.74 -22.93 60.07
C ALA C 35 -45.29 -22.53 58.67
N SER C 36 -46.21 -21.90 57.93
CA SER C 36 -45.95 -21.41 56.58
C SER C 36 -46.29 -19.93 56.49
N VAL C 37 -45.58 -19.23 55.62
CA VAL C 37 -45.77 -17.79 55.41
C VAL C 37 -46.05 -17.55 53.94
N LYS C 38 -47.14 -16.80 53.67
CA LYS C 38 -47.47 -16.36 52.32
C LYS C 38 -47.20 -14.87 52.25
N MET C 39 -46.33 -14.48 51.31
CA MET C 39 -45.83 -13.12 51.19
C MET C 39 -46.20 -12.55 49.83
N SER C 40 -46.72 -11.34 49.82
CA SER C 40 -47.27 -10.75 48.61
C SER C 40 -46.47 -9.53 48.20
N CYS C 41 -46.44 -9.29 46.90
CA CYS C 41 -45.76 -8.13 46.30
C CYS C 41 -46.63 -7.63 45.16
N LYS C 42 -47.38 -6.56 45.41
CA LYS C 42 -48.09 -5.86 44.36
C LYS C 42 -47.13 -4.98 43.58
N ALA C 43 -47.32 -4.93 42.26
CA ALA C 43 -46.45 -4.19 41.37
C ALA C 43 -47.26 -3.14 40.60
N SER C 44 -46.68 -1.97 40.44
CA SER C 44 -47.33 -0.90 39.69
C SER C 44 -46.27 -0.08 38.98
N GLY C 45 -46.70 0.68 37.98
CA GLY C 45 -45.82 1.51 37.20
C GLY C 45 -45.22 0.85 35.98
N TYR C 46 -45.53 -0.42 35.73
CA TYR C 46 -45.02 -1.12 34.56
C TYR C 46 -45.96 -2.27 34.22
N THR C 47 -45.65 -2.95 33.12
CA THR C 47 -46.57 -3.94 32.57
C THR C 47 -46.65 -5.19 33.45
N PHE C 48 -45.56 -5.53 34.13
CA PHE C 48 -45.46 -6.67 35.05
C PHE C 48 -45.41 -8.00 34.29
N THR C 49 -45.62 -7.95 32.98
CA THR C 49 -45.53 -9.15 32.17
C THR C 49 -44.22 -9.24 31.38
N SER C 50 -43.39 -8.20 31.44
CA SER C 50 -42.15 -8.16 30.68
C SER C 50 -40.91 -8.21 31.55
N TYR C 51 -41.05 -8.23 32.88
CA TYR C 51 -39.91 -8.24 33.79
C TYR C 51 -40.10 -9.34 34.82
N THR C 52 -39.06 -10.15 35.00
CA THR C 52 -39.11 -11.20 36.01
C THR C 52 -38.97 -10.60 37.40
N MET C 53 -39.45 -11.34 38.40
CA MET C 53 -39.50 -10.85 39.78
C MET C 53 -38.58 -11.71 40.64
N HIS C 54 -37.65 -11.06 41.33
CA HIS C 54 -36.70 -11.71 42.22
C HIS C 54 -37.08 -11.45 43.68
N TRP C 55 -36.63 -12.35 44.55
CA TRP C 55 -36.82 -12.20 45.99
C TRP C 55 -35.47 -12.29 46.67
N VAL C 56 -35.24 -11.41 47.65
CA VAL C 56 -33.95 -11.33 48.34
C VAL C 56 -34.20 -11.37 49.85
N LYS C 57 -33.41 -12.18 50.55
CA LYS C 57 -33.48 -12.29 51.99
C LYS C 57 -32.32 -11.52 52.63
N GLN C 58 -32.61 -10.84 53.74
CA GLN C 58 -31.59 -10.09 54.47
C GLN C 58 -31.82 -10.27 55.96
N ARG C 59 -30.85 -10.87 56.64
CA ARG C 59 -30.88 -10.91 58.10
C ARG C 59 -30.66 -9.50 58.65
N PRO C 60 -31.21 -9.20 59.84
CA PRO C 60 -30.99 -7.87 60.42
C PRO C 60 -29.51 -7.56 60.61
N GLY C 61 -29.06 -6.46 60.03
CA GLY C 61 -27.66 -6.07 60.14
C GLY C 61 -26.71 -7.07 59.53
N GLN C 62 -27.10 -7.70 58.43
CA GLN C 62 -26.26 -8.71 57.79
C GLN C 62 -26.24 -8.54 56.28
N GLY C 63 -25.68 -9.52 55.57
CA GLY C 63 -25.60 -9.45 54.13
C GLY C 63 -26.87 -9.86 53.43
N LEU C 64 -26.89 -9.65 52.12
CA LEU C 64 -28.03 -9.96 51.28
C LEU C 64 -27.85 -11.33 50.63
N GLU C 65 -28.90 -12.14 50.65
CA GLU C 65 -28.88 -13.45 50.02
C GLU C 65 -30.02 -13.54 49.02
N TRP C 66 -29.68 -13.84 47.77
CA TRP C 66 -30.68 -13.98 46.73
C TRP C 66 -31.43 -15.30 46.88
N ILE C 67 -32.75 -15.24 46.82
CA ILE C 67 -33.59 -16.42 47.03
C ILE C 67 -33.94 -17.10 45.70
N GLY C 68 -34.63 -16.39 44.83
CA GLY C 68 -35.04 -16.96 43.57
C GLY C 68 -35.89 -15.98 42.80
N TYR C 69 -36.09 -16.29 41.53
CA TYR C 69 -36.87 -15.42 40.65
C TYR C 69 -37.93 -16.24 39.93
N ILE C 70 -38.98 -15.54 39.51
CA ILE C 70 -40.10 -16.11 38.79
C ILE C 70 -40.35 -15.27 37.55
N ASN C 71 -40.62 -15.94 36.43
CA ASN C 71 -41.06 -15.26 35.23
C ASN C 71 -42.58 -15.09 35.29
N PRO C 72 -43.10 -13.87 35.21
CA PRO C 72 -44.56 -13.70 35.31
C PRO C 72 -45.33 -14.33 34.16
N THR C 73 -44.86 -14.15 32.92
CA THR C 73 -45.62 -14.62 31.76
C THR C 73 -45.69 -16.15 31.74
N SER C 74 -44.58 -16.82 31.96
CA SER C 74 -44.53 -18.28 32.04
C SER C 74 -43.97 -18.66 33.40
N GLY C 75 -44.67 -19.52 34.12
CA GLY C 75 -44.30 -19.80 35.49
C GLY C 75 -43.02 -20.60 35.62
N TYR C 76 -41.94 -20.08 35.06
CA TYR C 76 -40.62 -20.70 35.19
C TYR C 76 -39.90 -20.06 36.36
N THR C 77 -39.75 -20.81 37.45
CA THR C 77 -39.12 -20.31 38.67
C THR C 77 -37.75 -20.95 38.84
N GLU C 78 -36.76 -20.14 39.18
CA GLU C 78 -35.43 -20.62 39.48
C GLU C 78 -35.05 -20.17 40.89
N TYR C 79 -34.73 -21.12 41.75
CA TYR C 79 -34.45 -20.85 43.16
C TYR C 79 -32.97 -21.06 43.45
N ASN C 80 -32.52 -20.47 44.55
CA ASN C 80 -31.21 -20.77 45.08
C ASN C 80 -31.19 -22.21 45.60
N GLN C 81 -29.99 -22.80 45.62
CA GLN C 81 -29.85 -24.16 46.12
C GLN C 81 -30.24 -24.25 47.58
N ASN C 82 -29.85 -23.25 48.38
CA ASN C 82 -30.18 -23.25 49.80
C ASN C 82 -31.69 -23.14 50.02
N PHE C 83 -32.36 -22.30 49.23
CA PHE C 83 -33.77 -22.01 49.43
C PHE C 83 -34.69 -22.88 48.58
N LYS C 84 -34.15 -23.85 47.84
CA LYS C 84 -34.96 -24.62 46.91
C LYS C 84 -36.05 -25.40 47.62
N ASP C 85 -35.72 -26.02 48.76
CA ASP C 85 -36.65 -26.93 49.41
C ASP C 85 -37.78 -26.17 50.11
N LYS C 86 -37.45 -25.08 50.81
CA LYS C 86 -38.39 -24.44 51.70
C LYS C 86 -39.11 -23.24 51.09
N THR C 87 -38.91 -22.96 49.80
CA THR C 87 -39.48 -21.77 49.19
C THR C 87 -40.22 -22.14 47.90
N THR C 88 -41.33 -21.46 47.67
CA THR C 88 -42.11 -21.64 46.44
C THR C 88 -42.58 -20.29 45.93
N LEU C 89 -42.29 -19.99 44.67
CA LEU C 89 -42.65 -18.71 44.06
C LEU C 89 -43.83 -18.90 43.13
N THR C 90 -44.81 -18.00 43.22
CA THR C 90 -45.96 -18.00 42.31
C THR C 90 -46.29 -16.56 41.94
N ALA C 91 -47.07 -16.40 40.87
CA ALA C 91 -47.42 -15.08 40.39
C ALA C 91 -48.82 -15.07 39.81
N ASP C 92 -49.52 -13.96 40.00
CA ASP C 92 -50.85 -13.74 39.46
C ASP C 92 -50.78 -12.50 38.57
N LYS C 93 -50.81 -12.71 37.25
CA LYS C 93 -50.73 -11.58 36.33
C LYS C 93 -52.04 -10.80 36.28
N SER C 94 -53.15 -11.44 36.64
CA SER C 94 -54.44 -10.76 36.61
C SER C 94 -54.47 -9.59 37.59
N SER C 95 -53.94 -9.79 38.79
CA SER C 95 -53.86 -8.75 39.79
C SER C 95 -52.49 -8.10 39.85
N SER C 96 -51.56 -8.53 39.00
CA SER C 96 -50.19 -8.02 38.96
C SER C 96 -49.53 -8.15 40.34
N THR C 97 -49.48 -9.38 40.84
CA THR C 97 -48.92 -9.66 42.15
C THR C 97 -47.99 -10.86 42.07
N ALA C 98 -47.04 -10.91 42.99
CA ALA C 98 -46.18 -12.07 43.19
C ALA C 98 -46.30 -12.56 44.62
N TYR C 99 -46.05 -13.84 44.84
CA TYR C 99 -46.14 -14.43 46.16
C TYR C 99 -44.99 -15.40 46.40
N MET C 100 -44.47 -15.36 47.62
CA MET C 100 -43.49 -16.29 48.12
C MET C 100 -44.11 -17.11 49.24
N GLN C 101 -43.92 -18.43 49.18
CA GLN C 101 -44.40 -19.35 50.19
C GLN C 101 -43.19 -19.93 50.91
N LEU C 102 -43.07 -19.64 52.20
CA LEU C 102 -42.01 -20.18 53.03
C LEU C 102 -42.57 -21.28 53.92
N ASN C 103 -41.94 -22.46 53.87
CA ASN C 103 -42.44 -23.63 54.56
C ASN C 103 -41.38 -24.16 55.53
N SER C 104 -41.86 -24.72 56.64
CA SER C 104 -41.02 -25.30 57.68
C SER C 104 -40.06 -24.25 58.25
N LEU C 105 -40.64 -23.22 58.85
CA LEU C 105 -39.86 -22.10 59.35
C LEU C 105 -39.00 -22.52 60.54
N THR C 106 -37.81 -21.91 60.62
CA THR C 106 -36.93 -22.05 61.77
C THR C 106 -36.55 -20.65 62.24
N SER C 107 -35.79 -20.59 63.34
CA SER C 107 -35.33 -19.30 63.85
C SER C 107 -34.43 -18.60 62.84
N GLU C 108 -33.80 -19.36 61.95
CA GLU C 108 -32.94 -18.76 60.93
C GLU C 108 -33.75 -18.00 59.89
N ASP C 109 -35.04 -18.30 59.75
CA ASP C 109 -35.84 -17.68 58.71
C ASP C 109 -36.28 -16.27 59.05
N SER C 110 -36.17 -15.86 60.32
CA SER C 110 -36.55 -14.51 60.71
C SER C 110 -35.65 -13.49 60.04
N ALA C 111 -36.19 -12.73 59.09
CA ALA C 111 -35.39 -11.80 58.29
C ALA C 111 -36.33 -10.90 57.50
N VAL C 112 -35.74 -9.91 56.83
CA VAL C 112 -36.48 -9.00 55.97
C VAL C 112 -36.37 -9.49 54.54
N TYR C 113 -37.51 -9.70 53.89
CA TYR C 113 -37.57 -10.14 52.51
C TYR C 113 -37.97 -8.97 51.62
N TYR C 114 -37.32 -8.87 50.47
CA TYR C 114 -37.59 -7.83 49.49
C TYR C 114 -37.99 -8.48 48.16
N CYS C 115 -38.96 -7.86 47.49
CA CYS C 115 -39.31 -8.23 46.13
C CYS C 115 -38.76 -7.17 45.20
N ALA C 116 -38.06 -7.61 44.14
CA ALA C 116 -37.38 -6.72 43.23
C ALA C 116 -37.72 -7.08 41.80
N ARG C 117 -37.59 -6.09 40.93
CA ARG C 117 -37.86 -6.21 39.51
C ARG C 117 -36.55 -6.16 38.74
N GLU C 118 -36.49 -6.95 37.67
CA GLU C 118 -35.34 -6.98 36.79
C GLU C 118 -35.20 -5.67 36.04
N GLY C 119 -33.95 -5.26 35.86
CA GLY C 119 -33.66 -4.04 35.12
C GLY C 119 -32.18 -3.77 35.01
N HIS C 120 -31.77 -3.17 33.89
CA HIS C 120 -30.37 -2.79 33.67
C HIS C 120 -29.43 -4.00 33.75
N ARG C 121 -29.92 -5.16 33.32
CA ARG C 121 -29.17 -6.41 33.34
C ARG C 121 -28.82 -6.84 34.76
N VAL C 122 -29.41 -6.17 35.74
CA VAL C 122 -29.30 -6.59 37.14
C VAL C 122 -30.49 -7.48 37.46
N GLY C 123 -30.25 -8.54 38.22
CA GLY C 123 -31.32 -9.42 38.63
C GLY C 123 -32.33 -8.71 39.52
N PRO C 124 -31.92 -8.42 40.75
CA PRO C 124 -32.78 -7.61 41.63
C PRO C 124 -32.52 -6.11 41.48
N ALA C 125 -33.05 -5.50 40.43
CA ALA C 125 -32.72 -4.11 40.15
C ALA C 125 -33.55 -3.15 40.99
N TYR C 126 -34.87 -3.17 40.84
CA TYR C 126 -35.74 -2.20 41.49
C TYR C 126 -36.44 -2.87 42.67
N TRP C 127 -36.06 -2.49 43.89
CA TRP C 127 -36.53 -3.13 45.10
C TRP C 127 -37.79 -2.44 45.61
N GLY C 128 -38.62 -3.21 46.32
CA GLY C 128 -39.79 -2.68 47.00
C GLY C 128 -39.63 -2.78 48.50
N GLN C 129 -39.90 -1.66 49.18
CA GLN C 129 -39.83 -1.48 50.64
C GLN C 129 -39.12 -2.63 51.36
N GLY C 130 -39.90 -3.58 51.88
CA GLY C 130 -39.34 -4.72 52.58
C GLY C 130 -40.29 -5.19 53.66
N THR C 131 -40.49 -6.49 53.79
CA THR C 131 -41.38 -7.05 54.79
C THR C 131 -40.62 -7.99 55.72
N LEU C 132 -40.82 -7.82 57.02
CA LEU C 132 -40.07 -8.56 58.02
C LEU C 132 -40.89 -9.77 58.47
N VAL C 133 -40.31 -10.95 58.35
CA VAL C 133 -40.91 -12.19 58.83
C VAL C 133 -40.18 -12.61 60.08
N THR C 134 -40.92 -12.72 61.18
CA THR C 134 -40.35 -13.05 62.48
C THR C 134 -40.83 -14.43 62.90
N VAL C 135 -39.89 -15.37 63.04
CA VAL C 135 -40.20 -16.75 63.41
C VAL C 135 -39.86 -16.94 64.88
N SER C 136 -40.89 -17.20 65.69
CA SER C 136 -40.72 -17.42 67.12
C SER C 136 -41.98 -18.03 67.72
N ALA C 137 -41.82 -18.93 68.69
CA ALA C 137 -42.96 -19.52 69.39
C ALA C 137 -43.44 -18.66 70.55
N ALA C 138 -42.79 -17.53 70.78
CA ALA C 138 -43.15 -16.66 71.90
C ALA C 138 -44.50 -15.98 71.64
N SER C 139 -44.98 -15.27 72.66
CA SER C 139 -46.25 -14.57 72.59
C SER C 139 -46.07 -13.15 73.09
N THR C 140 -47.07 -12.32 72.81
CA THR C 140 -47.02 -10.91 73.20
C THR C 140 -46.96 -10.78 74.72
N LYS C 141 -46.01 -9.98 75.20
CA LYS C 141 -45.83 -9.74 76.63
C LYS C 141 -45.50 -8.27 76.85
N GLY C 142 -46.15 -7.67 77.86
CA GLY C 142 -45.93 -6.28 78.17
C GLY C 142 -44.55 -6.01 78.72
N PRO C 143 -43.98 -4.86 78.36
CA PRO C 143 -42.66 -4.50 78.87
C PRO C 143 -42.71 -4.08 80.32
N SER C 144 -41.58 -4.23 81.00
CA SER C 144 -41.40 -3.70 82.35
C SER C 144 -40.30 -2.66 82.33
N VAL C 145 -40.59 -1.48 82.85
CA VAL C 145 -39.67 -0.34 82.81
C VAL C 145 -39.12 -0.11 84.22
N PHE C 146 -37.80 -0.12 84.33
CA PHE C 146 -37.09 -0.10 85.60
C PHE C 146 -36.21 1.14 85.64
N PRO C 147 -36.38 2.02 86.63
CA PRO C 147 -35.66 3.30 86.60
C PRO C 147 -34.20 3.15 86.97
N LEU C 148 -33.33 3.53 86.03
CA LEU C 148 -31.89 3.62 86.26
C LEU C 148 -31.62 5.02 86.78
N ALA C 149 -31.63 5.15 88.10
CA ALA C 149 -31.55 6.45 88.74
C ALA C 149 -30.11 6.99 88.67
N PRO C 150 -29.93 8.31 88.72
CA PRO C 150 -28.57 8.85 88.74
C PRO C 150 -27.79 8.38 89.96
N SER C 151 -26.50 8.14 89.76
CA SER C 151 -25.65 7.74 90.87
C SER C 151 -25.47 8.89 91.84
N SER C 152 -25.52 8.59 93.13
CA SER C 152 -25.37 9.60 94.17
C SER C 152 -23.93 10.12 94.23
N GLY C 158 -21.44 18.69 87.39
CA GLY C 158 -21.49 18.90 85.96
C GLY C 158 -22.70 18.26 85.30
N THR C 159 -22.47 17.13 84.64
CA THR C 159 -23.53 16.38 83.97
C THR C 159 -23.65 15.00 84.59
N ALA C 160 -24.87 14.63 84.97
CA ALA C 160 -25.17 13.30 85.49
C ALA C 160 -25.93 12.52 84.42
N ALA C 161 -25.95 11.20 84.59
CA ALA C 161 -26.63 10.32 83.65
C ALA C 161 -27.75 9.57 84.35
N LEU C 162 -28.85 9.34 83.63
CA LEU C 162 -29.98 8.60 84.18
C LEU C 162 -30.70 7.93 83.02
N GLY C 163 -31.75 7.18 83.35
CA GLY C 163 -32.56 6.60 82.31
C GLY C 163 -33.53 5.57 82.86
N CYS C 164 -34.01 4.72 81.95
CA CYS C 164 -34.87 3.61 82.31
C CYS C 164 -34.63 2.43 81.37
N LEU C 165 -34.74 1.23 81.91
CA LEU C 165 -34.48 0.00 81.19
C LEU C 165 -35.82 -0.70 80.92
N VAL C 166 -36.05 -1.05 79.66
CA VAL C 166 -37.24 -1.79 79.26
C VAL C 166 -36.85 -3.25 79.09
N LYS C 167 -37.56 -4.14 79.79
CA LYS C 167 -37.22 -5.55 79.81
C LYS C 167 -38.44 -6.40 79.53
N ASP C 168 -38.20 -7.51 78.82
CA ASP C 168 -39.18 -8.58 78.60
C ASP C 168 -40.44 -8.06 77.91
N TYR C 169 -40.28 -7.61 76.67
CA TYR C 169 -41.40 -7.25 75.82
C TYR C 169 -41.31 -7.97 74.50
N PHE C 170 -42.46 -8.33 73.94
CA PHE C 170 -42.54 -8.98 72.65
C PHE C 170 -43.80 -8.55 71.92
N PRO C 171 -43.71 -8.17 70.64
CA PRO C 171 -42.46 -8.04 69.90
C PRO C 171 -42.03 -6.58 69.75
N GLU C 172 -40.97 -6.35 68.97
CA GLU C 172 -40.57 -4.98 68.65
C GLU C 172 -41.62 -4.35 67.73
N PRO C 173 -41.69 -3.01 67.66
CA PRO C 173 -40.89 -2.03 68.40
C PRO C 173 -41.62 -1.39 69.57
N VAL C 174 -40.89 -0.61 70.37
CA VAL C 174 -41.47 0.20 71.44
C VAL C 174 -40.96 1.62 71.29
N THR C 175 -41.82 2.59 71.51
CA THR C 175 -41.49 4.00 71.42
C THR C 175 -41.12 4.51 72.82
N VAL C 176 -39.95 5.12 72.93
CA VAL C 176 -39.47 5.66 74.19
C VAL C 176 -39.27 7.15 74.05
N SER C 177 -39.85 7.92 74.96
CA SER C 177 -39.72 9.38 74.92
C SER C 177 -39.43 9.92 76.32
N TRP C 178 -38.99 11.17 76.40
CA TRP C 178 -38.72 11.82 77.68
C TRP C 178 -39.64 13.00 77.86
N ASN C 179 -40.47 12.94 78.91
CA ASN C 179 -41.37 14.03 79.29
C ASN C 179 -42.23 14.48 78.11
N SER C 180 -42.72 13.49 77.36
CA SER C 180 -43.52 13.72 76.16
C SER C 180 -42.77 14.63 75.17
N GLY C 181 -41.50 14.29 74.93
CA GLY C 181 -40.69 15.00 73.96
C GLY C 181 -40.04 16.27 74.45
N ALA C 182 -40.21 16.62 75.72
CA ALA C 182 -39.61 17.84 76.26
C ALA C 182 -38.11 17.72 76.49
N LEU C 183 -37.58 16.50 76.56
CA LEU C 183 -36.16 16.26 76.80
C LEU C 183 -35.65 15.40 75.64
N THR C 184 -35.04 16.05 74.65
CA THR C 184 -34.59 15.36 73.44
C THR C 184 -33.08 15.41 73.24
N SER C 185 -32.44 16.52 73.59
CA SER C 185 -30.99 16.61 73.44
C SER C 185 -30.29 15.67 74.40
N GLY C 186 -29.28 14.97 73.91
CA GLY C 186 -28.52 14.04 74.74
C GLY C 186 -29.24 12.75 75.08
N VAL C 187 -30.26 12.39 74.30
CA VAL C 187 -31.04 11.19 74.56
C VAL C 187 -30.50 10.06 73.68
N HIS C 188 -30.26 8.91 74.29
CA HIS C 188 -29.83 7.71 73.56
C HIS C 188 -30.71 6.55 73.97
N THR C 189 -31.58 6.12 73.06
CA THR C 189 -32.43 4.94 73.26
C THR C 189 -31.82 3.80 72.45
N PHE C 190 -31.10 2.91 73.12
CA PHE C 190 -30.30 1.94 72.39
C PHE C 190 -31.20 0.85 71.81
N PRO C 191 -30.86 0.31 70.63
CA PRO C 191 -31.71 -0.72 70.03
C PRO C 191 -31.80 -1.96 70.92
N ALA C 192 -32.98 -2.57 70.92
CA ALA C 192 -33.20 -3.75 71.74
C ALA C 192 -32.40 -4.93 71.21
N VAL C 193 -32.07 -5.85 72.12
CA VAL C 193 -31.40 -7.08 71.77
C VAL C 193 -32.30 -8.25 72.15
N LEU C 194 -32.16 -9.35 71.42
CA LEU C 194 -32.95 -10.55 71.67
C LEU C 194 -32.23 -11.39 72.71
N GLN C 195 -32.90 -11.65 73.83
CA GLN C 195 -32.33 -12.43 74.91
C GLN C 195 -32.52 -13.92 74.67
N SER C 196 -31.81 -14.73 75.45
CA SER C 196 -31.96 -16.17 75.36
C SER C 196 -33.36 -16.63 75.74
N SER C 197 -34.05 -15.88 76.60
CA SER C 197 -35.40 -16.23 76.99
C SER C 197 -36.42 -16.01 75.88
N GLY C 198 -36.05 -15.29 74.82
CA GLY C 198 -36.94 -15.05 73.70
C GLY C 198 -37.60 -13.69 73.68
N LEU C 199 -37.28 -12.81 74.62
CA LEU C 199 -37.86 -11.48 74.69
C LEU C 199 -36.80 -10.43 74.35
N TYR C 200 -37.17 -9.16 74.46
CA TYR C 200 -36.32 -8.05 74.07
C TYR C 200 -36.09 -7.12 75.25
N SER C 201 -34.85 -6.65 75.39
CA SER C 201 -34.47 -5.72 76.44
C SER C 201 -33.64 -4.59 75.85
N LEU C 202 -33.95 -3.35 76.25
CA LEU C 202 -33.25 -2.17 75.78
C LEU C 202 -33.14 -1.17 76.92
N SER C 203 -32.38 -0.10 76.69
CA SER C 203 -32.18 0.94 77.69
C SER C 203 -32.26 2.31 77.03
N SER C 204 -32.95 3.23 77.70
CA SER C 204 -33.02 4.63 77.28
C SER C 204 -32.29 5.46 78.33
N VAL C 205 -31.31 6.26 77.89
CA VAL C 205 -30.48 7.03 78.79
C VAL C 205 -30.48 8.49 78.34
N VAL C 206 -30.20 9.37 79.29
CA VAL C 206 -30.15 10.80 79.03
C VAL C 206 -29.24 11.45 80.06
N THR C 207 -28.49 12.45 79.62
CA THR C 207 -27.60 13.23 80.46
C THR C 207 -28.26 14.55 80.82
N VAL C 208 -28.23 14.89 82.10
CA VAL C 208 -28.92 16.07 82.63
C VAL C 208 -27.94 16.91 83.43
N PRO C 209 -28.18 18.22 83.57
CA PRO C 209 -27.30 19.04 84.41
C PRO C 209 -27.33 18.63 85.87
N SER C 210 -26.21 18.84 86.58
CA SER C 210 -26.16 18.52 88.00
C SER C 210 -27.11 19.38 88.82
N SER C 211 -27.30 20.63 88.40
CA SER C 211 -28.23 21.52 89.10
C SER C 211 -29.68 21.06 88.92
N SER C 212 -29.96 20.28 87.87
CA SER C 212 -31.30 19.78 87.61
C SER C 212 -31.61 18.50 88.39
N LEU C 213 -30.68 18.03 89.22
CA LEU C 213 -30.90 16.78 89.95
C LEU C 213 -32.10 16.88 90.88
N GLY C 214 -32.21 17.97 91.64
CA GLY C 214 -33.24 18.08 92.65
C GLY C 214 -34.55 18.72 92.22
N THR C 215 -34.51 19.52 91.14
CA THR C 215 -35.66 20.34 90.78
C THR C 215 -36.50 19.72 89.67
N GLN C 216 -35.91 19.49 88.50
CA GLN C 216 -36.66 19.08 87.33
C GLN C 216 -37.08 17.62 87.46
N THR C 217 -38.35 17.35 87.18
CA THR C 217 -38.86 15.99 87.20
C THR C 217 -38.65 15.34 85.83
N TYR C 218 -38.08 14.14 85.84
CA TYR C 218 -37.81 13.39 84.62
C TYR C 218 -38.67 12.13 84.60
N ILE C 219 -39.43 11.97 83.53
CA ILE C 219 -40.28 10.80 83.34
C ILE C 219 -40.05 10.28 81.93
N CYS C 220 -39.80 8.97 81.82
CA CYS C 220 -39.67 8.33 80.52
C CYS C 220 -40.98 7.61 80.20
N ASN C 221 -41.45 7.80 78.97
CA ASN C 221 -42.71 7.25 78.50
C ASN C 221 -42.39 6.09 77.57
N VAL C 222 -42.96 4.92 77.86
CA VAL C 222 -42.73 3.72 77.07
C VAL C 222 -44.06 3.29 76.47
N ASN C 223 -44.06 3.11 75.15
CA ASN C 223 -45.24 2.81 74.37
C ASN C 223 -45.00 1.49 73.67
N HIS C 224 -45.81 0.47 73.99
CA HIS C 224 -45.73 -0.82 73.33
C HIS C 224 -47.11 -1.15 72.78
N LYS C 225 -47.37 -0.72 71.55
CA LYS C 225 -48.67 -0.85 70.90
C LYS C 225 -49.11 -2.30 70.73
N PRO C 226 -48.25 -3.23 70.30
CA PRO C 226 -48.69 -4.63 70.18
C PRO C 226 -49.28 -5.21 71.46
N SER C 227 -48.69 -4.90 72.62
CA SER C 227 -49.25 -5.31 73.90
C SER C 227 -50.16 -4.27 74.51
N ASN C 228 -50.33 -3.12 73.84
CA ASN C 228 -51.18 -2.03 74.33
C ASN C 228 -50.75 -1.59 75.73
N THR C 229 -49.45 -1.38 75.89
CA THR C 229 -48.85 -1.06 77.18
C THR C 229 -48.35 0.39 77.14
N LYS C 230 -48.97 1.25 77.93
CA LYS C 230 -48.60 2.65 78.04
C LYS C 230 -48.10 2.88 79.46
N VAL C 231 -46.79 2.99 79.64
CA VAL C 231 -46.22 3.13 80.98
C VAL C 231 -45.42 4.43 81.08
N ASP C 232 -45.62 5.15 82.18
CA ASP C 232 -44.96 6.43 82.44
C ASP C 232 -44.14 6.26 83.71
N LYS C 233 -42.82 6.14 83.56
CA LYS C 233 -41.94 5.86 84.69
C LYS C 233 -41.21 7.12 85.12
N LYS C 234 -41.38 7.49 86.39
CA LYS C 234 -40.72 8.65 86.96
C LYS C 234 -39.35 8.24 87.50
N VAL C 235 -38.29 8.83 86.96
CA VAL C 235 -36.93 8.54 87.41
C VAL C 235 -36.49 9.66 88.35
N GLU C 236 -36.17 9.31 89.59
CA GLU C 236 -35.71 10.28 90.56
C GLU C 236 -34.38 9.83 91.16
N PRO C 237 -33.51 10.78 91.54
CA PRO C 237 -32.23 10.47 92.18
C PRO C 237 -32.36 10.26 93.68
N ALA D 27 -55.45 -17.79 -13.70
CA ALA D 27 -55.14 -17.62 -15.11
C ALA D 27 -53.70 -17.12 -15.30
N TYR D 28 -53.07 -17.56 -16.38
CA TYR D 28 -51.70 -17.16 -16.69
C TYR D 28 -51.60 -16.88 -18.19
N THR D 29 -50.71 -15.95 -18.54
CA THR D 29 -50.46 -15.64 -19.93
C THR D 29 -48.94 -15.58 -20.13
N ASN D 30 -48.51 -15.35 -21.36
CA ASN D 30 -47.11 -15.39 -21.73
C ASN D 30 -46.63 -13.98 -22.08
N SER D 31 -45.55 -13.55 -21.44
CA SER D 31 -44.91 -12.28 -21.76
C SER D 31 -43.77 -12.53 -22.73
N PHE D 32 -44.14 -12.60 -24.01
CA PHE D 32 -43.24 -13.03 -25.08
C PHE D 32 -41.94 -12.23 -25.10
N THR D 33 -42.04 -10.93 -25.37
CA THR D 33 -40.85 -10.08 -25.40
C THR D 33 -41.09 -8.75 -24.69
N ARG D 34 -42.15 -8.66 -23.89
CA ARG D 34 -42.49 -7.42 -23.22
C ARG D 34 -41.66 -7.26 -21.94
N GLY D 35 -41.70 -6.05 -21.40
CA GLY D 35 -41.01 -5.74 -20.16
C GLY D 35 -39.66 -5.11 -20.31
N VAL D 36 -39.16 -4.94 -21.53
CA VAL D 36 -37.86 -4.31 -21.76
C VAL D 36 -38.01 -2.81 -21.60
N TYR D 37 -36.98 -2.18 -21.05
CA TYR D 37 -36.98 -0.74 -20.82
C TYR D 37 -35.57 -0.20 -21.03
N TYR D 38 -35.46 1.13 -20.98
CA TYR D 38 -34.15 1.76 -21.13
C TYR D 38 -33.39 1.65 -19.82
N PRO D 39 -32.24 0.97 -19.81
CA PRO D 39 -31.53 0.77 -18.53
C PRO D 39 -31.01 2.06 -17.92
N ASP D 40 -30.59 3.03 -18.74
CA ASP D 40 -29.97 4.24 -18.23
C ASP D 40 -30.31 5.40 -19.14
N LYS D 41 -29.71 6.56 -18.84
CA LYS D 41 -29.95 7.78 -19.60
C LYS D 41 -28.98 7.95 -20.77
N VAL D 42 -28.04 7.03 -20.96
CA VAL D 42 -27.05 7.18 -22.01
C VAL D 42 -27.71 6.92 -23.37
N PHE D 43 -27.42 7.82 -24.32
CA PHE D 43 -27.93 7.68 -25.68
C PHE D 43 -26.98 6.78 -26.47
N ARG D 44 -27.55 5.77 -27.13
CA ARG D 44 -26.78 4.85 -27.96
C ARG D 44 -27.46 4.69 -29.31
N SER D 45 -26.67 4.66 -30.38
CA SER D 45 -27.20 4.62 -31.73
C SER D 45 -26.45 3.60 -32.56
N SER D 46 -27.22 2.74 -33.24
CA SER D 46 -26.67 1.74 -34.18
C SER D 46 -25.62 0.87 -33.51
N VAL D 47 -25.89 0.44 -32.27
CA VAL D 47 -24.99 -0.39 -31.52
C VAL D 47 -25.80 -1.39 -30.70
N LEU D 48 -25.20 -2.55 -30.44
CA LEU D 48 -25.77 -3.56 -29.56
C LEU D 48 -25.08 -3.42 -28.21
N HIS D 49 -25.87 -3.16 -27.17
CA HIS D 49 -25.33 -2.90 -25.84
C HIS D 49 -25.76 -4.02 -24.90
N SER D 50 -24.78 -4.62 -24.22
CA SER D 50 -25.06 -5.66 -23.25
C SER D 50 -25.13 -5.05 -21.86
N THR D 51 -26.23 -5.29 -21.16
CA THR D 51 -26.44 -4.75 -19.82
C THR D 51 -26.91 -5.86 -18.89
N GLN D 52 -26.76 -5.62 -17.59
CA GLN D 52 -27.21 -6.55 -16.57
C GLN D 52 -28.06 -5.77 -15.57
N ASP D 53 -29.32 -6.14 -15.46
CA ASP D 53 -30.25 -5.37 -14.64
C ASP D 53 -31.48 -6.22 -14.33
N LEU D 54 -32.42 -5.65 -13.58
CA LEU D 54 -33.66 -6.32 -13.24
C LEU D 54 -34.59 -6.23 -14.46
N PHE D 55 -34.72 -7.35 -15.18
CA PHE D 55 -35.53 -7.40 -16.38
C PHE D 55 -36.59 -8.49 -16.22
N LEU D 56 -37.66 -8.36 -16.98
CA LEU D 56 -38.65 -9.43 -17.04
C LEU D 56 -38.15 -10.52 -17.98
N PRO D 57 -37.97 -11.75 -17.52
CA PRO D 57 -37.45 -12.80 -18.39
C PRO D 57 -38.35 -13.03 -19.60
N PHE D 58 -37.72 -13.30 -20.73
CA PHE D 58 -38.47 -13.52 -21.96
C PHE D 58 -39.29 -14.81 -21.86
N PHE D 59 -40.50 -14.75 -22.41
CA PHE D 59 -41.40 -15.90 -22.47
C PHE D 59 -41.73 -16.44 -21.08
N SER D 60 -41.70 -15.58 -20.07
CA SER D 60 -42.16 -15.94 -18.75
C SER D 60 -43.68 -15.95 -18.72
N ASN D 61 -44.23 -16.51 -17.65
CA ASN D 61 -45.68 -16.50 -17.46
C ASN D 61 -46.05 -15.43 -16.44
N VAL D 62 -46.99 -14.57 -16.81
CA VAL D 62 -47.46 -13.49 -15.98
C VAL D 62 -48.88 -13.81 -15.52
N THR D 63 -49.18 -13.51 -14.26
CA THR D 63 -50.50 -13.77 -13.72
C THR D 63 -51.52 -12.81 -14.33
N TRP D 64 -52.69 -13.32 -14.66
CA TRP D 64 -53.74 -12.57 -15.34
C TRP D 64 -54.91 -12.40 -14.37
N PHE D 65 -55.29 -11.14 -14.13
CA PHE D 65 -56.46 -10.83 -13.32
C PHE D 65 -57.47 -10.09 -14.18
N HIS D 66 -58.65 -10.67 -14.34
CA HIS D 66 -59.70 -10.09 -15.18
C HIS D 66 -60.76 -9.47 -14.27
N ALA D 67 -61.17 -8.25 -14.63
CA ALA D 67 -62.18 -7.53 -13.85
C ALA D 67 -63.56 -7.68 -14.47
N PHE D 79 -63.20 -8.29 -10.84
CA PHE D 79 -62.84 -7.31 -9.82
C PHE D 79 -62.06 -8.02 -8.72
N ASP D 80 -60.74 -8.15 -8.93
CA ASP D 80 -59.89 -8.99 -8.09
C ASP D 80 -59.14 -8.18 -7.04
N ASN D 81 -58.32 -7.21 -7.47
CA ASN D 81 -57.40 -6.41 -6.65
C ASN D 81 -56.79 -7.20 -5.49
N PRO D 82 -56.11 -8.32 -5.74
CA PRO D 82 -55.50 -9.06 -4.63
C PRO D 82 -54.17 -8.44 -4.23
N VAL D 83 -53.85 -8.57 -2.95
CA VAL D 83 -52.56 -8.11 -2.45
C VAL D 83 -51.47 -9.04 -2.96
N LEU D 84 -50.54 -8.50 -3.73
CA LEU D 84 -49.54 -9.31 -4.42
C LEU D 84 -48.15 -8.91 -3.94
N PRO D 85 -47.22 -9.87 -3.90
CA PRO D 85 -45.85 -9.55 -3.49
C PRO D 85 -45.16 -8.67 -4.53
N PHE D 86 -44.09 -8.01 -4.09
CA PHE D 86 -43.33 -7.14 -4.96
C PHE D 86 -42.14 -7.85 -5.61
N ASN D 87 -41.24 -8.41 -4.82
CA ASN D 87 -40.18 -9.29 -5.31
C ASN D 87 -39.29 -8.59 -6.33
N ASP D 88 -38.57 -7.57 -5.87
CA ASP D 88 -37.51 -6.86 -6.59
C ASP D 88 -38.03 -5.96 -7.71
N GLY D 89 -39.33 -5.89 -7.94
CA GLY D 89 -39.88 -5.04 -8.99
C GLY D 89 -40.90 -5.84 -9.78
N VAL D 90 -41.86 -5.12 -10.36
CA VAL D 90 -42.96 -5.76 -11.07
C VAL D 90 -43.18 -5.10 -12.41
N TYR D 91 -43.71 -5.87 -13.34
CA TYR D 91 -44.17 -5.41 -14.64
C TYR D 91 -45.68 -5.54 -14.67
N PHE D 92 -46.38 -4.44 -14.92
CA PHE D 92 -47.83 -4.35 -14.82
C PHE D 92 -48.40 -3.86 -16.14
N ALA D 93 -49.18 -4.69 -16.81
CA ALA D 93 -49.80 -4.32 -18.07
C ALA D 93 -51.30 -4.28 -17.92
N SER D 94 -51.94 -3.30 -18.55
CA SER D 94 -53.39 -3.14 -18.44
C SER D 94 -53.96 -2.82 -19.81
N THR D 95 -55.14 -3.35 -20.10
CA THR D 95 -55.80 -3.08 -21.37
C THR D 95 -57.10 -2.32 -21.16
N SER D 98 -62.26 1.66 -21.02
CA SER D 98 -62.38 2.62 -19.94
C SER D 98 -61.20 2.52 -18.99
N ASN D 99 -61.04 3.52 -18.12
CA ASN D 99 -59.92 3.57 -17.18
C ASN D 99 -60.35 2.92 -15.86
N ILE D 100 -60.53 1.60 -15.91
CA ILE D 100 -60.86 0.85 -14.71
C ILE D 100 -59.69 0.82 -13.75
N ILE D 101 -58.50 0.51 -14.25
CA ILE D 101 -57.30 0.55 -13.42
C ILE D 101 -56.93 2.00 -13.19
N ARG D 102 -56.71 2.36 -11.92
CA ARG D 102 -56.54 3.76 -11.56
C ARG D 102 -55.24 4.05 -10.84
N GLY D 103 -54.73 3.10 -10.05
CA GLY D 103 -53.51 3.37 -9.32
C GLY D 103 -52.99 2.12 -8.64
N TRP D 104 -52.01 2.34 -7.75
CA TRP D 104 -51.37 1.24 -7.04
C TRP D 104 -51.08 1.66 -5.60
N ILE D 105 -51.01 0.65 -4.73
CA ILE D 105 -50.57 0.79 -3.35
C ILE D 105 -49.36 -0.09 -3.16
N PHE D 106 -48.29 0.48 -2.59
CA PHE D 106 -47.09 -0.28 -2.27
C PHE D 106 -46.79 -0.13 -0.80
N GLY D 107 -45.99 -1.03 -0.27
CA GLY D 107 -45.58 -0.92 1.12
C GLY D 107 -45.17 -2.27 1.69
N THR D 108 -45.11 -2.30 3.01
CA THR D 108 -44.70 -3.47 3.77
C THR D 108 -45.86 -4.18 4.43
N THR D 109 -46.65 -3.47 5.24
CA THR D 109 -47.83 -4.04 5.88
C THR D 109 -49.13 -3.44 5.40
N LEU D 110 -49.09 -2.34 4.64
CA LEU D 110 -50.29 -1.66 4.15
C LEU D 110 -51.23 -1.27 5.29
N ASP D 111 -50.65 -0.88 6.42
CA ASP D 111 -51.41 -0.46 7.59
C ASP D 111 -50.77 0.80 8.14
N SER D 112 -51.42 1.40 9.14
CA SER D 112 -50.91 2.64 9.72
C SER D 112 -49.61 2.41 10.48
N LYS D 113 -49.32 1.15 10.85
CA LYS D 113 -48.11 0.87 11.62
C LYS D 113 -46.84 1.16 10.81
N THR D 114 -46.85 0.81 9.53
CA THR D 114 -45.67 0.92 8.68
C THR D 114 -45.96 1.83 7.50
N GLN D 115 -44.95 2.60 7.10
CA GLN D 115 -45.08 3.56 6.02
C GLN D 115 -45.41 2.85 4.71
N SER D 116 -46.29 3.47 3.93
CA SER D 116 -46.76 2.91 2.68
C SER D 116 -46.82 4.00 1.61
N LEU D 117 -46.75 3.57 0.35
CA LEU D 117 -46.75 4.46 -0.79
C LEU D 117 -48.06 4.29 -1.56
N LEU D 118 -48.58 5.40 -2.10
CA LEU D 118 -49.84 5.42 -2.83
C LEU D 118 -49.67 6.20 -4.12
N ILE D 119 -50.21 5.66 -5.22
CA ILE D 119 -50.24 6.33 -6.51
C ILE D 119 -51.69 6.26 -6.99
N VAL D 120 -52.30 7.42 -7.21
CA VAL D 120 -53.71 7.49 -7.61
C VAL D 120 -53.83 8.39 -8.84
N ASN D 121 -54.69 7.97 -9.77
CA ASN D 121 -55.00 8.73 -10.98
C ASN D 121 -56.51 8.89 -11.09
N ASN D 122 -57.12 9.32 -9.98
CA ASN D 122 -58.58 9.48 -9.94
C ASN D 122 -59.06 10.51 -10.95
N ALA D 123 -58.34 11.63 -11.04
CA ALA D 123 -58.70 12.72 -11.94
C ALA D 123 -57.50 13.07 -12.81
N THR D 124 -57.56 14.22 -13.50
CA THR D 124 -56.52 14.63 -14.42
C THR D 124 -55.20 14.96 -13.71
N ASN D 125 -55.10 14.68 -12.41
CA ASN D 125 -53.86 14.86 -11.67
C ASN D 125 -53.44 13.54 -11.05
N VAL D 126 -52.13 13.28 -11.03
CA VAL D 126 -51.56 12.08 -10.44
C VAL D 126 -51.09 12.42 -9.04
N VAL D 127 -51.56 11.67 -8.05
CA VAL D 127 -51.21 11.90 -6.65
C VAL D 127 -50.29 10.78 -6.20
N ILE D 128 -49.09 11.13 -5.75
CA ILE D 128 -48.12 10.17 -5.24
C ILE D 128 -47.78 10.57 -3.81
N LYS D 129 -47.79 9.60 -2.90
CA LYS D 129 -47.50 9.88 -1.49
C LYS D 129 -46.75 8.71 -0.88
N VAL D 130 -45.94 9.02 0.14
CA VAL D 130 -45.28 8.01 0.96
C VAL D 130 -45.93 8.17 2.33
N CYS D 131 -47.11 8.77 2.33
CA CYS D 131 -47.81 9.16 3.54
C CYS D 131 -48.24 7.90 4.30
N GLU D 132 -48.39 8.01 5.63
CA GLU D 132 -48.77 6.81 6.36
C GLU D 132 -50.29 6.63 6.34
N PHE D 133 -50.75 5.61 5.63
CA PHE D 133 -52.18 5.40 5.44
C PHE D 133 -52.67 4.22 6.26
N GLN D 134 -53.94 4.30 6.66
CA GLN D 134 -54.69 3.15 7.15
C GLN D 134 -55.59 2.66 6.02
N PHE D 135 -55.17 1.58 5.37
CA PHE D 135 -55.81 1.13 4.13
C PHE D 135 -56.97 0.19 4.41
N CYS D 136 -58.01 0.33 3.60
CA CYS D 136 -59.15 -0.57 3.68
C CYS D 136 -58.80 -1.96 3.17
N ASN D 137 -59.62 -2.94 3.53
CA ASN D 137 -59.39 -4.31 3.08
C ASN D 137 -59.54 -4.41 1.57
N ASP D 138 -60.52 -3.72 0.99
CA ASP D 138 -60.76 -3.71 -0.46
C ASP D 138 -60.68 -2.28 -0.96
N PRO D 139 -59.50 -1.80 -1.35
CA PRO D 139 -59.40 -0.42 -1.86
C PRO D 139 -60.05 -0.30 -3.24
N PHE D 140 -60.83 0.77 -3.42
CA PHE D 140 -61.45 1.05 -4.70
C PHE D 140 -61.80 2.53 -4.75
N LEU D 141 -62.02 3.05 -5.96
CA LEU D 141 -62.40 4.44 -6.14
C LEU D 141 -63.93 4.58 -6.16
N PHE D 157 -63.89 7.70 -3.56
CA PHE D 157 -62.48 7.60 -3.21
C PHE D 157 -62.41 6.87 -1.86
N ARG D 158 -62.78 5.60 -1.87
CA ARG D 158 -62.76 4.76 -0.67
C ARG D 158 -61.49 3.90 -0.68
N VAL D 159 -60.38 4.55 -0.35
CA VAL D 159 -59.06 3.94 -0.42
C VAL D 159 -58.48 3.71 0.96
N TYR D 160 -58.34 4.77 1.75
CA TYR D 160 -57.68 4.72 3.04
C TYR D 160 -58.57 5.31 4.12
N SER D 161 -58.53 4.71 5.31
CA SER D 161 -59.32 5.22 6.43
C SER D 161 -58.80 6.58 6.89
N SER D 162 -57.49 6.73 7.00
CA SER D 162 -56.90 7.97 7.47
C SER D 162 -55.46 8.07 6.98
N ALA D 163 -54.93 9.29 7.01
CA ALA D 163 -53.55 9.57 6.64
C ALA D 163 -52.88 10.32 7.79
N ASN D 164 -51.64 9.93 8.10
CA ASN D 164 -50.92 10.50 9.23
C ASN D 164 -49.43 10.29 9.06
N ASN D 165 -48.67 10.97 9.93
CA ASN D 165 -47.20 11.00 9.92
C ASN D 165 -46.71 11.10 8.48
N CYS D 166 -47.17 12.14 7.80
CA CYS D 166 -47.38 12.05 6.37
C CYS D 166 -46.25 12.75 5.64
N THR D 167 -45.39 11.96 4.99
CA THR D 167 -44.03 12.39 4.67
C THR D 167 -43.86 13.05 3.31
N PHE D 168 -44.40 12.47 2.24
CA PHE D 168 -44.05 12.95 0.91
C PHE D 168 -45.29 13.09 0.03
N GLU D 169 -45.33 14.15 -0.78
CA GLU D 169 -46.43 14.38 -1.71
C GLU D 169 -45.86 14.79 -3.06
N TYR D 170 -46.55 14.41 -4.12
CA TYR D 170 -46.08 14.71 -5.46
C TYR D 170 -47.27 14.69 -6.42
N VAL D 171 -47.31 15.70 -7.29
CA VAL D 171 -48.33 15.80 -8.33
C VAL D 171 -47.63 16.12 -9.65
N SER D 172 -48.07 15.48 -10.73
CA SER D 172 -47.44 15.68 -12.03
C SER D 172 -48.48 15.42 -13.11
N GLN D 173 -48.02 15.27 -14.34
CA GLN D 173 -48.91 15.06 -15.48
C GLN D 173 -49.57 13.69 -15.39
N PRO D 174 -50.74 13.52 -16.00
CA PRO D 174 -51.44 12.23 -15.93
C PRO D 174 -50.62 11.10 -16.56
N PHE D 175 -50.71 9.92 -15.94
CA PHE D 175 -50.13 8.72 -16.55
C PHE D 175 -50.96 8.27 -17.75
N LEU D 176 -52.28 8.38 -17.64
CA LEU D 176 -53.21 8.01 -18.72
C LEU D 176 -53.01 6.58 -19.20
N LYS D 187 -58.51 -1.57 -25.72
CA LYS D 187 -58.13 -1.07 -27.04
C LYS D 187 -56.75 -0.43 -27.01
N ASN D 188 -56.24 -0.17 -25.80
CA ASN D 188 -54.93 0.42 -25.62
C ASN D 188 -54.24 -0.27 -24.45
N LEU D 189 -52.97 -0.62 -24.65
CA LEU D 189 -52.17 -1.30 -23.64
C LEU D 189 -51.26 -0.30 -22.95
N ARG D 190 -51.37 -0.23 -21.63
CA ARG D 190 -50.48 0.59 -20.81
C ARG D 190 -49.59 -0.34 -20.01
N GLU D 191 -48.28 -0.22 -20.20
CA GLU D 191 -47.30 -1.04 -19.50
C GLU D 191 -46.48 -0.19 -18.56
N PHE D 192 -46.25 -0.71 -17.36
CA PHE D 192 -45.45 -0.04 -16.35
C PHE D 192 -44.45 -1.04 -15.78
N VAL D 193 -43.31 -0.52 -15.36
CA VAL D 193 -42.30 -1.29 -14.66
C VAL D 193 -41.95 -0.51 -13.40
N PHE D 194 -42.24 -1.10 -12.24
CA PHE D 194 -41.93 -0.49 -10.96
C PHE D 194 -40.71 -1.19 -10.35
N LYS D 195 -39.69 -0.41 -10.02
CA LYS D 195 -38.43 -0.97 -9.53
C LYS D 195 -37.94 -0.13 -8.36
N ASN D 196 -37.86 -0.74 -7.18
CA ASN D 196 -37.41 -0.06 -5.97
C ASN D 196 -35.99 -0.53 -5.67
N ILE D 197 -35.01 0.29 -6.07
CA ILE D 197 -33.61 -0.08 -5.93
C ILE D 197 -32.78 1.16 -5.63
N ASP D 198 -31.76 0.97 -4.80
CA ASP D 198 -30.80 2.04 -4.45
C ASP D 198 -31.50 3.25 -3.85
N GLY D 199 -32.52 3.00 -3.03
CA GLY D 199 -33.28 4.08 -2.43
C GLY D 199 -34.16 4.85 -3.40
N TYR D 200 -34.27 4.41 -4.64
CA TYR D 200 -35.04 5.10 -5.67
C TYR D 200 -36.17 4.20 -6.14
N PHE D 201 -37.38 4.74 -6.17
CA PHE D 201 -38.53 4.07 -6.75
C PHE D 201 -38.70 4.60 -8.17
N LYS D 202 -38.33 3.77 -9.16
CA LYS D 202 -38.33 4.17 -10.56
C LYS D 202 -39.51 3.54 -11.26
N ILE D 203 -40.22 4.35 -12.05
CA ILE D 203 -41.34 3.90 -12.85
C ILE D 203 -41.00 4.10 -14.32
N TYR D 204 -41.12 3.03 -15.10
CA TYR D 204 -41.00 3.10 -16.55
C TYR D 204 -42.37 2.85 -17.15
N SER D 205 -42.70 3.56 -18.21
CA SER D 205 -44.06 3.44 -18.75
C SER D 205 -44.05 3.47 -20.26
N LYS D 206 -45.10 2.88 -20.83
CA LYS D 206 -45.30 2.88 -22.28
C LYS D 206 -46.78 2.72 -22.56
N HIS D 207 -47.24 3.34 -23.65
CA HIS D 207 -48.62 3.26 -24.09
C HIS D 207 -48.63 2.88 -25.56
N THR D 208 -49.43 1.86 -25.90
CA THR D 208 -49.46 1.36 -27.27
C THR D 208 -50.88 0.98 -27.67
N PRO D 209 -51.42 1.55 -28.74
CA PRO D 209 -52.69 1.06 -29.27
C PRO D 209 -52.57 -0.39 -29.69
N ILE D 210 -53.60 -1.19 -29.37
CA ILE D 210 -53.60 -2.61 -29.67
C ILE D 210 -54.97 -2.99 -30.22
N ASN D 211 -55.01 -4.00 -31.09
CA ASN D 211 -56.28 -4.48 -31.62
C ASN D 211 -56.82 -5.64 -30.77
N LEU D 212 -55.95 -6.58 -30.39
CA LEU D 212 -56.39 -7.75 -29.65
C LEU D 212 -56.87 -7.35 -28.26
N VAL D 213 -57.95 -7.98 -27.82
CA VAL D 213 -58.54 -7.73 -26.52
C VAL D 213 -58.69 -9.01 -25.71
N ARG D 214 -57.80 -9.98 -25.93
CA ARG D 214 -57.92 -11.26 -25.24
C ARG D 214 -56.75 -11.50 -24.30
N ASP D 215 -55.53 -11.36 -24.79
CA ASP D 215 -54.33 -11.64 -24.01
C ASP D 215 -53.26 -10.60 -24.31
N LEU D 216 -52.07 -10.82 -23.76
CA LEU D 216 -50.96 -9.91 -23.93
C LEU D 216 -50.46 -9.95 -25.37
N PRO D 217 -50.42 -8.83 -26.08
CA PRO D 217 -49.94 -8.84 -27.47
C PRO D 217 -48.47 -9.23 -27.55
N GLN D 218 -48.12 -9.91 -28.63
CA GLN D 218 -46.74 -10.30 -28.90
C GLN D 218 -46.08 -9.20 -29.71
N GLY D 219 -45.04 -8.60 -29.15
CA GLY D 219 -44.36 -7.50 -29.80
C GLY D 219 -43.24 -6.98 -28.92
N PHE D 220 -42.56 -5.97 -29.44
CA PHE D 220 -41.43 -5.36 -28.74
C PHE D 220 -41.65 -3.86 -28.66
N SER D 221 -41.83 -3.36 -27.44
CA SER D 221 -41.98 -1.93 -27.19
C SER D 221 -41.17 -1.57 -25.96
N ALA D 222 -40.14 -0.75 -26.15
CA ALA D 222 -39.30 -0.32 -25.04
C ALA D 222 -40.03 0.69 -24.18
N LEU D 223 -39.78 0.62 -22.87
CA LEU D 223 -40.47 1.44 -21.89
C LEU D 223 -39.54 2.59 -21.46
N GLU D 224 -40.04 3.81 -21.56
CA GLU D 224 -39.27 4.99 -21.16
C GLU D 224 -39.56 5.35 -19.71
N PRO D 225 -38.54 5.76 -18.96
CA PRO D 225 -38.77 6.15 -17.56
C PRO D 225 -39.69 7.36 -17.46
N LEU D 226 -40.48 7.38 -16.39
CA LEU D 226 -41.31 8.53 -16.05
C LEU D 226 -40.83 9.25 -14.81
N VAL D 227 -40.70 8.54 -13.68
CA VAL D 227 -40.31 9.15 -12.42
C VAL D 227 -39.24 8.30 -11.76
N ASP D 228 -38.42 8.96 -10.95
CA ASP D 228 -37.31 8.37 -10.21
C ASP D 228 -37.40 8.80 -8.75
N LEU D 229 -38.57 8.58 -8.17
CA LEU D 229 -38.91 9.19 -6.90
C LEU D 229 -37.94 8.76 -5.80
N PRO D 230 -37.37 9.69 -5.04
CA PRO D 230 -36.59 9.31 -3.86
C PRO D 230 -37.50 8.98 -2.69
N ILE D 231 -37.59 7.70 -2.31
CA ILE D 231 -38.62 7.27 -1.37
C ILE D 231 -37.98 6.63 -0.14
N GLY D 232 -37.26 5.53 -0.34
CA GLY D 232 -36.54 4.88 0.74
C GLY D 232 -37.37 4.13 1.77
N ILE D 233 -38.26 3.25 1.33
CA ILE D 233 -38.94 2.29 2.19
C ILE D 233 -38.84 0.92 1.55
N ASN D 234 -38.94 -0.13 2.37
CA ASN D 234 -39.00 -1.47 1.79
C ASN D 234 -40.37 -1.64 1.16
N ILE D 235 -40.42 -2.18 -0.05
CA ILE D 235 -41.68 -2.58 -0.66
C ILE D 235 -41.66 -4.10 -0.83
N THR D 236 -42.62 -4.77 -0.20
CA THR D 236 -42.74 -6.22 -0.34
C THR D 236 -44.10 -6.67 -0.82
N ARG D 237 -45.12 -5.83 -0.76
CA ARG D 237 -46.46 -6.17 -1.23
C ARG D 237 -47.04 -4.98 -1.96
N PHE D 238 -47.94 -5.25 -2.90
CA PHE D 238 -48.62 -4.16 -3.59
C PHE D 238 -50.02 -4.61 -3.99
N GLN D 239 -50.88 -3.64 -4.24
CA GLN D 239 -52.26 -3.88 -4.67
C GLN D 239 -52.63 -2.87 -5.74
N THR D 240 -53.66 -3.20 -6.51
CA THR D 240 -54.10 -2.37 -7.63
C THR D 240 -55.46 -1.76 -7.32
N LEU D 241 -55.60 -0.47 -7.59
CA LEU D 241 -56.86 0.24 -7.37
C LEU D 241 -57.69 0.20 -8.65
N LEU D 242 -58.96 -0.18 -8.50
CA LEU D 242 -59.90 -0.19 -9.60
C LEU D 242 -61.01 0.83 -9.35
N ALA D 243 -61.79 1.10 -10.40
CA ALA D 243 -62.90 2.05 -10.33
C ALA D 243 -64.20 1.28 -10.43
N LEU D 244 -64.96 1.24 -9.33
CA LEU D 244 -66.23 0.54 -9.33
C LEU D 244 -67.25 1.28 -10.18
N HIS D 245 -68.03 0.52 -10.95
CA HIS D 245 -69.05 1.09 -11.82
C HIS D 245 -70.15 1.76 -11.01
N ALA D 263 -62.10 -4.54 -17.91
CA ALA D 263 -60.66 -4.49 -18.12
C ALA D 263 -59.95 -5.62 -17.39
N ALA D 264 -58.64 -5.71 -17.56
CA ALA D 264 -57.84 -6.74 -16.93
C ALA D 264 -56.40 -6.27 -16.83
N TYR D 265 -55.62 -6.92 -15.97
CA TYR D 265 -54.22 -6.58 -15.83
C TYR D 265 -53.37 -7.83 -15.64
N TYR D 266 -52.16 -7.77 -16.19
CA TYR D 266 -51.21 -8.87 -16.15
C TYR D 266 -49.99 -8.41 -15.34
N VAL D 267 -49.57 -9.25 -14.40
CA VAL D 267 -48.49 -8.92 -13.48
C VAL D 267 -47.38 -9.95 -13.63
N GLY D 268 -46.16 -9.47 -13.86
CA GLY D 268 -44.99 -10.32 -13.88
C GLY D 268 -43.92 -9.78 -12.95
N TYR D 269 -42.94 -10.62 -12.65
CA TYR D 269 -41.92 -10.29 -11.68
C TYR D 269 -40.55 -10.23 -12.34
N LEU D 270 -39.80 -9.16 -12.05
CA LEU D 270 -38.48 -8.97 -12.61
C LEU D 270 -37.46 -9.86 -11.91
N GLN D 271 -36.40 -10.21 -12.64
CA GLN D 271 -35.30 -10.99 -12.13
C GLN D 271 -33.99 -10.39 -12.61
N PRO D 272 -32.89 -10.60 -11.90
CA PRO D 272 -31.60 -10.09 -12.36
C PRO D 272 -31.10 -10.85 -13.58
N ARG D 273 -31.17 -10.23 -14.74
CA ARG D 273 -30.84 -10.88 -16.00
C ARG D 273 -29.87 -10.02 -16.80
N THR D 274 -29.10 -10.70 -17.65
CA THR D 274 -28.28 -10.03 -18.65
C THR D 274 -29.03 -9.99 -19.97
N PHE D 275 -29.19 -8.79 -20.50
CA PHE D 275 -29.90 -8.58 -21.76
C PHE D 275 -28.91 -7.98 -22.75
N LEU D 276 -29.16 -8.24 -24.03
CA LEU D 276 -28.41 -7.59 -25.11
C LEU D 276 -29.41 -6.82 -25.95
N LEU D 277 -29.34 -5.49 -25.88
CA LEU D 277 -30.31 -4.60 -26.51
C LEU D 277 -29.77 -4.11 -27.84
N LYS D 278 -30.56 -4.33 -28.89
CA LYS D 278 -30.28 -3.76 -30.21
C LYS D 278 -30.97 -2.41 -30.31
N TYR D 279 -30.16 -1.35 -30.32
CA TYR D 279 -30.62 0.02 -30.50
C TYR D 279 -30.88 0.29 -31.98
N ASN D 280 -31.06 1.57 -32.30
CA ASN D 280 -31.45 1.99 -33.63
C ASN D 280 -30.67 3.23 -34.02
N GLU D 281 -30.74 3.57 -35.32
CA GLU D 281 -30.16 4.80 -35.82
C GLU D 281 -30.82 6.00 -35.14
N ASN D 282 -32.09 5.85 -34.79
CA ASN D 282 -32.84 6.87 -34.06
C ASN D 282 -32.46 6.93 -32.58
N GLY D 283 -31.81 5.90 -32.06
CA GLY D 283 -31.48 5.81 -30.65
C GLY D 283 -32.44 4.98 -29.82
N THR D 284 -33.46 4.39 -30.42
CA THR D 284 -34.43 3.61 -29.68
C THR D 284 -34.06 2.13 -29.67
N ILE D 285 -34.50 1.42 -28.63
CA ILE D 285 -34.23 0.00 -28.49
C ILE D 285 -35.20 -0.79 -29.36
N THR D 286 -34.75 -1.15 -30.57
CA THR D 286 -35.64 -1.85 -31.50
C THR D 286 -35.77 -3.32 -31.14
N ASP D 287 -34.73 -3.93 -30.56
CA ASP D 287 -34.82 -5.36 -30.25
C ASP D 287 -34.02 -5.67 -28.99
N ALA D 288 -34.15 -6.91 -28.53
CA ALA D 288 -33.37 -7.38 -27.39
C ALA D 288 -33.38 -8.89 -27.35
N VAL D 289 -32.34 -9.45 -26.74
CA VAL D 289 -32.26 -10.89 -26.50
C VAL D 289 -31.93 -11.13 -25.03
N ASP D 290 -32.60 -12.11 -24.43
CA ASP D 290 -32.36 -12.50 -23.04
C ASP D 290 -31.28 -13.58 -23.03
N CYS D 291 -30.15 -13.29 -22.39
CA CYS D 291 -28.98 -14.15 -22.51
C CYS D 291 -29.21 -15.53 -21.91
N ALA D 292 -29.99 -15.61 -20.83
CA ALA D 292 -30.19 -16.87 -20.12
C ALA D 292 -31.43 -17.62 -20.60
N LEU D 293 -32.11 -17.12 -21.63
CA LEU D 293 -33.33 -17.77 -22.09
C LEU D 293 -33.06 -19.12 -22.73
N ASP D 294 -32.11 -19.17 -23.64
CA ASP D 294 -31.85 -20.37 -24.43
C ASP D 294 -30.37 -20.44 -24.74
N PRO D 295 -29.87 -21.62 -25.12
CA PRO D 295 -28.49 -21.69 -25.62
C PRO D 295 -28.24 -20.83 -26.85
N LEU D 296 -29.21 -20.73 -27.76
CA LEU D 296 -29.06 -19.84 -28.90
C LEU D 296 -28.99 -18.38 -28.48
N SER D 297 -29.82 -17.98 -27.50
CA SER D 297 -29.73 -16.64 -26.97
C SER D 297 -28.39 -16.41 -26.29
N GLU D 298 -27.88 -17.43 -25.60
CA GLU D 298 -26.57 -17.31 -24.97
C GLU D 298 -25.47 -17.11 -26.00
N THR D 299 -25.51 -17.84 -27.12
CA THR D 299 -24.48 -17.63 -28.13
C THR D 299 -24.67 -16.31 -28.85
N LYS D 300 -25.90 -15.82 -28.97
CA LYS D 300 -26.10 -14.49 -29.51
C LYS D 300 -25.47 -13.44 -28.60
N CYS D 301 -25.61 -13.60 -27.29
CA CYS D 301 -24.98 -12.67 -26.36
C CYS D 301 -23.46 -12.77 -26.42
N THR D 302 -22.91 -13.98 -26.48
CA THR D 302 -21.46 -14.13 -26.50
C THR D 302 -20.86 -13.58 -27.78
N LEU D 303 -21.53 -13.79 -28.92
CA LEU D 303 -21.07 -13.24 -30.18
C LEU D 303 -21.43 -11.77 -30.36
N LYS D 304 -22.21 -11.20 -29.44
CA LYS D 304 -22.65 -9.81 -29.53
C LYS D 304 -23.33 -9.52 -30.87
N SER D 305 -24.17 -10.46 -31.30
CA SER D 305 -24.85 -10.34 -32.58
C SER D 305 -26.21 -10.99 -32.50
N PHE D 306 -27.12 -10.53 -33.35
CA PHE D 306 -28.44 -11.13 -33.50
C PHE D 306 -28.48 -12.19 -34.60
N THR D 307 -27.38 -12.39 -35.31
CA THR D 307 -27.28 -13.39 -36.36
C THR D 307 -26.08 -14.28 -36.09
N VAL D 308 -26.26 -15.57 -36.30
CA VAL D 308 -25.23 -16.57 -36.06
C VAL D 308 -25.01 -17.35 -37.35
N GLU D 309 -23.77 -17.77 -37.59
CA GLU D 309 -23.36 -18.33 -38.88
C GLU D 309 -22.78 -19.73 -38.70
N LYS D 310 -23.68 -20.74 -38.65
CA LYS D 310 -23.36 -22.14 -38.89
C LYS D 310 -22.03 -22.60 -38.31
N GLY D 311 -21.88 -22.58 -36.99
CA GLY D 311 -20.63 -23.03 -36.41
C GLY D 311 -20.83 -23.60 -35.04
N ILE D 312 -19.71 -23.82 -34.36
CA ILE D 312 -19.67 -24.24 -32.97
C ILE D 312 -19.00 -23.14 -32.16
N TYR D 313 -19.65 -22.71 -31.09
CA TYR D 313 -19.19 -21.60 -30.28
C TYR D 313 -19.24 -21.97 -28.82
N GLN D 314 -18.14 -21.73 -28.10
CA GLN D 314 -18.12 -21.94 -26.66
C GLN D 314 -18.73 -20.73 -25.97
N THR D 315 -19.80 -20.95 -25.21
CA THR D 315 -20.55 -19.86 -24.60
C THR D 315 -20.35 -19.72 -23.10
N SER D 316 -20.17 -20.83 -22.37
CA SER D 316 -20.06 -20.78 -20.92
C SER D 316 -19.29 -22.01 -20.46
N ASN D 317 -19.21 -22.19 -19.15
CA ASN D 317 -18.55 -23.33 -18.55
C ASN D 317 -19.51 -24.04 -17.61
N PHE D 318 -19.58 -25.37 -17.77
CA PHE D 318 -20.36 -26.22 -16.89
C PHE D 318 -19.50 -26.64 -15.71
N ARG D 319 -19.98 -26.35 -14.51
CA ARG D 319 -19.30 -26.66 -13.27
C ARG D 319 -20.26 -27.49 -12.42
N VAL D 320 -19.78 -28.59 -11.87
CA VAL D 320 -20.61 -29.41 -10.98
C VAL D 320 -20.62 -28.75 -9.60
N GLN D 321 -21.81 -28.39 -9.14
CA GLN D 321 -21.93 -27.69 -7.87
C GLN D 321 -21.78 -28.67 -6.70
N PRO D 322 -21.01 -28.30 -5.68
CA PRO D 322 -20.87 -29.18 -4.51
C PRO D 322 -22.19 -29.33 -3.76
N THR D 323 -22.38 -30.51 -3.18
CA THR D 323 -23.55 -30.82 -2.36
C THR D 323 -23.09 -31.40 -1.03
N GLU D 324 -23.73 -30.99 0.06
CA GLU D 324 -23.47 -31.54 1.38
C GLU D 324 -22.01 -31.38 1.78
N SER D 325 -21.59 -30.14 2.02
CA SER D 325 -20.24 -29.87 2.53
C SER D 325 -20.01 -30.62 3.83
N ILE D 326 -18.82 -31.22 3.96
CA ILE D 326 -18.50 -32.05 5.12
C ILE D 326 -17.28 -31.49 5.83
N VAL D 327 -17.25 -31.67 7.14
CA VAL D 327 -16.17 -31.23 8.01
C VAL D 327 -15.69 -32.43 8.81
N ARG D 328 -14.37 -32.65 8.83
CA ARG D 328 -13.78 -33.81 9.50
C ARG D 328 -12.59 -33.32 10.34
N PHE D 329 -12.86 -32.94 11.59
CA PHE D 329 -11.85 -32.46 12.50
C PHE D 329 -11.46 -33.57 13.49
N PRO D 330 -10.34 -33.39 14.21
CA PRO D 330 -9.83 -34.49 15.03
C PRO D 330 -10.79 -34.90 16.14
N ASN D 331 -10.60 -36.15 16.58
CA ASN D 331 -11.48 -36.82 17.54
C ASN D 331 -11.31 -36.29 18.96
N ILE D 332 -10.31 -35.45 19.22
CA ILE D 332 -10.08 -34.94 20.56
C ILE D 332 -11.20 -33.99 20.96
N THR D 333 -11.41 -33.84 22.26
CA THR D 333 -12.45 -32.97 22.80
C THR D 333 -12.01 -32.13 23.99
N ASN D 334 -10.76 -32.28 24.44
CA ASN D 334 -10.31 -31.55 25.63
C ASN D 334 -10.20 -30.07 25.34
N LEU D 335 -10.63 -29.25 26.31
CA LEU D 335 -10.59 -27.81 26.15
C LEU D 335 -9.16 -27.30 26.15
N CYS D 336 -8.98 -26.13 25.56
CA CYS D 336 -7.65 -25.58 25.33
C CYS D 336 -7.38 -24.46 26.32
N PRO D 337 -6.25 -24.48 27.03
CA PRO D 337 -6.04 -23.59 28.19
C PRO D 337 -5.69 -22.16 27.80
N PHE D 338 -6.52 -21.54 26.97
CA PHE D 338 -6.35 -20.11 26.70
C PHE D 338 -6.72 -19.27 27.91
N GLY D 339 -7.74 -19.70 28.66
CA GLY D 339 -8.19 -18.91 29.79
C GLY D 339 -7.15 -18.76 30.88
N GLU D 340 -6.34 -19.81 31.11
CA GLU D 340 -5.35 -19.76 32.17
C GLU D 340 -4.29 -18.70 31.92
N VAL D 341 -4.03 -18.38 30.64
CA VAL D 341 -3.01 -17.38 30.32
C VAL D 341 -3.49 -15.99 30.71
N PHE D 342 -4.75 -15.66 30.43
CA PHE D 342 -5.25 -14.31 30.60
C PHE D 342 -5.63 -13.98 32.03
N ASN D 343 -5.76 -14.97 32.91
CA ASN D 343 -6.19 -14.72 34.29
C ASN D 343 -5.15 -15.17 35.31
N ALA D 344 -3.89 -15.30 34.89
CA ALA D 344 -2.84 -15.65 35.84
C ALA D 344 -2.70 -14.54 36.87
N THR D 345 -2.52 -14.94 38.13
CA THR D 345 -2.42 -13.97 39.21
C THR D 345 -1.18 -13.09 39.06
N ARG D 346 -0.06 -13.68 38.67
CA ARG D 346 1.21 -12.97 38.53
C ARG D 346 1.76 -13.21 37.13
N PHE D 347 1.92 -12.14 36.35
CA PHE D 347 2.61 -12.20 35.08
C PHE D 347 4.12 -12.07 35.32
N ALA D 348 4.88 -11.92 34.24
CA ALA D 348 6.32 -11.83 34.32
C ALA D 348 6.79 -10.51 33.75
N SER D 349 8.04 -10.16 34.05
CA SER D 349 8.64 -8.96 33.49
C SER D 349 8.85 -9.11 32.00
N VAL D 350 8.90 -7.98 31.29
CA VAL D 350 9.01 -8.02 29.84
C VAL D 350 10.34 -8.63 29.41
N TYR D 351 11.41 -8.40 30.17
CA TYR D 351 12.71 -8.93 29.78
C TYR D 351 12.73 -10.45 29.85
N ALA D 352 12.06 -11.03 30.83
CA ALA D 352 11.90 -12.48 30.96
C ALA D 352 10.41 -12.78 30.80
N TRP D 353 9.96 -12.89 29.56
CA TRP D 353 8.54 -13.05 29.27
C TRP D 353 8.16 -14.52 29.24
N ASN D 354 6.99 -14.83 29.79
CA ASN D 354 6.54 -16.21 29.84
C ASN D 354 6.11 -16.68 28.47
N ARG D 355 6.48 -17.91 28.12
CA ARG D 355 6.06 -18.52 26.86
C ARG D 355 5.41 -19.86 27.18
N LYS D 356 4.13 -19.98 26.84
CA LYS D 356 3.39 -21.23 27.00
C LYS D 356 3.09 -21.79 25.62
N ARG D 357 3.54 -23.01 25.36
CA ARG D 357 3.24 -23.66 24.11
C ARG D 357 1.88 -24.34 24.18
N ILE D 358 1.06 -24.12 23.17
CA ILE D 358 -0.29 -24.63 23.10
C ILE D 358 -0.41 -25.54 21.89
N SER D 359 -0.76 -26.80 22.13
CA SER D 359 -0.91 -27.79 21.07
C SER D 359 -1.79 -28.91 21.58
N ASN D 360 -2.38 -29.65 20.63
CA ASN D 360 -3.26 -30.78 20.92
C ASN D 360 -4.41 -30.37 21.84
N CYS D 361 -5.18 -29.39 21.39
CA CYS D 361 -6.32 -28.90 22.14
C CYS D 361 -7.39 -28.43 21.16
N VAL D 362 -8.61 -28.30 21.67
CA VAL D 362 -9.71 -27.70 20.91
C VAL D 362 -9.72 -26.22 21.24
N ALA D 363 -9.18 -25.40 20.34
CA ALA D 363 -9.01 -23.98 20.60
C ALA D 363 -10.35 -23.30 20.76
N ASP D 364 -10.58 -22.71 21.94
CA ASP D 364 -11.78 -21.94 22.22
C ASP D 364 -11.36 -20.52 22.53
N TYR D 365 -11.70 -19.59 21.63
CA TYR D 365 -11.32 -18.19 21.77
C TYR D 365 -12.45 -17.35 22.37
N SER D 366 -13.38 -17.98 23.08
CA SER D 366 -14.51 -17.25 23.64
C SER D 366 -14.06 -16.25 24.70
N VAL D 367 -12.97 -16.55 25.41
CA VAL D 367 -12.47 -15.64 26.42
C VAL D 367 -11.98 -14.35 25.82
N LEU D 368 -11.48 -14.38 24.58
CA LEU D 368 -11.07 -13.17 23.88
C LEU D 368 -12.23 -12.25 23.55
N TYR D 369 -13.43 -12.81 23.31
CA TYR D 369 -14.57 -12.01 22.91
C TYR D 369 -15.42 -11.59 24.10
N ASN D 370 -15.49 -12.43 25.13
CA ASN D 370 -16.38 -12.15 26.26
C ASN D 370 -15.75 -11.16 27.24
N SER D 371 -14.42 -11.08 27.27
CA SER D 371 -13.75 -10.26 28.25
C SER D 371 -14.00 -8.78 28.01
N ALA D 372 -14.09 -8.00 29.10
CA ALA D 372 -14.30 -6.56 28.98
C ALA D 372 -13.01 -5.78 29.16
N SER D 373 -11.98 -6.42 29.72
CA SER D 373 -10.80 -5.67 30.15
C SER D 373 -9.91 -5.26 28.98
N PHE D 374 -9.94 -6.00 27.87
CA PHE D 374 -8.98 -5.78 26.80
C PHE D 374 -9.09 -4.38 26.22
N SER D 375 -7.94 -3.72 26.06
CA SER D 375 -7.87 -2.40 25.45
C SER D 375 -7.35 -2.44 24.02
N THR D 376 -6.38 -3.30 23.72
CA THR D 376 -5.89 -3.49 22.36
C THR D 376 -6.06 -4.95 21.99
N PHE D 377 -6.62 -5.20 20.81
CA PHE D 377 -6.92 -6.55 20.33
C PHE D 377 -6.45 -6.68 18.88
N LYS D 378 -5.21 -6.30 18.63
CA LYS D 378 -4.74 -6.24 17.25
C LYS D 378 -4.43 -7.63 16.73
N CYS D 379 -4.59 -7.83 15.42
CA CYS D 379 -4.27 -9.09 14.78
C CYS D 379 -3.63 -8.82 13.43
N TYR D 380 -2.59 -9.61 13.12
CA TYR D 380 -1.82 -9.45 11.89
C TYR D 380 -1.78 -10.78 11.18
N GLY D 381 -2.22 -10.80 9.93
CA GLY D 381 -2.25 -12.00 9.13
C GLY D 381 -3.48 -12.85 9.30
N VAL D 382 -4.29 -12.60 10.33
CA VAL D 382 -5.53 -13.32 10.57
C VAL D 382 -6.61 -12.32 10.94
N SER D 383 -7.86 -12.75 10.82
CA SER D 383 -8.92 -11.85 11.26
C SER D 383 -9.38 -12.22 12.67
N PRO D 384 -9.59 -11.22 13.52
CA PRO D 384 -9.98 -11.52 14.91
C PRO D 384 -11.26 -12.32 15.02
N THR D 385 -12.22 -12.09 14.11
CA THR D 385 -13.51 -12.77 14.22
C THR D 385 -13.41 -14.22 13.74
N LYS D 386 -12.48 -14.50 12.84
CA LYS D 386 -12.43 -15.81 12.19
C LYS D 386 -11.58 -16.82 12.94
N LEU D 387 -11.07 -16.49 14.14
CA LEU D 387 -10.15 -17.37 14.83
C LEU D 387 -10.76 -18.73 15.17
N ASN D 388 -12.08 -18.82 15.26
CA ASN D 388 -12.75 -20.07 15.61
C ASN D 388 -12.94 -21.00 14.42
N ASP D 389 -12.61 -20.56 13.21
CA ASP D 389 -12.78 -21.37 12.00
C ASP D 389 -11.45 -21.77 11.39
N LEU D 390 -10.35 -21.65 12.14
CA LEU D 390 -9.01 -21.93 11.65
C LEU D 390 -8.38 -23.08 12.42
N CYS D 391 -7.51 -23.80 11.73
CA CYS D 391 -6.72 -24.87 12.32
C CYS D 391 -5.25 -24.47 12.29
N PHE D 392 -4.61 -24.51 13.46
CA PHE D 392 -3.23 -24.05 13.61
C PHE D 392 -2.32 -25.23 13.90
N THR D 393 -1.09 -25.18 13.36
CA THR D 393 -0.11 -26.21 13.65
C THR D 393 0.31 -26.18 15.12
N ASN D 394 0.62 -24.98 15.62
CA ASN D 394 1.03 -24.83 17.02
C ASN D 394 0.83 -23.37 17.40
N VAL D 395 0.60 -23.12 18.69
CA VAL D 395 0.34 -21.78 19.20
C VAL D 395 1.35 -21.48 20.29
N TYR D 396 1.75 -20.21 20.40
CA TYR D 396 2.58 -19.74 21.50
C TYR D 396 1.88 -18.57 22.17
N ALA D 397 1.71 -18.65 23.48
CA ALA D 397 1.17 -17.53 24.26
C ALA D 397 2.31 -16.93 25.06
N ASP D 398 2.77 -15.74 24.64
CA ASP D 398 3.83 -15.03 25.33
C ASP D 398 3.21 -13.90 26.15
N SER D 399 3.34 -13.99 27.46
CA SER D 399 2.69 -13.07 28.38
C SER D 399 3.74 -12.30 29.16
N PHE D 400 3.47 -11.02 29.37
CA PHE D 400 4.35 -10.17 30.17
C PHE D 400 3.58 -8.91 30.59
N VAL D 401 4.26 -8.06 31.35
CA VAL D 401 3.73 -6.79 31.82
C VAL D 401 4.63 -5.68 31.30
N ILE D 402 4.03 -4.65 30.69
CA ILE D 402 4.75 -3.58 30.03
C ILE D 402 4.14 -2.27 30.50
N ARG D 403 4.83 -1.17 30.20
CA ARG D 403 4.24 0.14 30.42
C ARG D 403 3.23 0.44 29.31
N GLY D 404 2.22 1.24 29.63
CA GLY D 404 1.16 1.50 28.68
C GLY D 404 1.65 2.18 27.41
N ASP D 405 2.47 3.22 27.56
CA ASP D 405 2.95 3.95 26.39
C ASP D 405 3.82 3.08 25.49
N GLU D 406 4.30 1.96 26.02
CA GLU D 406 5.12 1.04 25.23
C GLU D 406 4.31 -0.05 24.56
N VAL D 407 2.99 -0.11 24.77
CA VAL D 407 2.19 -1.15 24.13
C VAL D 407 2.24 -1.02 22.61
N ARG D 408 2.43 0.19 22.10
CA ARG D 408 2.56 0.38 20.66
C ARG D 408 3.78 -0.34 20.10
N GLN D 409 4.80 -0.59 20.93
CA GLN D 409 6.01 -1.22 20.45
C GLN D 409 5.85 -2.72 20.22
N ILE D 410 4.79 -3.32 20.74
CA ILE D 410 4.55 -4.75 20.51
C ILE D 410 3.78 -4.89 19.22
N ALA D 411 4.50 -4.88 18.10
CA ALA D 411 3.91 -4.96 16.76
C ALA D 411 5.02 -5.24 15.78
N PRO D 412 4.71 -5.85 14.63
CA PRO D 412 5.75 -6.11 13.63
C PRO D 412 6.38 -4.81 13.12
N GLY D 413 7.70 -4.85 12.95
CA GLY D 413 8.43 -3.73 12.38
C GLY D 413 8.34 -2.45 13.19
N GLN D 414 8.52 -2.55 14.50
CA GLN D 414 8.49 -1.39 15.39
C GLN D 414 9.81 -1.29 16.14
N THR D 415 10.09 -0.10 16.65
CA THR D 415 11.34 0.18 17.32
C THR D 415 11.06 0.88 18.65
N GLY D 416 12.01 0.76 19.55
CA GLY D 416 11.88 1.29 20.88
C GLY D 416 12.70 0.43 21.84
N LYS D 417 12.68 0.83 23.11
CA LYS D 417 13.43 0.07 24.11
C LYS D 417 12.92 -1.36 24.23
N ILE D 418 11.60 -1.54 24.30
CA ILE D 418 11.05 -2.88 24.48
C ILE D 418 11.30 -3.75 23.25
N ALA D 419 11.04 -3.21 22.06
CA ALA D 419 11.24 -3.98 20.84
C ALA D 419 12.72 -4.30 20.62
N ASP D 420 13.60 -3.34 20.92
CA ASP D 420 15.01 -3.53 20.64
C ASP D 420 15.66 -4.49 21.65
N TYR D 421 15.35 -4.34 22.94
CA TYR D 421 16.10 -5.05 23.97
C TYR D 421 15.28 -5.99 24.83
N ASN D 422 13.95 -5.96 24.74
CA ASN D 422 13.11 -6.76 25.63
C ASN D 422 12.32 -7.83 24.88
N TYR D 423 11.53 -7.45 23.88
CA TYR D 423 10.65 -8.39 23.19
C TYR D 423 10.39 -7.87 21.79
N LYS D 424 10.83 -8.62 20.78
CA LYS D 424 10.70 -8.23 19.38
C LYS D 424 9.82 -9.22 18.64
N LEU D 425 8.84 -8.71 17.91
CA LEU D 425 8.01 -9.54 17.05
C LEU D 425 8.61 -9.58 15.64
N PRO D 426 8.49 -10.71 14.95
CA PRO D 426 9.00 -10.79 13.58
C PRO D 426 8.15 -9.94 12.63
N ASP D 427 8.75 -9.61 11.49
CA ASP D 427 8.07 -8.76 10.51
C ASP D 427 6.84 -9.46 9.93
N ASP D 428 6.88 -10.79 9.82
CA ASP D 428 5.72 -11.51 9.32
C ASP D 428 4.62 -11.61 10.38
N PHE D 429 4.90 -12.32 11.47
CA PHE D 429 4.03 -12.40 12.65
C PHE D 429 2.56 -12.61 12.34
N THR D 430 2.18 -13.78 11.84
CA THR D 430 0.79 -14.18 11.83
C THR D 430 0.36 -14.50 13.26
N GLY D 431 -0.48 -13.64 13.83
CA GLY D 431 -0.88 -13.80 15.21
C GLY D 431 -1.52 -12.52 15.73
N CYS D 432 -1.87 -12.55 17.02
CA CYS D 432 -2.60 -11.46 17.64
C CYS D 432 -1.91 -10.97 18.90
N VAL D 433 -2.08 -9.68 19.19
CA VAL D 433 -1.58 -9.05 20.40
C VAL D 433 -2.78 -8.53 21.18
N ILE D 434 -2.89 -8.93 22.44
CA ILE D 434 -4.00 -8.56 23.31
C ILE D 434 -3.42 -7.91 24.55
N ALA D 435 -3.77 -6.65 24.78
CA ALA D 435 -3.23 -5.92 25.93
C ALA D 435 -4.36 -5.25 26.68
N TRP D 436 -4.32 -5.35 28.01
CA TRP D 436 -5.33 -4.73 28.85
C TRP D 436 -4.68 -4.05 30.04
N ASN D 437 -5.27 -2.94 30.45
CA ASN D 437 -4.76 -2.20 31.60
C ASN D 437 -4.94 -3.00 32.87
N SER D 438 -3.87 -3.06 33.67
CA SER D 438 -3.87 -3.80 34.93
C SER D 438 -3.37 -2.91 36.06
N ASN D 439 -3.84 -1.67 36.10
CA ASN D 439 -3.39 -0.74 37.14
C ASN D 439 -3.79 -1.23 38.53
N ASN D 440 -5.01 -1.77 38.66
CA ASN D 440 -5.46 -2.24 39.96
C ASN D 440 -4.67 -3.47 40.43
N LEU D 441 -4.35 -4.39 39.51
CA LEU D 441 -3.60 -5.57 39.91
C LEU D 441 -2.12 -5.27 40.13
N ASP D 442 -1.51 -4.43 39.28
CA ASP D 442 -0.07 -4.30 39.23
C ASP D 442 0.44 -2.96 39.74
N SER D 443 -0.32 -2.30 40.62
CA SER D 443 0.15 -1.08 41.26
C SER D 443 -0.09 -1.16 42.76
N LYS D 444 0.88 -0.69 43.53
CA LYS D 444 0.79 -0.68 44.99
C LYS D 444 1.15 0.70 45.50
N VAL D 445 0.59 1.06 46.65
CA VAL D 445 0.98 2.30 47.30
C VAL D 445 2.45 2.24 47.66
N GLY D 446 3.18 3.29 47.32
CA GLY D 446 4.63 3.23 47.36
C GLY D 446 5.19 3.01 45.98
N GLY D 447 5.57 1.77 45.68
CA GLY D 447 6.06 1.44 44.36
C GLY D 447 6.09 -0.05 44.13
N ASN D 448 5.66 -0.46 42.93
CA ASN D 448 5.73 -1.86 42.50
C ASN D 448 6.98 -2.01 41.64
N TYR D 449 8.05 -2.48 42.25
CA TYR D 449 9.34 -2.58 41.59
C TYR D 449 9.69 -4.01 41.18
N ASN D 450 8.74 -4.93 41.25
CA ASN D 450 9.01 -6.30 40.81
C ASN D 450 9.23 -6.36 39.31
N TYR D 451 8.45 -5.60 38.55
CA TYR D 451 8.53 -5.65 37.09
C TYR D 451 9.75 -4.90 36.60
N LEU D 452 10.51 -5.53 35.70
CA LEU D 452 11.77 -5.00 35.23
C LEU D 452 11.79 -5.00 33.71
N TYR D 453 12.55 -4.08 33.14
CA TYR D 453 12.84 -4.09 31.71
C TYR D 453 14.34 -3.86 31.51
N ARG D 454 14.79 -3.98 30.27
CA ARG D 454 16.22 -3.94 29.96
C ARG D 454 16.55 -2.63 29.27
N LEU D 455 17.31 -1.78 29.96
CA LEU D 455 17.76 -0.53 29.34
C LEU D 455 18.89 -0.76 28.34
N PHE D 456 19.85 -1.62 28.69
CA PHE D 456 21.10 -1.70 27.96
C PHE D 456 21.29 -3.09 27.37
N ARG D 457 21.71 -3.13 26.11
CA ARG D 457 22.10 -4.36 25.45
C ARG D 457 23.05 -4.02 24.33
N LYS D 458 23.96 -4.95 24.03
CA LYS D 458 24.97 -4.70 23.01
C LYS D 458 24.34 -4.55 21.63
N SER D 459 23.35 -5.38 21.30
CA SER D 459 22.71 -5.33 20.00
C SER D 459 21.24 -5.69 20.15
N ASN D 460 20.45 -5.28 19.16
CA ASN D 460 19.04 -5.62 19.14
C ASN D 460 18.85 -7.13 19.03
N LEU D 461 17.97 -7.66 19.87
CA LEU D 461 17.74 -9.09 19.91
C LEU D 461 16.89 -9.54 18.73
N LYS D 462 17.17 -10.74 18.24
CA LYS D 462 16.47 -11.30 17.10
C LYS D 462 15.02 -11.59 17.47
N PRO D 463 14.13 -11.70 16.50
CA PRO D 463 12.72 -11.94 16.80
C PRO D 463 12.54 -13.19 17.65
N PHE D 464 11.65 -13.07 18.65
CA PHE D 464 11.33 -14.17 19.56
C PHE D 464 12.57 -14.71 20.28
N GLU D 465 13.44 -13.79 20.70
CA GLU D 465 14.62 -14.14 21.48
C GLU D 465 14.49 -13.55 22.88
N ARG D 466 14.86 -14.34 23.89
CA ARG D 466 14.76 -13.93 25.29
CA ARG D 466 14.76 -13.93 25.29
C ARG D 466 16.17 -13.84 25.87
N ASP D 467 16.46 -12.73 26.55
CA ASP D 467 17.75 -12.49 27.18
C ASP D 467 17.52 -12.24 28.66
N ILE D 468 17.81 -13.24 29.49
CA ILE D 468 17.65 -13.14 30.93
C ILE D 468 18.98 -12.85 31.63
N SER D 469 20.05 -12.60 30.87
CA SER D 469 21.35 -12.35 31.46
C SER D 469 21.35 -11.01 32.20
N THR D 470 21.99 -10.99 33.36
CA THR D 470 22.10 -9.79 34.19
C THR D 470 23.54 -9.34 34.36
N GLU D 471 24.42 -9.66 33.41
CA GLU D 471 25.80 -9.21 33.50
C GLU D 471 25.87 -7.70 33.33
N ILE D 472 26.89 -7.10 33.94
CA ILE D 472 27.01 -5.64 33.92
C ILE D 472 27.32 -5.17 32.51
N TYR D 473 26.58 -4.16 32.07
CA TYR D 473 26.73 -3.62 30.72
C TYR D 473 27.88 -2.64 30.66
N GLN D 474 28.70 -2.74 29.62
CA GLN D 474 29.85 -1.86 29.43
C GLN D 474 29.47 -0.77 28.44
N ALA D 475 29.15 0.41 28.96
CA ALA D 475 28.81 1.53 28.09
C ALA D 475 30.04 2.29 27.62
N GLY D 476 31.12 2.23 28.38
CA GLY D 476 32.35 2.94 28.04
C GLY D 476 33.40 2.03 27.45
N SER D 477 34.61 2.60 27.32
CA SER D 477 35.73 1.84 26.77
C SER D 477 36.30 0.88 27.82
N THR D 478 36.30 1.28 29.08
CA THR D 478 36.91 0.48 30.13
C THR D 478 36.13 -0.82 30.33
N PRO D 479 36.80 -1.97 30.37
CA PRO D 479 36.09 -3.22 30.68
C PRO D 479 35.49 -3.19 32.08
N CYS D 480 34.38 -3.90 32.24
CA CYS D 480 33.64 -3.84 33.50
C CYS D 480 34.14 -4.86 34.52
N ASN D 481 34.42 -6.10 34.08
CA ASN D 481 34.89 -7.16 34.96
C ASN D 481 33.90 -7.44 36.10
N GLY D 482 32.60 -7.26 35.83
CA GLY D 482 31.58 -7.65 36.78
C GLY D 482 31.28 -6.67 37.89
N VAL D 483 31.85 -5.46 37.83
CA VAL D 483 31.58 -4.45 38.86
C VAL D 483 30.67 -3.38 38.28
N GLU D 484 30.13 -2.56 39.17
CA GLU D 484 29.27 -1.45 38.78
C GLU D 484 30.00 -0.14 39.04
N GLY D 485 30.13 0.69 38.01
CA GLY D 485 30.90 1.91 38.11
C GLY D 485 30.36 3.06 37.30
N PHE D 486 31.26 3.90 36.77
CA PHE D 486 30.84 5.08 36.03
C PHE D 486 30.11 4.71 34.75
N ASN D 487 30.72 3.85 33.93
CA ASN D 487 30.12 3.42 32.67
C ASN D 487 29.68 1.97 32.71
N CYS D 488 29.78 1.33 33.87
CA CYS D 488 29.30 -0.04 34.07
C CYS D 488 27.96 0.03 34.80
N TYR D 489 26.91 -0.46 34.14
CA TYR D 489 25.56 -0.32 34.65
C TYR D 489 24.87 -1.68 34.71
N PHE D 490 23.97 -1.83 35.67
CA PHE D 490 23.11 -3.00 35.69
C PHE D 490 22.13 -2.92 34.52
N PRO D 491 22.06 -3.95 33.67
CA PRO D 491 21.22 -3.84 32.47
C PRO D 491 19.75 -3.61 32.76
N LEU D 492 19.24 -4.16 33.85
CA LEU D 492 17.80 -4.08 34.11
C LEU D 492 17.46 -2.80 34.88
N GLN D 493 16.18 -2.44 34.81
CA GLN D 493 15.67 -1.23 35.42
C GLN D 493 14.21 -1.45 35.82
N SER D 494 13.85 -0.97 37.01
CA SER D 494 12.50 -1.15 37.51
C SER D 494 11.54 -0.16 36.86
N TYR D 495 10.34 -0.66 36.52
CA TYR D 495 9.29 0.22 36.03
C TYR D 495 8.83 1.21 37.08
N GLY D 496 8.72 0.78 38.33
CA GLY D 496 8.27 1.66 39.38
C GLY D 496 6.81 2.06 39.24
N PHE D 497 5.91 1.09 39.39
CA PHE D 497 4.49 1.30 39.16
C PHE D 497 3.83 1.80 40.43
N GLN D 498 3.09 2.90 40.28
CA GLN D 498 2.42 3.53 41.41
C GLN D 498 1.02 3.78 40.92
N PRO D 499 0.03 3.75 41.81
CA PRO D 499 -1.36 3.89 41.36
C PRO D 499 -1.66 5.22 40.70
N THR D 500 -1.13 6.30 41.24
CA THR D 500 -1.36 7.62 40.67
C THR D 500 -0.40 7.95 39.55
N ASN D 501 -0.56 7.31 38.40
CA ASN D 501 0.33 7.54 37.28
C ASN D 501 -0.53 7.81 36.07
N GLY D 502 0.03 8.49 35.08
CA GLY D 502 -0.73 8.80 33.88
C GLY D 502 -1.07 7.50 33.23
N VAL D 503 -2.22 7.41 32.59
CA VAL D 503 -2.60 6.21 31.89
C VAL D 503 -1.41 5.74 31.07
N GLY D 504 -0.61 6.68 30.58
CA GLY D 504 0.56 6.34 29.81
C GLY D 504 1.56 5.50 30.59
N TYR D 505 1.78 5.82 31.85
CA TYR D 505 2.78 5.13 32.65
C TYR D 505 2.17 4.12 33.56
N GLN D 506 0.99 3.64 33.20
CA GLN D 506 0.34 2.63 34.00
C GLN D 506 0.63 1.21 33.46
N PRO D 507 0.65 0.18 34.34
CA PRO D 507 1.00 -1.15 33.81
C PRO D 507 -0.08 -1.70 32.90
N TYR D 508 0.35 -2.50 31.92
CA TYR D 508 -0.55 -3.17 30.99
C TYR D 508 -0.07 -4.61 30.85
N ARG D 509 -1.00 -5.55 30.98
CA ARG D 509 -0.68 -6.95 30.75
C ARG D 509 -0.89 -7.28 29.27
N VAL D 510 0.10 -7.93 28.67
CA VAL D 510 0.11 -8.21 27.24
C VAL D 510 0.28 -9.71 27.04
N VAL D 511 -0.57 -10.27 26.18
CA VAL D 511 -0.48 -11.66 25.75
C VAL D 511 -0.40 -11.66 24.22
N VAL D 512 0.59 -12.37 23.69
CA VAL D 512 0.84 -12.44 22.26
C VAL D 512 0.66 -13.89 21.82
N LEU D 513 -0.26 -14.10 20.90
CA LEU D 513 -0.51 -15.42 20.34
C LEU D 513 0.17 -15.54 18.99
N SER D 514 0.99 -16.57 18.82
CA SER D 514 1.78 -16.77 17.61
C SER D 514 1.28 -18.04 16.92
N PHE D 515 0.35 -17.87 15.98
CA PHE D 515 -0.17 -19.00 15.23
C PHE D 515 0.81 -19.43 14.15
N GLU D 516 0.74 -20.71 13.79
CA GLU D 516 1.49 -21.25 12.66
C GLU D 516 0.49 -21.88 11.71
N LEU D 517 0.26 -21.24 10.56
CA LEU D 517 -0.78 -21.65 9.62
C LEU D 517 -0.14 -22.27 8.40
N LEU D 518 -0.47 -23.53 8.13
CA LEU D 518 0.14 -24.28 7.04
C LEU D 518 -0.77 -25.44 6.68
N HIS D 519 -0.56 -25.98 5.48
CA HIS D 519 -1.30 -27.16 5.05
C HIS D 519 -0.90 -28.42 5.82
N ALA D 520 0.17 -28.36 6.61
CA ALA D 520 0.59 -29.50 7.40
C ALA D 520 -0.47 -29.85 8.44
N PRO D 521 -0.52 -31.10 8.90
CA PRO D 521 -1.54 -31.49 9.88
C PRO D 521 -1.55 -30.58 11.11
N ALA D 522 -2.67 -29.92 11.33
CA ALA D 522 -2.81 -28.93 12.40
C ALA D 522 -3.30 -29.62 13.67
N THR D 523 -2.55 -29.48 14.76
CA THR D 523 -2.95 -30.08 16.02
C THR D 523 -4.05 -29.29 16.69
N VAL D 524 -4.01 -27.96 16.57
CA VAL D 524 -4.95 -27.07 17.24
C VAL D 524 -6.02 -26.65 16.25
N CYS D 525 -7.28 -26.78 16.65
CA CYS D 525 -8.42 -26.48 15.78
C CYS D 525 -9.58 -25.97 16.61
N GLY D 526 -10.49 -25.27 15.95
CA GLY D 526 -11.76 -24.91 16.55
C GLY D 526 -12.67 -26.12 16.63
N PRO D 527 -13.70 -26.07 17.48
CA PRO D 527 -14.59 -27.22 17.64
C PRO D 527 -15.26 -27.62 16.33
N LYS D 528 -16.04 -26.71 15.76
CA LYS D 528 -16.58 -26.80 14.41
C LYS D 528 -17.56 -27.94 14.20
N LYS D 529 -17.75 -28.81 15.21
CA LYS D 529 -18.73 -29.88 15.16
C LYS D 529 -18.61 -30.71 13.88
N SER D 530 -17.52 -31.46 13.75
CA SER D 530 -17.30 -32.29 12.57
C SER D 530 -18.51 -33.19 12.29
N THR D 531 -18.73 -33.45 11.00
CA THR D 531 -19.90 -34.19 10.52
C THR D 531 -19.46 -35.45 9.80
N ASN D 532 -20.44 -36.17 9.26
CA ASN D 532 -20.18 -37.40 8.55
C ASN D 532 -19.63 -37.11 7.15
N LEU D 533 -19.11 -38.15 6.51
CA LEU D 533 -18.45 -38.03 5.21
C LEU D 533 -19.17 -38.90 4.19
N VAL D 534 -19.33 -38.38 2.98
CA VAL D 534 -19.90 -39.13 1.86
C VAL D 534 -18.82 -39.26 0.79
N LYS D 535 -18.89 -40.35 0.02
CA LYS D 535 -17.77 -40.70 -0.84
C LYS D 535 -17.91 -40.18 -2.27
N ASN D 536 -18.94 -40.61 -2.99
CA ASN D 536 -19.03 -40.36 -4.43
C ASN D 536 -19.96 -39.19 -4.73
N LYS D 537 -19.65 -38.04 -4.14
CA LYS D 537 -20.39 -36.81 -4.40
C LYS D 537 -19.42 -35.64 -4.33
N CYS D 538 -19.57 -34.68 -5.24
CA CYS D 538 -18.79 -33.45 -5.16
C CYS D 538 -19.21 -32.70 -3.90
N VAL D 539 -18.28 -32.55 -2.96
CA VAL D 539 -18.54 -31.94 -1.67
C VAL D 539 -17.49 -30.88 -1.40
N ASN D 540 -17.83 -29.95 -0.51
CA ASN D 540 -16.87 -29.03 0.07
C ASN D 540 -16.32 -29.65 1.35
N PHE D 541 -15.13 -30.22 1.26
CA PHE D 541 -14.54 -30.95 2.37
C PHE D 541 -13.56 -30.08 3.14
N ASN D 542 -13.63 -30.19 4.48
CA ASN D 542 -12.73 -29.52 5.42
C ASN D 542 -12.06 -30.60 6.27
N PHE D 543 -10.92 -31.09 5.79
CA PHE D 543 -10.17 -32.15 6.48
C PHE D 543 -9.08 -31.53 7.33
N ASN D 544 -9.39 -31.26 8.59
CA ASN D 544 -8.40 -30.82 9.58
C ASN D 544 -7.61 -29.62 9.08
N GLY D 545 -8.31 -28.67 8.46
CA GLY D 545 -7.67 -27.52 7.86
C GLY D 545 -7.56 -27.57 6.35
N LEU D 546 -7.38 -28.76 5.78
CA LEU D 546 -7.44 -28.89 4.34
C LEU D 546 -8.87 -28.66 3.86
N THR D 547 -8.99 -27.84 2.81
CA THR D 547 -10.31 -27.46 2.33
C THR D 547 -10.34 -27.50 0.82
N GLY D 548 -11.41 -28.07 0.24
CA GLY D 548 -11.48 -28.15 -1.20
C GLY D 548 -12.85 -28.60 -1.65
N THR D 549 -13.01 -28.70 -2.96
CA THR D 549 -14.27 -29.08 -3.58
C THR D 549 -14.01 -30.26 -4.51
N GLY D 550 -14.56 -31.42 -4.17
CA GLY D 550 -14.38 -32.59 -5.01
C GLY D 550 -15.04 -33.82 -4.43
N VAL D 551 -14.90 -34.92 -5.16
CA VAL D 551 -15.42 -36.22 -4.72
C VAL D 551 -14.34 -36.96 -3.97
N LEU D 552 -14.74 -37.67 -2.92
CA LEU D 552 -13.81 -38.39 -2.04
C LEU D 552 -13.97 -39.89 -2.29
N THR D 553 -13.23 -40.38 -3.28
CA THR D 553 -13.27 -41.80 -3.58
C THR D 553 -12.40 -42.57 -2.60
N GLU D 554 -12.73 -43.84 -2.41
CA GLU D 554 -11.84 -44.70 -1.64
C GLU D 554 -10.55 -44.95 -2.42
N SER D 555 -9.43 -44.89 -1.73
CA SER D 555 -8.12 -44.84 -2.36
C SER D 555 -7.28 -46.05 -1.99
N ASN D 556 -6.45 -46.49 -2.94
CA ASN D 556 -5.49 -47.56 -2.74
C ASN D 556 -4.10 -47.06 -2.36
N LYS D 557 -3.94 -45.75 -2.15
CA LYS D 557 -2.65 -45.21 -1.78
C LYS D 557 -2.18 -45.82 -0.46
N LYS D 558 -0.93 -46.25 -0.42
CA LYS D 558 -0.35 -46.84 0.79
C LYS D 558 0.33 -45.74 1.58
N PHE D 559 -0.38 -45.18 2.54
CA PHE D 559 0.13 -44.10 3.39
C PHE D 559 0.91 -44.70 4.55
N LEU D 560 2.15 -44.26 4.71
CA LEU D 560 2.89 -44.61 5.90
C LEU D 560 2.25 -43.92 7.11
N PRO D 561 2.33 -44.51 8.31
CA PRO D 561 1.58 -43.99 9.46
C PRO D 561 1.74 -42.50 9.71
N PHE D 562 2.96 -41.97 9.54
CA PHE D 562 3.18 -40.56 9.80
C PHE D 562 2.57 -39.68 8.71
N GLN D 563 2.37 -40.23 7.51
CA GLN D 563 1.84 -39.44 6.40
C GLN D 563 0.37 -39.12 6.63
N GLN D 564 -0.03 -37.89 6.32
CA GLN D 564 -1.39 -37.42 6.54
C GLN D 564 -2.13 -37.05 5.28
N PHE D 565 -1.44 -36.62 4.23
CA PHE D 565 -2.08 -36.29 2.97
C PHE D 565 -1.06 -36.45 1.86
N GLY D 566 -1.54 -36.53 0.63
CA GLY D 566 -0.68 -36.77 -0.52
C GLY D 566 -0.79 -35.67 -1.54
N ARG D 567 0.36 -35.33 -2.13
CA ARG D 567 0.43 -34.35 -3.21
C ARG D 567 1.05 -35.03 -4.43
N ASP D 568 0.40 -34.90 -5.58
CA ASP D 568 0.87 -35.52 -6.81
C ASP D 568 1.86 -34.58 -7.50
N ILE D 569 2.19 -34.85 -8.76
CA ILE D 569 3.05 -33.95 -9.53
C ILE D 569 2.35 -32.61 -9.67
N ALA D 570 3.14 -31.54 -9.76
CA ALA D 570 2.71 -30.14 -9.73
C ALA D 570 2.13 -29.76 -8.38
N ASP D 571 2.28 -30.63 -7.37
CA ASP D 571 1.91 -30.33 -5.98
C ASP D 571 0.44 -29.94 -5.86
N THR D 572 -0.43 -30.87 -6.22
CA THR D 572 -1.86 -30.74 -6.01
C THR D 572 -2.31 -31.81 -5.02
N THR D 573 -3.01 -31.39 -3.97
CA THR D 573 -3.47 -32.35 -2.96
C THR D 573 -4.45 -33.34 -3.58
N ASP D 574 -4.06 -34.61 -3.61
CA ASP D 574 -4.87 -35.64 -4.25
C ASP D 574 -5.30 -36.74 -3.31
N ALA D 575 -4.79 -36.79 -2.07
CA ALA D 575 -5.21 -37.81 -1.12
C ALA D 575 -5.14 -37.23 0.27
N VAL D 576 -5.92 -37.83 1.18
CA VAL D 576 -5.98 -37.37 2.56
C VAL D 576 -6.52 -38.46 3.47
N ARG D 577 -6.08 -38.50 4.71
CA ARG D 577 -6.63 -39.40 5.71
C ARG D 577 -7.45 -38.59 6.71
N ASP D 578 -8.67 -39.07 6.99
CA ASP D 578 -9.52 -38.36 7.93
C ASP D 578 -9.08 -38.65 9.37
N PRO D 579 -9.04 -37.64 10.23
CA PRO D 579 -8.53 -37.85 11.59
C PRO D 579 -9.30 -38.88 12.40
N GLN D 580 -10.62 -38.94 12.23
CA GLN D 580 -11.43 -39.80 13.10
C GLN D 580 -11.34 -41.26 12.69
N THR D 581 -11.26 -41.54 11.39
CA THR D 581 -11.26 -42.91 10.90
C THR D 581 -9.87 -43.39 10.47
N LEU D 582 -9.03 -42.49 9.98
CA LEU D 582 -7.68 -42.83 9.49
C LEU D 582 -7.75 -43.76 8.28
N GLU D 583 -8.52 -43.35 7.27
CA GLU D 583 -8.58 -44.06 6.00
C GLU D 583 -8.18 -43.10 4.89
N ILE D 584 -7.53 -43.63 3.86
CA ILE D 584 -6.97 -42.84 2.77
C ILE D 584 -8.05 -42.66 1.72
N LEU D 585 -8.36 -41.40 1.40
CA LEU D 585 -9.36 -41.04 0.41
C LEU D 585 -8.71 -40.22 -0.69
N ASP D 586 -9.02 -40.56 -1.93
CA ASP D 586 -8.60 -39.77 -3.07
C ASP D 586 -9.57 -38.62 -3.30
N ILE D 587 -9.01 -37.44 -3.56
CA ILE D 587 -9.77 -36.23 -3.84
C ILE D 587 -9.71 -36.00 -5.35
N THR D 588 -10.86 -36.11 -6.00
CA THR D 588 -10.93 -35.87 -7.44
C THR D 588 -11.85 -34.70 -7.71
N PRO D 589 -11.39 -33.67 -8.41
CA PRO D 589 -12.26 -32.52 -8.68
C PRO D 589 -13.49 -32.93 -9.46
N CYS D 590 -14.65 -32.49 -9.00
CA CYS D 590 -15.87 -32.83 -9.72
C CYS D 590 -15.87 -32.14 -11.09
N SER D 591 -16.43 -32.85 -12.07
CA SER D 591 -16.13 -32.58 -13.47
C SER D 591 -16.52 -31.16 -13.89
N PHE D 592 -15.71 -30.58 -14.77
CA PHE D 592 -15.94 -29.25 -15.31
C PHE D 592 -15.62 -29.27 -16.80
N GLY D 593 -16.20 -28.32 -17.52
CA GLY D 593 -15.85 -28.22 -18.93
C GLY D 593 -16.60 -27.17 -19.72
N GLY D 594 -16.01 -26.72 -20.82
CA GLY D 594 -16.68 -25.73 -21.65
C GLY D 594 -17.94 -26.29 -22.28
N VAL D 595 -18.88 -25.37 -22.56
CA VAL D 595 -20.15 -25.71 -23.18
C VAL D 595 -20.22 -25.00 -24.53
N SER D 596 -20.48 -25.77 -25.58
CA SER D 596 -20.53 -25.24 -26.93
C SER D 596 -21.92 -25.44 -27.51
N VAL D 597 -22.28 -24.61 -28.47
CA VAL D 597 -23.58 -24.69 -29.13
C VAL D 597 -23.37 -24.93 -30.62
N ILE D 598 -23.98 -25.98 -31.13
CA ILE D 598 -24.02 -26.28 -32.55
C ILE D 598 -25.23 -25.58 -33.14
N THR D 599 -24.98 -24.60 -34.02
CA THR D 599 -26.05 -23.86 -34.66
C THR D 599 -25.93 -23.98 -36.18
N PRO D 600 -27.03 -24.22 -36.88
CA PRO D 600 -27.00 -24.12 -38.34
C PRO D 600 -27.00 -22.67 -38.79
N GLY D 601 -27.45 -21.78 -37.92
CA GLY D 601 -27.50 -20.36 -38.20
C GLY D 601 -28.95 -19.90 -38.27
N THR D 602 -29.16 -18.61 -38.04
CA THR D 602 -30.49 -18.03 -38.22
C THR D 602 -30.94 -18.15 -39.67
N ASN D 603 -29.99 -18.19 -40.59
CA ASN D 603 -30.25 -18.62 -41.96
C ASN D 603 -31.12 -19.87 -42.02
N THR D 604 -30.84 -20.86 -41.17
CA THR D 604 -31.54 -22.13 -41.19
C THR D 604 -31.92 -22.53 -39.76
N SER D 605 -33.13 -22.14 -39.35
CA SER D 605 -33.75 -22.57 -38.10
C SER D 605 -33.05 -22.04 -36.87
N ASN D 606 -33.82 -21.84 -35.79
CA ASN D 606 -33.28 -21.45 -34.49
C ASN D 606 -32.91 -22.66 -33.64
N GLN D 607 -33.04 -23.87 -34.18
CA GLN D 607 -32.72 -25.07 -33.42
C GLN D 607 -31.23 -25.15 -33.15
N VAL D 608 -30.87 -25.65 -31.98
CA VAL D 608 -29.49 -25.66 -31.53
C VAL D 608 -29.22 -26.99 -30.81
N ALA D 609 -27.98 -27.45 -30.92
CA ALA D 609 -27.50 -28.59 -30.14
C ALA D 609 -26.48 -28.11 -29.13
N VAL D 610 -26.30 -28.86 -28.06
CA VAL D 610 -25.41 -28.48 -26.97
C VAL D 610 -24.36 -29.56 -26.76
N LEU D 611 -23.11 -29.15 -26.63
CA LEU D 611 -22.00 -30.05 -26.37
C LEU D 611 -21.37 -29.68 -25.03
N TYR D 612 -21.29 -30.65 -24.13
CA TYR D 612 -20.65 -30.48 -22.84
C TYR D 612 -19.28 -31.16 -22.90
N GLN D 613 -18.23 -30.37 -23.04
CA GLN D 613 -16.90 -30.91 -23.31
C GLN D 613 -16.35 -31.63 -22.08
N ASP D 614 -15.84 -32.85 -22.30
CA ASP D 614 -15.22 -33.66 -21.27
C ASP D 614 -16.16 -33.92 -20.10
N VAL D 615 -17.45 -34.06 -20.38
CA VAL D 615 -18.46 -34.28 -19.35
C VAL D 615 -19.21 -35.56 -19.68
N ASN D 616 -19.29 -36.47 -18.71
CA ASN D 616 -20.00 -37.72 -18.89
C ASN D 616 -21.50 -37.46 -18.88
N CYS D 617 -22.22 -38.15 -19.77
CA CYS D 617 -23.61 -37.80 -20.02
C CYS D 617 -24.55 -38.10 -18.87
N THR D 618 -24.12 -38.90 -17.88
CA THR D 618 -24.99 -39.20 -16.75
C THR D 618 -25.33 -37.93 -15.98
N GLU D 619 -24.34 -37.08 -15.74
CA GLU D 619 -24.58 -35.79 -15.12
C GLU D 619 -25.02 -34.79 -16.18
N VAL D 620 -25.91 -33.88 -15.80
CA VAL D 620 -26.46 -32.90 -16.74
C VAL D 620 -25.35 -32.01 -17.30
N ASN D 641 -32.75 -35.85 -26.91
CA ASN D 641 -31.84 -36.97 -27.11
C ASN D 641 -30.42 -36.64 -26.64
N VAL D 642 -29.76 -37.63 -26.04
CA VAL D 642 -28.44 -37.46 -25.46
C VAL D 642 -27.49 -38.48 -26.08
N PHE D 643 -26.33 -38.02 -26.54
CA PHE D 643 -25.34 -38.85 -27.20
C PHE D 643 -23.97 -38.55 -26.63
N GLN D 644 -23.23 -39.60 -26.26
CA GLN D 644 -21.90 -39.45 -25.68
C GLN D 644 -20.84 -39.57 -26.76
N THR D 645 -19.95 -38.60 -26.82
CA THR D 645 -18.82 -38.59 -27.74
C THR D 645 -17.51 -38.54 -26.95
N ARG D 646 -16.40 -38.68 -27.68
CA ARG D 646 -15.09 -38.49 -27.07
C ARG D 646 -14.87 -37.01 -26.72
N ALA D 647 -15.46 -36.11 -27.50
CA ALA D 647 -15.38 -34.69 -27.18
C ALA D 647 -16.18 -34.36 -25.93
N GLY D 648 -17.32 -35.03 -25.74
CA GLY D 648 -18.13 -34.80 -24.55
C GLY D 648 -19.57 -35.18 -24.83
N CYS D 649 -20.45 -34.75 -23.93
CA CYS D 649 -21.87 -35.05 -24.03
C CYS D 649 -22.51 -34.12 -25.04
N LEU D 650 -23.21 -34.69 -26.02
CA LEU D 650 -23.87 -33.93 -27.07
C LEU D 650 -25.38 -34.10 -26.92
N ILE D 651 -26.08 -33.01 -26.66
CA ILE D 651 -27.52 -33.01 -26.44
C ILE D 651 -28.17 -32.18 -27.53
N GLY D 652 -29.25 -32.70 -28.10
CA GLY D 652 -29.96 -32.02 -29.17
C GLY D 652 -29.63 -32.48 -30.57
N ALA D 653 -28.65 -33.37 -30.73
CA ALA D 653 -28.30 -33.93 -32.02
C ALA D 653 -28.41 -35.44 -31.95
N GLU D 654 -29.07 -36.02 -32.96
CA GLU D 654 -29.29 -37.46 -33.01
C GLU D 654 -28.19 -38.13 -33.81
N HIS D 655 -27.70 -39.27 -33.31
CA HIS D 655 -26.65 -40.00 -33.99
C HIS D 655 -27.23 -40.80 -35.15
N VAL D 656 -26.53 -40.79 -36.28
CA VAL D 656 -26.93 -41.53 -37.47
C VAL D 656 -25.75 -42.38 -37.93
N ASN D 657 -26.04 -43.58 -38.42
CA ASN D 657 -24.97 -44.45 -38.90
C ASN D 657 -24.29 -43.87 -40.14
N ASN D 658 -25.06 -43.20 -41.00
CA ASN D 658 -24.53 -42.73 -42.27
C ASN D 658 -23.39 -41.74 -42.07
N SER D 659 -22.39 -41.82 -42.94
CA SER D 659 -21.24 -40.93 -42.90
C SER D 659 -21.37 -39.88 -44.00
N TYR D 660 -21.17 -38.62 -43.63
CA TYR D 660 -21.25 -37.50 -44.55
C TYR D 660 -19.97 -36.70 -44.47
N GLU D 661 -19.80 -35.77 -45.41
CA GLU D 661 -18.70 -34.82 -45.30
C GLU D 661 -18.93 -33.91 -44.10
N CYS D 662 -17.83 -33.57 -43.42
CA CYS D 662 -17.93 -32.77 -42.21
C CYS D 662 -18.51 -31.40 -42.51
N ASP D 663 -19.46 -30.97 -41.68
CA ASP D 663 -20.06 -29.65 -41.78
C ASP D 663 -19.71 -28.78 -40.59
N ILE D 664 -19.99 -29.25 -39.37
CA ILE D 664 -19.65 -28.55 -38.15
C ILE D 664 -18.82 -29.47 -37.29
N PRO D 665 -17.54 -29.18 -37.05
CA PRO D 665 -16.66 -30.16 -36.39
C PRO D 665 -16.89 -30.27 -34.89
N ILE D 666 -17.53 -31.34 -34.45
CA ILE D 666 -17.65 -31.61 -33.02
C ILE D 666 -16.31 -32.02 -32.43
N GLY D 667 -15.59 -32.90 -33.12
CA GLY D 667 -14.30 -33.36 -32.65
C GLY D 667 -14.19 -34.86 -32.57
N ALA D 668 -12.96 -35.37 -32.64
CA ALA D 668 -12.68 -36.80 -32.57
C ALA D 668 -13.42 -37.58 -33.66
N GLY D 669 -13.47 -37.01 -34.87
CA GLY D 669 -14.06 -37.67 -36.00
C GLY D 669 -15.56 -37.54 -36.13
N ILE D 670 -16.21 -36.80 -35.23
CA ILE D 670 -17.65 -36.63 -35.23
C ILE D 670 -17.95 -35.19 -35.62
N CYS D 671 -18.92 -35.01 -36.53
CA CYS D 671 -19.33 -33.69 -36.97
C CYS D 671 -20.84 -33.56 -36.81
N ALA D 672 -21.36 -32.38 -37.12
CA ALA D 672 -22.77 -32.09 -36.99
C ALA D 672 -23.27 -31.39 -38.24
N SER D 673 -24.53 -31.65 -38.58
CA SER D 673 -25.15 -31.01 -39.73
C SER D 673 -26.65 -30.89 -39.50
N TYR D 674 -27.27 -29.97 -40.22
CA TYR D 674 -28.72 -29.76 -40.18
C TYR D 674 -29.34 -30.35 -41.43
N GLN D 675 -30.03 -31.46 -41.29
CA GLN D 675 -30.67 -32.12 -42.43
C GLN D 675 -32.08 -32.56 -42.07
N GLN D 690 -34.38 -30.61 -41.13
CA GLN D 690 -35.44 -30.66 -40.13
C GLN D 690 -34.87 -30.78 -38.72
N SER D 691 -33.79 -31.55 -38.57
CA SER D 691 -33.16 -31.78 -37.27
C SER D 691 -31.65 -31.67 -37.42
N ILE D 692 -30.96 -31.67 -36.29
CA ILE D 692 -29.50 -31.65 -36.23
C ILE D 692 -29.02 -33.07 -35.98
N ILE D 693 -28.12 -33.54 -36.82
CA ILE D 693 -27.64 -34.92 -36.77
C ILE D 693 -26.17 -34.94 -36.44
N ALA D 694 -25.76 -35.97 -35.71
CA ALA D 694 -24.35 -36.22 -35.39
C ALA D 694 -23.92 -37.49 -36.11
N TYR D 695 -22.75 -37.46 -36.72
CA TYR D 695 -22.28 -38.58 -37.51
C TYR D 695 -20.75 -38.61 -37.50
N THR D 696 -20.21 -39.78 -37.82
CA THR D 696 -18.78 -39.89 -38.08
C THR D 696 -18.50 -39.38 -39.48
N MET D 697 -17.61 -38.40 -39.58
CA MET D 697 -17.37 -37.73 -40.85
C MET D 697 -16.80 -38.70 -41.88
N SER D 698 -17.15 -38.48 -43.14
CA SER D 698 -16.71 -39.32 -44.24
C SER D 698 -15.50 -38.68 -44.90
N LEU D 699 -14.39 -39.42 -44.93
CA LEU D 699 -13.18 -38.89 -45.54
C LEU D 699 -13.33 -38.78 -47.06
N GLY D 700 -14.10 -39.67 -47.65
CA GLY D 700 -14.32 -39.63 -49.08
C GLY D 700 -14.91 -40.93 -49.58
N ALA D 701 -15.25 -40.91 -50.86
CA ALA D 701 -15.79 -42.10 -51.50
C ALA D 701 -14.67 -43.10 -51.79
N GLU D 702 -14.90 -44.35 -51.40
CA GLU D 702 -13.90 -45.38 -51.65
C GLU D 702 -13.82 -45.66 -53.14
N ASN D 703 -12.61 -45.62 -53.68
CA ASN D 703 -12.39 -45.80 -55.12
C ASN D 703 -11.19 -46.72 -55.30
N SER D 704 -11.46 -47.98 -55.62
CA SER D 704 -10.39 -48.95 -55.90
C SER D 704 -9.96 -48.78 -57.35
N VAL D 705 -8.72 -48.32 -57.54
CA VAL D 705 -8.19 -48.18 -58.89
C VAL D 705 -8.02 -49.57 -59.51
N ALA D 706 -8.48 -49.70 -60.76
CA ALA D 706 -8.42 -50.98 -61.47
C ALA D 706 -6.98 -51.21 -61.94
N TYR D 707 -6.10 -51.40 -60.98
CA TYR D 707 -4.69 -51.60 -61.27
C TYR D 707 -4.44 -53.00 -61.81
N SER D 708 -3.51 -53.10 -62.75
CA SER D 708 -3.06 -54.37 -63.29
C SER D 708 -1.65 -54.19 -63.82
N ASN D 709 -0.97 -55.31 -64.05
CA ASN D 709 0.42 -55.23 -64.52
C ASN D 709 0.53 -54.96 -66.01
N ASN D 710 -0.58 -54.91 -66.74
CA ASN D 710 -0.56 -54.57 -68.16
C ASN D 710 -1.72 -53.65 -68.53
N SER D 711 -2.16 -52.81 -67.61
CA SER D 711 -3.30 -51.92 -67.83
C SER D 711 -2.89 -50.47 -67.61
N ILE D 712 -3.22 -49.60 -68.57
CA ILE D 712 -2.96 -48.18 -68.42
C ILE D 712 -4.24 -47.44 -68.74
N ALA D 713 -4.36 -46.20 -68.30
CA ALA D 713 -5.50 -45.39 -68.64
C ALA D 713 -5.02 -44.08 -69.19
N ILE D 714 -5.28 -43.82 -70.46
CA ILE D 714 -4.80 -42.62 -71.13
C ILE D 714 -5.99 -41.69 -71.36
N PRO D 715 -5.93 -40.43 -70.93
CA PRO D 715 -7.04 -39.52 -71.18
C PRO D 715 -7.26 -39.28 -72.66
N THR D 716 -8.53 -39.23 -73.05
CA THR D 716 -8.91 -38.93 -74.43
C THR D 716 -9.46 -37.53 -74.57
N ASN D 717 -9.36 -36.71 -73.53
CA ASN D 717 -9.90 -35.35 -73.55
C ASN D 717 -9.22 -34.59 -72.42
N PHE D 718 -9.71 -33.38 -72.15
CA PHE D 718 -9.14 -32.55 -71.09
C PHE D 718 -10.16 -31.52 -70.67
N THR D 719 -9.90 -30.91 -69.52
CA THR D 719 -10.72 -29.81 -69.01
C THR D 719 -9.82 -28.66 -68.62
N ILE D 720 -10.07 -27.49 -69.18
CA ILE D 720 -9.36 -26.27 -68.80
C ILE D 720 -10.09 -25.65 -67.62
N SER D 721 -9.49 -25.72 -66.45
CA SER D 721 -10.10 -25.24 -65.22
C SER D 721 -9.34 -24.03 -64.70
N VAL D 722 -10.08 -23.01 -64.29
CA VAL D 722 -9.50 -21.82 -63.66
C VAL D 722 -9.97 -21.80 -62.21
N THR D 723 -9.01 -21.78 -61.28
CA THR D 723 -9.29 -21.82 -59.86
C THR D 723 -8.65 -20.62 -59.18
N THR D 724 -9.36 -20.02 -58.25
CA THR D 724 -8.90 -18.84 -57.54
C THR D 724 -8.17 -19.24 -56.25
N GLU D 725 -7.08 -18.53 -55.97
CA GLU D 725 -6.39 -18.64 -54.69
C GLU D 725 -6.25 -17.25 -54.09
N ILE D 726 -6.71 -17.09 -52.86
CA ILE D 726 -6.73 -15.80 -52.19
C ILE D 726 -5.70 -15.82 -51.07
N LEU D 727 -4.79 -14.85 -51.09
CA LEU D 727 -3.71 -14.78 -50.11
C LEU D 727 -3.66 -13.38 -49.52
N PRO D 728 -3.74 -13.24 -48.20
CA PRO D 728 -3.50 -11.93 -47.58
C PRO D 728 -2.06 -11.49 -47.80
N VAL D 729 -1.89 -10.19 -48.06
CA VAL D 729 -0.56 -9.62 -48.23
C VAL D 729 -0.25 -8.49 -47.27
N SER D 730 -1.24 -7.81 -46.70
CA SER D 730 -0.95 -6.71 -45.79
C SER D 730 -2.11 -6.53 -44.83
N MET D 731 -1.82 -5.92 -43.70
CA MET D 731 -2.83 -5.47 -42.76
C MET D 731 -2.86 -3.95 -42.72
N THR D 732 -3.81 -3.40 -41.97
CA THR D 732 -3.88 -1.96 -41.81
C THR D 732 -2.69 -1.46 -41.01
N LYS D 733 -2.12 -0.34 -41.46
CA LYS D 733 -0.98 0.26 -40.79
C LYS D 733 -1.49 1.16 -39.67
N THR D 734 -1.58 0.60 -38.47
CA THR D 734 -2.10 1.31 -37.32
C THR D 734 -0.95 1.77 -36.43
N SER D 735 -1.13 2.93 -35.82
CA SER D 735 -0.17 3.48 -34.89
C SER D 735 -0.90 3.94 -33.63
N VAL D 736 -0.35 3.59 -32.48
CA VAL D 736 -0.92 3.95 -31.19
C VAL D 736 0.16 4.72 -30.42
N ASP D 737 -0.12 5.99 -30.15
CA ASP D 737 0.78 6.77 -29.30
C ASP D 737 0.69 6.25 -27.88
N CYS D 738 1.81 5.71 -27.38
CA CYS D 738 1.81 5.08 -26.07
C CYS D 738 1.48 6.08 -24.96
N THR D 739 2.05 7.29 -25.06
CA THR D 739 1.79 8.29 -24.04
C THR D 739 0.32 8.72 -24.02
N MET D 740 -0.27 8.92 -25.20
CA MET D 740 -1.65 9.41 -25.25
C MET D 740 -2.66 8.33 -24.90
N TYR D 741 -2.40 7.07 -25.27
CA TYR D 741 -3.32 6.00 -24.90
C TYR D 741 -3.39 5.83 -23.39
N ILE D 742 -2.23 5.88 -22.73
CA ILE D 742 -2.18 5.65 -21.29
C ILE D 742 -2.61 6.88 -20.52
N CYS D 743 -2.08 8.05 -20.90
CA CYS D 743 -2.23 9.25 -20.09
C CYS D 743 -3.15 10.30 -20.71
N GLY D 744 -3.45 10.20 -22.00
CA GLY D 744 -4.24 11.25 -22.64
C GLY D 744 -3.50 12.56 -22.60
N ASP D 745 -4.19 13.60 -22.13
CA ASP D 745 -3.62 14.93 -22.02
C ASP D 745 -3.23 15.27 -20.58
N SER D 746 -3.06 14.25 -19.75
CA SER D 746 -2.74 14.46 -18.34
C SER D 746 -1.23 14.55 -18.17
N THR D 747 -0.76 15.66 -17.62
CA THR D 747 0.67 15.83 -17.37
C THR D 747 1.11 15.04 -16.15
N GLU D 748 0.24 14.94 -15.13
CA GLU D 748 0.58 14.18 -13.93
C GLU D 748 0.81 12.72 -14.26
N CYS D 749 -0.01 12.14 -15.15
CA CYS D 749 0.20 10.76 -15.57
C CYS D 749 1.50 10.62 -16.33
N SER D 750 1.83 11.58 -17.20
CA SER D 750 3.04 11.48 -18.01
C SER D 750 4.28 11.48 -17.14
N ASN D 751 4.30 12.28 -16.07
CA ASN D 751 5.43 12.26 -15.15
C ASN D 751 5.59 10.91 -14.48
N LEU D 752 4.47 10.29 -14.09
CA LEU D 752 4.54 8.96 -13.50
C LEU D 752 4.93 7.90 -14.52
N LEU D 753 4.48 8.05 -15.76
CA LEU D 753 4.84 7.11 -16.81
C LEU D 753 6.32 7.17 -17.16
N LEU D 754 7.00 8.27 -16.84
CA LEU D 754 8.42 8.37 -17.11
C LEU D 754 9.24 7.45 -16.22
N GLN D 755 8.69 7.05 -15.07
CA GLN D 755 9.41 6.16 -14.18
C GLN D 755 9.62 4.78 -14.80
N TYR D 756 8.73 4.37 -15.71
CA TYR D 756 8.85 3.07 -16.35
C TYR D 756 9.91 3.04 -17.43
N GLY D 757 10.45 4.19 -17.81
CA GLY D 757 11.52 4.22 -18.79
C GLY D 757 11.06 4.16 -20.22
N SER D 758 11.58 3.21 -20.98
CA SER D 758 11.40 3.19 -22.42
C SER D 758 10.40 2.14 -22.90
N PHE D 759 9.41 1.79 -22.10
CA PHE D 759 8.35 0.91 -22.61
C PHE D 759 7.57 1.58 -23.74
N CYS D 760 7.24 2.87 -23.56
CA CYS D 760 6.46 3.57 -24.58
C CYS D 760 7.26 3.76 -25.86
N THR D 761 8.55 4.11 -25.73
CA THR D 761 9.39 4.25 -26.91
C THR D 761 9.54 2.91 -27.63
N GLN D 762 9.71 1.82 -26.87
CA GLN D 762 9.85 0.51 -27.48
C GLN D 762 8.55 0.05 -28.13
N LEU D 763 7.41 0.32 -27.48
CA LEU D 763 6.13 -0.08 -28.05
C LEU D 763 5.84 0.67 -29.35
N ASN D 764 6.13 1.98 -29.38
CA ASN D 764 5.94 2.74 -30.61
C ASN D 764 6.88 2.27 -31.70
N ARG D 765 8.12 1.93 -31.34
CA ARG D 765 9.07 1.44 -32.31
C ARG D 765 8.62 0.13 -32.92
N ALA D 766 8.07 -0.77 -32.11
CA ALA D 766 7.60 -2.06 -32.61
C ALA D 766 6.44 -1.89 -33.59
N LEU D 767 5.50 -1.00 -33.25
CA LEU D 767 4.35 -0.78 -34.13
C LEU D 767 4.78 -0.13 -35.44
N THR D 768 5.77 0.76 -35.38
CA THR D 768 6.27 1.39 -36.61
C THR D 768 6.90 0.35 -37.53
N GLY D 769 7.64 -0.60 -36.97
CA GLY D 769 8.23 -1.64 -37.80
C GLY D 769 7.19 -2.51 -38.48
N ILE D 770 6.07 -2.75 -37.80
CA ILE D 770 4.97 -3.49 -38.42
C ILE D 770 4.39 -2.69 -39.58
N ALA D 771 4.18 -1.39 -39.38
CA ALA D 771 3.55 -0.57 -40.40
C ALA D 771 4.42 -0.46 -41.64
N VAL D 772 5.72 -0.24 -41.46
CA VAL D 772 6.61 -0.13 -42.61
C VAL D 772 6.79 -1.47 -43.29
N GLU D 773 6.55 -2.57 -42.58
CA GLU D 773 6.64 -3.90 -43.18
C GLU D 773 5.46 -4.16 -44.11
N GLN D 774 4.30 -3.57 -43.81
CA GLN D 774 3.13 -3.76 -44.65
C GLN D 774 3.35 -3.17 -46.04
N ASP D 775 4.00 -2.00 -46.11
CA ASP D 775 4.33 -1.43 -47.41
C ASP D 775 5.36 -2.27 -48.14
N LYS D 776 6.32 -2.85 -47.41
CA LYS D 776 7.29 -3.75 -48.02
C LYS D 776 6.61 -5.01 -48.55
N ASN D 777 5.60 -5.51 -47.84
CA ASN D 777 4.90 -6.70 -48.28
C ASN D 777 4.21 -6.48 -49.63
N THR D 778 3.57 -5.33 -49.80
CA THR D 778 2.89 -5.04 -51.06
C THR D 778 3.90 -4.81 -52.18
N GLN D 779 5.03 -4.20 -51.87
CA GLN D 779 6.07 -3.97 -52.87
C GLN D 779 6.62 -5.29 -53.42
N GLU D 780 6.81 -6.28 -52.54
CA GLU D 780 7.39 -7.54 -52.98
C GLU D 780 6.40 -8.36 -53.80
N VAL D 781 5.11 -8.20 -53.56
CA VAL D 781 4.12 -9.00 -54.26
C VAL D 781 3.79 -8.38 -55.62
N PHE D 782 3.49 -7.09 -55.64
CA PHE D 782 2.95 -6.46 -56.84
C PHE D 782 4.01 -5.76 -57.69
N ALA D 783 5.01 -5.13 -57.07
CA ALA D 783 6.04 -4.45 -57.84
C ALA D 783 7.08 -5.43 -58.34
N GLN D 784 6.64 -6.49 -59.01
CA GLN D 784 7.52 -7.50 -59.59
C GLN D 784 7.77 -7.26 -61.08
N VAL D 785 7.33 -6.13 -61.60
CA VAL D 785 7.40 -5.83 -63.02
C VAL D 785 8.08 -4.48 -63.22
N LYS D 786 8.98 -4.43 -64.19
CA LYS D 786 9.60 -3.19 -64.62
C LYS D 786 8.95 -2.78 -65.93
N GLN D 787 8.47 -1.53 -65.99
CA GLN D 787 7.70 -0.96 -67.09
C GLN D 787 6.25 -1.41 -66.98
N ILE D 788 5.32 -0.47 -67.08
CA ILE D 788 3.90 -0.75 -66.95
C ILE D 788 3.43 -1.18 -68.34
N TYR D 789 3.43 -2.49 -68.58
CA TYR D 789 2.96 -3.01 -69.85
C TYR D 789 1.46 -2.78 -70.00
N LYS D 790 1.05 -2.42 -71.21
CA LYS D 790 -0.37 -2.27 -71.52
C LYS D 790 -0.72 -3.12 -72.73
N THR D 791 -1.98 -3.58 -72.75
CA THR D 791 -2.47 -4.47 -73.79
C THR D 791 -2.78 -3.67 -75.06
N PRO D 792 -2.66 -4.29 -76.24
CA PRO D 792 -2.93 -3.56 -77.47
C PRO D 792 -4.40 -3.23 -77.58
N PRO D 793 -4.74 -2.16 -78.32
CA PRO D 793 -6.16 -1.86 -78.54
C PRO D 793 -6.91 -2.96 -79.26
N ILE D 794 -6.25 -3.67 -80.18
CA ILE D 794 -6.86 -4.79 -80.90
C ILE D 794 -6.53 -6.05 -80.12
N LYS D 795 -7.55 -6.67 -79.54
CA LYS D 795 -7.37 -7.82 -78.66
C LYS D 795 -7.70 -9.09 -79.42
N ASP D 796 -6.72 -9.58 -80.17
CA ASP D 796 -6.84 -10.83 -80.92
C ASP D 796 -5.96 -11.87 -80.25
N PHE D 797 -6.53 -12.57 -79.27
CA PHE D 797 -5.79 -13.52 -78.44
C PHE D 797 -6.15 -14.96 -78.78
N GLY D 798 -6.46 -15.23 -80.05
CA GLY D 798 -6.79 -16.58 -80.47
C GLY D 798 -8.15 -17.06 -80.00
N GLY D 799 -9.05 -16.17 -79.64
CA GLY D 799 -10.34 -16.54 -79.11
C GLY D 799 -10.44 -16.48 -77.60
N PHE D 800 -9.31 -16.37 -76.90
CA PHE D 800 -9.32 -16.23 -75.46
C PHE D 800 -9.78 -14.82 -75.08
N ASN D 801 -10.67 -14.73 -74.10
CA ASN D 801 -11.34 -13.49 -73.73
C ASN D 801 -10.93 -13.11 -72.31
N PHE D 802 -10.26 -11.96 -72.18
CA PHE D 802 -9.82 -11.45 -70.88
C PHE D 802 -10.56 -10.17 -70.51
N SER D 803 -11.80 -10.01 -70.98
CA SER D 803 -12.55 -8.79 -70.72
C SER D 803 -12.78 -8.60 -69.23
N GLN D 804 -13.14 -9.68 -68.52
CA GLN D 804 -13.40 -9.58 -67.10
C GLN D 804 -12.12 -9.37 -66.30
N ILE D 805 -10.97 -9.76 -66.87
CA ILE D 805 -9.72 -9.68 -66.13
C ILE D 805 -8.96 -8.41 -66.47
N LEU D 806 -9.13 -7.90 -67.69
CA LEU D 806 -8.44 -6.68 -68.09
C LEU D 806 -9.13 -5.46 -67.51
N PRO D 807 -8.39 -4.37 -67.29
CA PRO D 807 -8.99 -3.18 -66.66
C PRO D 807 -10.07 -2.56 -67.52
N ASP D 808 -11.05 -1.96 -66.83
CA ASP D 808 -12.15 -1.24 -67.47
C ASP D 808 -12.03 0.23 -67.09
N PRO D 809 -11.86 1.13 -68.05
CA PRO D 809 -11.72 2.57 -67.71
C PRO D 809 -12.93 3.13 -66.99
N SER D 810 -14.12 2.57 -67.20
CA SER D 810 -15.31 3.08 -66.55
C SER D 810 -15.30 2.80 -65.05
N LYS D 811 -14.48 1.85 -64.61
CA LYS D 811 -14.39 1.54 -63.20
C LYS D 811 -13.71 2.70 -62.46
N PRO D 812 -13.98 2.85 -61.15
CA PRO D 812 -13.41 3.98 -60.41
C PRO D 812 -11.88 4.02 -60.42
N SER D 813 -11.23 2.96 -59.93
CA SER D 813 -9.78 2.90 -59.89
C SER D 813 -9.19 2.23 -61.13
N LYS D 814 -9.93 2.27 -62.24
CA LYS D 814 -9.55 1.59 -63.48
C LYS D 814 -9.32 0.11 -63.25
N ARG D 815 -10.08 -0.48 -62.33
CA ARG D 815 -9.96 -1.88 -62.01
C ARG D 815 -10.66 -2.74 -63.06
N SER D 816 -10.42 -4.04 -62.99
CA SER D 816 -11.10 -4.98 -63.85
C SER D 816 -12.49 -5.29 -63.28
N PHE D 817 -13.27 -6.03 -64.07
CA PHE D 817 -14.60 -6.43 -63.61
C PHE D 817 -14.51 -7.34 -62.39
N ILE D 818 -13.59 -8.29 -62.41
CA ILE D 818 -13.44 -9.22 -61.29
C ILE D 818 -12.84 -8.51 -60.08
N GLU D 819 -11.87 -7.61 -60.31
CA GLU D 819 -11.30 -6.84 -59.21
C GLU D 819 -12.35 -5.98 -58.54
N ASP D 820 -13.25 -5.39 -59.33
CA ASP D 820 -14.33 -4.59 -58.76
C ASP D 820 -15.24 -5.44 -57.90
N LEU D 821 -15.51 -6.67 -58.32
CA LEU D 821 -16.31 -7.59 -57.51
C LEU D 821 -15.61 -7.90 -56.20
N LEU D 822 -14.30 -8.14 -56.24
CA LEU D 822 -13.57 -8.49 -55.03
C LEU D 822 -13.59 -7.36 -54.02
N PHE D 823 -13.47 -6.11 -54.48
CA PHE D 823 -13.44 -4.99 -53.56
C PHE D 823 -14.81 -4.75 -52.92
N ASN D 824 -15.88 -5.23 -53.54
CA ASN D 824 -17.20 -5.10 -52.94
C ASN D 824 -17.48 -6.21 -51.94
N LYS D 825 -16.95 -7.41 -52.19
CA LYS D 825 -17.21 -8.54 -51.31
C LYS D 825 -16.64 -8.31 -49.91
N VAL D 826 -15.44 -7.74 -49.83
CA VAL D 826 -14.79 -7.52 -48.54
C VAL D 826 -15.44 -6.34 -47.85
N THR D 827 -15.90 -6.56 -46.62
CA THR D 827 -16.55 -5.52 -45.84
C THR D 827 -15.73 -5.16 -44.60
N LYS D 854 -9.83 8.82 -35.45
CA LYS D 854 -8.71 9.13 -34.58
C LYS D 854 -9.18 9.38 -33.16
N PHE D 855 -9.11 8.34 -32.31
CA PHE D 855 -9.55 8.42 -30.93
C PHE D 855 -8.51 7.81 -30.01
N ASN D 856 -8.18 8.53 -28.94
CA ASN D 856 -7.28 8.04 -27.89
C ASN D 856 -5.89 7.70 -28.46
N GLY D 857 -5.32 8.64 -29.21
CA GLY D 857 -4.01 8.45 -29.78
C GLY D 857 -3.92 7.43 -30.90
N LEU D 858 -5.06 6.98 -31.42
CA LEU D 858 -5.09 5.98 -32.48
C LEU D 858 -5.09 6.65 -33.83
N THR D 859 -4.34 6.08 -34.77
CA THR D 859 -4.33 6.54 -36.15
C THR D 859 -4.00 5.39 -37.07
N VAL D 860 -4.57 5.43 -38.27
CA VAL D 860 -4.31 4.43 -39.30
C VAL D 860 -3.49 5.11 -40.39
N LEU D 861 -2.26 4.66 -40.55
CA LEU D 861 -1.40 5.21 -41.59
C LEU D 861 -1.81 4.67 -42.95
N PRO D 862 -2.03 5.53 -43.93
CA PRO D 862 -2.39 5.06 -45.28
C PRO D 862 -1.26 4.26 -45.88
N PRO D 863 -1.57 3.22 -46.64
CA PRO D 863 -0.52 2.47 -47.33
C PRO D 863 0.15 3.32 -48.40
N LEU D 864 1.43 3.01 -48.65
CA LEU D 864 2.19 3.76 -49.65
C LEU D 864 1.61 3.59 -51.04
N LEU D 865 1.26 2.36 -51.41
CA LEU D 865 0.65 2.09 -52.70
C LEU D 865 -0.86 2.17 -52.58
N THR D 866 -1.46 3.08 -53.35
CA THR D 866 -2.90 3.22 -53.35
C THR D 866 -3.55 2.12 -54.18
N ASP D 867 -4.88 2.05 -54.11
CA ASP D 867 -5.61 1.00 -54.82
C ASP D 867 -5.43 1.14 -56.33
N GLU D 868 -5.31 2.37 -56.84
CA GLU D 868 -5.10 2.55 -58.26
C GLU D 868 -3.77 1.99 -58.70
N MET D 869 -2.71 2.19 -57.90
CA MET D 869 -1.39 1.71 -58.28
C MET D 869 -1.28 0.19 -58.17
N ILE D 870 -1.89 -0.39 -57.14
CA ILE D 870 -1.87 -1.85 -57.02
C ILE D 870 -2.58 -2.50 -58.20
N ALA D 871 -3.68 -1.89 -58.64
CA ALA D 871 -4.34 -2.36 -59.86
C ALA D 871 -3.45 -2.15 -61.07
N GLN D 872 -2.62 -1.09 -61.07
CA GLN D 872 -1.81 -0.79 -62.23
C GLN D 872 -0.63 -1.77 -62.35
N TYR D 873 -0.02 -2.14 -61.22
CA TYR D 873 0.86 -3.31 -61.22
C TYR D 873 0.15 -4.56 -61.72
N THR D 874 -1.04 -4.83 -61.20
CA THR D 874 -1.75 -6.04 -61.62
C THR D 874 -2.09 -5.99 -63.10
N SER D 875 -2.50 -4.83 -63.60
CA SER D 875 -2.75 -4.68 -65.03
C SER D 875 -1.47 -4.86 -65.83
N ALA D 876 -0.36 -4.32 -65.33
CA ALA D 876 0.91 -4.48 -66.02
C ALA D 876 1.35 -5.94 -66.05
N LEU D 877 1.22 -6.63 -64.91
CA LEU D 877 1.58 -8.06 -64.88
C LEU D 877 0.66 -8.87 -65.77
N LEU D 878 -0.63 -8.55 -65.78
CA LEU D 878 -1.56 -9.28 -66.63
C LEU D 878 -1.30 -9.01 -68.11
N ALA D 879 -1.09 -7.75 -68.47
CA ALA D 879 -0.85 -7.42 -69.87
C ALA D 879 0.45 -8.02 -70.37
N GLY D 880 1.47 -8.06 -69.51
CA GLY D 880 2.74 -8.64 -69.92
C GLY D 880 2.66 -10.13 -70.16
N THR D 881 1.88 -10.85 -69.33
CA THR D 881 1.81 -12.30 -69.46
C THR D 881 0.93 -12.73 -70.61
N ILE D 882 0.09 -11.83 -71.13
CA ILE D 882 -0.72 -12.14 -72.29
C ILE D 882 0.01 -11.82 -73.58
N THR D 883 0.75 -10.71 -73.59
CA THR D 883 1.41 -10.28 -74.82
C THR D 883 2.78 -10.93 -74.98
N SER D 884 3.45 -11.27 -73.87
CA SER D 884 4.82 -11.72 -73.91
C SER D 884 5.06 -13.09 -73.29
N GLY D 885 4.08 -13.67 -72.61
CA GLY D 885 4.30 -14.97 -71.99
C GLY D 885 5.13 -14.82 -70.74
N TRP D 886 6.09 -15.72 -70.55
CA TRP D 886 7.00 -15.62 -69.41
C TRP D 886 8.29 -14.88 -69.74
N THR D 887 8.42 -14.35 -70.96
CA THR D 887 9.66 -13.67 -71.34
C THR D 887 9.88 -12.41 -70.52
N PHE D 888 8.81 -11.66 -70.24
CA PHE D 888 8.97 -10.43 -69.47
C PHE D 888 9.42 -10.70 -68.04
N GLY D 889 9.19 -11.93 -67.56
CA GLY D 889 9.68 -12.28 -66.23
C GLY D 889 11.19 -12.33 -66.16
N ALA D 890 11.83 -12.81 -67.24
CA ALA D 890 13.29 -12.91 -67.25
C ALA D 890 13.94 -11.58 -67.62
N GLY D 891 13.64 -11.07 -68.80
CA GLY D 891 14.21 -9.81 -69.23
C GLY D 891 13.20 -8.92 -69.94
N ALA D 892 13.53 -8.46 -71.13
CA ALA D 892 12.62 -7.66 -71.94
C ALA D 892 11.46 -8.51 -72.43
N ALA D 893 10.29 -7.90 -72.53
CA ALA D 893 9.12 -8.61 -73.00
C ALA D 893 9.25 -8.91 -74.48
N LEU D 894 9.10 -10.18 -74.83
CA LEU D 894 9.18 -10.65 -76.22
C LEU D 894 7.77 -11.08 -76.63
N GLN D 895 7.19 -10.35 -77.58
CA GLN D 895 5.86 -10.65 -78.02
C GLN D 895 5.73 -12.01 -78.64
N ILE D 896 4.64 -12.69 -78.37
CA ILE D 896 4.36 -13.97 -79.01
C ILE D 896 2.85 -14.07 -79.13
N PRO D 897 2.31 -14.60 -80.23
CA PRO D 897 0.86 -14.77 -80.31
C PRO D 897 0.36 -15.65 -79.18
N PHE D 898 -0.80 -15.28 -78.63
CA PHE D 898 -1.29 -15.98 -77.46
C PHE D 898 -1.60 -17.44 -77.77
N ALA D 899 -2.11 -17.71 -78.97
CA ALA D 899 -2.34 -19.09 -79.37
C ALA D 899 -1.05 -19.89 -79.38
N MET D 900 0.08 -19.27 -79.71
CA MET D 900 1.34 -19.99 -79.67
C MET D 900 1.93 -20.02 -78.27
N GLN D 901 1.65 -18.98 -77.47
CA GLN D 901 2.03 -19.02 -76.07
C GLN D 901 1.41 -20.21 -75.37
N MET D 902 0.12 -20.45 -75.59
CA MET D 902 -0.56 -21.53 -74.89
C MET D 902 -0.10 -22.89 -75.39
N ALA D 903 0.32 -22.98 -76.65
CA ALA D 903 0.87 -24.24 -77.15
C ALA D 903 2.22 -24.55 -76.54
N TYR D 904 3.01 -23.54 -76.19
CA TYR D 904 4.29 -23.76 -75.56
C TYR D 904 4.12 -24.09 -74.09
N ARG D 905 2.98 -23.72 -73.50
CA ARG D 905 2.64 -24.13 -72.14
C ARG D 905 2.03 -25.52 -72.09
N PHE D 906 1.56 -26.05 -73.23
CA PHE D 906 1.23 -27.47 -73.27
C PHE D 906 2.49 -28.32 -73.34
N ASN D 907 3.55 -27.82 -73.98
CA ASN D 907 4.82 -28.54 -74.00
C ASN D 907 5.38 -28.72 -72.61
N GLY D 908 5.15 -27.76 -71.72
CA GLY D 908 5.61 -27.89 -70.35
C GLY D 908 4.93 -29.01 -69.60
N ILE D 909 3.64 -29.21 -69.83
CA ILE D 909 2.88 -30.21 -69.09
C ILE D 909 2.95 -31.56 -69.80
N GLY D 910 3.77 -31.65 -70.84
CA GLY D 910 3.97 -32.90 -71.54
C GLY D 910 2.99 -33.19 -72.66
N VAL D 911 2.29 -32.19 -73.16
CA VAL D 911 1.36 -32.34 -74.27
C VAL D 911 1.93 -31.64 -75.49
N THR D 912 1.81 -32.29 -76.66
CA THR D 912 2.34 -31.72 -77.88
C THR D 912 1.56 -30.48 -78.31
N GLN D 913 2.21 -29.65 -79.12
CA GLN D 913 1.60 -28.41 -79.58
C GLN D 913 0.35 -28.67 -80.42
N ASN D 914 0.35 -29.74 -81.21
CA ASN D 914 -0.77 -30.01 -82.11
C ASN D 914 -2.09 -30.15 -81.35
N VAL D 915 -2.03 -30.50 -80.06
CA VAL D 915 -3.26 -30.69 -79.30
C VAL D 915 -3.98 -29.35 -79.08
N LEU D 916 -3.24 -28.28 -78.81
CA LEU D 916 -3.87 -26.97 -78.69
C LEU D 916 -4.43 -26.50 -80.02
N TYR D 917 -3.62 -26.54 -81.08
CA TYR D 917 -4.03 -25.99 -82.37
C TYR D 917 -5.23 -26.73 -82.93
N GLU D 918 -5.26 -28.05 -82.75
CA GLU D 918 -6.38 -28.83 -83.28
C GLU D 918 -7.61 -28.72 -82.38
N ASN D 919 -7.46 -28.19 -81.17
CA ASN D 919 -8.56 -27.99 -80.25
C ASN D 919 -8.63 -26.55 -79.75
N GLN D 920 -8.21 -25.59 -80.57
CA GLN D 920 -8.06 -24.22 -80.10
C GLN D 920 -9.40 -23.59 -79.74
N LYS D 921 -10.41 -23.77 -80.59
CA LYS D 921 -11.72 -23.19 -80.30
C LYS D 921 -12.34 -23.84 -79.06
N LEU D 922 -12.18 -25.16 -78.91
CA LEU D 922 -12.68 -25.83 -77.72
C LEU D 922 -11.97 -25.33 -76.47
N ILE D 923 -10.65 -25.20 -76.54
CA ILE D 923 -9.88 -24.79 -75.37
C ILE D 923 -10.19 -23.33 -75.02
N ALA D 924 -10.29 -22.47 -76.03
CA ALA D 924 -10.64 -21.08 -75.77
C ALA D 924 -12.04 -20.96 -75.15
N ASN D 925 -12.99 -21.76 -75.64
CA ASN D 925 -14.33 -21.74 -75.06
C ASN D 925 -14.32 -22.24 -73.62
N GLN D 926 -13.54 -23.28 -73.34
CA GLN D 926 -13.45 -23.79 -71.98
C GLN D 926 -12.83 -22.76 -71.04
N PHE D 927 -11.83 -22.03 -71.50
CA PHE D 927 -11.24 -20.97 -70.68
C PHE D 927 -12.24 -19.85 -70.44
N ASN D 928 -12.96 -19.44 -71.48
CA ASN D 928 -13.93 -18.36 -71.34
C ASN D 928 -15.05 -18.75 -70.39
N SER D 929 -15.56 -19.98 -70.51
CA SER D 929 -16.61 -20.44 -69.61
C SER D 929 -16.12 -20.53 -68.17
N ALA D 930 -14.88 -20.98 -67.98
CA ALA D 930 -14.34 -21.11 -66.64
C ALA D 930 -14.20 -19.77 -65.94
N ILE D 931 -13.83 -18.72 -66.70
CA ILE D 931 -13.74 -17.38 -66.12
C ILE D 931 -15.14 -16.87 -65.77
N GLY D 932 -16.13 -17.16 -66.61
CA GLY D 932 -17.48 -16.74 -66.32
C GLY D 932 -18.04 -17.38 -65.06
N LYS D 933 -17.65 -18.63 -64.80
CA LYS D 933 -18.05 -19.28 -63.55
C LYS D 933 -17.40 -18.62 -62.35
N ILE D 934 -16.14 -18.18 -62.48
CA ILE D 934 -15.48 -17.46 -61.40
C ILE D 934 -16.20 -16.15 -61.13
N GLN D 935 -16.59 -15.45 -62.20
CA GLN D 935 -17.34 -14.22 -62.04
C GLN D 935 -18.68 -14.48 -61.35
N ASP D 936 -19.36 -15.55 -61.75
CA ASP D 936 -20.63 -15.90 -61.11
C ASP D 936 -20.42 -16.30 -59.65
N SER D 937 -19.37 -17.08 -59.38
CA SER D 937 -19.15 -17.55 -58.01
C SER D 937 -18.86 -16.40 -57.05
N LEU D 938 -18.03 -15.45 -57.48
CA LEU D 938 -17.66 -14.36 -56.58
C LEU D 938 -18.86 -13.46 -56.29
N SER D 939 -19.62 -13.09 -57.31
CA SER D 939 -20.74 -12.17 -57.11
C SER D 939 -21.87 -12.84 -56.36
N SER D 940 -22.27 -14.04 -56.78
CA SER D 940 -23.44 -14.69 -56.18
C SER D 940 -23.14 -15.19 -54.78
N THR D 941 -22.01 -15.88 -54.61
CA THR D 941 -21.68 -16.54 -53.34
C THR D 941 -20.86 -15.58 -52.48
N ALA D 942 -21.38 -15.27 -51.30
CA ALA D 942 -20.62 -14.49 -50.33
C ALA D 942 -19.67 -15.39 -49.56
N SER D 943 -18.85 -14.76 -48.73
CA SER D 943 -17.86 -15.38 -47.85
C SER D 943 -16.75 -16.08 -48.64
N ALA D 944 -16.63 -15.84 -49.95
CA ALA D 944 -15.52 -16.41 -50.70
C ALA D 944 -14.19 -15.87 -50.22
N LEU D 945 -14.12 -14.57 -49.95
CA LEU D 945 -12.90 -13.92 -49.45
C LEU D 945 -12.82 -13.96 -47.93
N GLY D 946 -12.99 -15.15 -47.36
CA GLY D 946 -12.94 -15.29 -45.92
C GLY D 946 -11.57 -15.00 -45.34
N LYS D 947 -10.52 -15.39 -46.07
CA LYS D 947 -9.16 -15.19 -45.59
C LYS D 947 -8.84 -13.71 -45.45
N LEU D 948 -9.25 -12.90 -46.43
CA LEU D 948 -9.04 -11.46 -46.33
C LEU D 948 -9.90 -10.85 -45.23
N GLN D 949 -11.16 -11.30 -45.13
CA GLN D 949 -12.06 -10.76 -44.11
C GLN D 949 -11.58 -11.09 -42.72
N ASP D 950 -10.90 -12.22 -42.55
CA ASP D 950 -10.39 -12.60 -41.23
C ASP D 950 -9.37 -11.59 -40.72
N VAL D 951 -8.45 -11.15 -41.59
CA VAL D 951 -7.43 -10.20 -41.18
C VAL D 951 -8.07 -8.88 -40.76
N VAL D 952 -9.08 -8.42 -41.52
CA VAL D 952 -9.77 -7.20 -41.16
C VAL D 952 -10.50 -7.37 -39.83
N ASN D 953 -11.15 -8.52 -39.64
CA ASN D 953 -11.88 -8.75 -38.40
C ASN D 953 -10.95 -8.90 -37.20
N GLN D 954 -9.85 -9.65 -37.37
CA GLN D 954 -8.94 -9.87 -36.25
C GLN D 954 -8.29 -8.56 -35.80
N ASN D 955 -7.90 -7.71 -36.76
CA ASN D 955 -7.26 -6.45 -36.40
C ASN D 955 -8.25 -5.47 -35.81
N ALA D 956 -9.46 -5.39 -36.38
CA ALA D 956 -10.47 -4.50 -35.84
C ALA D 956 -10.90 -4.92 -34.45
N GLN D 957 -11.02 -6.23 -34.22
CA GLN D 957 -11.36 -6.71 -32.88
C GLN D 957 -10.24 -6.41 -31.90
N ALA D 958 -8.99 -6.54 -32.34
CA ALA D 958 -7.86 -6.22 -31.47
C ALA D 958 -7.83 -4.74 -31.13
N LEU D 959 -8.13 -3.88 -32.10
CA LEU D 959 -8.16 -2.44 -31.83
C LEU D 959 -9.35 -2.07 -30.95
N ASN D 960 -10.49 -2.72 -31.18
CA ASN D 960 -11.66 -2.47 -30.34
C ASN D 960 -11.40 -2.91 -28.90
N THR D 961 -10.73 -4.05 -28.72
CA THR D 961 -10.38 -4.51 -27.38
C THR D 961 -9.44 -3.53 -26.70
N LEU D 962 -8.50 -2.95 -27.47
CA LEU D 962 -7.57 -1.97 -26.89
C LEU D 962 -8.31 -0.75 -26.36
N VAL D 963 -9.25 -0.22 -27.15
CA VAL D 963 -9.97 0.99 -26.73
C VAL D 963 -10.93 0.67 -25.59
N LYS D 964 -11.49 -0.54 -25.58
CA LYS D 964 -12.41 -0.91 -24.51
C LYS D 964 -11.69 -1.08 -23.19
N GLN D 965 -10.37 -1.32 -23.22
CA GLN D 965 -9.60 -1.43 -21.99
C GLN D 965 -9.44 -0.09 -21.29
N LEU D 966 -9.70 1.02 -21.98
CA LEU D 966 -9.61 2.33 -21.36
C LEU D 966 -10.74 2.59 -20.39
N SER D 967 -11.75 1.72 -20.36
CA SER D 967 -12.88 1.86 -19.45
C SER D 967 -12.82 0.87 -18.29
N SER D 968 -11.63 0.37 -17.98
CA SER D 968 -11.42 -0.57 -16.88
C SER D 968 -10.72 0.13 -15.74
N ASN D 969 -11.20 -0.14 -14.52
CA ASN D 969 -10.63 0.50 -13.34
C ASN D 969 -9.22 0.00 -13.04
N PHE D 970 -8.96 -1.29 -13.25
CA PHE D 970 -7.71 -1.93 -12.83
C PHE D 970 -7.48 -1.75 -11.33
N GLY D 971 -8.55 -1.70 -10.55
CA GLY D 971 -8.46 -1.51 -9.13
C GLY D 971 -8.49 -0.07 -8.67
N ALA D 972 -8.42 0.89 -9.58
CA ALA D 972 -8.49 2.30 -9.24
C ALA D 972 -9.95 2.71 -8.97
N ILE D 973 -10.10 3.89 -8.39
CA ILE D 973 -11.44 4.37 -8.05
C ILE D 973 -12.26 4.61 -9.32
N SER D 974 -11.63 5.15 -10.36
CA SER D 974 -12.31 5.43 -11.62
C SER D 974 -11.41 5.02 -12.77
N SER D 975 -12.02 4.81 -13.93
CA SER D 975 -11.30 4.44 -15.13
C SER D 975 -10.90 5.65 -15.98
N VAL D 976 -11.14 6.86 -15.50
CA VAL D 976 -10.82 8.08 -16.23
C VAL D 976 -9.90 8.92 -15.35
N LEU D 977 -8.82 9.43 -15.96
CA LEU D 977 -7.82 10.18 -15.21
C LEU D 977 -8.38 11.51 -14.71
N ASN D 978 -9.23 12.16 -15.51
CA ASN D 978 -9.74 13.48 -15.14
C ASN D 978 -10.53 13.42 -13.83
N ASP D 979 -11.36 12.39 -13.66
CA ASP D 979 -12.13 12.27 -12.43
C ASP D 979 -11.21 12.05 -11.23
N ILE D 980 -10.20 11.20 -11.39
CA ILE D 980 -9.26 10.96 -10.29
C ILE D 980 -8.53 12.24 -9.94
N LEU D 981 -8.07 12.98 -10.93
CA LEU D 981 -7.37 14.24 -10.67
C LEU D 981 -8.33 15.29 -10.13
N SER D 982 -9.61 15.19 -10.48
CA SER D 982 -10.57 16.20 -10.06
C SER D 982 -10.88 16.11 -8.56
N ARG D 983 -10.87 14.91 -8.01
CA ARG D 983 -11.33 14.71 -6.64
C ARG D 983 -10.27 14.16 -5.69
N LEU D 984 -9.00 14.14 -6.08
CA LEU D 984 -7.97 13.64 -5.20
C LEU D 984 -6.78 14.58 -5.18
N ASP D 985 -6.14 14.66 -4.01
CA ASP D 985 -4.92 15.42 -3.85
C ASP D 985 -3.77 14.68 -4.53
N PRO D 986 -2.68 15.38 -4.85
CA PRO D 986 -1.57 14.76 -5.57
C PRO D 986 -1.03 13.51 -4.88
N PRO D 987 -0.97 13.47 -3.54
CA PRO D 987 -0.55 12.20 -2.91
C PRO D 987 -1.46 11.03 -3.22
N GLU D 988 -2.76 11.17 -2.98
CA GLU D 988 -3.69 10.04 -3.19
C GLU D 988 -3.95 9.81 -4.67
N ALA D 989 -3.93 10.86 -5.48
CA ALA D 989 -4.15 10.70 -6.91
C ALA D 989 -3.05 9.85 -7.54
N GLU D 990 -1.82 9.96 -7.03
CA GLU D 990 -0.71 9.21 -7.58
C GLU D 990 -0.92 7.71 -7.45
N VAL D 991 -1.49 7.27 -6.33
CA VAL D 991 -1.73 5.85 -6.13
C VAL D 991 -2.72 5.31 -7.14
N GLN D 992 -3.81 6.04 -7.38
CA GLN D 992 -4.84 5.57 -8.31
C GLN D 992 -4.36 5.64 -9.75
N ILE D 993 -3.62 6.69 -10.10
CA ILE D 993 -3.12 6.81 -11.46
C ILE D 993 -2.14 5.69 -11.77
N ASP D 994 -1.33 5.30 -10.78
CA ASP D 994 -0.37 4.22 -10.98
C ASP D 994 -1.06 2.92 -11.31
N ARG D 995 -2.21 2.65 -10.69
CA ARG D 995 -2.96 1.44 -11.01
C ARG D 995 -3.49 1.48 -12.44
N LEU D 996 -3.90 2.67 -12.90
CA LEU D 996 -4.35 2.80 -14.28
C LEU D 996 -3.18 2.67 -15.26
N ILE D 997 -2.01 3.23 -14.90
CA ILE D 997 -0.87 3.18 -15.80
C ILE D 997 -0.43 1.74 -16.03
N THR D 998 -0.30 0.95 -14.95
CA THR D 998 0.15 -0.42 -15.12
C THR D 998 -0.89 -1.26 -15.85
N GLY D 999 -2.17 -1.00 -15.62
CA GLY D 999 -3.21 -1.73 -16.32
C GLY D 999 -3.27 -1.39 -17.79
N ARG D 1000 -3.14 -0.10 -18.13
CA ARG D 1000 -3.19 0.30 -19.53
C ARG D 1000 -1.91 -0.06 -20.26
N LEU D 1001 -0.76 0.07 -19.60
CA LEU D 1001 0.51 -0.30 -20.23
C LEU D 1001 0.56 -1.79 -20.50
N GLN D 1002 0.00 -2.60 -19.59
CA GLN D 1002 -0.12 -4.03 -19.84
C GLN D 1002 -1.08 -4.30 -20.99
N SER D 1003 -2.19 -3.56 -21.05
CA SER D 1003 -3.12 -3.70 -22.16
C SER D 1003 -2.46 -3.31 -23.49
N LEU D 1004 -1.62 -2.26 -23.46
CA LEU D 1004 -0.92 -1.85 -24.67
C LEU D 1004 0.16 -2.86 -25.05
N GLN D 1005 0.88 -3.39 -24.06
CA GLN D 1005 1.89 -4.41 -24.36
C GLN D 1005 1.25 -5.66 -24.94
N THR D 1006 0.09 -6.05 -24.42
CA THR D 1006 -0.61 -7.21 -24.97
C THR D 1006 -0.97 -6.99 -26.43
N TYR D 1007 -1.45 -5.78 -26.76
CA TYR D 1007 -1.84 -5.49 -28.13
C TYR D 1007 -0.66 -5.55 -29.09
N VAL D 1008 0.47 -4.96 -28.70
CA VAL D 1008 1.62 -4.90 -29.59
C VAL D 1008 2.21 -6.29 -29.79
N THR D 1009 2.26 -7.08 -28.72
CA THR D 1009 2.79 -8.44 -28.83
C THR D 1009 1.96 -9.28 -29.78
N GLN D 1010 0.63 -9.17 -29.70
N GLN D 1010 0.64 -9.18 -29.67
CA GLN D 1010 -0.21 -9.95 -30.59
CA GLN D 1010 -0.25 -9.91 -30.57
C GLN D 1010 -0.24 -9.36 -32.00
C GLN D 1010 -0.12 -9.40 -32.00
N GLN D 1011 0.12 -8.09 -32.16
CA GLN D 1011 0.25 -7.52 -33.49
C GLN D 1011 1.53 -8.00 -34.17
N LEU D 1012 2.62 -8.13 -33.41
CA LEU D 1012 3.87 -8.62 -33.98
C LEU D 1012 3.73 -10.06 -34.43
N ILE D 1013 3.08 -10.90 -33.64
CA ILE D 1013 2.85 -12.28 -34.04
C ILE D 1013 1.95 -12.34 -35.27
N ARG D 1014 0.90 -11.53 -35.30
CA ARG D 1014 0.02 -11.48 -36.46
C ARG D 1014 0.75 -10.89 -37.67
N ALA D 1015 1.74 -10.04 -37.43
CA ALA D 1015 2.52 -9.49 -38.53
C ALA D 1015 3.40 -10.56 -39.16
N ALA D 1016 3.92 -11.47 -38.35
CA ALA D 1016 4.73 -12.56 -38.88
C ALA D 1016 3.88 -13.51 -39.73
N GLU D 1017 2.63 -13.73 -39.34
CA GLU D 1017 1.74 -14.57 -40.12
C GLU D 1017 1.45 -13.94 -41.49
N ILE D 1018 1.23 -12.64 -41.53
CA ILE D 1018 0.94 -11.96 -42.78
C ILE D 1018 2.19 -11.89 -43.66
N ARG D 1019 3.35 -11.65 -43.04
CA ARG D 1019 4.59 -11.58 -43.82
C ARG D 1019 4.88 -12.91 -44.50
N ALA D 1020 4.65 -14.03 -43.79
CA ALA D 1020 4.80 -15.34 -44.42
C ALA D 1020 3.81 -15.51 -45.55
N SER D 1021 2.57 -15.07 -45.36
CA SER D 1021 1.57 -15.15 -46.41
C SER D 1021 1.94 -14.25 -47.58
N ALA D 1022 2.44 -13.04 -47.30
CA ALA D 1022 2.88 -12.16 -48.38
C ALA D 1022 4.10 -12.72 -49.08
N ASN D 1023 5.02 -13.37 -48.34
CA ASN D 1023 6.18 -13.99 -48.97
C ASN D 1023 5.75 -15.14 -49.87
N LEU D 1024 4.76 -15.92 -49.45
CA LEU D 1024 4.20 -16.96 -50.32
C LEU D 1024 3.55 -16.34 -51.55
N ALA D 1025 2.81 -15.24 -51.36
CA ALA D 1025 2.17 -14.57 -52.49
C ALA D 1025 3.18 -14.01 -53.47
N ALA D 1026 4.30 -13.49 -52.97
CA ALA D 1026 5.36 -13.01 -53.86
C ALA D 1026 5.97 -14.16 -54.65
N THR D 1027 6.18 -15.31 -54.01
CA THR D 1027 6.68 -16.47 -54.71
C THR D 1027 5.69 -16.96 -55.75
N LYS D 1028 4.39 -16.97 -55.41
CA LYS D 1028 3.39 -17.41 -56.37
C LYS D 1028 3.28 -16.45 -57.54
N MET D 1029 3.48 -15.16 -57.31
CA MET D 1029 3.50 -14.21 -58.41
C MET D 1029 4.67 -14.49 -59.35
N SER D 1030 5.83 -14.82 -58.80
CA SER D 1030 7.00 -15.07 -59.65
C SER D 1030 6.88 -16.40 -60.39
N GLU D 1031 6.37 -17.43 -59.71
CA GLU D 1031 6.44 -18.78 -60.25
C GLU D 1031 5.17 -19.25 -60.94
N CYS D 1032 4.04 -18.61 -60.69
CA CYS D 1032 2.79 -18.94 -61.37
C CYS D 1032 2.37 -17.92 -62.40
N VAL D 1033 2.71 -16.65 -62.23
CA VAL D 1033 2.30 -15.60 -63.15
C VAL D 1033 3.44 -15.27 -64.11
N LEU D 1034 4.65 -15.11 -63.57
CA LEU D 1034 5.80 -14.80 -64.41
C LEU D 1034 6.42 -16.01 -65.04
N GLY D 1035 5.90 -17.20 -64.78
CA GLY D 1035 6.39 -18.41 -65.40
C GLY D 1035 5.36 -19.51 -65.28
N GLN D 1036 5.73 -20.69 -65.77
CA GLN D 1036 4.89 -21.88 -65.67
C GLN D 1036 5.57 -22.84 -64.70
N SER D 1037 4.84 -23.26 -63.68
CA SER D 1037 5.41 -24.00 -62.56
C SER D 1037 5.19 -25.49 -62.71
N LYS D 1038 6.23 -26.27 -62.40
CA LYS D 1038 6.13 -27.72 -62.35
C LYS D 1038 5.84 -28.24 -60.95
N ARG D 1039 5.83 -27.38 -59.94
CA ARG D 1039 5.54 -27.80 -58.58
C ARG D 1039 4.07 -28.20 -58.47
N VAL D 1040 3.82 -29.38 -57.91
CA VAL D 1040 2.46 -29.92 -57.89
C VAL D 1040 1.63 -29.17 -56.87
N ASP D 1041 0.44 -28.74 -57.28
CA ASP D 1041 -0.54 -28.03 -56.46
C ASP D 1041 -0.05 -26.68 -55.97
N PHE D 1042 1.06 -26.16 -56.52
CA PHE D 1042 1.52 -24.84 -56.12
C PHE D 1042 0.68 -23.75 -56.77
N CYS D 1043 0.26 -23.97 -58.02
CA CYS D 1043 -0.48 -22.98 -58.79
C CYS D 1043 -1.78 -23.61 -59.30
N GLY D 1044 -2.51 -24.26 -58.40
CA GLY D 1044 -3.79 -24.83 -58.74
C GLY D 1044 -3.74 -26.35 -58.80
N LYS D 1045 -4.92 -26.95 -58.72
CA LYS D 1045 -5.05 -28.41 -58.75
C LYS D 1045 -5.09 -28.86 -60.21
N GLY D 1046 -4.02 -29.49 -60.65
CA GLY D 1046 -3.90 -29.94 -62.03
C GLY D 1046 -2.54 -29.56 -62.58
N TYR D 1047 -2.41 -29.72 -63.89
CA TYR D 1047 -1.18 -29.36 -64.59
C TYR D 1047 -1.21 -27.87 -64.90
N HIS D 1048 -0.34 -27.11 -64.24
CA HIS D 1048 -0.38 -25.66 -64.34
C HIS D 1048 -0.07 -25.20 -65.76
N LEU D 1049 -0.86 -24.24 -66.24
CA LEU D 1049 -0.61 -23.58 -67.51
C LEU D 1049 -0.18 -22.13 -67.32
N MET D 1050 -1.01 -21.33 -66.65
CA MET D 1050 -0.72 -19.93 -66.45
C MET D 1050 -1.64 -19.38 -65.39
N SER D 1051 -1.22 -18.28 -64.76
CA SER D 1051 -1.98 -17.65 -63.69
C SER D 1051 -2.12 -16.16 -63.97
N PHE D 1052 -3.22 -15.60 -63.49
CA PHE D 1052 -3.51 -14.19 -63.63
C PHE D 1052 -3.67 -13.56 -62.25
N PRO D 1053 -2.94 -12.49 -61.94
CA PRO D 1053 -3.14 -11.81 -60.65
C PRO D 1053 -4.35 -10.90 -60.70
N GLN D 1054 -4.99 -10.75 -59.55
CA GLN D 1054 -6.07 -9.80 -59.38
C GLN D 1054 -5.89 -9.07 -58.07
N SER D 1055 -6.04 -7.75 -58.10
CA SER D 1055 -5.93 -6.95 -56.89
C SER D 1055 -7.10 -7.21 -55.96
N ALA D 1056 -6.81 -7.29 -54.67
CA ALA D 1056 -7.79 -7.53 -53.62
C ALA D 1056 -7.59 -6.46 -52.56
N PRO D 1057 -8.62 -6.20 -51.74
CA PRO D 1057 -8.52 -5.07 -50.79
C PRO D 1057 -7.29 -5.08 -49.90
N HIS D 1058 -6.91 -6.23 -49.36
CA HIS D 1058 -5.69 -6.32 -48.57
C HIS D 1058 -4.85 -7.54 -48.95
N GLY D 1059 -5.12 -8.14 -50.09
CA GLY D 1059 -4.41 -9.32 -50.52
C GLY D 1059 -4.35 -9.39 -52.02
N VAL D 1060 -4.21 -10.61 -52.53
CA VAL D 1060 -4.13 -10.85 -53.97
C VAL D 1060 -4.88 -12.14 -54.28
N VAL D 1061 -5.60 -12.13 -55.40
CA VAL D 1061 -6.33 -13.28 -55.89
C VAL D 1061 -5.64 -13.79 -57.15
N PHE D 1062 -5.31 -15.08 -57.17
CA PHE D 1062 -4.65 -15.70 -58.30
C PHE D 1062 -5.64 -16.60 -59.03
N LEU D 1063 -5.82 -16.34 -60.31
CA LEU D 1063 -6.66 -17.17 -61.18
C LEU D 1063 -5.75 -18.17 -61.88
N HIS D 1064 -5.69 -19.39 -61.35
CA HIS D 1064 -4.78 -20.41 -61.84
C HIS D 1064 -5.45 -21.20 -62.95
N VAL D 1065 -4.93 -21.10 -64.17
CA VAL D 1065 -5.43 -21.87 -65.30
C VAL D 1065 -4.64 -23.17 -65.36
N THR D 1066 -5.32 -24.30 -65.25
CA THR D 1066 -4.68 -25.59 -65.18
C THR D 1066 -5.26 -26.52 -66.25
N TYR D 1067 -4.49 -27.57 -66.54
CA TYR D 1067 -4.89 -28.61 -67.48
C TYR D 1067 -5.33 -29.83 -66.69
N VAL D 1068 -6.60 -30.17 -66.79
CA VAL D 1068 -7.18 -31.30 -66.09
C VAL D 1068 -7.55 -32.37 -67.12
N PRO D 1069 -6.85 -33.50 -67.15
CA PRO D 1069 -7.23 -34.57 -68.08
C PRO D 1069 -8.61 -35.11 -67.76
N ALA D 1070 -9.32 -35.55 -68.80
CA ALA D 1070 -10.68 -36.02 -68.67
C ALA D 1070 -10.98 -37.08 -69.71
N GLN D 1071 -12.02 -37.87 -69.45
CA GLN D 1071 -12.50 -38.91 -70.36
C GLN D 1071 -11.40 -39.92 -70.68
N GLU D 1072 -10.94 -40.59 -69.63
CA GLU D 1072 -9.90 -41.59 -69.78
C GLU D 1072 -10.48 -42.92 -70.27
N LYS D 1073 -9.64 -43.73 -70.92
CA LYS D 1073 -10.08 -45.05 -71.38
C LYS D 1073 -9.00 -46.09 -71.07
N ASN D 1074 -9.37 -47.33 -70.76
CA ASN D 1074 -8.39 -48.38 -70.52
C ASN D 1074 -7.76 -48.89 -71.76
N PHE D 1075 -6.50 -49.30 -71.69
CA PHE D 1075 -5.80 -49.85 -72.83
C PHE D 1075 -4.81 -50.88 -72.31
N THR D 1076 -4.48 -51.88 -73.11
CA THR D 1076 -3.47 -52.87 -72.75
C THR D 1076 -2.09 -52.29 -73.02
N THR D 1077 -1.15 -52.60 -72.15
CA THR D 1077 0.13 -51.90 -72.14
C THR D 1077 1.29 -52.87 -72.03
N ALA D 1078 2.42 -52.49 -72.64
CA ALA D 1078 3.65 -53.25 -72.54
C ALA D 1078 4.82 -52.31 -72.31
N PRO D 1079 5.83 -52.74 -71.55
CA PRO D 1079 7.00 -51.89 -71.32
C PRO D 1079 7.82 -51.64 -72.58
N ALA D 1080 7.85 -52.63 -73.47
CA ALA D 1080 8.66 -52.55 -74.67
C ALA D 1080 8.08 -53.50 -75.70
N ILE D 1081 8.66 -53.48 -76.90
CA ILE D 1081 8.24 -54.31 -78.01
C ILE D 1081 9.45 -55.02 -78.58
N CYS D 1082 9.34 -56.33 -78.76
CA CYS D 1082 10.41 -57.15 -79.33
C CYS D 1082 10.17 -57.27 -80.83
N HIS D 1083 11.15 -56.81 -81.62
CA HIS D 1083 11.11 -56.92 -83.07
C HIS D 1083 12.48 -57.33 -83.57
N ASP D 1084 12.54 -58.45 -84.28
CA ASP D 1084 13.80 -59.02 -84.78
C ASP D 1084 14.81 -59.21 -83.64
N GLY D 1085 14.31 -59.72 -82.52
CA GLY D 1085 15.16 -59.95 -81.36
C GLY D 1085 15.76 -58.69 -80.77
N LYS D 1086 15.03 -57.59 -80.79
CA LYS D 1086 15.50 -56.32 -80.24
C LYS D 1086 14.37 -55.67 -79.47
N ALA D 1087 14.70 -55.09 -78.31
CA ALA D 1087 13.72 -54.44 -77.46
C ALA D 1087 13.59 -52.99 -77.87
N HIS D 1088 12.38 -52.56 -78.20
CA HIS D 1088 12.09 -51.19 -78.62
C HIS D 1088 11.37 -50.47 -77.50
N PHE D 1089 11.86 -49.30 -77.13
CA PHE D 1089 11.26 -48.49 -76.10
C PHE D 1089 10.78 -47.16 -76.67
N PRO D 1090 9.65 -46.64 -76.19
CA PRO D 1090 9.14 -45.39 -76.76
C PRO D 1090 10.03 -44.22 -76.41
N ARG D 1091 10.22 -43.33 -77.39
CA ARG D 1091 11.05 -42.15 -77.15
C ARG D 1091 10.39 -41.20 -76.15
N GLU D 1092 9.11 -40.91 -76.34
CA GLU D 1092 8.42 -39.94 -75.50
C GLU D 1092 6.99 -40.33 -75.14
N GLY D 1093 6.54 -41.53 -75.51
CA GLY D 1093 5.17 -41.91 -75.29
C GLY D 1093 5.06 -43.23 -74.52
N VAL D 1094 3.92 -43.89 -74.72
CA VAL D 1094 3.64 -45.18 -74.11
C VAL D 1094 3.25 -46.16 -75.22
N PHE D 1095 3.40 -47.44 -74.93
CA PHE D 1095 2.89 -48.49 -75.81
C PHE D 1095 1.50 -48.89 -75.33
N VAL D 1096 0.49 -48.65 -76.15
CA VAL D 1096 -0.88 -49.00 -75.81
C VAL D 1096 -1.41 -49.96 -76.86
N SER D 1097 -2.43 -50.71 -76.46
CA SER D 1097 -3.12 -51.64 -77.34
C SER D 1097 -4.62 -51.45 -77.18
N ASN D 1098 -5.32 -51.29 -78.30
CA ASN D 1098 -6.77 -51.17 -78.25
C ASN D 1098 -7.45 -52.52 -78.22
N GLY D 1099 -6.68 -53.61 -78.21
CA GLY D 1099 -7.22 -54.95 -78.16
C GLY D 1099 -6.61 -55.85 -79.21
N THR D 1100 -6.29 -55.26 -80.36
CA THR D 1100 -5.72 -55.99 -81.47
C THR D 1100 -4.44 -55.38 -82.03
N HIS D 1101 -4.28 -54.06 -81.94
CA HIS D 1101 -3.15 -53.37 -82.55
C HIS D 1101 -2.44 -52.53 -81.50
N TRP D 1102 -1.13 -52.36 -81.69
CA TRP D 1102 -0.30 -51.61 -80.76
C TRP D 1102 0.08 -50.27 -81.37
N PHE D 1103 0.02 -49.22 -80.56
CA PHE D 1103 0.35 -47.87 -81.00
C PHE D 1103 1.24 -47.19 -79.97
N VAL D 1104 1.82 -46.07 -80.37
CA VAL D 1104 2.51 -45.15 -79.46
C VAL D 1104 1.62 -43.91 -79.31
N THR D 1105 1.35 -43.54 -78.06
CA THR D 1105 0.66 -42.29 -77.79
C THR D 1105 1.37 -41.57 -76.66
N GLN D 1106 1.28 -40.24 -76.69
CA GLN D 1106 1.78 -39.42 -75.60
C GLN D 1106 1.01 -39.71 -74.32
N ARG D 1107 1.67 -39.54 -73.19
CA ARG D 1107 1.15 -40.07 -71.94
C ARG D 1107 -0.08 -39.32 -71.46
N ASN D 1108 -0.13 -38.00 -71.67
CA ASN D 1108 -1.20 -37.18 -71.12
C ASN D 1108 -2.39 -36.99 -72.06
N PHE D 1109 -2.36 -37.60 -73.24
CA PHE D 1109 -3.44 -37.44 -74.20
C PHE D 1109 -3.40 -38.60 -75.18
N TYR D 1110 -4.57 -39.16 -75.49
CA TYR D 1110 -4.64 -40.31 -76.37
C TYR D 1110 -4.48 -39.85 -77.81
N GLU D 1111 -3.30 -40.09 -78.38
CA GLU D 1111 -3.01 -39.81 -79.78
C GLU D 1111 -2.27 -41.01 -80.35
N PRO D 1112 -2.98 -42.10 -80.66
CA PRO D 1112 -2.30 -43.32 -81.10
C PRO D 1112 -1.58 -43.12 -82.42
N GLN D 1113 -0.41 -43.76 -82.53
CA GLN D 1113 0.42 -43.64 -83.72
C GLN D 1113 1.15 -44.95 -83.95
N ILE D 1114 1.43 -45.25 -85.22
CA ILE D 1114 2.01 -46.54 -85.58
C ILE D 1114 3.39 -46.69 -84.98
N ILE D 1115 3.72 -47.91 -84.55
CA ILE D 1115 5.04 -48.21 -84.04
C ILE D 1115 6.05 -48.02 -85.17
N THR D 1116 6.99 -47.09 -84.98
CA THR D 1116 7.99 -46.81 -85.99
C THR D 1116 9.37 -46.75 -85.36
N THR D 1117 10.39 -46.82 -86.22
CA THR D 1117 11.76 -46.67 -85.74
C THR D 1117 12.03 -45.22 -85.32
N ASP D 1118 11.29 -44.28 -85.90
CA ASP D 1118 11.51 -42.87 -85.57
C ASP D 1118 11.08 -42.54 -84.14
N ASN D 1119 9.95 -43.08 -83.68
CA ASN D 1119 9.43 -42.74 -82.35
C ASN D 1119 9.82 -43.76 -81.27
N THR D 1120 10.61 -44.77 -81.60
CA THR D 1120 11.10 -45.72 -80.61
C THR D 1120 12.62 -45.85 -80.76
N PHE D 1121 13.26 -46.31 -79.68
CA PHE D 1121 14.68 -46.59 -79.71
C PHE D 1121 14.93 -48.03 -79.24
N VAL D 1122 16.06 -48.59 -79.67
CA VAL D 1122 16.39 -49.98 -79.44
C VAL D 1122 17.46 -50.03 -78.35
N SER D 1123 17.28 -50.96 -77.40
CA SER D 1123 18.25 -51.15 -76.32
C SER D 1123 18.28 -52.62 -75.94
N GLY D 1124 19.22 -53.36 -76.52
CA GLY D 1124 19.44 -54.74 -76.16
C GLY D 1124 18.42 -55.69 -76.76
N ASN D 1125 18.61 -56.97 -76.45
CA ASN D 1125 17.67 -58.00 -76.90
C ASN D 1125 16.44 -58.02 -76.00
N CYS D 1126 15.42 -58.75 -76.47
CA CYS D 1126 14.10 -58.71 -75.85
C CYS D 1126 13.85 -59.86 -74.88
N ASP D 1127 14.88 -60.32 -74.16
CA ASP D 1127 14.67 -61.38 -73.19
C ASP D 1127 14.85 -60.89 -71.76
N VAL D 1128 15.60 -59.80 -71.58
CA VAL D 1128 15.85 -59.28 -70.22
C VAL D 1128 14.59 -58.62 -69.67
N VAL D 1129 13.95 -57.76 -70.47
CA VAL D 1129 12.84 -56.95 -69.96
C VAL D 1129 11.64 -57.83 -69.67
N ILE D 1130 10.94 -57.53 -68.58
CA ILE D 1130 9.79 -58.30 -68.13
C ILE D 1130 8.52 -57.68 -68.68
N GLY D 1131 7.71 -58.47 -69.38
CA GLY D 1131 6.47 -58.01 -69.93
C GLY D 1131 6.53 -57.55 -71.37
N ILE D 1132 7.66 -57.72 -72.05
CA ILE D 1132 7.77 -57.32 -73.44
C ILE D 1132 6.82 -58.14 -74.30
N VAL D 1133 6.22 -57.50 -75.30
CA VAL D 1133 5.31 -58.15 -76.22
C VAL D 1133 5.88 -58.05 -77.63
N ASN D 1134 5.24 -58.75 -78.56
CA ASN D 1134 5.63 -58.75 -79.96
C ASN D 1134 4.71 -57.86 -80.78
N ASN D 1135 5.31 -57.06 -81.64
CA ASN D 1135 4.62 -56.34 -82.68
C ASN D 1135 5.63 -56.06 -83.79
N THR D 1136 5.25 -55.24 -84.76
CA THR D 1136 6.13 -54.85 -85.84
C THR D 1136 6.50 -53.38 -85.70
N VAL D 1137 7.80 -53.11 -85.79
CA VAL D 1137 8.31 -51.75 -85.76
C VAL D 1137 8.54 -51.33 -87.21
N TYR D 1138 7.61 -50.55 -87.74
CA TYR D 1138 7.67 -50.14 -89.13
C TYR D 1138 8.84 -49.19 -89.37
N ASP D 1139 9.63 -49.49 -90.40
CA ASP D 1139 10.78 -48.68 -90.75
C ASP D 1139 10.45 -47.84 -91.98
N PRO D 1140 10.41 -46.51 -91.86
CA PRO D 1140 10.03 -45.70 -93.03
C PRO D 1140 10.99 -45.82 -94.20
N LEU D 1141 12.21 -46.27 -93.96
CA LEU D 1141 13.18 -46.40 -95.05
C LEU D 1141 12.83 -47.57 -95.96
N GLN D 1142 12.21 -48.62 -95.42
CA GLN D 1142 11.94 -49.81 -96.24
C GLN D 1142 11.05 -49.55 -97.44
N PRO D 1143 9.87 -48.91 -97.32
CA PRO D 1143 9.05 -48.72 -98.53
C PRO D 1143 9.59 -47.65 -99.47
N GLU D 1144 10.06 -46.52 -98.94
CA GLU D 1144 10.55 -45.45 -99.80
C GLU D 1144 11.77 -45.89 -100.58
N LEU D 1145 12.66 -46.65 -99.96
CA LEU D 1145 13.84 -47.17 -100.63
C LEU D 1145 13.58 -48.58 -101.15
N ILE E 22 30.80 19.79 34.54
CA ILE E 22 29.41 20.22 34.50
C ILE E 22 29.09 21.02 35.76
N VAL E 23 28.43 22.17 35.59
CA VAL E 23 28.06 23.04 36.68
C VAL E 23 26.54 23.06 36.77
N LEU E 24 26.01 22.74 37.95
CA LEU E 24 24.58 22.72 38.18
C LEU E 24 24.18 23.94 39.01
N THR E 25 23.24 24.71 38.47
CA THR E 25 22.68 25.86 39.17
C THR E 25 21.29 25.48 39.67
N GLN E 26 21.07 25.63 40.97
CA GLN E 26 19.85 25.18 41.61
C GLN E 26 19.00 26.40 41.98
N SER E 27 17.96 26.64 41.19
CA SER E 27 17.00 27.70 41.50
C SER E 27 16.06 27.16 42.59
N PRO E 28 15.15 28.00 43.08
CA PRO E 28 15.28 28.52 44.45
C PRO E 28 16.01 27.59 45.40
N ALA E 29 17.04 28.16 46.02
CA ALA E 29 17.87 27.43 46.99
C ALA E 29 17.39 27.65 48.41
N SER E 30 16.34 28.45 48.59
CA SER E 30 15.71 28.61 49.89
C SER E 30 14.23 28.79 49.66
N LEU E 31 13.45 27.74 49.91
CA LEU E 31 12.04 27.72 49.57
C LEU E 31 11.21 27.52 50.83
N ALA E 32 10.16 28.33 50.97
CA ALA E 32 9.25 28.26 52.11
C ALA E 32 7.84 28.03 51.58
N VAL E 33 7.28 26.86 51.89
CA VAL E 33 5.94 26.49 51.45
C VAL E 33 5.19 25.88 52.62
N SER E 34 3.91 26.25 52.75
CA SER E 34 3.08 25.70 53.80
C SER E 34 2.76 24.24 53.52
N LEU E 35 2.31 23.54 54.56
CA LEU E 35 1.95 22.13 54.42
C LEU E 35 0.82 21.96 53.42
N GLY E 36 0.91 20.91 52.62
CA GLY E 36 -0.09 20.65 51.60
C GLY E 36 0.02 21.52 50.37
N GLN E 37 1.14 22.21 50.18
CA GLN E 37 1.34 23.09 49.03
C GLN E 37 2.51 22.59 48.19
N ARG E 38 2.46 22.93 46.90
CA ARG E 38 3.50 22.50 45.97
C ARG E 38 4.83 23.16 46.31
N ALA E 39 5.91 22.36 46.24
CA ALA E 39 7.27 22.85 46.40
C ALA E 39 8.07 22.44 45.18
N THR E 40 8.76 23.40 44.57
CA THR E 40 9.50 23.17 43.35
C THR E 40 10.94 23.61 43.54
N ILE E 41 11.89 22.71 43.28
CA ILE E 41 13.31 23.01 43.30
C ILE E 41 13.89 22.66 41.93
N SER E 42 14.58 23.61 41.31
CA SER E 42 14.93 23.40 39.90
C SER E 42 16.44 23.33 39.73
N CYS E 43 16.90 22.49 38.83
CA CYS E 43 18.31 22.34 38.53
C CYS E 43 18.54 22.54 37.04
N ARG E 44 19.52 23.37 36.70
CA ARG E 44 19.91 23.60 35.31
C ARG E 44 21.39 23.28 35.15
N ALA E 45 21.73 22.68 34.02
CA ALA E 45 23.06 22.16 33.78
C ALA E 45 23.74 22.95 32.65
N SER E 46 25.05 23.10 32.78
CA SER E 46 25.82 23.82 31.78
C SER E 46 25.85 23.06 30.46
N GLU E 47 26.04 21.75 30.52
CA GLU E 47 25.95 20.88 29.34
C GLU E 47 24.90 19.81 29.59
N SER E 48 24.49 19.16 28.50
CA SER E 48 23.47 18.12 28.60
C SER E 48 23.94 16.98 29.48
N VAL E 49 23.02 16.51 30.34
CA VAL E 49 23.28 15.36 31.19
C VAL E 49 22.72 14.07 30.58
N ASP E 50 21.98 14.18 29.49
CA ASP E 50 21.38 13.03 28.82
C ASP E 50 22.47 12.24 28.12
N ASN E 51 22.40 10.91 28.25
CA ASN E 51 23.33 10.03 27.55
C ASN E 51 22.70 8.64 27.45
N TYR E 52 22.98 7.96 26.34
CA TYR E 52 22.46 6.63 26.06
C TYR E 52 20.94 6.59 26.08
N GLY E 53 20.29 7.70 25.76
CA GLY E 53 18.84 7.74 25.74
C GLY E 53 18.24 8.06 27.09
N ILE E 54 18.86 7.59 28.16
CA ILE E 54 18.40 7.89 29.51
C ILE E 54 19.04 9.19 30.00
N SER E 55 18.50 9.71 31.10
CA SER E 55 19.01 10.92 31.73
C SER E 55 19.73 10.59 33.02
N PHE E 56 20.74 11.39 33.36
CA PHE E 56 21.55 11.12 34.54
C PHE E 56 21.50 12.26 35.55
N MET E 57 20.31 12.80 35.80
CA MET E 57 20.11 13.80 36.84
C MET E 57 19.47 13.13 38.05
N ASN E 58 20.07 13.34 39.21
CA ASN E 58 19.67 12.64 40.43
C ASN E 58 19.35 13.66 41.51
N TRP E 59 18.30 13.39 42.28
CA TRP E 59 17.94 14.26 43.39
C TRP E 59 18.17 13.54 44.71
N PHE E 60 18.91 14.21 45.60
CA PHE E 60 19.24 13.71 46.93
C PHE E 60 18.54 14.56 47.99
N GLN E 61 18.22 13.92 49.11
CA GLN E 61 17.61 14.59 50.25
C GLN E 61 18.47 14.32 51.48
N GLN E 62 18.67 15.35 52.30
CA GLN E 62 19.48 15.25 53.51
C GLN E 62 18.74 15.92 54.65
N THR E 63 18.27 15.13 55.61
CA THR E 63 17.74 15.69 56.84
C THR E 63 18.90 16.04 57.77
N PRO E 64 18.73 17.04 58.63
CA PRO E 64 19.84 17.45 59.51
C PRO E 64 20.33 16.31 60.38
N GLY E 65 21.65 16.19 60.47
CA GLY E 65 22.26 15.13 61.26
C GLY E 65 22.20 13.76 60.64
N GLN E 66 21.86 13.66 59.36
CA GLN E 66 21.74 12.40 58.65
C GLN E 66 22.48 12.48 57.33
N PRO E 67 22.97 11.35 56.82
CA PRO E 67 23.58 11.33 55.50
C PRO E 67 22.56 11.58 54.41
N PRO E 68 22.96 12.14 53.27
CA PRO E 68 22.05 12.26 52.14
C PRO E 68 21.56 10.89 51.69
N LYS E 69 20.31 10.84 51.24
CA LYS E 69 19.72 9.61 50.74
C LYS E 69 19.21 9.84 49.33
N LEU E 70 19.28 8.78 48.52
CA LEU E 70 18.84 8.88 47.13
C LEU E 70 17.33 9.04 47.07
N LEU E 71 16.89 10.19 46.56
CA LEU E 71 15.47 10.50 46.46
C LEU E 71 14.91 10.15 45.09
N ILE E 72 15.57 10.61 44.03
CA ILE E 72 15.12 10.39 42.65
C ILE E 72 16.36 10.03 41.84
N TYR E 73 16.52 8.74 41.53
CA TYR E 73 17.58 8.32 40.62
C TYR E 73 17.06 8.39 39.19
N GLY E 74 17.90 8.89 38.29
CA GLY E 74 17.44 9.17 36.95
C GLY E 74 16.52 10.36 36.94
N SER E 75 16.04 10.70 35.75
CA SER E 75 15.23 11.91 35.59
C SER E 75 13.94 11.82 36.40
N SER E 76 13.28 10.66 36.40
CA SER E 76 11.98 10.53 37.03
C SER E 76 11.85 9.30 37.94
N ASN E 77 12.76 8.34 37.87
CA ASN E 77 12.63 7.13 38.65
C ASN E 77 12.80 7.43 40.14
N GLN E 78 12.00 6.78 40.97
CA GLN E 78 12.01 7.04 42.40
C GLN E 78 12.89 6.03 43.13
N GLY E 79 13.61 6.52 44.14
CA GLY E 79 14.50 5.68 44.91
C GLY E 79 13.76 4.76 45.87
N SER E 80 14.53 3.95 46.56
CA SER E 80 13.95 2.98 47.48
C SER E 80 13.34 3.67 48.68
N GLY E 81 12.11 3.29 49.00
CA GLY E 81 11.41 3.87 50.15
C GLY E 81 11.17 5.36 50.05
N VAL E 82 10.81 5.84 48.87
CA VAL E 82 10.55 7.26 48.64
C VAL E 82 9.05 7.43 48.42
N PRO E 83 8.37 8.28 49.19
CA PRO E 83 6.93 8.46 49.01
C PRO E 83 6.60 9.06 47.66
N ALA E 84 5.34 8.86 47.25
CA ALA E 84 4.89 9.33 45.94
C ALA E 84 4.86 10.85 45.84
N ARG E 85 4.99 11.55 46.97
CA ARG E 85 4.96 13.01 46.95
C ARG E 85 6.09 13.57 46.10
N PHE E 86 7.31 13.05 46.31
CA PHE E 86 8.46 13.49 45.55
C PHE E 86 8.34 13.03 44.10
N SER E 87 8.54 13.96 43.16
CA SER E 87 8.52 13.62 41.75
C SER E 87 9.64 14.37 41.03
N GLY E 88 10.33 13.67 40.16
CA GLY E 88 11.38 14.27 39.33
C GLY E 88 10.92 14.32 37.89
N SER E 89 11.20 15.45 37.23
CA SER E 89 10.80 15.63 35.84
C SER E 89 11.83 16.47 35.13
N GLY E 90 11.73 16.50 33.81
CA GLY E 90 12.62 17.30 33.00
C GLY E 90 13.62 16.45 32.23
N SER E 91 14.41 17.12 31.40
CA SER E 91 15.37 16.45 30.54
C SER E 91 16.36 17.48 30.02
N GLY E 92 17.26 17.02 29.15
CA GLY E 92 18.25 17.88 28.55
C GLY E 92 19.16 18.53 29.59
N THR E 93 18.97 19.82 29.81
CA THR E 93 19.71 20.55 30.83
C THR E 93 18.83 21.06 31.96
N ASP E 94 17.53 20.87 31.89
CA ASP E 94 16.61 21.43 32.87
C ASP E 94 15.81 20.33 33.55
N PHE E 95 15.84 20.30 34.88
CA PHE E 95 15.13 19.30 35.66
C PHE E 95 14.47 19.98 36.84
N SER E 96 13.41 19.36 37.34
CA SER E 96 12.62 19.91 38.45
C SER E 96 12.25 18.79 39.41
N LEU E 97 12.27 19.14 40.70
CA LEU E 97 11.80 18.27 41.77
C LEU E 97 10.57 18.92 42.40
N ASN E 98 9.46 18.17 42.44
CA ASN E 98 8.18 18.69 42.90
C ASN E 98 7.69 17.86 44.08
N ILE E 99 7.22 18.55 45.12
CA ILE E 99 6.66 17.91 46.31
C ILE E 99 5.31 18.59 46.54
N HIS E 100 4.24 17.99 46.01
CA HIS E 100 2.92 18.60 46.16
C HIS E 100 2.33 18.38 47.55
N PRO E 101 2.22 17.15 48.08
CA PRO E 101 1.72 17.00 49.45
C PRO E 101 2.82 17.25 50.47
N MET E 102 3.18 18.52 50.67
CA MET E 102 4.24 18.85 51.62
C MET E 102 3.87 18.40 53.03
N GLU E 103 4.82 17.79 53.71
CA GLU E 103 4.62 17.30 55.07
C GLU E 103 5.70 17.86 55.98
N GLU E 104 5.57 17.54 57.27
CA GLU E 104 6.55 18.02 58.26
C GLU E 104 7.92 17.42 58.01
N ASP E 105 7.98 16.14 57.64
CA ASP E 105 9.24 15.44 57.47
C ASP E 105 10.03 15.90 56.25
N ASP E 106 9.44 16.72 55.38
CA ASP E 106 10.11 17.16 54.17
C ASP E 106 11.05 18.33 54.40
N THR E 107 11.13 18.85 55.62
CA THR E 107 12.07 19.93 55.93
C THR E 107 13.48 19.38 55.90
N ALA E 108 14.22 19.66 54.84
CA ALA E 108 15.55 19.10 54.65
C ALA E 108 16.27 19.88 53.57
N MET E 109 17.53 19.50 53.33
CA MET E 109 18.34 20.09 52.27
C MET E 109 18.33 19.18 51.06
N TYR E 110 17.91 19.72 49.91
CA TYR E 110 17.75 18.93 48.69
C TYR E 110 18.83 19.33 47.69
N PHE E 111 19.51 18.33 47.14
CA PHE E 111 20.58 18.55 46.18
C PHE E 111 20.24 17.91 44.84
N CYS E 112 20.75 18.52 43.78
CA CYS E 112 20.70 17.94 42.44
C CYS E 112 22.12 17.60 42.02
N GLN E 113 22.29 16.40 41.46
CA GLN E 113 23.60 15.85 41.13
C GLN E 113 23.55 15.28 39.72
N GLN E 114 24.70 15.28 39.05
CA GLN E 114 24.80 14.78 37.69
C GLN E 114 25.76 13.59 37.67
N SER E 115 25.39 12.55 36.93
CA SER E 115 26.20 11.35 36.79
C SER E 115 26.66 11.11 35.36
N LYS E 116 26.46 12.08 34.46
CA LYS E 116 26.82 11.87 33.06
C LYS E 116 28.33 11.85 32.86
N GLU E 117 29.07 12.76 33.49
CA GLU E 117 30.50 12.88 33.30
C GLU E 117 31.21 12.44 34.57
N VAL E 118 32.49 12.05 34.42
CA VAL E 118 33.20 11.40 35.53
C VAL E 118 33.22 12.25 36.79
N PRO E 119 33.58 13.54 36.75
CA PRO E 119 33.50 14.35 37.99
C PRO E 119 32.05 14.61 38.34
N TYR E 120 31.56 13.89 39.34
CA TYR E 120 30.18 14.08 39.77
C TYR E 120 30.03 15.43 40.45
N THR E 121 29.01 16.18 40.04
CA THR E 121 28.81 17.53 40.53
C THR E 121 27.44 17.64 41.20
N PHE E 122 27.41 18.28 42.36
CA PHE E 122 26.18 18.48 43.10
C PHE E 122 25.71 19.91 42.93
N GLY E 123 24.41 20.11 43.18
CA GLY E 123 23.83 21.44 43.10
C GLY E 123 24.17 22.27 44.32
N GLY E 124 23.73 23.54 44.27
CA GLY E 124 23.96 24.43 45.39
C GLY E 124 23.27 23.97 46.66
N GLY E 125 22.09 23.39 46.53
CA GLY E 125 21.35 22.91 47.68
C GLY E 125 20.20 23.84 48.04
N THR E 126 19.06 23.26 48.42
CA THR E 126 17.87 24.02 48.75
C THR E 126 17.36 23.56 50.11
N LYS E 127 17.36 24.47 51.08
CA LYS E 127 16.81 24.18 52.40
C LYS E 127 15.31 24.44 52.37
N LEU E 128 14.52 23.38 52.29
CA LEU E 128 13.07 23.49 52.18
C LEU E 128 12.47 23.54 53.58
N GLU E 129 11.69 24.58 53.84
CA GLU E 129 11.12 24.80 55.16
C GLU E 129 9.64 25.12 55.04
N ILE E 130 8.90 24.82 56.10
CA ILE E 130 7.46 25.06 56.11
C ILE E 130 7.20 26.53 56.42
N LYS E 131 6.26 27.11 55.68
CA LYS E 131 5.95 28.53 55.81
C LYS E 131 4.86 28.74 56.84
N ARG E 132 4.90 29.92 57.46
CA ARG E 132 3.86 30.33 58.42
C ARG E 132 3.69 31.83 58.31
N THR E 133 2.78 32.36 59.13
CA THR E 133 2.52 33.80 59.13
C THR E 133 3.69 34.55 59.78
N VAL E 134 3.90 35.77 59.32
CA VAL E 134 4.97 36.60 59.85
C VAL E 134 4.71 36.88 61.32
N ALA E 135 5.74 36.69 62.15
CA ALA E 135 5.64 36.85 63.59
C ALA E 135 6.62 37.89 64.07
N ALA E 136 6.24 38.59 65.13
CA ALA E 136 7.08 39.64 65.69
C ALA E 136 8.20 39.04 66.53
N PRO E 137 9.43 39.54 66.39
CA PRO E 137 10.53 39.06 67.23
C PRO E 137 10.45 39.62 68.64
N SER E 138 10.66 38.76 69.63
CA SER E 138 10.77 39.19 71.03
C SER E 138 12.23 39.54 71.27
N VAL E 139 12.50 40.84 71.44
CA VAL E 139 13.87 41.32 71.51
C VAL E 139 14.26 41.54 72.97
N PHE E 140 15.51 41.19 73.29
CA PHE E 140 16.06 41.38 74.63
C PHE E 140 17.53 41.75 74.50
N ILE E 141 18.05 42.47 75.49
CA ILE E 141 19.46 42.84 75.54
C ILE E 141 20.02 42.41 76.88
N PHE E 142 21.19 41.76 76.83
CA PHE E 142 21.77 41.05 77.96
C PHE E 142 23.19 41.57 78.21
N PRO E 143 23.43 42.21 79.36
CA PRO E 143 24.78 42.71 79.63
C PRO E 143 25.73 41.59 80.01
N PRO E 144 27.03 41.82 79.94
CA PRO E 144 27.99 40.79 80.38
C PRO E 144 27.89 40.55 81.88
N SER E 145 28.20 39.32 82.28
CA SER E 145 28.14 38.95 83.69
C SER E 145 29.32 39.56 84.45
N ASP E 146 29.13 39.70 85.76
CA ASP E 146 30.18 40.26 86.61
C ASP E 146 31.42 39.37 86.62
N GLU E 147 31.23 38.05 86.70
CA GLU E 147 32.37 37.13 86.71
C GLU E 147 33.15 37.23 85.40
N GLN E 148 32.43 37.34 84.27
CA GLN E 148 33.11 37.56 82.99
C GLN E 148 33.84 38.89 82.98
N LEU E 149 33.25 39.92 83.59
CA LEU E 149 33.91 41.21 83.68
C LEU E 149 35.19 41.12 84.51
N LYS E 150 35.24 40.18 85.46
CA LYS E 150 36.48 39.93 86.19
C LYS E 150 37.58 39.43 85.26
N SER E 151 37.20 38.63 84.25
CA SER E 151 38.18 38.02 83.36
C SER E 151 38.65 39.00 82.29
N GLY E 152 38.21 40.25 82.36
CA GLY E 152 38.65 41.24 81.40
C GLY E 152 37.99 41.15 80.05
N THR E 153 36.87 40.44 79.94
CA THR E 153 36.15 40.30 78.69
C THR E 153 34.69 40.63 78.95
N ALA E 154 34.05 41.28 77.97
CA ALA E 154 32.66 41.68 78.09
C ALA E 154 31.91 41.28 76.82
N SER E 155 30.89 40.44 76.97
CA SER E 155 30.07 40.00 75.86
C SER E 155 28.64 40.48 76.08
N VAL E 156 28.14 41.27 75.14
CA VAL E 156 26.78 41.81 75.18
C VAL E 156 25.93 41.02 74.18
N VAL E 157 24.79 40.53 74.63
CA VAL E 157 23.94 39.64 73.85
C VAL E 157 22.69 40.40 73.42
N CYS E 158 22.32 40.25 72.15
CA CYS E 158 21.02 40.67 71.66
C CYS E 158 20.26 39.43 71.20
N LEU E 159 19.07 39.24 71.76
CA LEU E 159 18.30 38.00 71.58
C LEU E 159 16.97 38.31 70.92
N LEU E 160 16.64 37.55 69.88
CA LEU E 160 15.35 37.61 69.21
C LEU E 160 14.70 36.23 69.31
N ASN E 161 13.53 36.18 69.91
CA ASN E 161 12.80 34.94 70.14
C ASN E 161 11.54 34.89 69.31
N ASN E 162 11.34 33.76 68.63
CA ASN E 162 10.10 33.44 67.92
C ASN E 162 9.78 34.50 66.86
N PHE E 163 10.63 34.59 65.85
CA PHE E 163 10.41 35.48 64.72
C PHE E 163 10.46 34.69 63.42
N TYR E 164 9.53 35.00 62.52
CA TYR E 164 9.51 34.45 61.18
C TYR E 164 9.26 35.57 60.18
N PRO E 165 9.94 35.59 59.03
CA PRO E 165 10.96 34.62 58.60
C PRO E 165 12.33 34.87 59.23
N ARG E 166 13.35 34.19 58.70
CA ARG E 166 14.70 34.34 59.25
C ARG E 166 15.35 35.66 58.82
N GLU E 167 14.80 36.31 57.80
CA GLU E 167 15.38 37.55 57.30
C GLU E 167 15.26 38.66 58.34
N ALA E 168 16.39 39.03 58.94
CA ALA E 168 16.45 40.09 59.93
C ALA E 168 17.86 40.61 60.03
N LYS E 169 18.00 41.90 60.31
CA LYS E 169 19.32 42.54 60.41
C LYS E 169 19.47 43.13 61.80
N VAL E 170 20.62 42.84 62.44
CA VAL E 170 20.93 43.30 63.79
C VAL E 170 22.20 44.14 63.72
N GLN E 171 22.14 45.33 64.31
CA GLN E 171 23.25 46.28 64.32
C GLN E 171 23.55 46.69 65.75
N TRP E 172 24.83 46.84 66.06
CA TRP E 172 25.28 47.23 67.38
C TRP E 172 25.67 48.70 67.37
N LYS E 173 25.21 49.45 68.37
CA LYS E 173 25.50 50.87 68.51
C LYS E 173 26.09 51.12 69.89
N VAL E 174 27.39 51.39 69.94
CA VAL E 174 28.08 51.71 71.18
C VAL E 174 28.32 53.22 71.21
N ASP E 175 27.64 53.91 72.14
CA ASP E 175 27.65 55.37 72.18
C ASP E 175 27.27 55.95 70.82
N ASN E 176 26.08 55.56 70.35
CA ASN E 176 25.50 55.98 69.06
C ASN E 176 26.49 55.84 67.89
N ALA E 177 27.45 54.94 68.02
CA ALA E 177 28.41 54.64 66.97
C ALA E 177 28.24 53.19 66.52
N LEU E 178 28.06 53.00 65.21
CA LEU E 178 27.81 51.68 64.67
C LEU E 178 29.08 50.84 64.67
N GLN E 179 28.97 49.58 65.08
CA GLN E 179 30.10 48.67 65.14
C GLN E 179 30.12 47.76 63.92
N SER E 180 31.33 47.34 63.55
CA SER E 180 31.53 46.48 62.38
C SER E 180 32.64 45.50 62.65
N GLY E 181 32.42 44.24 62.29
CA GLY E 181 33.45 43.22 62.44
C GLY E 181 33.78 42.86 63.88
N ASN E 182 32.80 42.96 64.79
CA ASN E 182 33.01 42.64 66.19
C ASN E 182 31.88 41.81 66.79
N SER E 183 30.91 41.40 65.98
CA SER E 183 29.74 40.67 66.47
C SER E 183 29.65 39.31 65.79
N GLN E 184 29.38 38.28 66.58
CA GLN E 184 29.15 36.94 66.07
C GLN E 184 27.70 36.56 66.35
N GLU E 185 26.95 36.22 65.31
CA GLU E 185 25.55 35.92 65.44
C GLU E 185 25.28 34.45 65.12
N SER E 186 24.31 33.88 65.81
CA SER E 186 23.89 32.50 65.62
C SER E 186 22.38 32.46 65.47
N VAL E 187 21.90 31.52 64.66
CA VAL E 187 20.47 31.36 64.42
C VAL E 187 20.11 29.89 64.66
N THR E 188 19.19 29.66 65.58
CA THR E 188 18.70 28.31 65.81
C THR E 188 17.75 27.91 64.69
N GLU E 189 17.81 26.64 64.28
CA GLU E 189 17.00 26.15 63.19
C GLU E 189 15.51 26.29 63.51
N GLN E 190 14.68 26.20 62.47
CA GLN E 190 13.24 26.39 62.60
C GLN E 190 12.64 25.45 63.62
N ASP E 191 11.78 25.99 64.50
CA ASP E 191 11.18 25.17 65.54
C ASP E 191 10.26 24.11 64.94
N SER E 192 10.27 22.93 65.55
CA SER E 192 9.45 21.82 65.05
C SER E 192 7.97 22.15 65.13
N LYS E 193 7.54 22.77 66.23
CA LYS E 193 6.14 23.13 66.43
C LYS E 193 5.86 24.60 66.15
N ASP E 194 6.65 25.51 66.74
CA ASP E 194 6.40 26.93 66.57
C ASP E 194 6.70 27.40 65.14
N SER E 195 7.63 26.73 64.45
CA SER E 195 8.05 27.10 63.10
C SER E 195 8.59 28.52 63.04
N THR E 196 9.24 28.97 64.10
CA THR E 196 9.76 30.33 64.22
C THR E 196 11.26 30.27 64.51
N TYR E 197 12.00 31.21 63.93
CA TYR E 197 13.44 31.26 64.12
C TYR E 197 13.79 31.96 65.44
N SER E 198 15.02 31.74 65.89
CA SER E 198 15.58 32.46 67.02
C SER E 198 17.00 32.88 66.70
N LEU E 199 17.34 34.10 67.11
CA LEU E 199 18.61 34.72 66.74
C LEU E 199 19.28 35.25 67.99
N SER E 200 20.60 35.14 68.06
CA SER E 200 21.36 35.72 69.15
C SER E 200 22.68 36.25 68.60
N SER E 201 22.91 37.54 68.75
CA SER E 201 24.15 38.17 68.34
C SER E 201 24.95 38.60 69.58
N THR E 202 26.21 38.19 69.63
CA THR E 202 27.07 38.51 70.76
C THR E 202 28.19 39.43 70.29
N LEU E 203 28.33 40.57 70.96
CA LEU E 203 29.40 41.51 70.72
C LEU E 203 30.44 41.39 71.82
N THR E 204 31.68 41.12 71.43
CA THR E 204 32.77 40.86 72.38
C THR E 204 33.71 42.05 72.42
N LEU E 205 34.12 42.43 73.62
CA LEU E 205 35.00 43.57 73.82
C LEU E 205 35.93 43.30 75.00
N SER E 206 37.06 44.01 75.03
CA SER E 206 37.92 43.98 76.20
C SER E 206 37.28 44.80 77.32
N LYS E 207 37.69 44.51 78.56
CA LYS E 207 37.15 45.23 79.70
C LYS E 207 37.45 46.72 79.62
N ALA E 208 38.68 47.07 79.21
CA ALA E 208 39.04 48.49 79.10
C ALA E 208 38.19 49.19 78.05
N ASP E 209 37.93 48.54 76.92
CA ASP E 209 37.08 49.14 75.90
C ASP E 209 35.61 49.17 76.32
N TYR E 210 35.15 48.14 77.02
CA TYR E 210 33.76 48.11 77.46
C TYR E 210 33.48 49.21 78.47
N GLU E 211 34.41 49.41 79.42
CA GLU E 211 34.22 50.43 80.44
C GLU E 211 34.42 51.85 79.92
N LYS E 212 34.89 52.01 78.69
CA LYS E 212 35.09 53.33 78.11
C LYS E 212 33.83 53.91 77.48
N HIS E 213 32.72 53.15 77.47
CA HIS E 213 31.47 53.60 76.90
C HIS E 213 30.32 53.24 77.83
N LYS E 214 29.24 54.02 77.72
CA LYS E 214 28.08 53.87 78.59
C LYS E 214 26.89 53.22 77.90
N VAL E 215 26.44 53.79 76.78
CA VAL E 215 25.22 53.36 76.11
C VAL E 215 25.56 52.27 75.12
N TYR E 216 24.96 51.09 75.30
CA TYR E 216 25.06 49.99 74.35
C TYR E 216 23.66 49.63 73.88
N ALA E 217 23.47 49.65 72.56
CA ALA E 217 22.15 49.45 71.97
C ALA E 217 22.23 48.41 70.86
N CYS E 218 21.14 47.65 70.73
CA CYS E 218 20.94 46.70 69.65
C CYS E 218 19.75 47.17 68.84
N GLU E 219 19.98 47.43 67.56
CA GLU E 219 18.96 47.93 66.63
C GLU E 219 18.64 46.82 65.65
N VAL E 220 17.38 46.39 65.62
CA VAL E 220 16.98 45.24 64.82
C VAL E 220 15.90 45.69 63.83
N THR E 221 16.05 45.24 62.58
CA THR E 221 15.01 45.42 61.57
C THR E 221 14.57 44.05 61.05
N HIS E 222 13.27 43.90 60.86
CA HIS E 222 12.66 42.64 60.48
C HIS E 222 11.38 42.93 59.68
N GLN E 223 10.94 41.93 58.92
CA GLN E 223 9.74 42.09 58.11
C GLN E 223 8.50 42.29 58.98
N GLY E 224 8.46 41.66 60.16
CA GLY E 224 7.31 41.77 61.04
C GLY E 224 7.25 43.06 61.84
N LEU E 225 8.29 43.89 61.77
CA LEU E 225 8.32 45.17 62.46
C LEU E 225 8.10 46.29 61.46
N SER E 226 7.15 47.18 61.75
CA SER E 226 6.93 48.34 60.90
C SER E 226 8.11 49.30 60.95
N SER E 227 8.72 49.46 62.13
CA SER E 227 9.91 50.29 62.29
C SER E 227 10.92 49.50 63.11
N PRO E 228 12.21 49.69 62.86
CA PRO E 228 13.22 48.92 63.61
C PRO E 228 13.13 49.17 65.10
N VAL E 229 13.35 48.12 65.88
CA VAL E 229 13.21 48.15 67.34
C VAL E 229 14.59 48.25 67.96
N THR E 230 14.72 49.14 68.94
CA THR E 230 15.98 49.32 69.65
C THR E 230 15.84 48.81 71.09
N LYS E 231 16.89 48.16 71.59
CA LYS E 231 16.98 47.78 72.99
C LYS E 231 18.35 48.21 73.49
N SER E 232 18.36 49.10 74.48
CA SER E 232 19.61 49.72 74.93
C SER E 232 19.72 49.63 76.44
N PHE E 233 20.95 49.73 76.92
CA PHE E 233 21.23 49.80 78.35
C PHE E 233 22.46 50.64 78.59
N ASN E 234 22.54 51.22 79.78
CA ASN E 234 23.69 52.00 80.21
C ASN E 234 24.48 51.21 81.25
N ARG E 235 25.79 51.13 81.06
CA ARG E 235 26.66 50.40 81.96
C ARG E 235 26.58 50.97 83.37
N GLY E 236 26.07 50.18 84.30
CA GLY E 236 25.94 50.60 85.68
C GLY E 236 24.52 50.50 86.19
N VAL F 21 22.04 -3.00 52.79
CA VAL F 21 23.25 -2.22 52.52
C VAL F 21 23.56 -1.31 53.69
N GLN F 22 24.66 -1.58 54.38
CA GLN F 22 25.08 -0.82 55.53
C GLN F 22 26.54 -0.42 55.38
N LEU F 23 26.86 0.85 55.67
CA LEU F 23 28.22 1.34 55.65
C LEU F 23 28.50 2.04 56.97
N GLN F 24 29.56 1.61 57.64
CA GLN F 24 29.91 2.10 58.97
C GLN F 24 31.29 2.76 58.93
N GLN F 25 31.40 3.93 59.54
CA GLN F 25 32.60 4.75 59.41
C GLN F 25 33.26 4.98 60.76
N SER F 26 34.41 5.66 60.72
CA SER F 26 35.06 6.14 61.92
C SER F 26 34.25 7.28 62.53
N ALA F 27 34.72 7.81 63.65
CA ALA F 27 33.95 8.78 64.42
C ALA F 27 34.77 10.01 64.73
N ALA F 28 34.48 11.11 64.02
CA ALA F 28 34.86 12.47 64.42
C ALA F 28 36.33 12.60 64.84
N GLU F 29 37.25 12.39 63.91
CA GLU F 29 38.67 12.42 64.22
C GLU F 29 39.22 13.83 64.09
N LEU F 30 40.10 14.20 65.04
CA LEU F 30 40.70 15.53 65.10
C LEU F 30 42.20 15.41 64.87
N ALA F 31 42.73 16.27 64.02
CA ALA F 31 44.15 16.27 63.71
C ALA F 31 44.63 17.70 63.49
N ARG F 32 45.90 17.93 63.78
CA ARG F 32 46.52 19.23 63.58
C ARG F 32 46.88 19.44 62.11
N PRO F 33 47.01 20.69 61.66
CA PRO F 33 47.41 20.94 60.27
C PRO F 33 48.76 20.31 59.95
N GLY F 34 48.86 19.79 58.73
CA GLY F 34 50.06 19.14 58.24
C GLY F 34 50.09 17.65 58.45
N ALA F 35 49.24 17.12 59.34
CA ALA F 35 49.21 15.70 59.61
C ALA F 35 48.40 14.96 58.54
N SER F 36 48.31 13.65 58.69
CA SER F 36 47.56 12.79 57.78
C SER F 36 46.44 12.10 58.55
N VAL F 37 45.36 11.81 57.84
CA VAL F 37 44.18 11.16 58.43
C VAL F 37 43.88 9.90 57.62
N LYS F 38 43.66 8.79 58.33
CA LYS F 38 43.20 7.54 57.71
C LYS F 38 41.75 7.33 58.12
N MET F 39 40.89 7.09 57.13
CA MET F 39 39.46 7.02 57.31
C MET F 39 38.95 5.69 56.77
N SER F 40 38.11 5.02 57.57
CA SER F 40 37.70 3.66 57.27
C SER F 40 36.19 3.61 57.02
N CYS F 41 35.80 2.70 56.14
CA CYS F 41 34.40 2.48 55.78
C CYS F 41 34.20 0.97 55.64
N LYS F 42 33.62 0.36 56.68
CA LYS F 42 33.23 -1.04 56.62
C LYS F 42 31.91 -1.17 55.88
N ALA F 43 31.82 -2.21 55.04
CA ALA F 43 30.65 -2.43 54.20
C ALA F 43 30.02 -3.77 54.55
N SER F 44 28.69 -3.80 54.58
CA SER F 44 27.96 -5.02 54.88
C SER F 44 26.64 -5.00 54.11
N GLY F 45 26.04 -6.17 53.97
CA GLY F 45 24.79 -6.30 53.26
C GLY F 45 24.92 -6.53 51.76
N TYR F 46 26.14 -6.60 51.23
CA TYR F 46 26.34 -6.87 49.82
C TYR F 46 27.74 -7.44 49.63
N THR F 47 28.06 -7.77 48.38
CA THR F 47 29.29 -8.50 48.09
C THR F 47 30.53 -7.63 48.28
N PHE F 48 30.40 -6.34 48.00
CA PHE F 48 31.47 -5.33 48.13
C PHE F 48 32.52 -5.49 47.02
N THR F 49 32.43 -6.57 46.25
CA THR F 49 33.33 -6.77 45.13
C THR F 49 32.70 -6.39 43.79
N SER F 50 31.43 -5.99 43.78
CA SER F 50 30.72 -5.66 42.56
C SER F 50 30.29 -4.20 42.47
N TYR F 51 30.55 -3.40 43.50
CA TYR F 51 30.15 -2.00 43.50
C TYR F 51 31.33 -1.13 43.89
N THR F 52 31.60 -0.10 43.09
CA THR F 52 32.69 0.81 43.40
C THR F 52 32.30 1.72 44.56
N MET F 53 33.30 2.24 45.25
CA MET F 53 33.12 3.00 46.48
C MET F 53 33.54 4.44 46.24
N HIS F 54 32.61 5.37 46.44
CA HIS F 54 32.85 6.80 46.25
C HIS F 54 33.00 7.49 47.59
N TRP F 55 33.66 8.64 47.59
CA TRP F 55 33.80 9.46 48.77
C TRP F 55 33.35 10.88 48.46
N VAL F 56 32.59 11.47 49.38
CA VAL F 56 32.00 12.80 49.19
C VAL F 56 32.33 13.67 50.40
N LYS F 57 32.68 14.92 50.14
CA LYS F 57 33.04 15.88 51.19
C LYS F 57 31.93 16.91 51.34
N GLN F 58 31.63 17.29 52.58
CA GLN F 58 30.63 18.31 52.86
C GLN F 58 31.14 19.21 53.96
N ARG F 59 31.31 20.49 53.65
CA ARG F 59 31.56 21.47 54.69
C ARG F 59 30.35 21.59 55.60
N PRO F 60 30.54 21.98 56.86
CA PRO F 60 29.40 22.18 57.75
C PRO F 60 28.41 23.20 57.18
N GLY F 61 27.18 22.75 56.91
CA GLY F 61 26.17 23.62 56.36
C GLY F 61 26.50 24.18 54.98
N GLN F 62 27.10 23.37 54.12
CA GLN F 62 27.44 23.79 52.77
C GLN F 62 27.13 22.70 51.75
N GLY F 63 27.62 22.85 50.53
CA GLY F 63 27.34 21.90 49.47
C GLY F 63 28.23 20.67 49.54
N LEU F 64 27.89 19.70 48.69
CA LEU F 64 28.58 18.43 48.62
C LEU F 64 29.61 18.45 47.50
N GLU F 65 30.80 17.91 47.79
CA GLU F 65 31.88 17.82 46.81
C GLU F 65 32.37 16.39 46.72
N TRP F 66 32.52 15.90 45.50
CA TRP F 66 32.94 14.52 45.27
C TRP F 66 34.46 14.45 45.16
N ILE F 67 35.06 13.57 45.96
CA ILE F 67 36.52 13.38 45.94
C ILE F 67 36.92 12.39 44.85
N GLY F 68 36.46 11.15 44.96
CA GLY F 68 36.85 10.14 44.01
C GLY F 68 36.26 8.80 44.39
N TYR F 69 36.48 7.84 43.51
CA TYR F 69 35.97 6.49 43.71
C TYR F 69 37.09 5.48 43.49
N ILE F 70 36.91 4.33 44.12
CA ILE F 70 37.84 3.21 44.01
C ILE F 70 37.06 1.97 43.59
N ASN F 71 37.61 1.22 42.65
CA ASN F 71 37.07 -0.07 42.28
C ASN F 71 37.60 -1.12 43.25
N PRO F 72 36.73 -1.84 43.98
CA PRO F 72 37.25 -2.83 44.93
C PRO F 72 37.98 -3.99 44.29
N THR F 73 37.43 -4.55 43.21
CA THR F 73 38.03 -5.74 42.60
C THR F 73 39.42 -5.45 42.06
N SER F 74 39.57 -4.34 41.34
CA SER F 74 40.87 -3.90 40.81
C SER F 74 41.12 -2.50 41.30
N GLY F 75 42.29 -2.27 41.88
CA GLY F 75 42.55 -1.01 42.55
C GLY F 75 42.70 0.17 41.60
N TYR F 76 41.68 0.40 40.79
CA TYR F 76 41.65 1.55 39.90
C TYR F 76 40.92 2.70 40.59
N THR F 77 41.65 3.73 40.98
CA THR F 77 41.10 4.86 41.69
C THR F 77 41.06 6.08 40.77
N GLU F 78 39.93 6.77 40.76
CA GLU F 78 39.78 8.01 40.01
C GLU F 78 39.37 9.12 40.96
N TYR F 79 40.16 10.17 41.00
CA TYR F 79 39.96 11.28 41.94
C TYR F 79 39.50 12.52 41.20
N ASN F 80 38.93 13.45 41.97
CA ASN F 80 38.65 14.79 41.44
C ASN F 80 39.96 15.54 41.25
N GLN F 81 39.91 16.55 40.37
CA GLN F 81 41.11 17.36 40.12
C GLN F 81 41.56 18.09 41.39
N ASN F 82 40.61 18.62 42.16
CA ASN F 82 40.96 19.37 43.36
C ASN F 82 41.61 18.47 44.40
N PHE F 83 41.09 17.27 44.58
CA PHE F 83 41.53 16.37 45.64
C PHE F 83 42.59 15.37 45.20
N LYS F 84 43.09 15.48 43.96
CA LYS F 84 44.00 14.47 43.45
C LYS F 84 45.30 14.40 44.25
N ASP F 85 45.85 15.55 44.61
CA ASP F 85 47.17 15.57 45.24
C ASP F 85 47.11 15.10 46.69
N LYS F 86 46.09 15.54 47.44
CA LYS F 86 46.08 15.36 48.89
C LYS F 86 45.29 14.14 49.35
N THR F 87 44.78 13.32 48.43
CA THR F 87 43.92 12.20 48.79
C THR F 87 44.43 10.92 48.16
N THR F 88 44.31 9.82 48.90
CA THR F 88 44.65 8.50 48.40
C THR F 88 43.59 7.50 48.83
N LEU F 89 43.07 6.72 47.89
CA LEU F 89 42.02 5.75 48.17
C LEU F 89 42.58 4.33 48.08
N THR F 90 42.26 3.51 49.07
CA THR F 90 42.66 2.11 49.07
C THR F 90 41.51 1.26 49.58
N ALA F 91 41.59 -0.05 49.34
CA ALA F 91 40.52 -0.96 49.73
C ALA F 91 41.09 -2.32 50.08
N ASP F 92 40.49 -2.97 51.07
CA ASP F 92 40.82 -4.33 51.47
C ASP F 92 39.56 -5.17 51.31
N LYS F 93 39.57 -6.06 50.31
CA LYS F 93 38.42 -6.90 50.06
C LYS F 93 38.29 -8.01 51.09
N SER F 94 39.41 -8.41 51.70
CA SER F 94 39.37 -9.50 52.68
C SER F 94 38.53 -9.12 53.88
N SER F 95 38.66 -7.89 54.36
CA SER F 95 37.84 -7.38 55.47
C SER F 95 36.66 -6.56 54.99
N SER F 96 36.50 -6.41 53.67
CA SER F 96 35.43 -5.61 53.08
C SER F 96 35.42 -4.19 53.66
N THR F 97 36.52 -3.48 53.43
CA THR F 97 36.71 -2.16 54.00
C THR F 97 37.34 -1.24 52.95
N ALA F 98 36.96 0.04 52.98
CA ALA F 98 37.60 1.06 52.18
C ALA F 98 38.30 2.06 53.10
N TYR F 99 39.34 2.72 52.58
CA TYR F 99 40.08 3.70 53.34
C TYR F 99 40.40 4.90 52.45
N MET F 100 40.27 6.09 53.05
CA MET F 100 40.71 7.34 52.46
C MET F 100 41.81 7.93 53.33
N GLN F 101 42.93 8.30 52.71
CA GLN F 101 44.04 8.93 53.40
C GLN F 101 44.17 10.36 52.92
N LEU F 102 44.07 11.31 53.85
CA LEU F 102 44.24 12.73 53.57
C LEU F 102 45.61 13.18 54.05
N ASN F 103 46.32 13.88 53.18
CA ASN F 103 47.69 14.31 53.45
C ASN F 103 47.78 15.84 53.38
N SER F 104 48.67 16.39 54.20
CA SER F 104 48.91 17.83 54.29
C SER F 104 47.62 18.58 54.62
N LEU F 105 47.13 18.33 55.82
CA LEU F 105 45.86 18.90 56.26
C LEU F 105 45.97 20.42 56.42
N THR F 106 44.90 21.12 56.05
CA THR F 106 44.75 22.54 56.31
C THR F 106 43.39 22.76 56.96
N SER F 107 43.14 24.00 57.38
CA SER F 107 41.85 24.32 57.99
C SER F 107 40.70 24.09 57.03
N GLU F 108 40.97 24.10 55.72
CA GLU F 108 39.92 23.87 54.74
C GLU F 108 39.45 22.43 54.76
N ASP F 109 40.28 21.50 55.25
CA ASP F 109 39.93 20.08 55.20
C ASP F 109 38.93 19.69 56.28
N SER F 110 38.69 20.54 57.28
CA SER F 110 37.71 20.22 58.32
C SER F 110 36.32 20.13 57.74
N ALA F 111 35.76 18.93 57.68
CA ALA F 111 34.47 18.70 57.03
C ALA F 111 34.00 17.29 57.34
N VAL F 112 32.78 16.99 56.92
CA VAL F 112 32.20 15.65 57.08
C VAL F 112 32.40 14.89 55.78
N TYR F 113 33.03 13.72 55.88
CA TYR F 113 33.25 12.86 54.73
C TYR F 113 32.29 11.67 54.79
N TYR F 114 31.79 11.28 53.63
CA TYR F 114 30.85 10.19 53.47
C TYR F 114 31.41 9.17 52.49
N CYS F 115 31.24 7.89 52.81
CA CYS F 115 31.54 6.79 51.91
C CYS F 115 30.23 6.25 51.37
N ALA F 116 30.14 6.14 50.05
CA ALA F 116 28.91 5.77 49.38
C ALA F 116 29.16 4.66 48.38
N ARG F 117 28.13 3.83 48.21
CA ARG F 117 28.15 2.71 47.28
C ARG F 117 27.41 3.08 46.00
N GLU F 118 27.98 2.65 44.89
CA GLU F 118 27.38 2.86 43.57
C GLU F 118 26.06 2.11 43.46
N GLY F 119 25.09 2.75 42.82
CA GLY F 119 23.80 2.12 42.60
C GLY F 119 22.86 3.00 41.79
N HIS F 120 21.99 2.38 41.01
CA HIS F 120 20.98 3.08 40.22
C HIS F 120 21.63 4.09 39.26
N ARG F 121 22.81 3.75 38.74
CA ARG F 121 23.56 4.58 37.81
C ARG F 121 23.98 5.91 38.47
N VAL F 122 23.83 5.99 39.78
CA VAL F 122 24.33 7.12 40.55
C VAL F 122 25.70 6.75 41.10
N GLY F 123 26.63 7.70 41.08
CA GLY F 123 27.94 7.45 41.64
C GLY F 123 27.88 7.21 43.13
N PRO F 124 27.59 8.25 43.90
CA PRO F 124 27.37 8.08 45.34
C PRO F 124 25.92 7.79 45.68
N ALA F 125 25.48 6.53 45.50
CA ALA F 125 24.08 6.21 45.68
C ALA F 125 23.73 5.99 47.15
N TYR F 126 24.35 4.99 47.79
CA TYR F 126 23.99 4.60 49.15
C TYR F 126 25.06 5.10 50.11
N TRP F 127 24.72 6.10 50.92
CA TRP F 127 25.67 6.77 51.79
C TRP F 127 25.74 6.10 53.14
N GLY F 128 26.90 6.19 53.79
CA GLY F 128 27.11 5.66 55.12
C GLY F 128 27.36 6.78 56.12
N GLN F 129 26.46 6.87 57.10
CA GLN F 129 26.45 7.87 58.17
C GLN F 129 27.22 9.13 57.82
N GLY F 130 28.44 9.26 58.35
CA GLY F 130 29.29 10.40 58.08
C GLY F 130 30.33 10.55 59.16
N THR F 131 31.57 10.85 58.79
CA THR F 131 32.64 11.03 59.76
C THR F 131 33.21 12.44 59.65
N LEU F 132 33.32 13.13 60.78
CA LEU F 132 33.75 14.51 60.81
C LEU F 132 35.24 14.56 61.10
N VAL F 133 36.00 15.17 60.20
CA VAL F 133 37.43 15.38 60.37
C VAL F 133 37.64 16.85 60.69
N THR F 134 38.21 17.13 61.87
CA THR F 134 38.42 18.48 62.35
C THR F 134 39.91 18.78 62.36
N VAL F 135 40.32 19.78 61.58
CA VAL F 135 41.72 20.16 61.45
C VAL F 135 41.96 21.45 62.23
N SER F 136 42.78 21.37 63.28
CA SER F 136 43.12 22.53 64.09
C SER F 136 44.30 22.20 65.00
N ALA F 137 45.17 23.18 65.21
CA ALA F 137 46.31 23.01 66.11
C ALA F 137 45.95 23.27 67.56
N ALA F 138 44.70 23.61 67.84
CA ALA F 138 44.27 23.90 69.20
C ALA F 138 44.23 22.62 70.03
N SER F 139 43.95 22.80 71.33
CA SER F 139 43.90 21.71 72.29
C SER F 139 42.62 21.79 73.09
N THR F 140 42.32 20.70 73.79
CA THR F 140 41.12 20.65 74.62
C THR F 140 41.18 21.71 75.71
N LYS F 141 40.09 22.47 75.85
CA LYS F 141 39.99 23.52 76.86
C LYS F 141 38.60 23.49 77.47
N GLY F 142 38.54 23.58 78.80
CA GLY F 142 37.28 23.56 79.50
C GLY F 142 36.44 24.80 79.23
N PRO F 143 35.14 24.61 79.08
CA PRO F 143 34.26 25.77 78.86
C PRO F 143 34.12 26.62 80.11
N SER F 144 33.86 27.91 79.90
CA SER F 144 33.54 28.84 80.98
C SER F 144 32.11 29.31 80.81
N VAL F 145 31.33 29.17 81.88
CA VAL F 145 29.90 29.48 81.85
C VAL F 145 29.67 30.75 82.65
N PHE F 146 28.98 31.71 82.03
CA PHE F 146 28.75 33.03 82.60
C PHE F 146 27.25 33.30 82.65
N PRO F 147 26.70 33.69 83.80
CA PRO F 147 25.24 33.86 83.90
C PRO F 147 24.78 35.12 83.20
N LEU F 148 23.96 34.93 82.16
CA LEU F 148 23.30 36.04 81.48
C LEU F 148 21.99 36.28 82.23
N ALA F 149 22.05 37.15 83.22
CA ALA F 149 20.95 37.33 84.15
C ALA F 149 19.82 38.12 83.50
N PRO F 150 18.58 37.97 83.97
CA PRO F 150 17.49 38.79 83.46
C PRO F 150 17.73 40.27 83.70
N SER F 151 17.30 41.09 82.74
CA SER F 151 17.40 42.53 82.91
C SER F 151 16.43 43.01 83.99
N SER F 152 16.88 43.97 84.79
CA SER F 152 16.04 44.53 85.85
C SER F 152 14.98 45.45 85.27
N GLY F 158 5.38 40.29 82.84
CA GLY F 158 4.97 39.31 81.86
C GLY F 158 5.95 38.16 81.72
N THR F 159 6.75 38.20 80.65
CA THR F 159 7.76 37.18 80.39
C THR F 159 9.12 37.83 80.28
N ALA F 160 10.08 37.33 81.08
CA ALA F 160 11.45 37.79 81.05
C ALA F 160 12.34 36.73 80.42
N ALA F 161 13.57 37.11 80.10
CA ALA F 161 14.53 36.21 79.47
C ALA F 161 15.76 36.09 80.35
N LEU F 162 16.41 34.93 80.30
CA LEU F 162 17.63 34.69 81.04
C LEU F 162 18.41 33.59 80.35
N GLY F 163 19.58 33.26 80.89
CA GLY F 163 20.33 32.14 80.37
C GLY F 163 21.76 32.15 80.85
N CYS F 164 22.60 31.41 80.11
CA CYS F 164 24.03 31.39 80.38
C CYS F 164 24.81 31.26 79.08
N LEU F 165 25.95 31.92 79.04
CA LEU F 165 26.83 31.93 77.88
C LEU F 165 28.02 31.01 78.16
N VAL F 166 28.27 30.09 77.24
CA VAL F 166 29.43 29.19 77.33
C VAL F 166 30.48 29.69 76.36
N LYS F 167 31.69 29.90 76.86
CA LYS F 167 32.76 30.50 76.07
C LYS F 167 34.05 29.68 76.21
N ASP F 168 34.81 29.66 75.13
CA ASP F 168 36.17 29.11 75.10
C ASP F 168 36.19 27.64 75.52
N TYR F 169 35.57 26.79 74.70
CA TYR F 169 35.65 25.35 74.87
C TYR F 169 36.08 24.70 73.57
N PHE F 170 36.84 23.61 73.69
CA PHE F 170 37.29 22.84 72.55
C PHE F 170 37.38 21.37 72.93
N PRO F 171 36.85 20.46 72.11
CA PRO F 171 36.05 20.79 70.92
C PRO F 171 34.56 20.59 71.16
N GLU F 172 33.76 20.72 70.10
CA GLU F 172 32.35 20.41 70.20
C GLU F 172 32.16 18.91 70.39
N PRO F 173 31.01 18.47 70.94
CA PRO F 173 29.87 19.27 71.40
C PRO F 173 29.81 19.42 72.92
N VAL F 174 28.90 20.28 73.37
CA VAL F 174 28.58 20.43 74.79
C VAL F 174 27.08 20.29 74.97
N THR F 175 26.67 19.61 76.03
CA THR F 175 25.27 19.39 76.35
C THR F 175 24.83 20.44 77.35
N VAL F 176 23.77 21.17 77.04
CA VAL F 176 23.24 22.22 77.89
C VAL F 176 21.81 21.88 78.27
N SER F 177 21.52 21.90 79.57
CA SER F 177 20.18 21.63 80.06
C SER F 177 19.76 22.66 81.09
N TRP F 178 18.47 22.69 81.43
CA TRP F 178 17.95 23.63 82.42
C TRP F 178 17.33 22.84 83.57
N ASN F 179 17.89 23.01 84.77
CA ASN F 179 17.40 22.36 85.98
C ASN F 179 17.29 20.85 85.81
N SER F 180 18.32 20.27 85.18
CA SER F 180 18.40 18.83 84.96
C SER F 180 17.19 18.31 84.21
N GLY F 181 16.80 19.04 83.17
CA GLY F 181 15.72 18.62 82.30
C GLY F 181 14.32 18.90 82.80
N ALA F 182 14.18 19.48 83.99
CA ALA F 182 12.87 19.81 84.52
C ALA F 182 12.27 21.04 83.85
N LEU F 183 13.06 21.80 83.10
CA LEU F 183 12.60 23.01 82.42
C LEU F 183 13.10 22.92 80.98
N THR F 184 12.18 22.63 80.05
CA THR F 184 12.54 22.42 78.66
C THR F 184 11.82 23.34 77.68
N SER F 185 10.58 23.73 77.99
CA SER F 185 9.83 24.58 77.09
C SER F 185 10.44 25.97 77.01
N GLY F 186 10.50 26.52 75.80
CA GLY F 186 11.06 27.84 75.62
C GLY F 186 12.57 27.91 75.72
N VAL F 187 13.25 26.78 75.70
CA VAL F 187 14.70 26.73 75.84
C VAL F 187 15.33 26.72 74.46
N HIS F 188 16.29 27.62 74.24
CA HIS F 188 16.98 27.72 72.96
C HIS F 188 18.48 27.73 73.23
N THR F 189 19.16 26.64 72.88
CA THR F 189 20.61 26.53 73.03
C THR F 189 21.24 26.65 71.65
N PHE F 190 21.80 27.81 71.35
CA PHE F 190 22.16 28.11 69.97
C PHE F 190 23.44 27.37 69.58
N PRO F 191 23.58 26.95 68.32
CA PRO F 191 24.82 26.30 67.90
C PRO F 191 26.02 27.24 68.06
N ALA F 192 27.14 26.67 68.48
CA ALA F 192 28.34 27.45 68.70
C ALA F 192 28.95 27.91 67.38
N VAL F 193 29.66 29.03 67.44
CA VAL F 193 30.40 29.55 66.29
C VAL F 193 31.89 29.50 66.62
N LEU F 194 32.69 29.20 65.60
CA LEU F 194 34.14 29.13 65.76
C LEU F 194 34.72 30.53 65.76
N GLN F 195 35.32 30.93 66.87
CA GLN F 195 35.88 32.25 67.01
C GLN F 195 37.25 32.32 66.35
N SER F 196 37.74 33.54 66.15
CA SER F 196 39.06 33.74 65.58
C SER F 196 40.16 33.18 66.48
N SER F 197 39.92 33.10 67.78
CA SER F 197 40.91 32.56 68.70
C SER F 197 41.07 31.05 68.57
N GLY F 198 40.17 30.38 67.87
CA GLY F 198 40.24 28.95 67.70
C GLY F 198 39.33 28.13 68.59
N LEU F 199 38.55 28.77 69.45
CA LEU F 199 37.63 28.09 70.35
C LEU F 199 36.19 28.33 69.91
N TYR F 200 35.25 27.84 70.70
CA TYR F 200 33.83 27.90 70.38
C TYR F 200 33.07 28.61 71.48
N SER F 201 32.10 29.44 71.09
CA SER F 201 31.27 30.18 72.02
C SER F 201 29.81 30.04 71.60
N LEU F 202 28.94 29.78 72.57
CA LEU F 202 27.51 29.63 72.34
C LEU F 202 26.74 30.21 73.52
N SER F 203 25.42 30.28 73.37
CA SER F 203 24.55 30.81 74.41
C SER F 203 23.32 29.92 74.55
N SER F 204 22.91 29.69 75.79
CA SER F 204 21.65 29.02 76.09
C SER F 204 20.72 30.04 76.74
N VAL F 205 19.55 30.24 76.14
CA VAL F 205 18.60 31.23 76.62
C VAL F 205 17.27 30.55 76.90
N VAL F 206 16.46 31.19 77.73
CA VAL F 206 15.14 30.67 78.07
C VAL F 206 14.27 31.82 78.56
N THR F 207 12.98 31.75 78.22
CA THR F 207 12.00 32.73 78.64
C THR F 207 11.19 32.15 79.79
N VAL F 208 11.03 32.94 80.85
CA VAL F 208 10.36 32.50 82.07
C VAL F 208 9.28 33.52 82.44
N PRO F 209 8.25 33.13 83.20
CA PRO F 209 7.27 34.12 83.67
C PRO F 209 7.88 35.12 84.63
N SER F 210 7.37 36.35 84.63
CA SER F 210 7.87 37.38 85.54
C SER F 210 7.53 37.06 86.99
N SER F 211 6.50 36.24 87.21
CA SER F 211 6.14 35.88 88.58
C SER F 211 7.23 35.05 89.26
N SER F 212 7.84 34.12 88.53
CA SER F 212 8.88 33.27 89.08
C SER F 212 10.25 33.93 89.12
N LEU F 213 10.32 35.26 88.97
CA LEU F 213 11.60 35.95 88.99
C LEU F 213 12.31 35.77 90.33
N GLY F 214 11.61 36.01 91.44
CA GLY F 214 12.22 35.94 92.75
C GLY F 214 12.08 34.60 93.44
N THR F 215 11.19 33.75 92.95
CA THR F 215 10.88 32.49 93.63
C THR F 215 11.62 31.29 93.02
N GLN F 216 11.39 31.04 91.73
CA GLN F 216 11.93 29.84 91.09
C GLN F 216 13.43 29.98 90.88
N THR F 217 14.16 28.92 91.22
CA THR F 217 15.61 28.92 91.01
C THR F 217 15.94 28.31 89.66
N TYR F 218 16.77 29.00 88.89
CA TYR F 218 17.15 28.58 87.56
C TYR F 218 18.65 28.26 87.53
N ILE F 219 18.98 27.04 87.09
CA ILE F 219 20.35 26.58 86.98
C ILE F 219 20.52 25.92 85.61
N CYS F 220 21.55 26.32 84.88
CA CYS F 220 21.88 25.68 83.63
C CYS F 220 23.05 24.72 83.83
N ASN F 221 22.89 23.51 83.32
CA ASN F 221 23.87 22.44 83.48
C ASN F 221 24.62 22.30 82.17
N VAL F 222 25.94 22.36 82.23
CA VAL F 222 26.81 22.34 81.06
C VAL F 222 27.73 21.13 81.17
N ASN F 223 27.75 20.33 80.11
CA ASN F 223 28.41 19.04 80.05
C ASN F 223 29.41 19.07 78.90
N HIS F 224 30.70 18.93 79.21
CA HIS F 224 31.74 18.86 78.18
C HIS F 224 32.58 17.62 78.42
N LYS F 225 32.20 16.51 77.78
CA LYS F 225 32.87 15.23 77.95
C LYS F 225 34.34 15.31 77.52
N PRO F 226 34.67 15.90 76.36
CA PRO F 226 36.09 15.95 75.97
C PRO F 226 37.01 16.58 77.01
N SER F 227 36.56 17.65 77.67
CA SER F 227 37.33 18.27 78.75
C SER F 227 36.90 17.77 80.12
N ASN F 228 35.91 16.89 80.20
CA ASN F 228 35.39 16.38 81.47
C ASN F 228 35.00 17.52 82.41
N THR F 229 34.32 18.52 81.84
CA THR F 229 33.91 19.72 82.56
C THR F 229 32.40 19.65 82.81
N LYS F 230 32.04 19.44 84.07
CA LYS F 230 30.64 19.32 84.49
C LYS F 230 30.34 20.53 85.37
N VAL F 231 29.72 21.55 84.80
CA VAL F 231 29.54 22.82 85.52
C VAL F 231 28.07 23.18 85.59
N ASP F 232 27.61 23.51 86.80
CA ASP F 232 26.21 23.81 87.06
C ASP F 232 26.15 25.26 87.52
N LYS F 233 25.63 26.14 86.66
CA LYS F 233 25.66 27.57 86.94
C LYS F 233 24.27 28.08 87.32
N LYS F 234 24.19 28.72 88.48
CA LYS F 234 22.93 29.27 88.99
C LYS F 234 22.76 30.69 88.48
N VAL F 235 21.68 30.92 87.73
CA VAL F 235 21.39 32.25 87.20
C VAL F 235 20.31 32.89 88.06
N GLU F 236 20.61 34.06 88.60
CA GLU F 236 19.66 34.79 89.42
C GLU F 236 19.50 36.22 88.91
N PRO F 237 18.33 36.83 89.08
CA PRO F 237 18.10 38.23 88.68
C PRO F 237 18.57 39.22 89.74
N ALA G 27 39.35 -42.69 14.39
CA ALA G 27 38.91 -43.47 13.24
C ALA G 27 37.78 -42.76 12.51
N TYR G 28 37.71 -42.96 11.20
CA TYR G 28 36.69 -42.35 10.38
C TYR G 28 36.19 -43.37 9.36
N THR G 29 34.92 -43.24 8.98
CA THR G 29 34.34 -44.11 7.95
C THR G 29 33.57 -43.22 6.98
N ASN G 30 33.01 -43.81 5.94
CA ASN G 30 32.33 -43.09 4.88
C ASN G 30 30.84 -43.39 4.93
N SER G 31 30.02 -42.34 4.94
CA SER G 31 28.57 -42.47 4.87
C SER G 31 28.14 -42.25 3.42
N PHE G 32 28.17 -43.35 2.66
CA PHE G 32 27.99 -43.31 1.21
C PHE G 32 26.68 -42.67 0.80
N THR G 33 25.55 -43.30 1.15
CA THR G 33 24.24 -42.75 0.80
C THR G 33 23.29 -42.74 1.99
N ARG G 34 23.82 -42.88 3.21
CA ARG G 34 23.00 -42.96 4.39
C ARG G 34 22.64 -41.56 4.90
N GLY G 35 21.70 -41.52 5.83
CA GLY G 35 21.28 -40.28 6.46
C GLY G 35 20.08 -39.61 5.83
N VAL G 36 19.53 -40.17 4.77
CA VAL G 36 18.35 -39.60 4.12
C VAL G 36 17.11 -39.98 4.92
N TYR G 37 16.16 -39.05 5.00
CA TYR G 37 14.92 -39.27 5.74
C TYR G 37 13.79 -38.59 5.00
N TYR G 38 12.57 -38.76 5.54
CA TYR G 38 11.40 -38.13 4.94
C TYR G 38 11.31 -36.69 5.41
N PRO G 39 11.39 -35.72 4.50
CA PRO G 39 11.39 -34.31 4.94
C PRO G 39 10.08 -33.88 5.59
N ASP G 40 8.95 -34.42 5.15
CA ASP G 40 7.65 -33.98 5.64
C ASP G 40 6.68 -35.15 5.66
N LYS G 41 5.42 -34.83 6.00
CA LYS G 41 4.38 -35.84 6.08
C LYS G 41 3.62 -36.02 4.77
N VAL G 42 3.99 -35.28 3.72
CA VAL G 42 3.28 -35.39 2.45
C VAL G 42 3.61 -36.71 1.77
N PHE G 43 2.58 -37.39 1.29
CA PHE G 43 2.74 -38.63 0.55
C PHE G 43 2.99 -38.31 -0.91
N ARG G 44 4.04 -38.90 -1.49
CA ARG G 44 4.38 -38.71 -2.89
C ARG G 44 4.64 -40.05 -3.54
N SER G 45 4.12 -40.24 -4.75
CA SER G 45 4.21 -41.52 -5.43
C SER G 45 4.66 -41.30 -6.87
N SER G 46 5.69 -42.05 -7.26
CA SER G 46 6.20 -42.06 -8.63
C SER G 46 6.55 -40.67 -9.12
N VAL G 47 7.22 -39.90 -8.25
CA VAL G 47 7.63 -38.53 -8.57
C VAL G 47 8.99 -38.29 -7.93
N LEU G 48 9.77 -37.40 -8.55
CA LEU G 48 11.03 -36.92 -8.01
C LEU G 48 10.77 -35.57 -7.38
N HIS G 49 11.11 -35.43 -6.10
CA HIS G 49 10.80 -34.22 -5.35
C HIS G 49 12.09 -33.58 -4.87
N SER G 50 12.27 -32.30 -5.16
CA SER G 50 13.45 -31.58 -4.71
C SER G 50 13.14 -30.80 -3.44
N THR G 51 13.93 -31.03 -2.40
CA THR G 51 13.73 -30.38 -1.12
C THR G 51 15.05 -29.80 -0.64
N GLN G 52 14.96 -28.85 0.28
CA GLN G 52 16.12 -28.21 0.89
C GLN G 52 15.96 -28.30 2.40
N ASP G 53 16.88 -29.01 3.05
CA ASP G 53 16.72 -29.28 4.47
C ASP G 53 18.07 -29.71 5.04
N LEU G 54 18.11 -29.95 6.34
CA LEU G 54 19.31 -30.42 7.03
C LEU G 54 19.48 -31.91 6.71
N PHE G 55 20.41 -32.22 5.81
CA PHE G 55 20.68 -33.59 5.40
C PHE G 55 22.13 -33.92 5.67
N LEU G 56 22.42 -35.21 5.78
CA LEU G 56 23.81 -35.64 5.86
C LEU G 56 24.39 -35.65 4.46
N PRO G 57 25.46 -34.89 4.19
CA PRO G 57 26.01 -34.86 2.84
C PRO G 57 26.48 -36.24 2.38
N PHE G 58 26.28 -36.52 1.11
CA PHE G 58 26.66 -37.82 0.56
C PHE G 58 28.18 -37.97 0.58
N PHE G 59 28.61 -39.20 0.87
CA PHE G 59 30.03 -39.57 0.89
C PHE G 59 30.83 -38.70 1.86
N SER G 60 30.19 -38.24 2.93
CA SER G 60 30.90 -37.56 4.00
C SER G 60 31.61 -38.57 4.88
N ASN G 61 32.52 -38.07 5.73
CA ASN G 61 33.20 -38.93 6.68
C ASN G 61 32.55 -38.77 8.06
N VAL G 62 32.19 -39.89 8.66
CA VAL G 62 31.58 -39.93 9.98
C VAL G 62 32.59 -40.49 10.97
N THR G 63 32.64 -39.89 12.15
CA THR G 63 33.58 -40.34 13.18
C THR G 63 33.11 -41.67 13.76
N TRP G 64 34.05 -42.59 13.92
CA TRP G 64 33.77 -43.95 14.33
C TRP G 64 34.29 -44.14 15.75
N PHE G 65 33.41 -44.53 16.67
CA PHE G 65 33.79 -44.86 18.04
C PHE G 65 33.49 -46.33 18.26
N HIS G 66 34.51 -47.10 18.62
CA HIS G 66 34.38 -48.54 18.84
C HIS G 66 34.43 -48.82 20.33
N ALA G 67 33.53 -49.68 20.80
CA ALA G 67 33.49 -50.04 22.21
C ALA G 67 34.16 -51.39 22.46
N PHE G 79 34.92 -48.42 24.66
CA PHE G 79 34.08 -47.72 25.62
C PHE G 79 34.48 -46.25 25.66
N ASP G 80 33.93 -45.47 24.74
CA ASP G 80 34.40 -44.11 24.49
C ASP G 80 33.49 -43.06 25.13
N ASN G 81 32.21 -43.02 24.75
CA ASN G 81 31.19 -42.03 25.10
C ASN G 81 31.76 -40.62 25.31
N PRO G 82 32.45 -40.05 24.33
CA PRO G 82 32.95 -38.68 24.49
C PRO G 82 31.85 -37.66 24.28
N VAL G 83 31.99 -36.52 24.95
CA VAL G 83 31.05 -35.42 24.77
C VAL G 83 31.28 -34.80 23.40
N LEU G 84 30.29 -34.91 22.52
CA LEU G 84 30.42 -34.49 21.14
C LEU G 84 29.49 -33.32 20.86
N PRO G 85 29.90 -32.41 19.98
CA PRO G 85 29.03 -31.29 19.62
C PRO G 85 27.81 -31.75 18.84
N PHE G 86 26.79 -30.89 18.81
CA PHE G 86 25.55 -31.17 18.09
C PHE G 86 25.56 -30.63 16.68
N ASN G 87 25.75 -29.32 16.53
CA ASN G 87 25.97 -28.69 15.21
C ASN G 87 24.82 -28.95 14.25
N ASP G 88 23.65 -28.41 14.58
CA ASP G 88 22.45 -28.35 13.74
C ASP G 88 21.75 -29.69 13.58
N GLY G 89 22.22 -30.76 14.21
CA GLY G 89 21.60 -32.06 14.10
C GLY G 89 22.66 -33.10 13.80
N VAL G 90 22.40 -34.34 14.22
CA VAL G 90 23.38 -35.40 14.07
C VAL G 90 22.72 -36.64 13.49
N TYR G 91 23.55 -37.47 12.84
CA TYR G 91 23.18 -38.78 12.37
C TYR G 91 23.99 -39.81 13.15
N PHE G 92 23.31 -40.74 13.79
CA PHE G 92 23.92 -41.69 14.72
C PHE G 92 23.58 -43.10 14.29
N ALA G 93 24.60 -43.87 13.92
CA ALA G 93 24.40 -45.24 13.50
C ALA G 93 25.07 -46.18 14.50
N SER G 94 24.41 -47.29 14.80
CA SER G 94 24.93 -48.24 15.77
C SER G 94 24.72 -49.65 15.26
N THR G 95 25.69 -50.53 15.50
CA THR G 95 25.59 -51.91 15.08
C THR G 95 25.58 -52.85 16.29
N SER G 98 24.40 -57.31 20.93
CA SER G 98 23.76 -56.91 22.18
C SER G 98 23.46 -55.42 22.17
N ASN G 99 22.56 -55.00 23.06
CA ASN G 99 22.14 -53.61 23.15
C ASN G 99 23.07 -52.83 24.07
N ILE G 100 24.30 -52.65 23.60
CA ILE G 100 25.28 -51.87 24.35
C ILE G 100 24.88 -50.40 24.41
N ILE G 101 24.51 -49.84 23.26
CA ILE G 101 24.06 -48.45 23.22
C ILE G 101 22.63 -48.37 23.71
N ARG G 102 22.38 -47.49 24.67
CA ARG G 102 21.07 -47.38 25.29
C ARG G 102 20.38 -46.06 25.00
N GLY G 103 21.05 -44.94 25.19
CA GLY G 103 20.40 -43.66 24.99
C GLY G 103 21.39 -42.56 24.74
N TRP G 104 20.94 -41.33 25.01
CA TRP G 104 21.75 -40.14 24.76
C TRP G 104 21.44 -39.07 25.79
N ILE G 105 22.41 -38.17 25.98
CA ILE G 105 22.21 -36.90 26.65
C ILE G 105 22.36 -35.81 25.61
N PHE G 106 21.49 -34.81 25.67
CA PHE G 106 21.62 -33.60 24.87
C PHE G 106 21.57 -32.40 25.81
N GLY G 107 22.07 -31.28 25.36
CA GLY G 107 21.95 -30.07 26.15
C GLY G 107 23.04 -29.07 25.82
N THR G 108 23.22 -28.13 26.74
CA THR G 108 24.14 -27.01 26.58
C THR G 108 25.40 -27.15 27.42
N THR G 109 25.25 -27.33 28.74
CA THR G 109 26.39 -27.53 29.62
C THR G 109 26.41 -28.90 30.27
N LEU G 110 25.33 -29.69 30.14
CA LEU G 110 25.23 -31.02 30.74
C LEU G 110 25.47 -30.97 32.25
N ASP G 111 24.98 -29.91 32.89
CA ASP G 111 25.14 -29.71 34.32
C ASP G 111 23.82 -29.21 34.88
N SER G 112 23.71 -29.17 36.21
CA SER G 112 22.47 -28.75 36.84
C SER G 112 22.16 -27.27 36.58
N LYS G 113 23.17 -26.49 36.17
CA LYS G 113 22.96 -25.08 35.93
C LYS G 113 22.02 -24.84 34.76
N THR G 114 22.15 -25.63 33.69
CA THR G 114 21.40 -25.43 32.47
C THR G 114 20.56 -26.67 32.17
N GLN G 115 19.38 -26.44 31.62
CA GLN G 115 18.43 -27.51 31.32
C GLN G 115 19.00 -28.45 30.25
N SER G 116 18.84 -29.75 30.47
CA SER G 116 19.38 -30.77 29.58
C SER G 116 18.35 -31.85 29.33
N LEU G 117 18.52 -32.55 28.21
CA LEU G 117 17.59 -33.58 27.76
C LEU G 117 18.25 -34.94 27.89
N LEU G 118 17.46 -35.94 28.28
CA LEU G 118 17.94 -37.31 28.45
C LEU G 118 16.98 -38.28 27.77
N ILE G 119 17.54 -39.26 27.08
CA ILE G 119 16.78 -40.36 26.47
C ILE G 119 17.45 -41.65 26.92
N VAL G 120 16.69 -42.52 27.59
CA VAL G 120 17.20 -43.80 28.07
C VAL G 120 16.33 -44.93 27.54
N ASN G 121 16.93 -46.08 27.29
CA ASN G 121 16.20 -47.25 26.78
C ASN G 121 16.67 -48.50 27.52
N ASN G 122 16.76 -48.42 28.84
CA ASN G 122 17.20 -49.56 29.64
C ASN G 122 16.25 -50.74 29.51
N ALA G 123 15.03 -50.60 30.00
CA ALA G 123 13.99 -51.61 29.85
C ALA G 123 13.17 -51.33 28.60
N THR G 124 12.02 -51.98 28.47
CA THR G 124 11.14 -51.80 27.33
C THR G 124 10.42 -50.46 27.35
N ASN G 125 10.87 -49.53 28.19
CA ASN G 125 10.33 -48.18 28.27
C ASN G 125 11.38 -47.18 27.82
N VAL G 126 11.02 -46.34 26.86
CA VAL G 126 11.89 -45.25 26.39
C VAL G 126 11.57 -44.03 27.23
N VAL G 127 12.53 -43.62 28.06
CA VAL G 127 12.33 -42.55 29.02
C VAL G 127 12.96 -41.29 28.44
N ILE G 128 12.15 -40.27 28.19
CA ILE G 128 12.61 -39.01 27.62
C ILE G 128 12.25 -37.89 28.59
N LYS G 129 13.21 -37.01 28.85
CA LYS G 129 12.97 -35.88 29.75
C LYS G 129 13.83 -34.70 29.34
N VAL G 130 13.40 -33.50 29.71
CA VAL G 130 14.25 -32.31 29.65
C VAL G 130 14.49 -31.89 31.09
N CYS G 131 14.42 -32.86 31.99
CA CYS G 131 14.51 -32.63 33.41
C CYS G 131 15.90 -32.09 33.74
N GLU G 132 16.03 -31.33 34.83
CA GLU G 132 17.33 -30.72 35.11
C GLU G 132 18.21 -31.71 35.86
N PHE G 133 19.22 -32.25 35.17
CA PHE G 133 20.05 -33.31 35.72
C PHE G 133 21.41 -32.78 36.12
N GLN G 134 21.98 -33.39 37.17
CA GLN G 134 23.40 -33.26 37.48
C GLN G 134 24.10 -34.51 36.95
N PHE G 135 24.73 -34.39 35.79
CA PHE G 135 25.26 -35.53 35.07
C PHE G 135 26.66 -35.91 35.57
N CYS G 136 26.91 -37.22 35.62
CA CYS G 136 28.23 -37.71 35.96
C CYS G 136 29.21 -37.46 34.83
N ASN G 137 30.50 -37.52 35.15
CA ASN G 137 31.53 -37.33 34.14
C ASN G 137 31.49 -38.43 33.08
N ASP G 138 31.24 -39.67 33.50
CA ASP G 138 31.15 -40.81 32.60
C ASP G 138 29.80 -41.49 32.77
N PRO G 139 28.77 -41.08 32.03
CA PRO G 139 27.46 -41.73 32.15
C PRO G 139 27.50 -43.14 31.61
N PHE G 140 26.88 -44.07 32.34
CA PHE G 140 26.76 -45.45 31.89
C PHE G 140 25.63 -46.11 32.66
N LEU G 141 25.14 -47.23 32.15
CA LEU G 141 24.08 -47.99 32.81
C LEU G 141 24.67 -49.00 33.78
N PHE G 157 22.22 -47.94 36.83
CA PHE G 157 21.71 -46.73 36.19
C PHE G 157 22.47 -45.54 36.79
N ARG G 158 23.76 -45.47 36.47
CA ARG G 158 24.64 -44.40 36.96
C ARG G 158 24.78 -43.33 35.87
N VAL G 159 23.74 -42.53 35.73
CA VAL G 159 23.66 -41.52 34.68
C VAL G 159 23.77 -40.11 35.26
N TYR G 160 22.86 -39.73 36.15
CA TYR G 160 22.80 -38.39 36.70
C TYR G 160 22.78 -38.46 38.22
N SER G 161 23.47 -37.53 38.87
CA SER G 161 23.51 -37.50 40.33
C SER G 161 22.15 -37.16 40.91
N SER G 162 21.48 -36.17 40.33
CA SER G 162 20.19 -35.72 40.87
C SER G 162 19.37 -35.10 39.75
N ALA G 163 18.06 -35.03 39.99
CA ALA G 163 17.11 -34.43 39.06
C ALA G 163 16.29 -33.38 39.80
N ASN G 164 16.08 -32.23 39.15
CA ASN G 164 15.40 -31.11 39.76
C ASN G 164 14.90 -30.16 38.69
N ASN G 165 14.02 -29.23 39.12
CA ASN G 165 13.37 -28.25 38.24
C ASN G 165 12.90 -28.92 36.96
N CYS G 166 12.04 -29.91 37.13
CA CYS G 166 11.99 -31.03 36.20
C CYS G 166 10.72 -30.95 35.36
N THR G 167 10.86 -30.51 34.11
CA THR G 167 9.76 -29.90 33.39
C THR G 167 9.07 -30.78 32.35
N PHE G 168 9.55 -32.00 32.10
CA PHE G 168 8.90 -32.83 31.08
C PHE G 168 9.30 -34.30 31.21
N GLU G 169 8.34 -35.18 30.99
CA GLU G 169 8.58 -36.62 30.99
C GLU G 169 7.76 -37.26 29.88
N TYR G 170 8.30 -38.33 29.30
CA TYR G 170 7.63 -39.00 28.20
C TYR G 170 8.08 -40.45 28.15
N VAL G 171 7.11 -41.34 27.95
CA VAL G 171 7.37 -42.77 27.81
C VAL G 171 6.58 -43.28 26.61
N SER G 172 7.19 -44.15 25.82
CA SER G 172 6.55 -44.65 24.61
C SER G 172 7.10 -46.04 24.31
N GLN G 173 6.84 -46.53 23.10
CA GLN G 173 7.29 -47.87 22.71
C GLN G 173 8.81 -47.91 22.59
N PRO G 174 9.42 -49.09 22.75
CA PRO G 174 10.88 -49.18 22.67
C PRO G 174 11.41 -48.76 21.31
N PHE G 175 12.56 -48.10 21.32
CA PHE G 175 13.27 -47.82 20.08
C PHE G 175 13.91 -49.08 19.51
N LEU G 176 14.40 -49.95 20.39
CA LEU G 176 14.99 -51.24 20.01
C LEU G 176 16.14 -51.07 19.03
N LYS G 187 24.90 -57.12 14.08
CA LYS G 187 24.06 -57.93 13.21
C LYS G 187 22.89 -57.11 12.67
N ASN G 188 22.55 -56.03 13.37
CA ASN G 188 21.48 -55.14 12.95
C ASN G 188 21.92 -53.69 13.14
N LEU G 189 21.72 -52.88 12.12
CA LEU G 189 22.12 -51.48 12.12
C LEU G 189 20.91 -50.60 12.44
N ARG G 190 21.05 -49.77 13.47
CA ARG G 190 20.03 -48.80 13.85
C ARG G 190 20.55 -47.42 13.55
N GLU G 191 19.82 -46.68 12.72
CA GLU G 191 20.17 -45.32 12.36
C GLU G 191 19.15 -44.36 12.95
N PHE G 192 19.66 -43.27 13.51
CA PHE G 192 18.84 -42.21 14.06
C PHE G 192 19.32 -40.89 13.50
N VAL G 193 18.39 -39.95 13.36
CA VAL G 193 18.69 -38.58 12.97
C VAL G 193 18.01 -37.68 13.98
N PHE G 194 18.81 -36.91 14.71
CA PHE G 194 18.30 -35.97 15.70
C PHE G 194 18.42 -34.57 15.16
N LYS G 195 17.32 -33.83 15.15
CA LYS G 195 17.28 -32.49 14.56
C LYS G 195 16.49 -31.57 15.46
N ASN G 196 17.15 -30.55 16.00
CA ASN G 196 16.51 -29.58 16.87
C ASN G 196 16.30 -28.29 16.07
N ILE G 197 15.07 -28.09 15.60
CA ILE G 197 14.76 -26.95 14.74
C ILE G 197 13.33 -26.49 15.00
N ASP G 198 13.13 -25.17 14.93
CA ASP G 198 11.82 -24.54 15.08
C ASP G 198 11.18 -24.91 16.42
N GLY G 199 12.00 -24.98 17.47
CA GLY G 199 11.51 -25.35 18.77
C GLY G 199 11.08 -26.80 18.91
N TYR G 200 11.35 -27.63 17.91
CA TYR G 200 10.93 -29.02 17.90
C TYR G 200 12.17 -29.91 17.82
N PHE G 201 12.23 -30.91 18.69
CA PHE G 201 13.28 -31.92 18.65
C PHE G 201 12.71 -33.15 17.93
N LYS G 202 13.12 -33.35 16.69
CA LYS G 202 12.59 -34.41 15.85
C LYS G 202 13.60 -35.55 15.77
N ILE G 203 13.11 -36.78 15.91
CA ILE G 203 13.92 -37.98 15.80
C ILE G 203 13.40 -38.81 14.65
N TYR G 204 14.29 -39.20 13.75
CA TYR G 204 13.99 -40.13 12.67
C TYR G 204 14.78 -41.41 12.93
N SER G 205 14.20 -42.55 12.60
CA SER G 205 14.86 -43.81 12.93
C SER G 205 14.61 -44.85 11.86
N LYS G 206 15.53 -45.80 11.77
CA LYS G 206 15.39 -46.92 10.85
C LYS G 206 16.25 -48.08 11.35
N HIS G 207 15.70 -49.29 11.30
CA HIS G 207 16.41 -50.49 11.70
C HIS G 207 16.53 -51.42 10.49
N THR G 208 17.73 -51.92 10.23
CA THR G 208 17.98 -52.76 9.08
C THR G 208 18.93 -53.90 9.42
N PRO G 209 18.53 -55.15 9.21
CA PRO G 209 19.48 -56.26 9.38
C PRO G 209 20.65 -56.13 8.42
N ILE G 210 21.84 -56.51 8.88
CA ILE G 210 23.07 -56.35 8.12
C ILE G 210 23.91 -57.60 8.27
N ASN G 211 24.71 -57.92 7.26
CA ASN G 211 25.69 -59.00 7.39
C ASN G 211 27.05 -58.47 7.83
N LEU G 212 27.50 -57.36 7.23
CA LEU G 212 28.82 -56.82 7.54
C LEU G 212 28.86 -56.29 8.97
N VAL G 213 29.98 -56.55 9.64
CA VAL G 213 30.19 -56.11 11.01
C VAL G 213 31.51 -55.32 11.15
N ARG G 214 31.94 -54.64 10.09
CA ARG G 214 33.19 -53.92 10.13
C ARG G 214 33.00 -52.41 10.01
N ASP G 215 32.27 -51.98 8.97
CA ASP G 215 32.06 -50.56 8.71
C ASP G 215 30.60 -50.32 8.36
N LEU G 216 30.31 -49.09 7.96
CA LEU G 216 28.94 -48.70 7.64
C LEU G 216 28.50 -49.32 6.32
N PRO G 217 27.36 -50.01 6.28
CA PRO G 217 26.90 -50.60 5.02
C PRO G 217 26.72 -49.56 3.94
N GLN G 218 27.04 -49.96 2.70
CA GLN G 218 26.84 -49.11 1.53
C GLN G 218 25.46 -49.44 0.96
N GLY G 219 24.49 -48.58 1.23
CA GLY G 219 23.13 -48.83 0.78
C GLY G 219 22.26 -47.62 1.04
N PHE G 220 21.01 -47.73 0.63
CA PHE G 220 20.04 -46.66 0.73
C PHE G 220 18.85 -47.12 1.55
N SER G 221 18.64 -46.50 2.70
CA SER G 221 17.50 -46.77 3.56
C SER G 221 16.96 -45.47 4.12
N ALA G 222 15.73 -45.12 3.75
CA ALA G 222 15.11 -43.90 4.24
C ALA G 222 14.68 -44.06 5.69
N LEU G 223 14.74 -42.96 6.43
CA LEU G 223 14.43 -42.93 7.85
C LEU G 223 13.06 -42.31 8.07
N GLU G 224 12.20 -43.03 8.79
CA GLU G 224 10.86 -42.56 9.13
C GLU G 224 10.85 -41.88 10.48
N PRO G 225 10.13 -40.76 10.61
CA PRO G 225 10.11 -40.05 11.90
C PRO G 225 9.49 -40.90 13.00
N LEU G 226 10.00 -40.70 14.21
CA LEU G 226 9.46 -41.33 15.41
C LEU G 226 8.76 -40.35 16.33
N VAL G 227 9.47 -39.31 16.77
CA VAL G 227 8.92 -38.34 17.70
C VAL G 227 9.24 -36.93 17.23
N ASP G 228 8.40 -35.98 17.63
CA ASP G 228 8.49 -34.57 17.28
C ASP G 228 8.36 -33.75 18.56
N LEU G 229 9.17 -34.08 19.53
CA LEU G 229 8.99 -33.58 20.90
C LEU G 229 9.03 -32.06 20.93
N PRO G 230 8.05 -31.41 21.54
CA PRO G 230 8.15 -29.97 21.78
C PRO G 230 9.07 -29.65 22.95
N ILE G 231 10.24 -29.08 22.68
CA ILE G 231 11.27 -29.01 23.70
C ILE G 231 11.64 -27.55 23.98
N GLY G 232 12.19 -26.88 22.98
CA GLY G 232 12.57 -25.48 23.11
C GLY G 232 13.74 -25.18 24.01
N ILE G 233 14.84 -25.92 23.89
CA ILE G 233 16.10 -25.62 24.55
C ILE G 233 17.20 -25.64 23.50
N ASN G 234 18.31 -24.94 23.78
CA ASN G 234 19.43 -25.04 22.85
C ASN G 234 20.14 -26.36 23.11
N ILE G 235 20.56 -27.03 22.04
CA ILE G 235 21.39 -28.22 22.13
C ILE G 235 22.69 -27.94 21.41
N THR G 236 23.82 -28.11 22.12
CA THR G 236 25.14 -27.90 21.53
C THR G 236 26.10 -29.05 21.77
N ARG G 237 25.81 -29.94 22.71
CA ARG G 237 26.66 -31.10 22.98
C ARG G 237 25.79 -32.30 23.24
N PHE G 238 26.34 -33.49 22.98
CA PHE G 238 25.61 -34.71 23.29
C PHE G 238 26.58 -35.83 23.60
N GLN G 239 26.08 -36.85 24.30
CA GLN G 239 26.87 -38.01 24.68
C GLN G 239 25.98 -39.25 24.59
N THR G 240 26.62 -40.41 24.54
CA THR G 240 25.95 -41.68 24.33
C THR G 240 26.05 -42.54 25.57
N LEU G 241 24.93 -43.17 25.96
CA LEU G 241 24.91 -44.08 27.10
C LEU G 241 25.29 -45.48 26.63
N LEU G 242 26.27 -46.06 27.28
CA LEU G 242 26.65 -47.44 27.04
C LEU G 242 26.35 -48.30 28.27
N ALA G 243 26.20 -49.59 28.03
CA ALA G 243 25.87 -50.55 29.08
C ALA G 243 27.14 -51.32 29.45
N LEU G 244 27.67 -51.04 30.64
CA LEU G 244 28.86 -51.73 31.10
C LEU G 244 28.55 -53.19 31.39
N HIS G 245 29.45 -54.08 30.98
CA HIS G 245 29.28 -55.51 31.19
C HIS G 245 29.29 -55.86 32.68
N ALA G 263 30.25 -53.48 20.50
CA ALA G 263 29.49 -52.64 19.58
C ALA G 263 30.27 -51.37 19.23
N ALA G 264 29.70 -50.57 18.33
CA ALA G 264 30.34 -49.33 17.90
C ALA G 264 29.26 -48.40 17.37
N TYR G 265 29.61 -47.11 17.27
CA TYR G 265 28.68 -46.14 16.71
C TYR G 265 29.41 -45.11 15.86
N TYR G 266 28.74 -44.67 14.81
CA TYR G 266 29.25 -43.71 13.85
C TYR G 266 28.41 -42.44 13.94
N VAL G 267 29.08 -41.30 14.04
CA VAL G 267 28.43 -40.01 14.21
C VAL G 267 28.79 -39.11 13.04
N GLY G 268 27.77 -38.56 12.38
CA GLY G 268 27.96 -37.56 11.35
C GLY G 268 27.11 -36.34 11.65
N TYR G 269 27.43 -35.24 10.97
CA TYR G 269 26.78 -33.96 11.21
C TYR G 269 26.02 -33.51 9.98
N LEU G 270 24.77 -33.08 10.20
CA LEU G 270 23.92 -32.61 9.13
C LEU G 270 24.32 -31.21 8.69
N GLN G 271 24.04 -30.90 7.43
CA GLN G 271 24.29 -29.60 6.84
C GLN G 271 23.10 -29.20 6.00
N PRO G 272 22.87 -27.90 5.81
CA PRO G 272 21.76 -27.48 4.94
C PRO G 272 22.04 -27.77 3.48
N ARG G 273 21.38 -28.79 2.93
CA ARG G 273 21.64 -29.24 1.58
C ARG G 273 20.34 -29.37 0.81
N THR G 274 20.46 -29.27 -0.51
CA THR G 274 19.36 -29.57 -1.42
C THR G 274 19.49 -31.00 -1.91
N PHE G 275 18.42 -31.76 -1.76
CA PHE G 275 18.38 -33.15 -2.16
C PHE G 275 17.26 -33.34 -3.17
N LEU G 276 17.46 -34.29 -4.08
CA LEU G 276 16.41 -34.69 -5.01
C LEU G 276 16.07 -36.14 -4.70
N LEU G 277 14.88 -36.37 -4.16
CA LEU G 277 14.47 -37.68 -3.69
C LEU G 277 13.60 -38.36 -4.75
N LYS G 278 14.00 -39.56 -5.14
CA LYS G 278 13.21 -40.41 -6.00
C LYS G 278 12.31 -41.29 -5.14
N TYR G 279 11.01 -41.02 -5.18
CA TYR G 279 10.02 -41.80 -4.47
C TYR G 279 9.71 -43.08 -5.25
N ASN G 280 8.64 -43.75 -4.85
CA ASN G 280 8.29 -45.06 -5.38
C ASN G 280 6.80 -45.12 -5.65
N GLU G 281 6.39 -46.17 -6.38
CA GLU G 281 4.97 -46.43 -6.57
C GLU G 281 4.31 -46.71 -5.23
N ASN G 282 5.07 -47.29 -4.30
CA ASN G 282 4.60 -47.54 -2.94
C ASN G 282 4.57 -46.28 -2.09
N GLY G 283 5.24 -45.22 -2.51
CA GLY G 283 5.32 -43.98 -1.75
C GLY G 283 6.58 -43.81 -0.93
N THR G 284 7.52 -44.75 -1.01
CA THR G 284 8.74 -44.66 -0.22
C THR G 284 9.87 -44.03 -1.02
N ILE G 285 10.78 -43.37 -0.31
CA ILE G 285 11.94 -42.75 -0.95
C ILE G 285 12.95 -43.83 -1.31
N THR G 286 12.93 -44.26 -2.57
CA THR G 286 13.77 -45.38 -2.97
C THR G 286 15.15 -44.92 -3.41
N ASP G 287 15.33 -43.62 -3.69
CA ASP G 287 16.65 -43.12 -4.06
C ASP G 287 16.74 -41.64 -3.75
N ALA G 288 17.96 -41.10 -3.88
CA ALA G 288 18.18 -39.68 -3.68
C ALA G 288 19.52 -39.29 -4.27
N VAL G 289 19.63 -38.01 -4.64
CA VAL G 289 20.89 -37.43 -5.10
C VAL G 289 21.14 -36.12 -4.36
N ASP G 290 22.39 -35.90 -3.96
CA ASP G 290 22.81 -34.69 -3.26
C ASP G 290 23.25 -33.66 -4.30
N CYS G 291 22.54 -32.54 -4.35
CA CYS G 291 22.74 -31.58 -5.45
C CYS G 291 24.13 -30.97 -5.43
N ALA G 292 24.71 -30.77 -4.25
CA ALA G 292 26.00 -30.10 -4.12
C ALA G 292 27.17 -31.07 -4.10
N LEU G 293 26.93 -32.37 -4.27
CA LEU G 293 28.01 -33.34 -4.17
C LEU G 293 28.97 -33.22 -5.35
N ASP G 294 28.43 -33.19 -6.56
CA ASP G 294 29.26 -33.28 -7.77
C ASP G 294 28.60 -32.44 -8.85
N PRO G 295 29.35 -32.05 -9.88
CA PRO G 295 28.72 -31.43 -11.06
C PRO G 295 27.70 -32.32 -11.73
N LEU G 296 27.93 -33.63 -11.78
CA LEU G 296 26.92 -34.54 -12.32
C LEU G 296 25.68 -34.55 -11.45
N SER G 297 25.85 -34.53 -10.13
CA SER G 297 24.70 -34.43 -9.25
C SER G 297 23.97 -33.11 -9.45
N GLU G 298 24.73 -32.03 -9.65
CA GLU G 298 24.10 -30.73 -9.90
C GLU G 298 23.27 -30.75 -11.19
N THR G 299 23.79 -31.36 -12.27
CA THR G 299 23.01 -31.41 -13.49
C THR G 299 21.83 -32.36 -13.35
N LYS G 300 21.95 -33.42 -12.54
CA LYS G 300 20.80 -34.26 -12.26
C LYS G 300 19.71 -33.47 -11.54
N CYS G 301 20.10 -32.62 -10.59
CA CYS G 301 19.11 -31.79 -9.91
C CYS G 301 18.48 -30.76 -10.85
N THR G 302 19.30 -30.14 -11.71
CA THR G 302 18.75 -29.12 -12.61
C THR G 302 17.81 -29.75 -13.63
N LEU G 303 18.15 -30.94 -14.14
CA LEU G 303 17.28 -31.64 -15.07
C LEU G 303 16.15 -32.38 -14.38
N LYS G 304 16.15 -32.44 -13.04
CA LYS G 304 15.13 -33.16 -12.28
C LYS G 304 15.01 -34.60 -12.74
N SER G 305 16.15 -35.24 -12.99
CA SER G 305 16.19 -36.61 -13.47
C SER G 305 17.41 -37.32 -12.92
N PHE G 306 17.31 -38.63 -12.82
CA PHE G 306 18.43 -39.47 -12.38
C PHE G 306 19.26 -39.98 -13.55
N THR G 307 18.88 -39.66 -14.78
CA THR G 307 19.62 -40.03 -15.98
C THR G 307 19.80 -38.81 -16.86
N VAL G 308 20.98 -38.69 -17.46
CA VAL G 308 21.29 -37.60 -18.38
C VAL G 308 21.70 -38.20 -19.71
N GLU G 309 21.53 -37.41 -20.78
CA GLU G 309 21.69 -37.91 -22.15
C GLU G 309 22.67 -37.03 -22.93
N LYS G 310 23.96 -37.30 -22.79
CA LYS G 310 25.00 -36.87 -23.70
C LYS G 310 24.85 -35.44 -24.21
N GLY G 311 24.98 -34.45 -23.35
CA GLY G 311 24.87 -33.08 -23.80
C GLY G 311 25.66 -32.15 -22.92
N ILE G 312 25.46 -30.85 -23.17
CA ILE G 312 26.01 -29.79 -22.35
C ILE G 312 24.84 -29.06 -21.71
N TYR G 313 24.85 -28.96 -20.38
CA TYR G 313 23.75 -28.39 -19.62
C TYR G 313 24.28 -27.32 -18.69
N GLN G 314 23.64 -26.15 -18.71
CA GLN G 314 24.02 -25.09 -17.78
C GLN G 314 23.34 -25.35 -16.43
N THR G 315 24.16 -25.47 -15.39
CA THR G 315 23.66 -25.85 -14.07
C THR G 315 23.59 -24.69 -13.08
N SER G 316 24.51 -23.74 -13.15
CA SER G 316 24.57 -22.66 -12.18
C SER G 316 25.38 -21.52 -12.77
N ASN G 317 25.69 -20.53 -11.94
CA ASN G 317 26.50 -19.39 -12.34
C ASN G 317 27.67 -19.25 -11.39
N PHE G 318 28.84 -18.98 -11.97
CA PHE G 318 30.06 -18.71 -11.23
C PHE G 318 30.20 -17.20 -11.05
N ARG G 319 30.28 -16.79 -9.79
CA ARG G 319 30.46 -15.39 -9.43
C ARG G 319 31.77 -15.30 -8.65
N VAL G 320 32.60 -14.31 -8.97
CA VAL G 320 33.81 -14.09 -8.18
C VAL G 320 33.43 -13.33 -6.92
N GLN G 321 33.73 -13.93 -5.76
CA GLN G 321 33.33 -13.33 -4.50
C GLN G 321 34.27 -12.18 -4.14
N PRO G 322 33.74 -11.04 -3.69
CA PRO G 322 34.60 -9.94 -3.28
C PRO G 322 35.43 -10.28 -2.05
N THR G 323 36.63 -9.72 -1.99
CA THR G 323 37.53 -9.87 -0.85
C THR G 323 38.01 -8.49 -0.42
N GLU G 324 38.09 -8.29 0.90
CA GLU G 324 38.61 -7.04 1.46
C GLU G 324 37.85 -5.82 0.98
N SER G 325 36.60 -5.68 1.40
CA SER G 325 35.81 -4.49 1.11
C SER G 325 36.53 -3.24 1.61
N ILE G 326 36.54 -2.18 0.80
CA ILE G 326 37.28 -0.97 1.10
C ILE G 326 36.34 0.22 1.15
N VAL G 327 36.70 1.19 1.99
CA VAL G 327 35.92 2.40 2.20
C VAL G 327 36.85 3.59 2.01
N ARG G 328 36.42 4.56 1.20
CA ARG G 328 37.22 5.73 0.87
C ARG G 328 36.35 6.98 1.00
N PHE G 329 36.31 7.56 2.20
CA PHE G 329 35.55 8.76 2.48
C PHE G 329 36.46 9.98 2.53
N PRO G 330 35.89 11.20 2.47
CA PRO G 330 36.73 12.39 2.33
C PRO G 330 37.68 12.59 3.49
N ASN G 331 38.72 13.37 3.21
CA ASN G 331 39.85 13.60 4.12
C ASN G 331 39.49 14.56 5.26
N ILE G 332 38.32 15.19 5.21
CA ILE G 332 37.96 16.14 6.25
C ILE G 332 37.68 15.40 7.56
N THR G 333 37.82 16.12 8.68
CA THR G 333 37.61 15.55 10.00
C THR G 333 36.83 16.46 10.93
N ASN G 334 36.46 17.66 10.51
CA ASN G 334 35.76 18.58 11.38
C ASN G 334 34.36 18.07 11.72
N LEU G 335 33.98 18.21 12.98
CA LEU G 335 32.67 17.74 13.42
C LEU G 335 31.57 18.60 12.82
N CYS G 336 30.37 18.03 12.79
CA CYS G 336 29.26 18.67 12.10
C CYS G 336 28.28 19.26 13.11
N PRO G 337 27.89 20.52 12.96
CA PRO G 337 27.16 21.24 14.03
C PRO G 337 25.70 20.85 14.13
N PHE G 338 25.42 19.56 14.29
CA PHE G 338 24.05 19.13 14.57
C PHE G 338 23.66 19.44 16.00
N GLY G 339 24.63 19.38 16.93
CA GLY G 339 24.32 19.62 18.33
C GLY G 339 23.87 21.05 18.60
N GLU G 340 24.45 22.02 17.87
CA GLU G 340 24.09 23.41 18.08
C GLU G 340 22.63 23.68 17.73
N VAL G 341 22.08 22.92 16.79
CA VAL G 341 20.70 23.16 16.37
C VAL G 341 19.72 22.76 17.46
N PHE G 342 19.96 21.63 18.13
CA PHE G 342 19.02 21.07 19.07
C PHE G 342 19.06 21.71 20.45
N ASN G 343 20.13 22.46 20.77
CA ASN G 343 20.29 23.04 22.10
C ASN G 343 20.34 24.56 22.07
N ALA G 344 19.86 25.18 21.00
CA ALA G 344 19.80 26.63 20.95
C ALA G 344 18.88 27.16 22.04
N THR G 345 19.28 28.26 22.67
CA THR G 345 18.52 28.80 23.78
C THR G 345 17.14 29.24 23.35
N ARG G 346 17.02 29.89 22.19
CA ARG G 346 15.76 30.39 21.68
C ARG G 346 15.58 29.95 20.24
N PHE G 347 14.50 29.24 19.95
CA PHE G 347 14.11 28.95 18.58
C PHE G 347 13.30 30.11 18.02
N ALA G 348 12.70 29.91 16.86
CA ALA G 348 11.94 30.94 16.18
C ALA G 348 10.50 30.49 16.00
N SER G 349 9.63 31.46 15.72
CA SER G 349 8.24 31.15 15.46
C SER G 349 8.10 30.36 14.16
N VAL G 350 7.05 29.54 14.08
CA VAL G 350 6.89 28.66 12.94
C VAL G 350 6.72 29.44 11.65
N TYR G 351 6.12 30.62 11.71
CA TYR G 351 5.92 31.41 10.50
C TYR G 351 7.25 31.85 9.89
N ALA G 352 8.23 32.18 10.74
CA ALA G 352 9.59 32.49 10.30
C ALA G 352 10.52 31.45 10.92
N TRP G 353 10.64 30.30 10.26
CA TRP G 353 11.41 29.18 10.80
C TRP G 353 12.88 29.30 10.42
N ASN G 354 13.74 28.91 11.34
CA ASN G 354 15.18 29.01 11.10
C ASN G 354 15.64 27.89 10.18
N ARG G 355 16.40 28.25 9.15
CA ARG G 355 16.99 27.28 8.24
C ARG G 355 18.50 27.41 8.30
N LYS G 356 19.17 26.34 8.73
CA LYS G 356 20.63 26.28 8.76
C LYS G 356 21.09 25.27 7.72
N ARG G 357 21.92 25.71 6.79
CA ARG G 357 22.46 24.81 5.79
C ARG G 357 23.69 24.12 6.33
N ILE G 358 23.75 22.80 6.14
CA ILE G 358 24.81 21.96 6.65
C ILE G 358 25.51 21.28 5.48
N SER G 359 26.81 21.52 5.35
CA SER G 359 27.61 20.93 4.29
C SER G 359 29.07 20.95 4.72
N ASN G 360 29.87 20.11 4.07
CA ASN G 360 31.31 20.00 4.33
C ASN G 360 31.59 19.74 5.81
N CYS G 361 30.97 18.67 6.33
CA CYS G 361 31.17 18.27 7.72
C CYS G 361 31.14 16.75 7.79
N VAL G 362 31.61 16.24 8.92
CA VAL G 362 31.51 14.81 9.22
C VAL G 362 30.26 14.62 10.06
N ALA G 363 29.19 14.15 9.42
CA ALA G 363 27.90 14.04 10.08
C ALA G 363 27.95 13.08 11.25
N ASP G 364 27.67 13.58 12.45
CA ASP G 364 27.60 12.78 13.65
C ASP G 364 26.21 12.91 14.25
N TYR G 365 25.42 11.83 14.16
CA TYR G 365 24.03 11.83 14.60
C TYR G 365 23.87 11.25 15.99
N SER G 366 24.92 11.30 16.82
CA SER G 366 24.84 10.72 18.15
C SER G 366 23.88 11.51 19.05
N VAL G 367 23.70 12.81 18.75
CA VAL G 367 22.81 13.63 19.56
C VAL G 367 21.36 13.16 19.44
N LEU G 368 21.01 12.51 18.34
CA LEU G 368 19.66 11.97 18.18
C LEU G 368 19.45 10.71 19.00
N TYR G 369 20.48 9.89 19.16
CA TYR G 369 20.32 8.63 19.87
C TYR G 369 20.55 8.79 21.37
N ASN G 370 21.31 9.80 21.78
CA ASN G 370 21.64 9.96 23.19
C ASN G 370 20.61 10.79 23.93
N SER G 371 19.94 11.70 23.23
CA SER G 371 19.02 12.62 23.89
C SER G 371 17.79 11.89 24.43
N ALA G 372 17.32 12.32 25.60
CA ALA G 372 16.13 11.72 26.20
C ALA G 372 14.88 12.54 25.92
N SER G 373 15.05 13.79 25.49
CA SER G 373 13.91 14.70 25.43
C SER G 373 12.98 14.41 24.26
N PHE G 374 13.50 13.82 23.19
CA PHE G 374 12.72 13.69 21.95
C PHE G 374 11.46 12.88 22.17
N SER G 375 10.34 13.40 21.66
CA SER G 375 9.05 12.72 21.70
C SER G 375 8.68 12.07 20.37
N THR G 376 8.99 12.72 19.26
CA THR G 376 8.78 12.14 17.94
C THR G 376 10.09 12.17 17.18
N PHE G 377 10.43 11.04 16.56
CA PHE G 377 11.68 10.88 15.82
C PHE G 377 11.38 10.23 14.47
N LYS G 378 10.43 10.81 13.74
CA LYS G 378 9.95 10.16 12.53
C LYS G 378 10.94 10.37 11.39
N CYS G 379 11.03 9.40 10.48
CA CYS G 379 11.90 9.52 9.32
C CYS G 379 11.19 8.97 8.10
N TYR G 380 11.36 9.66 6.97
CA TYR G 380 10.71 9.31 5.72
C TYR G 380 11.78 9.16 4.64
N GLY G 381 11.80 8.00 3.99
CA GLY G 381 12.77 7.72 2.95
C GLY G 381 14.12 7.23 3.44
N VAL G 382 14.40 7.33 4.73
CA VAL G 382 15.64 6.85 5.31
C VAL G 382 15.32 6.10 6.59
N SER G 383 16.27 5.28 7.04
CA SER G 383 16.04 4.62 8.31
C SER G 383 16.76 5.37 9.43
N PRO G 384 16.09 5.57 10.56
CA PRO G 384 16.71 6.35 11.65
C PRO G 384 18.03 5.78 12.14
N THR G 385 18.16 4.44 12.18
CA THR G 385 19.38 3.84 12.72
C THR G 385 20.52 3.88 11.70
N LYS G 386 20.18 4.00 10.42
CA LYS G 386 21.20 3.93 9.38
C LYS G 386 21.79 5.28 9.01
N LEU G 387 21.40 6.36 9.70
CA LEU G 387 21.85 7.69 9.30
C LEU G 387 23.36 7.86 9.36
N ASN G 388 24.07 7.02 10.11
CA ASN G 388 25.51 7.13 10.23
C ASN G 388 26.27 6.44 9.11
N ASP G 389 25.57 5.70 8.24
CA ASP G 389 26.20 4.98 7.14
C ASP G 389 25.86 5.57 5.78
N LEU G 390 25.34 6.80 5.75
CA LEU G 390 24.90 7.44 4.53
C LEU G 390 25.71 8.69 4.25
N CYS G 391 25.85 9.01 2.96
CA CYS G 391 26.51 10.22 2.49
C CYS G 391 25.48 11.10 1.81
N PHE G 392 25.38 12.35 2.27
CA PHE G 392 24.37 13.28 1.77
C PHE G 392 25.03 14.41 1.00
N THR G 393 24.37 14.85 -0.07
CA THR G 393 24.89 15.98 -0.84
C THR G 393 24.84 17.27 -0.04
N ASN G 394 23.72 17.52 0.63
CA ASN G 394 23.55 18.72 1.45
C ASN G 394 22.44 18.47 2.45
N VAL G 395 22.52 19.15 3.59
CA VAL G 395 21.55 18.97 4.67
C VAL G 395 20.95 20.33 5.01
N TYR G 396 19.69 20.33 5.41
CA TYR G 396 19.02 21.54 5.92
C TYR G 396 18.41 21.21 7.26
N ALA G 397 18.68 22.06 8.25
CA ALA G 397 18.06 21.94 9.56
C ALA G 397 17.10 23.11 9.74
N ASP G 398 15.81 22.81 9.69
CA ASP G 398 14.77 23.81 9.88
C ASP G 398 14.19 23.64 11.28
N SER G 399 14.37 24.65 12.12
CA SER G 399 13.97 24.60 13.51
C SER G 399 12.92 25.65 13.79
N PHE G 400 11.94 25.28 14.61
CA PHE G 400 10.88 26.20 15.02
C PHE G 400 10.19 25.64 16.26
N VAL G 401 9.18 26.37 16.73
CA VAL G 401 8.39 25.99 17.91
C VAL G 401 6.92 26.02 17.52
N ILE G 402 6.20 24.93 17.80
CA ILE G 402 4.79 24.83 17.48
C ILE G 402 4.03 24.23 18.65
N ARG G 403 2.72 24.38 18.61
CA ARG G 403 1.87 23.72 19.60
C ARG G 403 1.95 22.21 19.44
N GLY G 404 1.78 21.50 20.55
CA GLY G 404 1.97 20.05 20.52
C GLY G 404 1.00 19.35 19.58
N ASP G 405 -0.27 19.72 19.63
CA ASP G 405 -1.27 19.07 18.79
C ASP G 405 -0.99 19.28 17.31
N GLU G 406 -0.15 20.26 16.97
CA GLU G 406 0.19 20.54 15.59
C GLU G 406 1.43 19.79 15.13
N VAL G 407 2.12 19.05 16.01
CA VAL G 407 3.30 18.30 15.59
C VAL G 407 2.91 17.25 14.55
N ARG G 408 1.66 16.80 14.56
CA ARG G 408 1.19 15.89 13.54
C ARG G 408 1.28 16.50 12.14
N GLN G 409 1.03 17.81 12.04
CA GLN G 409 0.99 18.45 10.73
C GLN G 409 2.36 18.55 10.06
N ILE G 410 3.44 18.34 10.79
CA ILE G 410 4.77 18.37 10.21
C ILE G 410 5.09 16.99 9.66
N ALA G 411 4.64 16.72 8.45
CA ALA G 411 4.79 15.42 7.80
C ALA G 411 4.36 15.56 6.35
N PRO G 412 4.88 14.72 5.46
CA PRO G 412 4.47 14.79 4.05
C PRO G 412 2.97 14.55 3.88
N GLY G 413 2.36 15.32 2.99
CA GLY G 413 0.97 15.15 2.64
C GLY G 413 0.00 15.34 3.79
N GLN G 414 0.19 16.39 4.58
CA GLN G 414 -0.69 16.70 5.70
C GLN G 414 -1.27 18.10 5.49
N THR G 415 -2.40 18.35 6.14
CA THR G 415 -3.10 19.61 6.01
C THR G 415 -3.41 20.17 7.40
N GLY G 416 -3.62 21.47 7.45
CA GLY G 416 -3.84 22.16 8.70
C GLY G 416 -3.31 23.56 8.59
N LYS G 417 -3.47 24.33 9.67
CA LYS G 417 -2.99 25.70 9.67
C LYS G 417 -1.48 25.78 9.50
N ILE G 418 -0.73 24.98 10.26
CA ILE G 418 0.73 25.02 10.18
C ILE G 418 1.21 24.55 8.82
N ALA G 419 0.65 23.44 8.32
CA ALA G 419 1.09 22.93 7.03
C ALA G 419 0.70 23.87 5.89
N ASP G 420 -0.51 24.43 5.94
CA ASP G 420 -0.99 25.25 4.83
C ASP G 420 -0.33 26.62 4.81
N TYR G 421 -0.22 27.29 5.96
CA TYR G 421 0.17 28.68 5.98
C TYR G 421 1.50 28.97 6.66
N ASN G 422 2.07 27.99 7.38
CA ASN G 422 3.28 28.24 8.16
C ASN G 422 4.48 27.47 7.65
N TYR G 423 4.38 26.14 7.54
CA TYR G 423 5.50 25.30 7.15
C TYR G 423 4.98 24.05 6.47
N LYS G 424 5.24 23.91 5.19
CA LYS G 424 4.77 22.77 4.40
C LYS G 424 5.95 21.89 4.00
N LEU G 425 5.85 20.60 4.29
CA LEU G 425 6.85 19.64 3.85
C LEU G 425 6.46 19.07 2.49
N PRO G 426 7.43 18.81 1.62
CA PRO G 426 7.13 18.23 0.31
C PRO G 426 6.63 16.80 0.43
N ASP G 427 5.91 16.36 -0.59
CA ASP G 427 5.35 15.01 -0.57
C ASP G 427 6.44 13.95 -0.58
N ASP G 428 7.56 14.22 -1.26
CA ASP G 428 8.66 13.26 -1.27
C ASP G 428 9.38 13.25 0.08
N PHE G 429 10.04 14.36 0.41
CA PHE G 429 10.65 14.58 1.72
C PHE G 429 11.47 13.40 2.26
N THR G 430 12.60 13.10 1.64
CA THR G 430 13.58 12.24 2.28
C THR G 430 14.24 13.03 3.42
N GLY G 431 14.02 12.60 4.65
CA GLY G 431 14.53 13.32 5.79
C GLY G 431 13.78 12.92 7.05
N CYS G 432 14.15 13.57 8.16
CA CYS G 432 13.62 13.21 9.47
C CYS G 432 13.05 14.42 10.19
N VAL G 433 12.02 14.18 10.99
CA VAL G 433 11.40 15.20 11.83
C VAL G 433 11.58 14.77 13.29
N ILE G 434 12.16 15.67 14.09
CA ILE G 434 12.49 15.40 15.49
C ILE G 434 11.82 16.48 16.33
N ALA G 435 10.88 16.09 17.18
CA ALA G 435 10.16 17.06 18.00
C ALA G 435 10.17 16.62 19.45
N TRP G 436 10.41 17.58 20.34
CA TRP G 436 10.42 17.29 21.77
C TRP G 436 9.68 18.38 22.53
N ASN G 437 9.02 17.97 23.60
CA ASN G 437 8.28 18.91 24.44
C ASN G 437 9.24 19.89 25.11
N SER G 438 8.88 21.17 25.09
CA SER G 438 9.67 22.23 25.68
C SER G 438 8.80 23.11 26.56
N ASN G 439 7.96 22.49 27.39
CA ASN G 439 7.08 23.26 28.27
C ASN G 439 7.89 24.09 29.27
N ASN G 440 8.95 23.50 29.81
CA ASN G 440 9.77 24.23 30.79
C ASN G 440 10.47 25.42 30.16
N LEU G 441 10.98 25.24 28.93
CA LEU G 441 11.72 26.31 28.28
C LEU G 441 10.80 27.41 27.76
N ASP G 442 9.66 27.05 27.17
CA ASP G 442 8.87 27.98 26.39
C ASP G 442 7.53 28.32 27.02
N SER G 443 7.42 28.20 28.34
CA SER G 443 6.21 28.61 29.05
C SER G 443 6.59 29.48 30.24
N LYS G 444 5.84 30.56 30.44
CA LYS G 444 6.07 31.48 31.54
C LYS G 444 4.75 31.72 32.26
N VAL G 445 4.85 32.05 33.55
CA VAL G 445 3.66 32.42 34.32
C VAL G 445 3.05 33.66 33.69
N GLY G 446 1.75 33.62 33.46
CA GLY G 446 1.11 34.62 32.63
C GLY G 446 0.90 34.09 31.23
N GLY G 447 1.76 34.47 30.31
CA GLY G 447 1.69 33.94 28.95
C GLY G 447 2.94 34.25 28.17
N ASN G 448 3.36 33.30 27.35
CA ASN G 448 4.51 33.45 26.46
C ASN G 448 3.97 33.79 25.08
N TYR G 449 3.94 35.08 24.77
CA TYR G 449 3.35 35.59 23.54
C TYR G 449 4.37 35.87 22.45
N ASN G 450 5.64 35.49 22.65
CA ASN G 450 6.66 35.73 21.64
C ASN G 450 6.42 34.88 20.40
N TYR G 451 6.06 33.62 20.58
CA TYR G 451 5.90 32.71 19.46
C TYR G 451 4.61 33.00 18.71
N LEU G 452 4.69 33.02 17.39
CA LEU G 452 3.58 33.41 16.53
C LEU G 452 3.38 32.37 15.44
N TYR G 453 2.16 32.29 14.93
CA TYR G 453 1.86 31.51 13.74
C TYR G 453 0.92 32.30 12.84
N ARG G 454 0.71 31.81 11.63
CA ARG G 454 -0.03 32.55 10.62
C ARG G 454 -1.43 31.97 10.48
N LEU G 455 -2.45 32.76 10.89
CA LEU G 455 -3.83 32.35 10.68
C LEU G 455 -4.24 32.49 9.22
N PHE G 456 -3.89 33.60 8.59
CA PHE G 456 -4.48 33.99 7.32
C PHE G 456 -3.43 34.05 6.23
N ARG G 457 -3.77 33.47 5.08
CA ARG G 457 -2.97 33.61 3.87
C ARG G 457 -3.86 33.40 2.66
N LYS G 458 -3.51 34.07 1.56
CA LYS G 458 -4.34 33.98 0.36
C LYS G 458 -4.36 32.56 -0.20
N SER G 459 -3.21 31.90 -0.22
CA SER G 459 -3.11 30.55 -0.75
C SER G 459 -2.12 29.75 0.06
N ASN G 460 -2.25 28.43 -0.02
CA ASN G 460 -1.30 27.54 0.64
C ASN G 460 0.09 27.71 0.05
N LEU G 461 1.08 27.84 0.93
CA LEU G 461 2.44 28.09 0.52
C LEU G 461 3.08 26.81 -0.03
N LYS G 462 3.93 26.98 -1.04
CA LYS G 462 4.60 25.86 -1.67
C LYS G 462 5.57 25.21 -0.69
N PRO G 463 5.94 23.95 -0.94
CA PRO G 463 6.86 23.26 -0.02
C PRO G 463 8.15 24.04 0.19
N PHE G 464 8.58 24.10 1.45
CA PHE G 464 9.81 24.78 1.84
C PHE G 464 9.81 26.25 1.44
N GLU G 465 8.65 26.90 1.59
CA GLU G 465 8.52 28.33 1.35
C GLU G 465 8.27 29.04 2.66
N ARG G 466 8.86 30.22 2.83
CA ARG G 466 8.75 31.01 4.04
CA ARG G 466 8.75 31.01 4.04
C ARG G 466 8.07 32.34 3.71
N ASP G 467 7.08 32.72 4.51
CA ASP G 467 6.34 33.96 4.33
C ASP G 467 6.44 34.75 5.63
N ILE G 468 7.28 35.78 5.63
CA ILE G 468 7.48 36.64 6.79
C ILE G 468 6.72 37.95 6.67
N SER G 469 5.93 38.12 5.61
CA SER G 469 5.21 39.36 5.41
C SER G 469 4.11 39.50 6.47
N THR G 470 3.94 40.73 6.97
CA THR G 470 2.91 41.04 7.95
C THR G 470 1.84 41.97 7.40
N GLU G 471 1.56 41.90 6.10
CA GLU G 471 0.53 42.73 5.51
C GLU G 471 -0.85 42.34 6.04
N ILE G 472 -1.73 43.33 6.16
CA ILE G 472 -3.06 43.07 6.69
C ILE G 472 -3.84 42.21 5.70
N TYR G 473 -4.44 41.14 6.20
CA TYR G 473 -5.16 40.18 5.38
C TYR G 473 -6.57 40.69 5.08
N GLN G 474 -6.99 40.53 3.83
CA GLN G 474 -8.30 40.98 3.38
C GLN G 474 -9.25 39.79 3.31
N ALA G 475 -10.01 39.58 4.38
CA ALA G 475 -10.95 38.47 4.40
C ALA G 475 -12.26 38.79 3.69
N GLY G 476 -12.60 40.08 3.60
CA GLY G 476 -13.82 40.50 2.96
C GLY G 476 -13.61 41.05 1.57
N SER G 477 -14.68 41.62 1.01
CA SER G 477 -14.60 42.21 -0.33
C SER G 477 -13.90 43.57 -0.29
N THR G 478 -14.10 44.32 0.78
CA THR G 478 -13.54 45.66 0.86
C THR G 478 -12.02 45.61 0.92
N PRO G 479 -11.31 46.38 0.10
CA PRO G 479 -9.85 46.44 0.20
C PRO G 479 -9.42 46.97 1.56
N CYS G 480 -8.26 46.50 2.02
CA CYS G 480 -7.80 46.85 3.36
C CYS G 480 -7.02 48.16 3.40
N ASN G 481 -6.15 48.38 2.42
CA ASN G 481 -5.34 49.60 2.34
C ASN G 481 -4.46 49.78 3.58
N GLY G 482 -4.05 48.67 4.20
CA GLY G 482 -3.12 48.71 5.30
C GLY G 482 -3.70 49.00 6.66
N VAL G 483 -5.01 49.16 6.79
CA VAL G 483 -5.64 49.41 8.08
C VAL G 483 -6.24 48.12 8.59
N GLU G 484 -6.50 48.10 9.90
CA GLU G 484 -7.11 46.95 10.56
C GLU G 484 -8.56 47.28 10.88
N GLY G 485 -9.47 46.45 10.40
CA GLY G 485 -10.89 46.74 10.55
C GLY G 485 -11.76 45.51 10.73
N PHE G 486 -12.96 45.55 10.17
CA PHE G 486 -13.92 44.46 10.37
C PHE G 486 -13.43 43.16 9.73
N ASN G 487 -13.06 43.21 8.45
CA ASN G 487 -12.56 42.04 7.74
C ASN G 487 -11.08 42.14 7.43
N CYS G 488 -10.40 43.16 7.96
CA CYS G 488 -8.96 43.33 7.81
C CYS G 488 -8.29 42.91 9.10
N TYR G 489 -7.46 41.87 9.03
CA TYR G 489 -6.89 41.26 10.21
C TYR G 489 -5.37 41.17 10.08
N PHE G 490 -4.69 41.24 11.21
CA PHE G 490 -3.26 40.97 11.25
C PHE G 490 -3.04 39.48 11.02
N PRO G 491 -2.20 39.09 10.06
CA PRO G 491 -2.09 37.66 9.72
C PRO G 491 -1.58 36.80 10.86
N LEU G 492 -0.73 37.35 11.73
CA LEU G 492 -0.10 36.53 12.75
C LEU G 492 -0.93 36.49 14.03
N GLN G 493 -0.73 35.44 14.80
CA GLN G 493 -1.47 35.21 16.03
C GLN G 493 -0.55 34.55 17.04
N SER G 494 -0.64 34.99 18.29
CA SER G 494 0.22 34.46 19.34
C SER G 494 -0.29 33.11 19.82
N TYR G 495 0.64 32.18 20.03
CA TYR G 495 0.31 30.90 20.66
C TYR G 495 -0.19 31.08 22.08
N GLY G 496 0.42 31.97 22.84
CA GLY G 496 -0.02 32.15 24.21
C GLY G 496 0.25 30.91 25.00
N PHE G 497 1.51 30.67 25.32
CA PHE G 497 1.89 29.46 26.03
C PHE G 497 1.89 29.71 27.53
N GLN G 498 1.25 28.81 28.27
CA GLN G 498 1.17 28.95 29.71
C GLN G 498 1.58 27.61 30.27
N PRO G 499 2.19 27.60 31.46
CA PRO G 499 2.69 26.33 31.99
C PRO G 499 1.58 25.32 32.23
N THR G 500 0.45 25.78 32.72
CA THR G 500 -0.68 24.90 32.97
C THR G 500 -1.54 24.67 31.74
N ASN G 501 -1.02 23.95 30.76
CA ASN G 501 -1.76 23.72 29.53
C ASN G 501 -1.72 22.26 29.19
N GLY G 502 -2.69 21.78 28.44
CA GLY G 502 -2.76 20.37 28.11
C GLY G 502 -1.57 19.97 27.29
N VAL G 503 -1.14 18.73 27.42
CA VAL G 503 -0.03 18.25 26.62
C VAL G 503 -0.22 18.68 25.17
N GLY G 504 -1.46 18.77 24.73
CA GLY G 504 -1.74 19.22 23.37
C GLY G 504 -1.39 20.68 23.13
N TYR G 505 -1.67 21.53 24.11
CA TYR G 505 -1.47 22.96 23.92
C TYR G 505 -0.20 23.52 24.51
N GLN G 506 0.72 22.65 24.93
CA GLN G 506 1.99 23.12 25.45
C GLN G 506 3.07 23.04 24.37
N PRO G 507 4.06 23.93 24.42
CA PRO G 507 4.96 24.10 23.27
C PRO G 507 5.83 22.88 23.01
N TYR G 508 6.23 22.74 21.74
CA TYR G 508 7.09 21.66 21.29
C TYR G 508 8.11 22.25 20.33
N ARG G 509 9.37 21.90 20.50
CA ARG G 509 10.42 22.34 19.59
C ARG G 509 10.63 21.29 18.53
N VAL G 510 10.68 21.71 17.27
CA VAL G 510 10.73 20.83 16.12
C VAL G 510 11.95 21.18 15.28
N VAL G 511 12.71 20.15 14.90
CA VAL G 511 13.84 20.26 13.98
C VAL G 511 13.62 19.29 12.85
N VAL G 512 13.72 19.77 11.62
CA VAL G 512 13.49 18.99 10.42
C VAL G 512 14.79 18.94 9.63
N LEU G 513 15.28 17.73 9.37
CA LEU G 513 16.49 17.54 8.58
C LEU G 513 16.11 17.09 7.17
N SER G 514 16.60 17.81 6.18
CA SER G 514 16.26 17.58 4.77
C SER G 514 17.51 17.06 4.06
N PHE G 515 17.64 15.74 3.97
CA PHE G 515 18.76 15.15 3.26
C PHE G 515 18.53 15.19 1.76
N GLU G 516 19.63 15.25 1.02
CA GLU G 516 19.61 15.14 -0.45
C GLU G 516 20.50 13.95 -0.82
N LEU G 517 19.88 12.85 -1.22
CA LEU G 517 20.59 11.60 -1.47
C LEU G 517 20.68 11.36 -2.97
N LEU G 518 21.90 11.32 -3.50
CA LEU G 518 22.13 11.18 -4.93
C LEU G 518 23.52 10.60 -5.14
N HIS G 519 23.74 10.05 -6.33
CA HIS G 519 25.05 9.55 -6.70
C HIS G 519 26.08 10.66 -6.89
N ALA G 520 25.64 11.92 -6.92
CA ALA G 520 26.56 13.04 -7.06
C ALA G 520 27.48 13.11 -5.84
N PRO G 521 28.66 13.71 -5.99
CA PRO G 521 29.60 13.77 -4.87
C PRO G 521 28.98 14.38 -3.62
N ALA G 522 28.97 13.61 -2.54
CA ALA G 522 28.31 13.99 -1.30
C ALA G 522 29.30 14.68 -0.38
N THR G 523 28.99 15.91 0.02
CA THR G 523 29.87 16.65 0.93
C THR G 523 29.75 16.14 2.35
N VAL G 524 28.54 15.79 2.79
CA VAL G 524 28.27 15.38 4.16
C VAL G 524 28.27 13.86 4.21
N CYS G 525 29.04 13.30 5.15
CA CYS G 525 29.19 11.86 5.29
C CYS G 525 29.39 11.50 6.74
N GLY G 526 29.08 10.25 7.07
CA GLY G 526 29.41 9.70 8.36
C GLY G 526 30.90 9.44 8.45
N PRO G 527 31.43 9.31 9.67
CA PRO G 527 32.88 9.11 9.84
C PRO G 527 33.39 7.85 9.12
N LYS G 528 32.86 6.70 9.51
CA LYS G 528 33.02 5.44 8.81
C LYS G 528 34.45 4.91 8.76
N LYS G 529 35.42 5.70 9.23
CA LYS G 529 36.82 5.28 9.32
C LYS G 529 37.32 4.69 8.00
N SER G 530 37.46 5.53 6.97
CA SER G 530 37.92 5.08 5.67
C SER G 530 39.22 4.28 5.79
N THR G 531 39.38 3.32 4.89
CA THR G 531 40.49 2.37 4.91
C THR G 531 41.30 2.48 3.63
N ASN G 532 42.32 1.64 3.53
CA ASN G 532 43.20 1.64 2.37
C ASN G 532 42.50 0.96 1.18
N LEU G 533 43.08 1.15 0.00
CA LEU G 533 42.50 0.66 -1.25
C LEU G 533 43.46 -0.29 -1.93
N VAL G 534 42.92 -1.38 -2.48
CA VAL G 534 43.68 -2.34 -3.27
C VAL G 534 43.17 -2.30 -4.70
N LYS G 535 44.05 -2.59 -5.66
CA LYS G 535 43.73 -2.32 -7.05
C LYS G 535 43.13 -3.52 -7.79
N ASN G 536 43.90 -4.60 -7.90
CA ASN G 536 43.52 -5.70 -8.80
C ASN G 536 42.87 -6.85 -8.02
N LYS G 537 41.81 -6.53 -7.28
CA LYS G 537 41.04 -7.53 -6.56
C LYS G 537 39.58 -7.13 -6.58
N CYS G 538 38.70 -8.11 -6.75
CA CYS G 538 37.27 -7.82 -6.65
C CYS G 538 36.94 -7.45 -5.21
N VAL G 539 36.49 -6.21 -5.01
CA VAL G 539 36.25 -5.67 -3.68
C VAL G 539 34.87 -5.02 -3.66
N ASN G 540 34.34 -4.87 -2.44
CA ASN G 540 33.18 -4.03 -2.20
C ASN G 540 33.67 -2.63 -1.86
N PHE G 541 33.63 -1.74 -2.82
CA PHE G 541 34.15 -0.39 -2.67
C PHE G 541 33.03 0.58 -2.30
N ASN G 542 33.34 1.47 -1.35
CA ASN G 542 32.46 2.56 -0.92
C ASN G 542 33.22 3.88 -1.14
N PHE G 543 33.04 4.46 -2.32
CA PHE G 543 33.72 5.71 -2.70
C PHE G 543 32.78 6.89 -2.45
N ASN G 544 32.85 7.45 -1.25
CA ASN G 544 32.16 8.70 -0.91
C ASN G 544 30.67 8.62 -1.23
N GLY G 545 30.06 7.49 -0.90
CA GLY G 545 28.68 7.23 -1.22
C GLY G 545 28.46 6.28 -2.38
N LEU G 546 29.33 6.30 -3.39
CA LEU G 546 29.28 5.29 -4.42
C LEU G 546 29.65 3.94 -3.83
N THR G 547 28.94 2.90 -4.26
CA THR G 547 29.14 1.58 -3.70
C THR G 547 29.01 0.52 -4.78
N GLY G 548 29.91 -0.44 -4.82
CA GLY G 548 29.83 -1.47 -5.84
C GLY G 548 30.78 -2.60 -5.54
N THR G 549 30.76 -3.59 -6.43
CA THR G 549 31.59 -4.79 -6.30
C THR G 549 32.37 -4.98 -7.60
N GLY G 550 33.69 -4.79 -7.53
CA GLY G 550 34.52 -4.96 -8.70
C GLY G 550 35.98 -4.69 -8.41
N VAL G 551 36.78 -4.79 -9.46
CA VAL G 551 38.21 -4.52 -9.38
C VAL G 551 38.46 -3.07 -9.76
N LEU G 552 39.43 -2.45 -9.10
CA LEU G 552 39.74 -1.02 -9.28
C LEU G 552 41.10 -0.92 -9.98
N THR G 553 41.06 -0.94 -11.30
CA THR G 553 42.30 -0.82 -12.06
C THR G 553 42.70 0.65 -12.17
N GLU G 554 43.99 0.88 -12.37
CA GLU G 554 44.45 2.23 -12.68
C GLU G 554 43.96 2.63 -14.07
N SER G 555 43.47 3.86 -14.18
CA SER G 555 42.75 4.30 -15.37
C SER G 555 43.48 5.44 -16.06
N ASN G 556 43.36 5.47 -17.38
CA ASN G 556 43.89 6.55 -18.21
C ASN G 556 42.86 7.63 -18.53
N LYS G 557 41.66 7.54 -17.94
CA LYS G 557 40.64 8.54 -18.17
C LYS G 557 41.13 9.91 -17.73
N LYS G 558 40.93 10.92 -18.57
CA LYS G 558 41.35 12.28 -18.28
C LYS G 558 40.17 13.03 -17.65
N PHE G 559 40.12 13.06 -16.33
CA PHE G 559 39.05 13.70 -15.59
C PHE G 559 39.37 15.17 -15.44
N LEU G 560 38.44 16.03 -15.85
CA LEU G 560 38.57 17.44 -15.54
C LEU G 560 38.41 17.64 -14.03
N PRO G 561 39.05 18.66 -13.44
CA PRO G 561 39.10 18.78 -11.99
C PRO G 561 37.75 18.69 -11.29
N PHE G 562 36.71 19.26 -11.89
CA PHE G 562 35.39 19.23 -11.25
C PHE G 562 34.76 17.85 -11.35
N GLN G 563 35.18 17.03 -12.30
CA GLN G 563 34.58 15.72 -12.49
C GLN G 563 35.03 14.76 -11.39
N GLN G 564 34.07 13.98 -10.87
CA GLN G 564 34.34 13.07 -9.75
C GLN G 564 34.18 11.59 -10.10
N PHE G 565 33.34 11.25 -11.07
CA PHE G 565 33.17 9.86 -11.46
C PHE G 565 32.72 9.83 -12.92
N GLY G 566 32.83 8.68 -13.54
CA GLY G 566 32.51 8.53 -14.95
C GLY G 566 31.43 7.49 -15.16
N ARG G 567 30.55 7.78 -16.12
CA ARG G 567 29.49 6.87 -16.52
C ARG G 567 29.59 6.61 -18.01
N ASP G 568 29.62 5.34 -18.39
CA ASP G 568 29.77 4.96 -19.80
C ASP G 568 28.40 4.90 -20.46
N ILE G 569 28.33 4.32 -21.65
CA ILE G 569 27.04 4.14 -22.33
C ILE G 569 26.15 3.24 -21.47
N ALA G 570 24.85 3.51 -21.50
CA ALA G 570 23.82 2.89 -20.67
C ALA G 570 23.95 3.30 -19.21
N ASP G 571 24.77 4.31 -18.92
CA ASP G 571 24.86 4.93 -17.61
C ASP G 571 25.23 3.92 -16.53
N THR G 572 26.38 3.29 -16.71
CA THR G 572 26.98 2.42 -15.70
C THR G 572 28.25 3.07 -15.19
N THR G 573 28.36 3.23 -13.87
CA THR G 573 29.54 3.86 -13.29
C THR G 573 30.77 3.02 -13.57
N ASP G 574 31.69 3.58 -14.37
CA ASP G 574 32.88 2.86 -14.78
C ASP G 574 34.18 3.49 -14.31
N ALA G 575 34.14 4.69 -13.73
CA ALA G 575 35.36 5.32 -13.24
C ALA G 575 35.01 6.16 -12.02
N VAL G 576 36.02 6.38 -11.17
CA VAL G 576 35.83 7.15 -9.95
C VAL G 576 37.17 7.71 -9.47
N ARG G 577 37.14 8.87 -8.82
CA ARG G 577 38.32 9.42 -8.18
C ARG G 577 38.14 9.35 -6.67
N ASP G 578 39.16 8.86 -5.97
CA ASP G 578 39.06 8.74 -4.52
C ASP G 578 39.33 10.09 -3.86
N PRO G 579 38.53 10.45 -2.86
CA PRO G 579 38.68 11.79 -2.25
C PRO G 579 40.05 12.06 -1.66
N GLN G 580 40.68 11.05 -1.07
CA GLN G 580 41.92 11.31 -0.33
C GLN G 580 43.11 11.46 -1.27
N THR G 581 43.14 10.68 -2.36
CA THR G 581 44.28 10.69 -3.27
C THR G 581 44.03 11.46 -4.56
N LEU G 582 42.78 11.53 -5.00
CA LEU G 582 42.42 12.23 -6.26
C LEU G 582 43.09 11.57 -7.47
N GLU G 583 42.92 10.26 -7.60
CA GLU G 583 43.37 9.51 -8.76
C GLU G 583 42.19 8.79 -9.39
N ILE G 584 42.25 8.65 -10.71
CA ILE G 584 41.15 8.08 -11.47
C ILE G 584 41.34 6.57 -11.56
N LEU G 585 40.33 5.82 -11.12
CA LEU G 585 40.35 4.37 -11.12
C LEU G 585 39.18 3.85 -11.93
N ASP G 586 39.45 2.88 -12.80
CA ASP G 586 38.41 2.18 -13.54
C ASP G 586 37.82 1.07 -12.69
N ILE G 587 36.49 0.99 -12.70
CA ILE G 587 35.74 -0.02 -11.98
C ILE G 587 35.30 -1.08 -12.99
N THR G 588 35.82 -2.29 -12.83
CA THR G 588 35.45 -3.38 -13.73
C THR G 588 34.81 -4.51 -12.94
N PRO G 589 33.62 -4.97 -13.31
CA PRO G 589 33.00 -6.06 -12.56
C PRO G 589 33.85 -7.32 -12.60
N CYS G 590 34.08 -7.90 -11.43
CA CYS G 590 34.87 -9.12 -11.37
C CYS G 590 34.13 -10.26 -12.08
N SER G 591 34.91 -11.17 -12.66
CA SER G 591 34.41 -12.05 -13.70
C SER G 591 33.23 -12.90 -13.22
N PHE G 592 32.25 -13.07 -14.08
CA PHE G 592 31.09 -13.90 -13.81
C PHE G 592 30.73 -14.66 -15.07
N GLY G 593 30.04 -15.78 -14.91
CA GLY G 593 29.59 -16.52 -16.07
C GLY G 593 28.91 -17.84 -15.80
N GLY G 594 28.12 -18.33 -16.74
CA GLY G 594 27.44 -19.59 -16.54
C GLY G 594 28.41 -20.76 -16.46
N VAL G 595 27.96 -21.81 -15.79
CA VAL G 595 28.74 -23.04 -15.63
C VAL G 595 27.97 -24.18 -16.27
N SER G 596 28.61 -24.88 -17.19
CA SER G 596 27.99 -25.97 -17.92
C SER G 596 28.75 -27.26 -17.63
N VAL G 597 28.06 -28.39 -17.79
CA VAL G 597 28.67 -29.70 -17.58
C VAL G 597 28.59 -30.49 -18.89
N ILE G 598 29.72 -31.08 -19.26
CA ILE G 598 29.80 -32.00 -20.39
C ILE G 598 29.65 -33.41 -19.85
N THR G 599 28.57 -34.09 -20.23
CA THR G 599 28.35 -35.46 -19.81
C THR G 599 28.16 -36.36 -21.03
N PRO G 600 28.72 -37.56 -21.00
CA PRO G 600 28.39 -38.55 -22.04
C PRO G 600 27.03 -39.19 -21.75
N GLY G 601 26.60 -39.11 -20.49
CA GLY G 601 25.36 -39.68 -20.04
C GLY G 601 25.64 -40.82 -19.08
N THR G 602 24.65 -41.13 -18.24
CA THR G 602 24.77 -42.29 -17.37
C THR G 602 24.87 -43.57 -18.18
N ASN G 603 24.28 -43.56 -19.38
CA ASN G 603 24.58 -44.57 -20.40
C ASN G 603 26.07 -44.85 -20.52
N THR G 604 26.90 -43.82 -20.44
CA THR G 604 28.33 -43.96 -20.66
C THR G 604 29.09 -43.18 -19.60
N SER G 605 29.39 -43.84 -18.48
CA SER G 605 30.25 -43.33 -17.42
C SER G 605 29.63 -42.15 -16.67
N ASN G 606 29.98 -42.01 -15.39
CA ASN G 606 29.59 -40.87 -14.58
C ASN G 606 30.59 -39.73 -14.65
N GLN G 607 31.63 -39.87 -15.48
CA GLN G 607 32.64 -38.83 -15.60
C GLN G 607 32.05 -37.60 -16.30
N VAL G 608 32.46 -36.42 -15.84
CA VAL G 608 31.90 -35.17 -16.31
C VAL G 608 33.02 -34.15 -16.47
N ALA G 609 32.87 -33.28 -17.46
CA ALA G 609 33.74 -32.13 -17.63
C ALA G 609 32.97 -30.87 -17.27
N VAL G 610 33.70 -29.80 -16.94
CA VAL G 610 33.07 -28.54 -16.52
C VAL G 610 33.58 -27.42 -17.41
N LEU G 611 32.66 -26.57 -17.86
CA LEU G 611 32.97 -25.41 -18.68
C LEU G 611 32.54 -24.16 -17.91
N TYR G 612 33.49 -23.25 -17.69
CA TYR G 612 33.22 -21.97 -17.06
C TYR G 612 33.18 -20.91 -18.15
N GLN G 613 31.98 -20.50 -18.55
CA GLN G 613 31.83 -19.61 -19.68
C GLN G 613 32.37 -18.22 -19.38
N ASP G 614 33.13 -17.68 -20.33
CA ASP G 614 33.68 -16.33 -20.25
C ASP G 614 34.50 -16.11 -18.98
N VAL G 615 35.19 -17.15 -18.51
CA VAL G 615 36.00 -17.08 -17.30
C VAL G 615 37.42 -17.47 -17.66
N ASN G 616 38.38 -16.63 -17.28
CA ASN G 616 39.78 -16.92 -17.53
C ASN G 616 40.24 -18.01 -16.56
N CYS G 617 41.06 -18.93 -17.07
CA CYS G 617 41.37 -20.15 -16.32
C CYS G 617 42.18 -19.90 -15.06
N THR G 618 42.76 -18.71 -14.90
CA THR G 618 43.51 -18.42 -13.68
C THR G 618 42.60 -18.44 -12.46
N GLU G 619 41.40 -17.87 -12.58
CA GLU G 619 40.39 -17.96 -11.53
C GLU G 619 39.69 -19.32 -11.62
N VAL G 620 39.39 -19.90 -10.46
CA VAL G 620 38.74 -21.21 -10.43
C VAL G 620 37.38 -21.15 -11.11
N ASN G 641 42.28 -31.59 -15.57
CA ASN G 641 43.01 -30.93 -16.65
C ASN G 641 42.29 -29.64 -17.06
N VAL G 642 43.01 -28.52 -16.97
CA VAL G 642 42.46 -27.20 -17.24
C VAL G 642 42.86 -26.77 -18.64
N PHE G 643 41.88 -26.40 -19.46
CA PHE G 643 42.11 -26.00 -20.85
C PHE G 643 41.31 -24.74 -21.14
N GLN G 644 41.96 -23.73 -21.70
CA GLN G 644 41.32 -22.46 -22.01
C GLN G 644 40.78 -22.47 -23.43
N THR G 645 39.52 -22.11 -23.60
CA THR G 645 38.88 -21.99 -24.90
C THR G 645 38.33 -20.58 -25.07
N ARG G 646 37.83 -20.32 -26.28
CA ARG G 646 37.14 -19.05 -26.51
C ARG G 646 35.81 -19.00 -25.77
N ALA G 647 35.14 -20.16 -25.63
CA ALA G 647 33.91 -20.21 -24.86
C ALA G 647 34.16 -19.97 -23.38
N GLY G 648 35.27 -20.47 -22.87
CA GLY G 648 35.62 -20.27 -21.48
C GLY G 648 36.64 -21.31 -21.03
N CYS G 649 36.73 -21.46 -19.71
CA CYS G 649 37.65 -22.43 -19.12
C CYS G 649 36.99 -23.79 -19.05
N LEU G 650 37.66 -24.80 -19.61
CA LEU G 650 37.14 -26.16 -19.65
C LEU G 650 38.02 -27.04 -18.78
N ILE G 651 37.41 -27.65 -17.77
CA ILE G 651 38.11 -28.47 -16.77
C ILE G 651 37.59 -29.90 -16.88
N GLY G 652 38.51 -30.86 -16.81
CA GLY G 652 38.16 -32.26 -16.89
C GLY G 652 38.22 -32.87 -18.27
N ALA G 653 38.53 -32.07 -19.29
CA ALA G 653 38.67 -32.56 -20.66
C ALA G 653 40.08 -32.25 -21.15
N GLU G 654 40.71 -33.23 -21.79
CA GLU G 654 42.07 -33.08 -22.30
C GLU G 654 42.03 -32.70 -23.77
N HIS G 655 42.86 -31.73 -24.15
CA HIS G 655 42.92 -31.29 -25.53
C HIS G 655 43.74 -32.25 -26.37
N VAL G 656 43.22 -32.61 -27.53
CA VAL G 656 43.89 -33.50 -28.47
C VAL G 656 44.01 -32.80 -29.81
N ASN G 657 45.13 -32.99 -30.50
CA ASN G 657 45.33 -32.35 -31.78
C ASN G 657 44.36 -32.87 -32.83
N ASN G 658 43.97 -34.13 -32.72
CA ASN G 658 43.14 -34.77 -33.75
C ASN G 658 41.78 -34.09 -33.84
N SER G 659 41.25 -34.03 -35.06
CA SER G 659 39.94 -33.45 -35.33
C SER G 659 38.95 -34.57 -35.61
N TYR G 660 37.78 -34.45 -35.00
CA TYR G 660 36.71 -35.43 -35.18
C TYR G 660 35.42 -34.69 -35.50
N GLU G 661 34.41 -35.46 -35.90
CA GLU G 661 33.07 -34.88 -36.05
C GLU G 661 32.54 -34.45 -34.69
N CYS G 662 31.84 -33.32 -34.67
CA CYS G 662 31.37 -32.76 -33.42
C CYS G 662 30.39 -33.71 -32.73
N ASP G 663 30.59 -33.93 -31.44
CA ASP G 663 29.70 -34.74 -30.63
C ASP G 663 28.93 -33.90 -29.62
N ILE G 664 29.63 -33.14 -28.77
CA ILE G 664 29.00 -32.25 -27.81
C ILE G 664 29.55 -30.85 -28.03
N PRO G 665 28.75 -29.90 -28.47
CA PRO G 665 29.31 -28.61 -28.90
C PRO G 665 29.69 -27.70 -27.75
N ILE G 666 31.00 -27.56 -27.50
CA ILE G 666 31.47 -26.59 -26.52
C ILE G 666 31.29 -25.17 -27.04
N GLY G 667 31.63 -24.93 -28.29
CA GLY G 667 31.49 -23.61 -28.87
C GLY G 667 32.78 -23.08 -29.47
N ALA G 668 32.64 -22.16 -30.43
CA ALA G 668 33.79 -21.55 -31.12
C ALA G 668 34.66 -22.61 -31.78
N GLY G 669 34.03 -23.62 -32.38
CA GLY G 669 34.74 -24.63 -33.13
C GLY G 669 35.32 -25.75 -32.31
N ILE G 670 35.06 -25.80 -31.01
CA ILE G 670 35.58 -26.83 -30.12
C ILE G 670 34.40 -27.68 -29.65
N CYS G 671 34.58 -28.99 -29.68
CA CYS G 671 33.56 -29.93 -29.23
C CYS G 671 34.19 -30.88 -28.22
N ALA G 672 33.35 -31.73 -27.63
CA ALA G 672 33.80 -32.70 -26.65
C ALA G 672 33.19 -34.06 -26.96
N SER G 673 33.93 -35.11 -26.62
CA SER G 673 33.45 -36.48 -26.78
C SER G 673 34.12 -37.36 -25.75
N TYR G 674 33.51 -38.52 -25.51
CA TYR G 674 34.03 -39.50 -24.56
C TYR G 674 34.70 -40.62 -25.37
N GLN G 675 36.02 -40.69 -25.30
CA GLN G 675 36.76 -41.72 -26.00
C GLN G 675 37.87 -42.28 -25.13
N GLN G 690 37.23 -43.84 -22.48
CA GLN G 690 37.87 -43.87 -21.18
C GLN G 690 37.89 -42.50 -20.52
N SER G 691 38.09 -41.46 -21.33
CA SER G 691 38.18 -40.09 -20.84
C SER G 691 37.38 -39.17 -21.76
N ILE G 692 37.20 -37.93 -21.32
CA ILE G 692 36.52 -36.90 -22.09
C ILE G 692 37.59 -36.04 -22.77
N ILE G 693 37.49 -35.91 -24.09
CA ILE G 693 38.49 -35.21 -24.89
C ILE G 693 37.87 -33.98 -25.53
N ALA G 694 38.63 -32.89 -25.53
CA ALA G 694 38.25 -31.66 -26.20
C ALA G 694 39.09 -31.52 -27.46
N TYR G 695 38.43 -31.22 -28.58
CA TYR G 695 39.11 -31.16 -29.86
C TYR G 695 38.49 -30.08 -30.71
N THR G 696 39.24 -29.62 -31.71
CA THR G 696 38.69 -28.77 -32.74
C THR G 696 37.91 -29.64 -33.72
N MET G 697 36.64 -29.30 -33.92
CA MET G 697 35.76 -30.16 -34.70
C MET G 697 36.22 -30.24 -36.15
N SER G 698 35.97 -31.39 -36.77
CA SER G 698 36.36 -31.65 -38.15
C SER G 698 35.17 -31.37 -39.06
N LEU G 699 35.38 -30.46 -40.02
CA LEU G 699 34.29 -30.12 -40.94
C LEU G 699 33.98 -31.26 -41.89
N GLY G 700 35.00 -32.01 -42.27
CA GLY G 700 34.81 -33.12 -43.17
C GLY G 700 36.14 -33.63 -43.70
N ALA G 701 36.05 -34.72 -44.45
CA ALA G 701 37.24 -35.30 -45.06
C ALA G 701 37.62 -34.51 -46.31
N GLU G 702 38.87 -34.09 -46.37
CA GLU G 702 39.35 -33.35 -47.53
C GLU G 702 39.32 -34.24 -48.76
N ASN G 703 38.73 -33.75 -49.84
CA ASN G 703 38.56 -34.52 -51.07
C ASN G 703 38.78 -33.59 -52.26
N SER G 704 39.93 -33.70 -52.90
CA SER G 704 40.23 -32.92 -54.09
C SER G 704 39.70 -33.65 -55.31
N VAL G 705 38.70 -33.08 -55.97
CA VAL G 705 38.16 -33.69 -57.18
C VAL G 705 39.20 -33.63 -58.29
N ALA G 706 39.39 -34.76 -58.96
CA ALA G 706 40.40 -34.87 -60.03
C ALA G 706 39.89 -34.16 -61.28
N TYR G 707 39.80 -32.83 -61.17
CA TYR G 707 39.28 -32.02 -62.26
C TYR G 707 40.33 -31.84 -63.34
N SER G 708 39.86 -31.81 -64.59
CA SER G 708 40.71 -31.53 -65.73
C SER G 708 39.82 -30.98 -66.84
N ASN G 709 40.46 -30.37 -67.84
CA ASN G 709 39.69 -29.76 -68.92
C ASN G 709 39.16 -30.77 -69.93
N ASN G 710 39.54 -32.04 -69.81
CA ASN G 710 39.04 -33.07 -70.71
C ASN G 710 38.73 -34.37 -69.97
N SER G 711 38.31 -34.27 -68.70
CA SER G 711 38.05 -35.44 -67.88
C SER G 711 36.63 -35.38 -67.32
N ILE G 712 35.88 -36.47 -67.49
CA ILE G 712 34.54 -36.56 -66.94
C ILE G 712 34.44 -37.84 -66.14
N ALA G 713 33.46 -37.94 -65.27
CA ALA G 713 33.24 -39.17 -64.54
C ALA G 713 31.80 -39.56 -64.68
N ILE G 714 31.53 -40.71 -65.28
CA ILE G 714 30.17 -41.16 -65.56
C ILE G 714 29.86 -42.35 -64.66
N PRO G 715 28.77 -42.33 -63.91
CA PRO G 715 28.43 -43.48 -63.08
C PRO G 715 28.08 -44.70 -63.92
N THR G 716 28.59 -45.85 -63.48
CA THR G 716 28.31 -47.12 -64.12
C THR G 716 27.31 -47.96 -63.33
N ASN G 717 26.71 -47.40 -62.29
CA ASN G 717 25.77 -48.11 -61.46
C ASN G 717 24.93 -47.08 -60.71
N PHE G 718 24.13 -47.55 -59.75
CA PHE G 718 23.29 -46.65 -58.97
C PHE G 718 22.92 -47.34 -57.67
N THR G 719 22.41 -46.53 -56.74
CA THR G 719 21.93 -47.02 -55.46
C THR G 719 20.56 -46.42 -55.20
N ILE G 720 19.56 -47.27 -55.02
CA ILE G 720 18.22 -46.83 -54.67
C ILE G 720 18.18 -46.67 -53.15
N SER G 721 18.09 -45.43 -52.69
CA SER G 721 18.13 -45.11 -51.27
C SER G 721 16.78 -44.58 -50.84
N VAL G 722 16.31 -45.03 -49.68
CA VAL G 722 15.08 -44.52 -49.07
C VAL G 722 15.48 -43.83 -47.78
N THR G 723 15.10 -42.56 -47.65
CA THR G 723 15.44 -41.74 -46.50
C THR G 723 14.18 -41.18 -45.87
N THR G 724 14.12 -41.19 -44.55
CA THR G 724 12.96 -40.69 -43.82
C THR G 724 13.14 -39.22 -43.47
N GLU G 725 12.06 -38.46 -43.60
CA GLU G 725 12.01 -37.08 -43.14
C GLU G 725 10.80 -36.92 -42.22
N ILE G 726 11.03 -36.41 -41.02
CA ILE G 726 9.99 -36.29 -40.01
C ILE G 726 9.68 -34.82 -39.80
N LEU G 727 8.39 -34.46 -39.91
CA LEU G 727 7.96 -33.08 -39.79
C LEU G 727 6.78 -33.00 -38.85
N PRO G 728 6.83 -32.17 -37.81
CA PRO G 728 5.64 -31.95 -36.99
C PRO G 728 4.56 -31.22 -37.79
N VAL G 729 3.32 -31.66 -37.60
CA VAL G 729 2.19 -31.00 -38.25
C VAL G 729 1.20 -30.40 -37.27
N SER G 730 1.09 -30.90 -36.04
CA SER G 730 0.12 -30.35 -35.10
C SER G 730 0.59 -30.64 -33.69
N MET G 731 0.14 -29.80 -32.76
CA MET G 731 0.38 -29.99 -31.35
C MET G 731 -0.95 -30.10 -30.61
N THR G 732 -0.87 -30.43 -29.33
CA THR G 732 -2.09 -30.70 -28.56
C THR G 732 -2.97 -29.46 -28.47
N LYS G 733 -4.26 -29.66 -28.68
CA LYS G 733 -5.25 -28.59 -28.61
C LYS G 733 -5.65 -28.41 -27.15
N THR G 734 -4.94 -27.55 -26.45
CA THR G 734 -5.19 -27.33 -25.03
C THR G 734 -5.97 -26.03 -24.85
N SER G 735 -6.86 -26.05 -23.87
CA SER G 735 -7.65 -24.88 -23.50
C SER G 735 -7.52 -24.64 -22.01
N VAL G 736 -7.35 -23.38 -21.63
CA VAL G 736 -7.24 -22.98 -20.24
C VAL G 736 -8.30 -21.92 -19.98
N ASP G 737 -9.27 -22.25 -19.13
CA ASP G 737 -10.25 -21.26 -18.69
C ASP G 737 -9.56 -20.21 -17.83
N CYS G 738 -9.53 -18.97 -18.31
CA CYS G 738 -8.80 -17.92 -17.62
C CYS G 738 -9.38 -17.66 -16.23
N THR G 739 -10.70 -17.66 -16.11
CA THR G 739 -11.33 -17.37 -14.82
C THR G 739 -11.01 -18.46 -13.80
N MET G 740 -11.05 -19.73 -14.21
CA MET G 740 -10.83 -20.81 -13.26
C MET G 740 -9.37 -20.97 -12.89
N TYR G 741 -8.45 -20.75 -13.82
CA TYR G 741 -7.03 -20.85 -13.48
C TYR G 741 -6.65 -19.79 -12.46
N ILE G 742 -7.12 -18.56 -12.66
CA ILE G 742 -6.76 -17.47 -11.76
C ILE G 742 -7.53 -17.56 -10.45
N CYS G 743 -8.84 -17.79 -10.53
CA CYS G 743 -9.71 -17.64 -9.37
C CYS G 743 -10.31 -18.95 -8.88
N GLY G 744 -10.24 -20.02 -9.65
CA GLY G 744 -10.91 -21.25 -9.24
C GLY G 744 -12.40 -21.05 -9.11
N ASP G 745 -12.95 -21.46 -7.97
CA ASP G 745 -14.37 -21.32 -7.68
C ASP G 745 -14.67 -20.16 -6.75
N SER G 746 -13.74 -19.22 -6.64
CA SER G 746 -13.87 -18.09 -5.72
C SER G 746 -14.63 -16.96 -6.41
N THR G 747 -15.74 -16.54 -5.81
CA THR G 747 -16.49 -15.41 -6.37
C THR G 747 -15.82 -14.09 -6.05
N GLU G 748 -15.18 -13.98 -4.88
CA GLU G 748 -14.49 -12.76 -4.52
C GLU G 748 -13.36 -12.45 -5.49
N CYS G 749 -12.62 -13.48 -5.89
CA CYS G 749 -11.57 -13.28 -6.89
C CYS G 749 -12.16 -12.90 -8.25
N SER G 750 -13.27 -13.52 -8.63
CA SER G 750 -13.88 -13.23 -9.93
C SER G 750 -14.36 -11.78 -10.01
N ASN G 751 -14.94 -11.27 -8.92
CA ASN G 751 -15.34 -9.86 -8.90
C ASN G 751 -14.12 -8.94 -9.04
N LEU G 752 -13.03 -9.28 -8.37
CA LEU G 752 -11.81 -8.49 -8.49
C LEU G 752 -11.18 -8.63 -9.87
N LEU G 753 -11.31 -9.80 -10.49
CA LEU G 753 -10.76 -10.03 -11.82
C LEU G 753 -11.51 -9.25 -12.90
N LEU G 754 -12.76 -8.87 -12.64
CA LEU G 754 -13.52 -8.09 -13.62
C LEU G 754 -12.95 -6.70 -13.80
N GLN G 755 -12.19 -6.20 -12.83
CA GLN G 755 -11.62 -4.86 -12.94
C GLN G 755 -10.58 -4.79 -14.04
N TYR G 756 -10.01 -5.92 -14.43
CA TYR G 756 -8.99 -5.93 -15.47
C TYR G 756 -9.59 -5.93 -16.87
N GLY G 757 -10.90 -6.07 -17.01
CA GLY G 757 -11.51 -6.01 -18.31
C GLY G 757 -11.48 -7.32 -19.06
N SER G 758 -10.99 -7.29 -20.30
CA SER G 758 -11.10 -8.43 -21.19
C SER G 758 -9.78 -9.16 -21.42
N PHE G 759 -8.89 -9.19 -20.42
CA PHE G 759 -7.69 -10.02 -20.56
C PHE G 759 -8.07 -11.49 -20.64
N CYS G 760 -9.00 -11.93 -19.79
CA CYS G 760 -9.40 -13.34 -19.80
C CYS G 760 -10.11 -13.71 -21.10
N THR G 761 -10.97 -12.83 -21.61
CA THR G 761 -11.62 -13.10 -22.89
C THR G 761 -10.60 -13.14 -24.02
N GLN G 762 -9.63 -12.24 -24.00
CA GLN G 762 -8.61 -12.20 -25.04
C GLN G 762 -7.68 -13.40 -24.96
N LEU G 763 -7.31 -13.81 -23.74
CA LEU G 763 -6.45 -14.98 -23.60
C LEU G 763 -7.15 -16.25 -24.06
N ASN G 764 -8.43 -16.42 -23.71
CA ASN G 764 -9.17 -17.59 -24.16
C ASN G 764 -9.33 -17.59 -25.67
N ARG G 765 -9.58 -16.42 -26.25
CA ARG G 765 -9.74 -16.32 -27.70
C ARG G 765 -8.45 -16.71 -28.42
N ALA G 766 -7.31 -16.30 -27.88
CA ALA G 766 -6.03 -16.64 -28.50
C ALA G 766 -5.78 -18.14 -28.48
N LEU G 767 -6.09 -18.79 -27.35
CA LEU G 767 -5.89 -20.24 -27.26
C LEU G 767 -6.85 -20.99 -28.17
N THR G 768 -8.07 -20.48 -28.32
CA THR G 768 -9.03 -21.12 -29.22
C THR G 768 -8.54 -21.08 -30.66
N GLY G 769 -7.96 -19.97 -31.08
CA GLY G 769 -7.43 -19.87 -32.43
C GLY G 769 -6.28 -20.84 -32.67
N ILE G 770 -5.46 -21.07 -31.65
CA ILE G 770 -4.39 -22.06 -31.76
C ILE G 770 -4.97 -23.46 -31.92
N ALA G 771 -5.99 -23.79 -31.14
CA ALA G 771 -6.57 -25.13 -31.20
C ALA G 771 -7.22 -25.40 -32.55
N VAL G 772 -7.99 -24.44 -33.07
CA VAL G 772 -8.63 -24.63 -34.37
C VAL G 772 -7.59 -24.66 -35.48
N GLU G 773 -6.43 -24.01 -35.28
CA GLU G 773 -5.39 -24.03 -36.28
C GLU G 773 -4.74 -25.40 -36.38
N GLN G 774 -4.69 -26.14 -35.26
CA GLN G 774 -4.11 -27.48 -35.30
C GLN G 774 -4.92 -28.41 -36.19
N ASP G 775 -6.24 -28.32 -36.13
CA ASP G 775 -7.07 -29.12 -37.02
C ASP G 775 -6.90 -28.70 -38.47
N LYS G 776 -6.72 -27.40 -38.74
CA LYS G 776 -6.48 -26.94 -40.09
C LYS G 776 -5.13 -27.45 -40.60
N ASN G 777 -4.14 -27.56 -39.72
CA ASN G 777 -2.82 -28.06 -40.12
C ASN G 777 -2.92 -29.48 -40.65
N THR G 778 -3.67 -30.35 -39.96
CA THR G 778 -3.77 -31.73 -40.38
C THR G 778 -4.58 -31.87 -41.67
N GLN G 779 -5.56 -30.98 -41.87
CA GLN G 779 -6.32 -30.99 -43.11
C GLN G 779 -5.43 -30.69 -44.32
N GLU G 780 -4.52 -29.72 -44.18
CA GLU G 780 -3.71 -29.31 -45.32
C GLU G 780 -2.63 -30.34 -45.64
N VAL G 781 -2.22 -31.13 -44.66
CA VAL G 781 -1.14 -32.09 -44.89
C VAL G 781 -1.69 -33.41 -45.42
N PHE G 782 -2.72 -33.94 -44.75
CA PHE G 782 -3.21 -35.29 -45.05
C PHE G 782 -4.42 -35.29 -45.97
N ALA G 783 -5.35 -34.35 -45.82
CA ALA G 783 -6.54 -34.34 -46.66
C ALA G 783 -6.24 -33.72 -48.02
N GLN G 784 -5.22 -34.24 -48.71
CA GLN G 784 -4.84 -33.77 -50.02
C GLN G 784 -5.35 -34.69 -51.13
N VAL G 785 -6.22 -35.63 -50.79
CA VAL G 785 -6.69 -36.64 -51.73
C VAL G 785 -8.21 -36.66 -51.70
N LYS G 786 -8.81 -36.66 -52.89
CA LYS G 786 -10.25 -36.86 -53.04
C LYS G 786 -10.48 -38.32 -53.44
N GLN G 787 -11.35 -39.00 -52.70
CA GLN G 787 -11.65 -40.42 -52.83
C GLN G 787 -10.58 -41.23 -52.11
N ILE G 788 -11.00 -42.16 -51.26
CA ILE G 788 -10.08 -43.00 -50.49
C ILE G 788 -9.68 -44.16 -51.40
N TYR G 789 -8.56 -43.98 -52.10
CA TYR G 789 -8.04 -45.03 -52.96
C TYR G 789 -7.57 -46.21 -52.12
N LYS G 790 -7.86 -47.41 -52.60
CA LYS G 790 -7.39 -48.63 -51.96
C LYS G 790 -6.64 -49.49 -52.96
N THR G 791 -5.59 -50.14 -52.49
CA THR G 791 -4.73 -50.98 -53.30
C THR G 791 -5.46 -52.29 -53.67
N PRO G 792 -5.15 -52.87 -54.83
CA PRO G 792 -5.85 -54.09 -55.23
C PRO G 792 -5.46 -55.25 -54.34
N PRO G 793 -6.33 -56.26 -54.22
CA PRO G 793 -5.95 -57.45 -53.44
C PRO G 793 -4.73 -58.16 -53.99
N ILE G 794 -4.55 -58.17 -55.31
CA ILE G 794 -3.40 -58.80 -55.96
C ILE G 794 -2.33 -57.74 -56.10
N LYS G 795 -1.23 -57.88 -55.36
CA LYS G 795 -0.16 -56.89 -55.34
C LYS G 795 0.98 -57.36 -56.24
N ASP G 796 0.84 -57.03 -57.53
CA ASP G 796 1.87 -57.34 -58.53
C ASP G 796 2.47 -56.01 -58.96
N PHE G 797 3.48 -55.56 -58.22
CA PHE G 797 4.10 -54.25 -58.43
C PHE G 797 5.49 -54.36 -59.04
N GLY G 798 5.71 -55.37 -59.88
CA GLY G 798 6.98 -55.55 -60.53
C GLY G 798 8.09 -56.04 -59.62
N GLY G 799 7.75 -56.63 -58.48
CA GLY G 799 8.73 -57.03 -57.50
C GLY G 799 8.92 -56.07 -56.35
N PHE G 800 8.37 -54.86 -56.46
CA PHE G 800 8.44 -53.89 -55.37
C PHE G 800 7.48 -54.30 -54.26
N ASN G 801 7.97 -54.28 -53.03
CA ASN G 801 7.24 -54.79 -51.88
C ASN G 801 6.92 -53.64 -50.94
N PHE G 802 5.63 -53.34 -50.75
CA PHE G 802 5.17 -52.29 -49.86
C PHE G 802 4.43 -52.85 -48.66
N SER G 803 4.81 -54.05 -48.21
CA SER G 803 4.13 -54.67 -47.08
C SER G 803 4.27 -53.83 -45.81
N GLN G 804 5.48 -53.31 -45.57
CA GLN G 804 5.70 -52.52 -44.36
C GLN G 804 5.03 -51.17 -44.45
N ILE G 805 4.67 -50.73 -45.66
CA ILE G 805 4.07 -49.41 -45.82
C ILE G 805 2.56 -49.50 -45.97
N LEU G 806 2.05 -50.57 -46.54
CA LEU G 806 0.61 -50.70 -46.74
C LEU G 806 -0.08 -51.05 -45.42
N PRO G 807 -1.35 -50.66 -45.26
CA PRO G 807 -2.05 -50.92 -44.00
C PRO G 807 -2.18 -52.41 -43.70
N ASP G 808 -2.16 -52.73 -42.41
CA ASP G 808 -2.33 -54.10 -41.93
C ASP G 808 -3.63 -54.16 -41.13
N PRO G 809 -4.62 -54.94 -41.56
CA PRO G 809 -5.88 -55.01 -40.80
C PRO G 809 -5.71 -55.51 -39.38
N SER G 810 -4.69 -56.32 -39.11
CA SER G 810 -4.48 -56.83 -37.76
C SER G 810 -4.06 -55.73 -36.79
N LYS G 811 -3.53 -54.63 -37.32
CA LYS G 811 -3.13 -53.52 -36.47
C LYS G 811 -4.37 -52.85 -35.87
N PRO G 812 -4.21 -52.15 -34.73
CA PRO G 812 -5.39 -51.57 -34.08
C PRO G 812 -6.12 -50.53 -34.93
N SER G 813 -5.42 -49.49 -35.38
CA SER G 813 -6.03 -48.44 -36.19
C SER G 813 -5.87 -48.71 -37.68
N LYS G 814 -5.71 -49.98 -38.07
CA LYS G 814 -5.46 -50.37 -39.45
C LYS G 814 -4.21 -49.68 -40.01
N ARG G 815 -3.25 -49.42 -39.14
CA ARG G 815 -2.01 -48.77 -39.53
C ARG G 815 -1.09 -49.77 -40.22
N SER G 816 -0.04 -49.23 -40.84
CA SER G 816 0.98 -50.06 -41.45
C SER G 816 1.94 -50.57 -40.40
N PHE G 817 2.89 -51.40 -40.83
CA PHE G 817 3.91 -51.89 -39.92
C PHE G 817 4.82 -50.77 -39.44
N ILE G 818 5.24 -49.90 -40.37
CA ILE G 818 6.13 -48.80 -40.01
C ILE G 818 5.37 -47.75 -39.18
N GLU G 819 4.12 -47.49 -39.54
CA GLU G 819 3.32 -46.54 -38.76
C GLU G 819 3.14 -47.03 -37.33
N ASP G 820 2.95 -48.33 -37.15
CA ASP G 820 2.84 -48.89 -35.81
C ASP G 820 4.11 -48.68 -35.02
N LEU G 821 5.27 -48.83 -35.67
CA LEU G 821 6.54 -48.56 -35.00
C LEU G 821 6.66 -47.09 -34.61
N LEU G 822 6.25 -46.19 -35.50
CA LEU G 822 6.38 -44.76 -35.21
C LEU G 822 5.55 -44.36 -34.00
N PHE G 823 4.34 -44.91 -33.88
CA PHE G 823 3.48 -44.54 -32.77
C PHE G 823 4.00 -45.06 -31.44
N ASN G 824 4.74 -46.18 -31.46
CA ASN G 824 5.32 -46.70 -30.24
C ASN G 824 6.55 -45.90 -29.81
N LYS G 825 7.32 -45.40 -30.79
CA LYS G 825 8.56 -44.70 -30.46
C LYS G 825 8.29 -43.43 -29.67
N VAL G 826 7.27 -42.66 -30.06
CA VAL G 826 6.96 -41.40 -29.39
C VAL G 826 6.28 -41.69 -28.06
N THR G 827 6.81 -41.10 -27.00
CA THR G 827 6.28 -41.30 -25.66
C THR G 827 5.72 -40.01 -25.09
N LYS G 854 -7.86 -33.18 -16.28
CA LYS G 854 -8.59 -31.93 -16.13
C LYS G 854 -8.40 -31.35 -14.73
N PHE G 855 -7.42 -30.46 -14.60
CA PHE G 855 -7.10 -29.84 -13.33
C PHE G 855 -6.92 -28.34 -13.50
N ASN G 856 -7.60 -27.56 -12.66
CA ASN G 856 -7.46 -26.10 -12.61
C ASN G 856 -7.84 -25.45 -13.93
N GLY G 857 -9.01 -25.81 -14.45
CA GLY G 857 -9.50 -25.25 -15.70
C GLY G 857 -8.79 -25.73 -16.94
N LEU G 858 -7.94 -26.74 -16.83
CA LEU G 858 -7.18 -27.27 -17.96
C LEU G 858 -7.97 -28.35 -18.66
N THR G 859 -7.99 -28.29 -19.99
CA THR G 859 -8.62 -29.32 -20.79
C THR G 859 -7.89 -29.42 -22.12
N VAL G 860 -7.79 -30.65 -22.62
CA VAL G 860 -7.17 -30.93 -23.92
C VAL G 860 -8.30 -31.31 -24.88
N LEU G 861 -8.51 -30.47 -25.88
CA LEU G 861 -9.52 -30.77 -26.89
C LEU G 861 -9.01 -31.82 -27.85
N PRO G 862 -9.77 -32.90 -28.07
CA PRO G 862 -9.35 -33.93 -29.01
C PRO G 862 -9.26 -33.37 -30.42
N PRO G 863 -8.29 -33.83 -31.21
CA PRO G 863 -8.22 -33.38 -32.60
C PRO G 863 -9.41 -33.85 -33.41
N LEU G 864 -9.76 -33.05 -34.42
CA LEU G 864 -10.91 -33.39 -35.26
C LEU G 864 -10.68 -34.69 -36.01
N LEU G 865 -9.51 -34.86 -36.59
CA LEU G 865 -9.17 -36.09 -37.32
C LEU G 865 -8.51 -37.09 -36.36
N THR G 866 -9.15 -38.22 -36.16
CA THR G 866 -8.60 -39.22 -35.26
C THR G 866 -7.52 -40.04 -35.98
N ASP G 867 -6.87 -40.93 -35.22
CA ASP G 867 -5.68 -41.60 -35.72
C ASP G 867 -5.97 -42.51 -36.91
N GLU G 868 -7.02 -43.33 -36.82
CA GLU G 868 -7.33 -44.23 -37.91
C GLU G 868 -7.84 -43.48 -39.14
N MET G 869 -8.39 -42.28 -38.95
CA MET G 869 -8.75 -41.47 -40.11
C MET G 869 -7.51 -40.88 -40.77
N ILE G 870 -6.54 -40.41 -39.96
CA ILE G 870 -5.31 -39.88 -40.53
C ILE G 870 -4.54 -40.98 -41.24
N ALA G 871 -4.52 -42.19 -40.67
CA ALA G 871 -3.91 -43.32 -41.35
C ALA G 871 -4.67 -43.68 -42.62
N GLN G 872 -5.95 -43.33 -42.68
CA GLN G 872 -6.75 -43.66 -43.86
C GLN G 872 -6.44 -42.72 -45.02
N TYR G 873 -6.23 -41.43 -44.73
CA TYR G 873 -5.61 -40.55 -45.72
C TYR G 873 -4.26 -41.08 -46.17
N THR G 874 -3.41 -41.48 -45.23
CA THR G 874 -2.09 -41.96 -45.59
C THR G 874 -2.17 -43.22 -46.44
N SER G 875 -3.08 -44.13 -46.11
CA SER G 875 -3.30 -45.30 -46.94
C SER G 875 -3.83 -44.90 -48.31
N ALA G 876 -4.75 -43.94 -48.35
CA ALA G 876 -5.28 -43.48 -49.63
C ALA G 876 -4.22 -42.81 -50.48
N LEU G 877 -3.41 -41.94 -49.89
CA LEU G 877 -2.33 -41.31 -50.63
C LEU G 877 -1.31 -42.34 -51.11
N LEU G 878 -0.99 -43.31 -50.26
CA LEU G 878 -0.04 -44.35 -50.65
C LEU G 878 -0.61 -45.25 -51.75
N ALA G 879 -1.89 -45.63 -51.62
CA ALA G 879 -2.49 -46.49 -52.65
C ALA G 879 -2.60 -45.76 -53.98
N GLY G 880 -2.85 -44.46 -53.95
CA GLY G 880 -2.94 -43.70 -55.18
C GLY G 880 -1.61 -43.60 -55.90
N THR G 881 -0.53 -43.36 -55.16
CA THR G 881 0.77 -43.15 -55.80
C THR G 881 1.36 -44.44 -56.33
N ILE G 882 0.90 -45.59 -55.83
CA ILE G 882 1.38 -46.86 -56.35
C ILE G 882 0.60 -47.27 -57.60
N THR G 883 -0.73 -47.18 -57.53
CA THR G 883 -1.56 -47.64 -58.64
C THR G 883 -1.60 -46.64 -59.78
N SER G 884 -1.49 -45.35 -59.48
CA SER G 884 -1.74 -44.31 -60.47
C SER G 884 -0.59 -43.35 -60.69
N GLY G 885 0.51 -43.46 -59.95
CA GLY G 885 1.61 -42.54 -60.15
C GLY G 885 1.26 -41.15 -59.64
N TRP G 886 1.58 -40.13 -60.42
CA TRP G 886 1.23 -38.77 -60.05
C TRP G 886 -0.09 -38.31 -60.65
N THR G 887 -0.77 -39.18 -61.42
CA THR G 887 -1.99 -38.78 -62.10
C THR G 887 -3.09 -38.41 -61.12
N PHE G 888 -3.21 -39.15 -60.02
CA PHE G 888 -4.25 -38.86 -59.05
C PHE G 888 -4.04 -37.51 -58.39
N GLY G 889 -2.81 -37.01 -58.38
CA GLY G 889 -2.57 -35.67 -57.85
C GLY G 889 -3.20 -34.57 -58.70
N ALA G 890 -3.21 -34.76 -60.02
CA ALA G 890 -3.78 -33.77 -60.91
C ALA G 890 -5.30 -33.90 -61.01
N GLY G 891 -5.78 -35.06 -61.47
CA GLY G 891 -7.20 -35.27 -61.61
C GLY G 891 -7.62 -36.66 -61.17
N ALA G 892 -8.33 -37.37 -62.03
CA ALA G 892 -8.72 -38.75 -61.78
C ALA G 892 -7.49 -39.65 -61.83
N ALA G 893 -7.51 -40.68 -60.98
CA ALA G 893 -6.40 -41.62 -60.96
C ALA G 893 -6.37 -42.45 -62.23
N LEU G 894 -5.22 -42.46 -62.89
CA LEU G 894 -5.02 -43.22 -64.13
C LEU G 894 -4.05 -44.35 -63.80
N GLN G 895 -4.54 -45.58 -63.88
CA GLN G 895 -3.73 -46.72 -63.55
C GLN G 895 -2.55 -46.89 -64.46
N ILE G 896 -1.46 -47.39 -63.92
CA ILE G 896 -0.28 -47.69 -64.73
C ILE G 896 0.50 -48.76 -63.99
N PRO G 897 1.07 -49.75 -64.68
CA PRO G 897 1.90 -50.73 -63.98
C PRO G 897 3.04 -50.04 -63.24
N PHE G 898 3.33 -50.52 -62.04
CA PHE G 898 4.31 -49.84 -61.20
C PHE G 898 5.69 -49.86 -61.84
N ALA G 899 6.06 -50.98 -62.46
CA ALA G 899 7.32 -51.02 -63.19
C ALA G 899 7.36 -50.00 -64.31
N MET G 900 6.20 -49.65 -64.86
CA MET G 900 6.17 -48.62 -65.89
C MET G 900 6.10 -47.23 -65.29
N GLN G 901 5.53 -47.11 -64.09
CA GLN G 901 5.61 -45.85 -63.35
C GLN G 901 7.05 -45.48 -63.04
N MET G 902 7.84 -46.45 -62.57
CA MET G 902 9.20 -46.17 -62.14
C MET G 902 10.09 -45.79 -63.31
N ALA G 903 9.85 -46.37 -64.49
CA ALA G 903 10.62 -46.00 -65.68
C ALA G 903 10.33 -44.58 -66.11
N TYR G 904 9.11 -44.09 -65.88
CA TYR G 904 8.79 -42.71 -66.21
C TYR G 904 9.35 -41.75 -65.17
N ARG G 905 9.63 -42.25 -63.96
CA ARG G 905 10.35 -41.48 -62.96
C ARG G 905 11.85 -41.52 -63.15
N PHE G 906 12.37 -42.46 -63.95
CA PHE G 906 13.75 -42.36 -64.39
C PHE G 906 13.90 -41.32 -65.48
N ASN G 907 12.88 -41.15 -66.32
CA ASN G 907 12.93 -40.10 -67.35
C ASN G 907 13.01 -38.72 -66.72
N GLY G 908 12.34 -38.52 -65.58
CA GLY G 908 12.40 -37.24 -64.91
C GLY G 908 13.78 -36.88 -64.41
N ILE G 909 14.56 -37.88 -64.00
CA ILE G 909 15.89 -37.63 -63.46
C ILE G 909 16.93 -37.72 -64.57
N GLY G 910 16.48 -37.90 -65.80
CA GLY G 910 17.39 -37.91 -66.94
C GLY G 910 17.96 -39.26 -67.29
N VAL G 911 17.35 -40.35 -66.85
CA VAL G 911 17.80 -41.70 -67.16
C VAL G 911 16.77 -42.37 -68.06
N THR G 912 17.24 -43.06 -69.08
CA THR G 912 16.33 -43.70 -70.02
C THR G 912 15.58 -44.85 -69.36
N GLN G 913 14.42 -45.19 -69.95
CA GLN G 913 13.57 -46.24 -69.39
C GLN G 913 14.26 -47.60 -69.43
N ASN G 914 15.12 -47.82 -70.41
CA ASN G 914 15.77 -49.12 -70.54
C ASN G 914 16.61 -49.48 -69.32
N VAL G 915 17.09 -48.46 -68.59
CA VAL G 915 17.91 -48.73 -67.41
C VAL G 915 17.07 -49.41 -66.33
N LEU G 916 15.83 -48.99 -66.14
CA LEU G 916 14.96 -49.67 -65.18
C LEU G 916 14.65 -51.09 -65.62
N TYR G 917 14.18 -51.26 -66.86
CA TYR G 917 13.72 -52.57 -67.30
C TYR G 917 14.85 -53.58 -67.33
N GLU G 918 16.05 -53.14 -67.72
CA GLU G 918 17.19 -54.06 -67.76
C GLU G 918 17.75 -54.31 -66.37
N ASN G 919 17.33 -53.53 -65.38
CA ASN G 919 17.77 -53.69 -64.00
C ASN G 919 16.59 -53.75 -63.03
N GLN G 920 15.45 -54.28 -63.48
CA GLN G 920 14.23 -54.20 -62.66
C GLN G 920 14.36 -55.02 -61.38
N LYS G 921 14.89 -56.24 -61.49
CA LYS G 921 15.04 -57.07 -60.29
C LYS G 921 16.04 -56.46 -59.32
N LEU G 922 17.14 -55.92 -59.83
CA LEU G 922 18.12 -55.26 -58.97
C LEU G 922 17.52 -54.04 -58.29
N ILE G 923 16.78 -53.23 -59.04
CA ILE G 923 16.20 -52.01 -58.49
C ILE G 923 15.10 -52.34 -57.48
N ALA G 924 14.30 -53.36 -57.79
CA ALA G 924 13.28 -53.79 -56.83
C ALA G 924 13.90 -54.32 -55.55
N ASN G 925 14.98 -55.11 -55.68
CA ASN G 925 15.65 -55.65 -54.50
C ASN G 925 16.27 -54.55 -53.66
N GLN G 926 16.90 -53.55 -54.32
CA GLN G 926 17.48 -52.44 -53.58
C GLN G 926 16.42 -51.64 -52.84
N PHE G 927 15.26 -51.43 -53.47
CA PHE G 927 14.17 -50.73 -52.78
C PHE G 927 13.67 -51.55 -51.59
N ASN G 928 13.50 -52.85 -51.77
CA ASN G 928 13.02 -53.69 -50.68
C ASN G 928 14.02 -53.73 -49.53
N SER G 929 15.31 -53.84 -49.83
CA SER G 929 16.32 -53.84 -48.78
C SER G 929 16.36 -52.50 -48.05
N ALA G 930 16.22 -51.40 -48.79
CA ALA G 930 16.29 -50.08 -48.17
C ALA G 930 15.12 -49.86 -47.21
N ILE G 931 13.93 -50.34 -47.56
CA ILE G 931 12.79 -50.23 -46.67
C ILE G 931 13.01 -51.06 -45.41
N GLY G 932 13.61 -52.25 -45.57
CA GLY G 932 13.90 -53.08 -44.41
C GLY G 932 14.89 -52.43 -43.46
N LYS G 933 15.86 -51.69 -44.00
CA LYS G 933 16.77 -50.94 -43.15
C LYS G 933 16.05 -49.83 -42.39
N ILE G 934 15.09 -49.17 -43.04
CA ILE G 934 14.29 -48.16 -42.35
C ILE G 934 13.51 -48.78 -41.20
N GLN G 935 12.91 -49.94 -41.44
CA GLN G 935 12.18 -50.65 -40.39
C GLN G 935 13.11 -51.03 -39.25
N ASP G 936 14.31 -51.53 -39.57
CA ASP G 936 15.27 -51.89 -38.54
C ASP G 936 15.74 -50.66 -37.76
N SER G 937 16.01 -49.56 -38.47
CA SER G 937 16.52 -48.36 -37.81
C SER G 937 15.50 -47.80 -36.83
N LEU G 938 14.23 -47.74 -37.22
CA LEU G 938 13.21 -47.16 -36.35
C LEU G 938 13.02 -48.00 -35.09
N SER G 939 12.93 -49.32 -35.25
CA SER G 939 12.69 -50.17 -34.08
C SER G 939 13.91 -50.23 -33.17
N SER G 940 15.08 -50.48 -33.75
CA SER G 940 16.28 -50.68 -32.93
C SER G 940 16.77 -49.37 -32.33
N THR G 941 16.87 -48.32 -33.13
CA THR G 941 17.44 -47.05 -32.69
C THR G 941 16.33 -46.14 -32.18
N ALA G 942 16.41 -45.78 -30.91
CA ALA G 942 15.49 -44.81 -30.34
C ALA G 942 15.93 -43.39 -30.69
N SER G 943 15.09 -42.43 -30.30
CA SER G 943 15.29 -40.99 -30.48
C SER G 943 15.29 -40.59 -31.95
N ALA G 944 14.88 -41.46 -32.87
CA ALA G 944 14.77 -41.06 -34.27
C ALA G 944 13.73 -39.97 -34.45
N LEU G 945 12.60 -40.08 -33.77
CA LEU G 945 11.53 -39.08 -33.82
C LEU G 945 11.75 -37.99 -32.78
N GLY G 946 12.95 -37.42 -32.76
CA GLY G 946 13.25 -36.37 -31.82
C GLY G 946 12.47 -35.10 -32.06
N LYS G 947 12.22 -34.78 -33.34
CA LYS G 947 11.48 -33.57 -33.68
C LYS G 947 10.05 -33.62 -33.15
N LEU G 948 9.42 -34.78 -33.26
CA LEU G 948 8.06 -34.93 -32.71
C LEU G 948 8.08 -34.96 -31.20
N GLN G 949 9.11 -35.58 -30.60
CA GLN G 949 9.19 -35.65 -29.16
C GLN G 949 9.44 -34.27 -28.55
N ASP G 950 10.14 -33.41 -29.28
CA ASP G 950 10.40 -32.05 -28.78
C ASP G 950 9.11 -31.28 -28.59
N VAL G 951 8.18 -31.39 -29.55
CA VAL G 951 6.91 -30.68 -29.44
C VAL G 951 6.12 -31.17 -28.23
N VAL G 952 6.09 -32.48 -28.01
CA VAL G 952 5.40 -33.03 -26.84
C VAL G 952 6.08 -32.56 -25.57
N ASN G 953 7.40 -32.60 -25.53
CA ASN G 953 8.13 -32.18 -24.34
C ASN G 953 7.98 -30.69 -24.09
N GLN G 954 8.08 -29.87 -25.14
CA GLN G 954 7.98 -28.42 -24.96
C GLN G 954 6.60 -28.02 -24.46
N ASN G 955 5.55 -28.63 -25.00
CA ASN G 955 4.20 -28.26 -24.58
C ASN G 955 3.87 -28.78 -23.19
N ALA G 956 4.27 -30.02 -22.90
CA ALA G 956 4.00 -30.59 -21.58
C ALA G 956 4.73 -29.82 -20.49
N GLN G 957 5.97 -29.42 -20.75
CA GLN G 957 6.71 -28.61 -19.79
C GLN G 957 6.06 -27.25 -19.60
N ALA G 958 5.58 -26.65 -20.69
CA ALA G 958 4.90 -25.37 -20.59
C ALA G 958 3.62 -25.48 -19.78
N LEU G 959 2.86 -26.56 -19.96
CA LEU G 959 1.66 -26.77 -19.17
C LEU G 959 2.00 -27.09 -17.72
N ASN G 960 3.08 -27.84 -17.50
CA ASN G 960 3.51 -28.13 -16.14
C ASN G 960 3.97 -26.86 -15.43
N THR G 961 4.67 -25.98 -16.15
CA THR G 961 5.07 -24.71 -15.56
C THR G 961 3.86 -23.85 -15.20
N LEU G 962 2.83 -23.88 -16.05
CA LEU G 962 1.62 -23.12 -15.77
C LEU G 962 0.96 -23.57 -14.48
N VAL G 963 0.85 -24.88 -14.28
CA VAL G 963 0.21 -25.40 -13.07
C VAL G 963 1.07 -25.15 -11.85
N LYS G 964 2.39 -25.27 -12.01
CA LYS G 964 3.29 -25.05 -10.88
C LYS G 964 3.26 -23.60 -10.41
N GLN G 965 2.88 -22.68 -11.28
CA GLN G 965 2.78 -21.28 -10.90
C GLN G 965 1.62 -21.02 -9.94
N LEU G 966 0.68 -21.96 -9.84
CA LEU G 966 -0.43 -21.80 -8.91
C LEU G 966 0.00 -21.95 -7.46
N SER G 967 1.22 -22.44 -7.21
CA SER G 967 1.74 -22.62 -5.87
C SER G 967 2.74 -21.53 -5.50
N SER G 968 2.61 -20.35 -6.09
CA SER G 968 3.50 -19.22 -5.83
C SER G 968 2.73 -18.14 -5.10
N ASN G 969 3.39 -17.52 -4.11
CA ASN G 969 2.74 -16.49 -3.32
C ASN G 969 2.52 -15.21 -4.11
N PHE G 970 3.49 -14.83 -4.94
CA PHE G 970 3.49 -13.52 -5.62
C PHE G 970 3.40 -12.38 -4.62
N GLY G 971 4.00 -12.56 -3.44
CA GLY G 971 3.96 -11.57 -2.40
C GLY G 971 2.77 -11.65 -1.46
N ALA G 972 1.80 -12.50 -1.75
CA ALA G 972 0.65 -12.69 -0.88
C ALA G 972 1.01 -13.61 0.28
N ILE G 973 0.14 -13.62 1.30
CA ILE G 973 0.41 -14.42 2.48
C ILE G 973 0.38 -15.90 2.16
N SER G 974 -0.51 -16.32 1.26
CA SER G 974 -0.65 -17.71 0.90
C SER G 974 -0.82 -17.81 -0.61
N SER G 975 -0.51 -19.00 -1.14
CA SER G 975 -0.64 -19.27 -2.57
C SER G 975 -1.98 -19.89 -2.92
N VAL G 976 -2.89 -20.03 -1.95
CA VAL G 976 -4.19 -20.63 -2.16
C VAL G 976 -5.26 -19.63 -1.74
N LEU G 977 -6.27 -19.45 -2.59
CA LEU G 977 -7.27 -18.41 -2.36
C LEU G 977 -8.15 -18.74 -1.16
N ASN G 978 -8.45 -20.03 -0.95
CA ASN G 978 -9.35 -20.40 0.13
C ASN G 978 -8.78 -20.04 1.49
N ASP G 979 -7.48 -20.26 1.69
CA ASP G 979 -6.86 -19.92 2.97
C ASP G 979 -6.90 -18.42 3.22
N ILE G 980 -6.63 -17.62 2.19
CA ILE G 980 -6.69 -16.16 2.34
C ILE G 980 -8.09 -15.73 2.71
N LEU G 981 -9.10 -16.27 2.02
CA LEU G 981 -10.49 -15.94 2.33
C LEU G 981 -10.90 -16.49 3.68
N SER G 982 -10.27 -17.58 4.12
CA SER G 982 -10.67 -18.23 5.36
C SER G 982 -10.26 -17.42 6.58
N ARG G 983 -9.13 -16.71 6.49
CA ARG G 983 -8.57 -16.05 7.67
C ARG G 983 -8.44 -14.55 7.54
N LEU G 984 -9.02 -13.93 6.52
CA LEU G 984 -8.95 -12.48 6.36
C LEU G 984 -10.33 -11.90 6.10
N ASP G 985 -10.54 -10.70 6.65
CA ASP G 985 -11.76 -9.95 6.39
C ASP G 985 -11.74 -9.47 4.94
N PRO G 986 -12.91 -9.15 4.39
CA PRO G 986 -12.99 -8.75 2.98
C PRO G 986 -12.07 -7.58 2.64
N PRO G 987 -11.90 -6.58 3.52
CA PRO G 987 -10.94 -5.51 3.19
C PRO G 987 -9.51 -6.02 2.98
N GLU G 988 -8.98 -6.77 3.95
CA GLU G 988 -7.59 -7.22 3.82
C GLU G 988 -7.46 -8.37 2.83
N ALA G 989 -8.53 -9.14 2.64
CA ALA G 989 -8.48 -10.24 1.69
C ALA G 989 -8.28 -9.74 0.27
N GLU G 990 -8.88 -8.59 -0.06
CA GLU G 990 -8.77 -8.06 -1.41
C GLU G 990 -7.33 -7.70 -1.76
N VAL G 991 -6.57 -7.19 -0.78
CA VAL G 991 -5.18 -6.84 -1.03
C VAL G 991 -4.36 -8.06 -1.40
N GLN G 992 -4.54 -9.16 -0.67
CA GLN G 992 -3.77 -10.37 -0.95
C GLN G 992 -4.25 -11.05 -2.22
N ILE G 993 -5.57 -11.09 -2.44
CA ILE G 993 -6.09 -11.72 -3.65
C ILE G 993 -5.62 -10.97 -4.89
N ASP G 994 -5.54 -9.65 -4.81
CA ASP G 994 -5.09 -8.86 -5.95
C ASP G 994 -3.65 -9.21 -6.33
N ARG G 995 -2.80 -9.50 -5.34
CA ARG G 995 -1.44 -9.93 -5.65
C ARG G 995 -1.43 -11.27 -6.37
N LEU G 996 -2.33 -12.18 -5.96
CA LEU G 996 -2.43 -13.46 -6.65
C LEU G 996 -2.98 -13.29 -8.06
N ILE G 997 -3.93 -12.37 -8.24
CA ILE G 997 -4.54 -12.18 -9.56
C ILE G 997 -3.50 -11.67 -10.55
N THR G 998 -2.74 -10.64 -10.17
CA THR G 998 -1.74 -10.11 -11.09
C THR G 998 -0.63 -11.11 -11.35
N GLY G 999 -0.26 -11.89 -10.34
CA GLY G 999 0.76 -12.91 -10.56
C GLY G 999 0.29 -14.04 -11.46
N ARG G 1000 -0.97 -14.48 -11.27
CA ARG G 1000 -1.48 -15.57 -12.10
C ARG G 1000 -1.85 -15.10 -13.49
N LEU G 1001 -2.40 -13.88 -13.61
CA LEU G 1001 -2.73 -13.35 -14.91
C LEU G 1001 -1.48 -13.15 -15.75
N GLN G 1002 -0.39 -12.70 -15.13
CA GLN G 1002 0.88 -12.61 -15.82
C GLN G 1002 1.39 -13.99 -16.20
N SER G 1003 1.25 -14.96 -15.30
CA SER G 1003 1.67 -16.32 -15.61
C SER G 1003 0.87 -16.91 -16.75
N LEU G 1004 -0.43 -16.62 -16.79
CA LEU G 1004 -1.26 -17.09 -17.89
C LEU G 1004 -0.92 -16.36 -19.19
N GLN G 1005 -0.66 -15.06 -19.12
CA GLN G 1005 -0.28 -14.30 -20.32
C GLN G 1005 1.03 -14.80 -20.89
N THR G 1006 1.99 -15.12 -20.02
CA THR G 1006 3.26 -15.66 -20.49
C THR G 1006 3.06 -16.97 -21.23
N TYR G 1007 2.20 -17.85 -20.69
CA TYR G 1007 1.94 -19.14 -21.33
C TYR G 1007 1.31 -18.96 -22.70
N VAL G 1008 0.33 -18.08 -22.82
CA VAL G 1008 -0.39 -17.92 -24.08
C VAL G 1008 0.51 -17.30 -25.14
N THR G 1009 1.33 -16.33 -24.75
CA THR G 1009 2.25 -15.71 -25.69
C THR G 1009 3.26 -16.72 -26.23
N GLN G 1010 3.80 -17.58 -25.37
N GLN G 1010 3.81 -17.55 -25.35
CA GLN G 1010 4.75 -18.57 -25.84
CA GLN G 1010 4.73 -18.60 -25.78
C GLN G 1010 4.06 -19.71 -26.59
C GLN G 1010 4.03 -19.63 -26.65
N GLN G 1011 2.75 -19.91 -26.36
CA GLN G 1011 2.02 -20.87 -27.17
C GLN G 1011 1.78 -20.35 -28.57
N LEU G 1012 1.48 -19.06 -28.70
CA LEU G 1012 1.26 -18.47 -30.02
C LEU G 1012 2.54 -18.50 -30.86
N ILE G 1013 3.67 -18.19 -30.24
CA ILE G 1013 4.95 -18.26 -30.96
C ILE G 1013 5.26 -19.69 -31.35
N ARG G 1014 5.00 -20.65 -30.45
CA ARG G 1014 5.22 -22.05 -30.77
C ARG G 1014 4.24 -22.54 -31.82
N ALA G 1015 3.01 -22.03 -31.81
CA ALA G 1015 2.04 -22.41 -32.82
C ALA G 1015 2.47 -21.94 -34.20
N ALA G 1016 3.06 -20.75 -34.28
CA ALA G 1016 3.57 -20.26 -35.57
C ALA G 1016 4.70 -21.14 -36.08
N GLU G 1017 5.53 -21.65 -35.18
CA GLU G 1017 6.59 -22.57 -35.60
C GLU G 1017 6.00 -23.88 -36.13
N ILE G 1018 4.95 -24.38 -35.49
CA ILE G 1018 4.32 -25.61 -35.96
C ILE G 1018 3.60 -25.37 -37.27
N ARG G 1019 2.96 -24.21 -37.43
CA ARG G 1019 2.23 -23.94 -38.66
C ARG G 1019 3.18 -23.87 -39.87
N ALA G 1020 4.36 -23.28 -39.68
CA ALA G 1020 5.35 -23.28 -40.75
C ALA G 1020 5.81 -24.68 -41.08
N SER G 1021 6.01 -25.52 -40.06
CA SER G 1021 6.38 -26.90 -40.28
C SER G 1021 5.26 -27.69 -40.96
N ALA G 1022 4.02 -27.44 -40.55
CA ALA G 1022 2.88 -28.10 -41.20
C ALA G 1022 2.72 -27.62 -42.64
N ASN G 1023 2.96 -26.34 -42.90
CA ASN G 1023 2.90 -25.84 -44.26
C ASN G 1023 3.99 -26.46 -45.13
N LEU G 1024 5.18 -26.64 -44.57
CA LEU G 1024 6.25 -27.32 -45.29
C LEU G 1024 5.88 -28.77 -45.56
N ALA G 1025 5.28 -29.44 -44.58
CA ALA G 1025 4.83 -30.81 -44.78
C ALA G 1025 3.73 -30.90 -45.83
N ALA G 1026 2.84 -29.91 -45.88
CA ALA G 1026 1.81 -29.89 -46.91
C ALA G 1026 2.41 -29.70 -48.29
N THR G 1027 3.43 -28.85 -48.39
CA THR G 1027 4.13 -28.68 -49.67
C THR G 1027 4.88 -29.95 -50.06
N LYS G 1028 5.50 -30.63 -49.08
CA LYS G 1028 6.20 -31.86 -49.39
C LYS G 1028 5.25 -32.97 -49.78
N MET G 1029 4.05 -33.00 -49.21
CA MET G 1029 3.06 -33.99 -49.61
C MET G 1029 2.61 -33.76 -51.05
N SER G 1030 2.46 -32.51 -51.46
CA SER G 1030 2.04 -32.23 -52.82
C SER G 1030 3.16 -32.47 -53.82
N GLU G 1031 4.38 -32.07 -53.49
CA GLU G 1031 5.46 -32.04 -54.46
C GLU G 1031 6.37 -33.26 -54.42
N CYS G 1032 6.35 -34.04 -53.35
CA CYS G 1032 7.13 -35.27 -53.29
C CYS G 1032 6.29 -36.53 -53.36
N VAL G 1033 5.06 -36.51 -52.86
CA VAL G 1033 4.21 -37.69 -52.86
C VAL G 1033 3.27 -37.67 -54.06
N LEU G 1034 2.64 -36.52 -54.30
CA LEU G 1034 1.73 -36.40 -55.43
C LEU G 1034 2.43 -36.09 -56.74
N GLY G 1035 3.75 -35.95 -56.73
CA GLY G 1035 4.50 -35.73 -57.95
C GLY G 1035 5.97 -36.02 -57.72
N GLN G 1036 6.75 -35.85 -58.78
CA GLN G 1036 8.19 -36.04 -58.74
C GLN G 1036 8.85 -34.67 -58.81
N SER G 1037 9.68 -34.37 -57.83
CA SER G 1037 10.22 -33.03 -57.65
C SER G 1037 11.62 -32.92 -58.23
N LYS G 1038 11.87 -31.81 -58.93
CA LYS G 1038 13.20 -31.48 -59.42
C LYS G 1038 13.96 -30.55 -58.49
N ARG G 1039 13.33 -30.08 -57.41
CA ARG G 1039 14.00 -29.24 -56.44
C ARG G 1039 15.03 -30.06 -55.68
N VAL G 1040 16.26 -29.56 -55.62
CA VAL G 1040 17.35 -30.31 -55.04
C VAL G 1040 17.20 -30.38 -53.53
N ASP G 1041 17.33 -31.57 -52.97
CA ASP G 1041 17.27 -31.85 -51.54
C ASP G 1041 15.92 -31.52 -50.92
N PHE G 1042 14.89 -31.26 -51.73
CA PHE G 1042 13.56 -31.02 -51.18
C PHE G 1042 12.91 -32.32 -50.73
N CYS G 1043 13.17 -33.41 -51.45
CA CYS G 1043 12.55 -34.70 -51.19
C CYS G 1043 13.64 -35.77 -51.07
N GLY G 1044 14.64 -35.48 -50.25
CA GLY G 1044 15.68 -36.44 -49.99
C GLY G 1044 16.98 -36.10 -50.69
N LYS G 1045 18.07 -36.68 -50.20
CA LYS G 1045 19.41 -36.43 -50.76
C LYS G 1045 19.61 -37.36 -51.95
N GLY G 1046 19.64 -36.78 -53.14
CA GLY G 1046 19.78 -37.55 -54.36
C GLY G 1046 18.75 -37.11 -55.37
N TYR G 1047 18.68 -37.86 -56.47
CA TYR G 1047 17.72 -37.59 -57.53
C TYR G 1047 16.38 -38.20 -57.15
N HIS G 1048 15.40 -37.35 -56.90
CA HIS G 1048 14.13 -37.81 -56.35
C HIS G 1048 13.38 -38.68 -57.35
N LEU G 1049 12.82 -39.78 -56.85
CA LEU G 1049 11.95 -40.65 -57.64
C LEU G 1049 10.51 -40.57 -57.15
N MET G 1050 10.27 -40.86 -55.87
CA MET G 1050 8.92 -40.90 -55.34
C MET G 1050 9.00 -40.98 -53.83
N SER G 1051 7.96 -40.49 -53.17
CA SER G 1051 7.92 -40.43 -51.72
C SER G 1051 6.65 -41.08 -51.20
N PHE G 1052 6.74 -41.63 -49.99
CA PHE G 1052 5.63 -42.27 -49.33
C PHE G 1052 5.32 -41.58 -48.02
N PRO G 1053 4.08 -41.16 -47.78
CA PRO G 1053 3.73 -40.60 -46.48
C PRO G 1053 3.49 -41.70 -45.46
N GLN G 1054 3.79 -41.38 -44.20
CA GLN G 1054 3.49 -42.28 -43.09
C GLN G 1054 2.97 -41.44 -41.92
N SER G 1055 1.84 -41.86 -41.37
CA SER G 1055 1.24 -41.17 -40.24
C SER G 1055 2.14 -41.32 -39.01
N ALA G 1056 2.24 -40.24 -38.25
CA ALA G 1056 3.03 -40.19 -37.02
C ALA G 1056 2.17 -39.57 -35.94
N PRO G 1057 2.52 -39.78 -34.67
CA PRO G 1057 1.62 -39.34 -33.58
C PRO G 1057 1.18 -37.88 -33.66
N HIS G 1058 2.11 -36.95 -33.94
CA HIS G 1058 1.74 -35.55 -34.09
C HIS G 1058 2.39 -34.94 -35.33
N GLY G 1059 2.78 -35.75 -36.29
CA GLY G 1059 3.47 -35.27 -37.47
C GLY G 1059 3.34 -36.25 -38.59
N VAL G 1060 4.24 -36.13 -39.57
CA VAL G 1060 4.23 -36.99 -40.74
C VAL G 1060 5.66 -37.40 -41.05
N VAL G 1061 5.84 -38.65 -41.44
CA VAL G 1061 7.12 -39.20 -41.86
C VAL G 1061 7.07 -39.46 -43.35
N PHE G 1062 7.99 -38.86 -44.10
CA PHE G 1062 8.09 -39.04 -45.53
C PHE G 1062 9.23 -40.00 -45.84
N LEU G 1063 8.92 -41.06 -46.58
CA LEU G 1063 9.93 -42.01 -47.05
C LEU G 1063 10.32 -41.62 -48.46
N HIS G 1064 11.45 -40.95 -48.61
CA HIS G 1064 11.89 -40.40 -49.89
C HIS G 1064 12.74 -41.44 -50.61
N VAL G 1065 12.28 -41.88 -51.77
CA VAL G 1065 13.05 -42.80 -52.61
C VAL G 1065 13.83 -41.97 -53.62
N THR G 1066 15.15 -42.07 -53.59
CA THR G 1066 16.01 -41.25 -54.43
C THR G 1066 16.94 -42.15 -55.24
N TYR G 1067 17.41 -41.60 -56.35
CA TYR G 1067 18.37 -42.27 -57.22
C TYR G 1067 19.76 -41.70 -56.93
N VAL G 1068 20.63 -42.53 -56.38
CA VAL G 1068 21.98 -42.13 -56.04
C VAL G 1068 22.93 -42.82 -57.01
N PRO G 1069 23.62 -42.08 -57.89
CA PRO G 1069 24.62 -42.71 -58.76
C PRO G 1069 25.75 -43.32 -57.95
N ALA G 1070 26.28 -44.43 -58.46
CA ALA G 1070 27.31 -45.16 -57.75
C ALA G 1070 28.24 -45.83 -58.75
N GLN G 1071 29.41 -46.22 -58.26
CA GLN G 1071 30.43 -46.91 -59.04
C GLN G 1071 30.77 -46.13 -60.31
N GLU G 1072 31.33 -44.95 -60.12
CA GLU G 1072 31.75 -44.10 -61.24
C GLU G 1072 33.10 -44.44 -61.83
N LYS G 1073 33.29 -44.13 -63.10
CA LYS G 1073 34.56 -44.40 -63.75
C LYS G 1073 34.97 -43.12 -64.45
N ASN G 1074 36.25 -42.94 -64.69
CA ASN G 1074 36.71 -41.72 -65.30
C ASN G 1074 36.96 -41.91 -66.77
N PHE G 1075 36.55 -40.94 -67.58
CA PHE G 1075 36.75 -41.02 -69.01
C PHE G 1075 37.17 -39.70 -69.61
N THR G 1076 37.95 -39.75 -70.67
CA THR G 1076 38.36 -38.59 -71.45
C THR G 1076 37.16 -38.06 -72.22
N THR G 1077 37.08 -36.75 -72.38
CA THR G 1077 35.87 -36.10 -72.85
C THR G 1077 36.18 -34.99 -73.84
N ALA G 1078 35.25 -34.76 -74.76
CA ALA G 1078 35.33 -33.66 -75.72
C ALA G 1078 33.99 -32.94 -75.80
N PRO G 1079 34.00 -31.64 -76.05
CA PRO G 1079 32.74 -30.89 -76.19
C PRO G 1079 31.99 -31.24 -77.47
N ALA G 1080 32.75 -31.50 -78.53
CA ALA G 1080 32.16 -31.77 -79.84
C ALA G 1080 33.14 -32.61 -80.63
N ILE G 1081 32.66 -33.15 -81.75
CA ILE G 1081 33.45 -33.99 -82.64
C ILE G 1081 33.44 -33.38 -84.03
N CYS G 1082 34.63 -33.19 -84.61
CA CYS G 1082 34.77 -32.65 -85.96
C CYS G 1082 34.80 -33.81 -86.94
N HIS G 1083 33.82 -33.83 -87.85
CA HIS G 1083 33.75 -34.82 -88.92
C HIS G 1083 33.43 -34.10 -90.22
N ASP G 1084 34.29 -34.27 -91.21
CA ASP G 1084 34.14 -33.62 -92.52
C ASP G 1084 34.01 -32.10 -92.37
N GLY G 1085 34.82 -31.54 -91.48
CA GLY G 1085 34.79 -30.11 -91.24
C GLY G 1085 33.48 -29.61 -90.67
N LYS G 1086 32.82 -30.40 -89.82
CA LYS G 1086 31.57 -30.01 -89.19
C LYS G 1086 31.62 -30.41 -87.72
N ALA G 1087 31.10 -29.55 -86.86
CA ALA G 1087 31.09 -29.79 -85.42
C ALA G 1087 29.82 -30.53 -85.04
N HIS G 1088 29.98 -31.70 -84.44
CA HIS G 1088 28.86 -32.55 -84.01
C HIS G 1088 28.73 -32.45 -82.50
N PHE G 1089 27.52 -32.18 -82.04
CA PHE G 1089 27.24 -32.09 -80.62
C PHE G 1089 26.24 -33.15 -80.20
N PRO G 1090 26.36 -33.72 -79.01
CA PRO G 1090 25.43 -34.77 -78.59
C PRO G 1090 24.03 -34.21 -78.37
N ARG G 1091 23.04 -34.98 -78.81
CA ARG G 1091 21.66 -34.55 -78.63
C ARG G 1091 21.26 -34.54 -77.17
N GLU G 1092 21.54 -35.63 -76.45
CA GLU G 1092 21.10 -35.77 -75.08
C GLU G 1092 22.14 -36.41 -74.16
N GLY G 1093 23.36 -36.64 -74.63
CA GLY G 1093 24.36 -37.33 -73.84
C GLY G 1093 25.67 -36.55 -73.78
N VAL G 1094 26.75 -37.30 -73.57
CA VAL G 1094 28.10 -36.76 -73.51
C VAL G 1094 28.96 -37.54 -74.48
N PHE G 1095 30.08 -36.94 -74.87
CA PHE G 1095 31.11 -37.63 -75.63
C PHE G 1095 32.15 -38.15 -74.67
N VAL G 1096 32.33 -39.46 -74.63
CA VAL G 1096 33.31 -40.08 -73.74
C VAL G 1096 34.25 -40.95 -74.56
N SER G 1097 35.46 -41.11 -74.05
CA SER G 1097 36.48 -41.95 -74.66
C SER G 1097 37.04 -42.89 -73.62
N ASN G 1098 37.06 -44.18 -73.92
CA ASN G 1098 37.65 -45.15 -73.01
C ASN G 1098 39.16 -45.24 -73.17
N GLY G 1099 39.74 -44.46 -74.07
CA GLY G 1099 41.16 -44.44 -74.28
C GLY G 1099 41.52 -44.53 -75.75
N THR G 1100 40.70 -45.24 -76.51
CA THR G 1100 40.93 -45.43 -77.93
C THR G 1100 39.71 -45.11 -78.79
N HIS G 1101 38.50 -45.28 -78.28
CA HIS G 1101 37.29 -45.10 -79.05
C HIS G 1101 36.37 -44.11 -78.36
N TRP G 1102 35.59 -43.39 -79.16
CA TRP G 1102 34.67 -42.37 -78.67
C TRP G 1102 33.23 -42.87 -78.78
N PHE G 1103 32.43 -42.58 -77.75
CA PHE G 1103 31.04 -43.00 -77.71
C PHE G 1103 30.17 -41.86 -77.20
N VAL G 1104 28.86 -42.00 -77.39
CA VAL G 1104 27.86 -41.16 -76.74
C VAL G 1104 27.21 -41.99 -75.64
N THR G 1105 27.14 -41.42 -74.44
CA THR G 1105 26.41 -42.03 -73.34
C THR G 1105 25.59 -40.97 -72.63
N GLN G 1106 24.48 -41.40 -72.06
CA GLN G 1106 23.67 -40.52 -71.23
C GLN G 1106 24.46 -40.09 -69.99
N ARG G 1107 24.15 -38.89 -69.51
CA ARG G 1107 25.03 -38.23 -68.55
C ARG G 1107 25.02 -38.93 -67.18
N ASN G 1108 23.87 -39.46 -66.77
CA ASN G 1108 23.73 -40.01 -65.42
C ASN G 1108 23.95 -41.50 -65.35
N PHE G 1109 24.34 -42.15 -66.45
CA PHE G 1109 24.57 -43.59 -66.45
C PHE G 1109 25.45 -43.94 -67.63
N TYR G 1110 26.45 -44.79 -67.40
CA TYR G 1110 27.38 -45.15 -68.46
C TYR G 1110 26.71 -46.14 -69.40
N GLU G 1111 26.32 -45.66 -70.58
CA GLU G 1111 25.73 -46.49 -71.64
C GLU G 1111 26.37 -46.09 -72.96
N PRO G 1112 27.60 -46.54 -73.21
CA PRO G 1112 28.31 -46.09 -74.42
C PRO G 1112 27.61 -46.55 -75.70
N GLN G 1113 27.56 -45.66 -76.68
CA GLN G 1113 26.92 -45.95 -77.96
C GLN G 1113 27.70 -45.28 -79.07
N ILE G 1114 27.63 -45.88 -80.27
CA ILE G 1114 28.45 -45.41 -81.39
C ILE G 1114 28.01 -44.02 -81.80
N ILE G 1115 28.99 -43.19 -82.19
CA ILE G 1115 28.71 -41.85 -82.68
C ILE G 1115 27.93 -41.97 -83.98
N THR G 1116 26.70 -41.44 -84.00
CA THR G 1116 25.87 -41.50 -85.19
C THR G 1116 25.27 -40.13 -85.48
N THR G 1117 24.73 -40.00 -86.69
CA THR G 1117 24.01 -38.78 -87.05
C THR G 1117 22.69 -38.70 -86.29
N ASP G 1118 22.15 -39.85 -85.88
CA ASP G 1118 20.87 -39.86 -85.19
C ASP G 1118 20.97 -39.31 -83.77
N ASN G 1119 22.07 -39.54 -83.07
CA ASN G 1119 22.21 -39.08 -81.70
C ASN G 1119 23.06 -37.82 -81.56
N THR G 1120 23.52 -37.24 -82.66
CA THR G 1120 24.26 -35.99 -82.63
C THR G 1120 23.67 -35.02 -83.65
N PHE G 1121 23.90 -33.73 -83.42
CA PHE G 1121 23.48 -32.70 -84.36
C PHE G 1121 24.68 -31.84 -84.74
N VAL G 1122 24.60 -31.25 -85.93
CA VAL G 1122 25.70 -30.49 -86.53
C VAL G 1122 25.40 -29.01 -86.37
N SER G 1123 26.42 -28.24 -85.98
CA SER G 1123 26.29 -26.80 -85.83
C SER G 1123 27.61 -26.15 -86.20
N GLY G 1124 27.73 -25.70 -87.45
CA GLY G 1124 28.88 -24.95 -87.89
C GLY G 1124 30.11 -25.82 -88.12
N ASN G 1125 31.18 -25.15 -88.54
CA ASN G 1125 32.46 -25.81 -88.74
C ASN G 1125 33.16 -26.05 -87.40
N CYS G 1126 34.24 -26.83 -87.44
CA CYS G 1126 34.88 -27.34 -86.25
C CYS G 1126 36.14 -26.58 -85.86
N ASP G 1127 36.18 -25.25 -86.05
CA ASP G 1127 37.36 -24.50 -85.60
C ASP G 1127 37.00 -23.53 -84.48
N VAL G 1128 35.74 -23.15 -84.38
CA VAL G 1128 35.33 -22.17 -83.35
C VAL G 1128 35.39 -22.81 -81.96
N VAL G 1129 34.84 -24.02 -81.82
CA VAL G 1129 34.72 -24.64 -80.51
C VAL G 1129 36.10 -25.03 -79.99
N ILE G 1130 36.30 -24.83 -78.69
CA ILE G 1130 37.57 -25.12 -78.03
C ILE G 1130 37.52 -26.52 -77.46
N GLY G 1131 38.50 -27.35 -77.81
CA GLY G 1131 38.58 -28.70 -77.31
C GLY G 1131 37.96 -29.76 -78.20
N ILE G 1132 37.54 -29.39 -79.41
CA ILE G 1132 36.94 -30.37 -80.31
C ILE G 1132 37.99 -31.41 -80.71
N VAL G 1133 37.54 -32.66 -80.86
CA VAL G 1133 38.41 -33.75 -81.26
C VAL G 1133 37.89 -34.31 -82.58
N ASN G 1134 38.66 -35.24 -83.14
CA ASN G 1134 38.31 -35.92 -84.38
C ASN G 1134 37.86 -37.35 -84.11
N ASN G 1135 36.75 -37.72 -84.73
CA ASN G 1135 36.30 -39.10 -84.79
C ASN G 1135 35.40 -39.22 -86.02
N THR G 1136 34.76 -40.38 -86.18
CA THR G 1136 33.86 -40.60 -87.30
C THR G 1136 32.43 -40.67 -86.81
N VAL G 1137 31.56 -39.91 -87.47
CA VAL G 1137 30.13 -39.90 -87.18
C VAL G 1137 29.46 -40.82 -88.17
N TYR G 1138 29.14 -42.04 -87.72
CA TYR G 1138 28.58 -43.05 -88.60
C TYR G 1138 27.17 -42.68 -89.04
N ASP G 1139 26.94 -42.71 -90.35
CA ASP G 1139 25.64 -42.39 -90.91
C ASP G 1139 24.89 -43.67 -91.24
N PRO G 1140 23.77 -43.95 -90.57
CA PRO G 1140 23.07 -45.22 -90.83
C PRO G 1140 22.57 -45.38 -92.26
N LEU G 1141 22.36 -44.27 -92.97
CA LEU G 1141 21.84 -44.37 -94.33
C LEU G 1141 22.90 -44.85 -95.31
N GLN G 1142 24.18 -44.56 -95.03
CA GLN G 1142 25.23 -44.93 -95.98
C GLN G 1142 25.34 -46.43 -96.25
N PRO G 1143 25.37 -47.33 -95.26
CA PRO G 1143 25.48 -48.75 -95.60
C PRO G 1143 24.19 -49.35 -96.14
N GLU G 1144 23.04 -48.99 -95.57
CA GLU G 1144 21.78 -49.52 -96.06
C GLU G 1144 21.51 -49.10 -97.48
N LEU G 1145 21.81 -47.85 -97.82
CA LEU G 1145 21.65 -47.35 -99.19
C LEU G 1145 22.96 -47.49 -99.95
N ILE H 22 -26.80 39.83 15.50
CA ILE H 22 -26.68 38.67 16.36
C ILE H 22 -27.06 39.03 17.79
N VAL H 23 -27.87 38.19 18.41
CA VAL H 23 -28.35 38.41 19.77
C VAL H 23 -27.63 37.44 20.69
N LEU H 24 -26.94 37.97 21.70
CA LEU H 24 -26.22 37.15 22.66
C LEU H 24 -26.97 37.16 23.99
N THR H 25 -27.35 35.97 24.45
CA THR H 25 -28.00 35.79 25.74
C THR H 25 -26.96 35.24 26.72
N GLN H 26 -26.79 35.92 27.84
CA GLN H 26 -25.73 35.62 28.80
C GLN H 26 -26.35 34.98 30.03
N SER H 27 -26.20 33.66 30.15
CA SER H 27 -26.63 32.95 31.35
C SER H 27 -25.59 33.19 32.44
N PRO H 28 -25.83 32.70 33.66
CA PRO H 28 -26.16 33.61 34.76
C PRO H 28 -25.53 34.98 34.64
N ALA H 29 -26.42 35.99 34.73
CA ALA H 29 -26.02 37.39 34.65
C ALA H 29 -25.83 37.99 36.04
N SER H 30 -26.04 37.20 37.09
CA SER H 30 -25.73 37.62 38.45
C SER H 30 -25.25 36.39 39.21
N LEU H 31 -23.94 36.28 39.36
CA LEU H 31 -23.33 35.09 39.91
C LEU H 31 -22.60 35.43 41.19
N ALA H 32 -22.87 34.64 42.24
CA ALA H 32 -22.25 34.82 43.55
C ALA H 32 -21.48 33.56 43.89
N VAL H 33 -20.16 33.66 43.92
CA VAL H 33 -19.28 32.53 44.21
C VAL H 33 -18.24 32.97 45.23
N SER H 34 -17.96 32.10 46.20
CA SER H 34 -16.96 32.42 47.20
C SER H 34 -15.57 32.38 46.60
N LEU H 35 -14.62 32.95 47.32
CA LEU H 35 -13.24 32.98 46.86
C LEU H 35 -12.68 31.57 46.73
N GLY H 36 -11.89 31.36 45.68
CA GLY H 36 -11.33 30.05 45.43
C GLY H 36 -12.29 29.04 44.82
N GLN H 37 -13.42 29.50 44.30
CA GLN H 37 -14.43 28.62 43.73
C GLN H 37 -14.65 28.96 42.26
N ARG H 38 -15.12 27.96 41.52
CA ARG H 38 -15.33 28.13 40.08
C ARG H 38 -16.47 29.10 39.81
N ALA H 39 -16.26 29.97 38.83
CA ALA H 39 -17.29 30.90 38.36
C ALA H 39 -17.46 30.72 36.86
N THR H 40 -18.70 30.50 36.43
CA THR H 40 -19.00 30.24 35.03
C THR H 40 -20.03 31.23 34.53
N ILE H 41 -19.70 31.94 33.46
CA ILE H 41 -20.62 32.84 32.79
C ILE H 41 -20.75 32.39 31.35
N SER H 42 -22.00 32.20 30.88
CA SER H 42 -22.15 31.53 29.59
C SER H 42 -22.81 32.47 28.59
N CYS H 43 -22.40 32.37 27.33
CA CYS H 43 -22.96 33.18 26.26
C CYS H 43 -23.48 32.28 25.15
N ARG H 44 -24.71 32.54 24.71
CA ARG H 44 -25.32 31.80 23.62
C ARG H 44 -25.72 32.77 22.52
N ALA H 45 -25.44 32.38 21.28
CA ALA H 45 -25.65 33.24 20.12
C ALA H 45 -26.80 32.72 19.28
N SER H 46 -27.52 33.67 18.67
CA SER H 46 -28.64 33.30 17.81
C SER H 46 -28.15 32.59 16.55
N GLU H 47 -27.07 33.10 15.94
CA GLU H 47 -26.45 32.46 14.80
C GLU H 47 -25.01 32.12 15.12
N SER H 48 -24.40 31.32 14.25
CA SER H 48 -23.02 30.91 14.45
C SER H 48 -22.09 32.11 14.43
N VAL H 49 -21.08 32.08 15.30
CA VAL H 49 -20.10 33.15 15.41
C VAL H 49 -18.78 32.77 14.74
N ASP H 50 -18.57 31.48 14.46
CA ASP H 50 -17.35 30.99 13.84
C ASP H 50 -17.30 31.48 12.39
N ASN H 51 -16.11 31.88 11.95
CA ASN H 51 -15.89 32.28 10.57
C ASN H 51 -14.40 32.19 10.27
N TYR H 52 -14.08 31.81 9.04
CA TYR H 52 -12.69 31.65 8.58
C TYR H 52 -11.94 30.63 9.43
N GLY H 53 -12.64 29.67 10.02
CA GLY H 53 -11.99 28.66 10.83
C GLY H 53 -11.90 29.05 12.29
N ILE H 54 -11.57 30.31 12.56
CA ILE H 54 -11.46 30.79 13.93
C ILE H 54 -12.84 31.20 14.46
N SER H 55 -12.91 31.44 15.76
CA SER H 55 -14.12 31.91 16.41
C SER H 55 -13.99 33.38 16.78
N PHE H 56 -15.11 34.10 16.78
CA PHE H 56 -15.10 35.53 17.05
C PHE H 56 -15.94 35.90 18.26
N MET H 57 -15.84 35.12 19.34
CA MET H 57 -16.51 35.43 20.60
C MET H 57 -15.47 35.99 21.57
N ASN H 58 -15.76 37.16 22.13
CA ASN H 58 -14.81 37.89 22.96
C ASN H 58 -15.42 38.12 24.33
N TRP H 59 -14.60 38.07 25.37
CA TRP H 59 -15.03 38.35 26.72
C TRP H 59 -14.34 39.58 27.25
N PHE H 60 -15.14 40.53 27.74
CA PHE H 60 -14.68 41.79 28.29
C PHE H 60 -14.94 41.83 29.79
N GLN H 61 -14.08 42.54 30.51
CA GLN H 61 -14.23 42.74 31.94
C GLN H 61 -14.23 44.24 32.22
N GLN H 62 -15.12 44.67 33.12
CA GLN H 62 -15.24 46.08 33.48
C GLN H 62 -15.35 46.19 35.00
N THR H 63 -14.31 46.70 35.63
CA THR H 63 -14.42 47.05 37.04
C THR H 63 -15.15 48.37 37.19
N PRO H 64 -15.84 48.59 38.31
CA PRO H 64 -16.61 49.83 38.47
C PRO H 64 -15.73 51.07 38.34
N GLY H 65 -16.24 52.06 37.61
CA GLY H 65 -15.50 53.29 37.41
C GLY H 65 -14.35 53.19 36.42
N GLN H 66 -14.27 52.11 35.66
CA GLN H 66 -13.18 51.87 34.72
C GLN H 66 -13.75 51.45 33.38
N PRO H 67 -13.02 51.72 32.30
CA PRO H 67 -13.45 51.25 30.98
C PRO H 67 -13.38 49.74 30.89
N PRO H 68 -14.20 49.13 30.03
CA PRO H 68 -14.09 47.68 29.82
C PRO H 68 -12.71 47.31 29.29
N LYS H 69 -12.22 46.16 29.71
CA LYS H 69 -10.90 45.69 29.33
C LYS H 69 -11.02 44.34 28.65
N LEU H 70 -10.27 44.17 27.56
CA LEU H 70 -10.31 42.93 26.80
C LEU H 70 -9.73 41.80 27.64
N LEU H 71 -10.58 40.82 27.98
CA LEU H 71 -10.17 39.69 28.81
C LEU H 71 -9.78 38.48 27.97
N ILE H 72 -10.64 38.09 27.04
CA ILE H 72 -10.42 36.90 26.21
C ILE H 72 -10.80 37.26 24.78
N TYR H 73 -9.80 37.51 23.94
CA TYR H 73 -10.07 37.71 22.52
C TYR H 73 -10.06 36.35 21.81
N GLY H 74 -10.99 36.18 20.88
CA GLY H 74 -11.20 34.88 20.29
C GLY H 74 -11.83 33.94 21.29
N SER H 75 -12.08 32.71 20.84
CA SER H 75 -12.78 31.75 21.67
C SER H 75 -12.00 31.44 22.95
N SER H 76 -10.68 31.29 22.84
CA SER H 76 -9.87 30.87 23.98
C SER H 76 -8.60 31.68 24.19
N ASN H 77 -8.19 32.52 23.23
CA ASN H 77 -6.96 33.27 23.38
C ASN H 77 -7.11 34.32 24.49
N GLN H 78 -6.05 34.48 25.28
CA GLN H 78 -6.09 35.38 26.42
C GLN H 78 -5.52 36.74 26.05
N GLY H 79 -6.14 37.79 26.57
CA GLY H 79 -5.72 39.15 26.28
C GLY H 79 -4.44 39.53 27.01
N SER H 80 -4.01 40.77 26.74
CA SER H 80 -2.77 41.25 27.33
C SER H 80 -2.93 41.47 28.84
N GLY H 81 -1.97 40.93 29.59
CA GLY H 81 -1.98 41.09 31.04
C GLY H 81 -3.18 40.48 31.72
N VAL H 82 -3.62 39.31 31.27
CA VAL H 82 -4.77 38.62 31.85
C VAL H 82 -4.24 37.41 32.61
N PRO H 83 -4.58 37.25 33.89
CA PRO H 83 -4.11 36.10 34.65
C PRO H 83 -4.67 34.78 34.11
N ALA H 84 -3.98 33.70 34.44
CA ALA H 84 -4.37 32.38 33.95
C ALA H 84 -5.69 31.91 34.51
N ARG H 85 -6.22 32.59 35.54
CA ARG H 85 -7.50 32.19 36.12
C ARG H 85 -8.62 32.25 35.09
N PHE H 86 -8.68 33.34 34.34
CA PHE H 86 -9.69 33.49 33.31
C PHE H 86 -9.44 32.54 32.15
N SER H 87 -10.46 31.82 31.74
CA SER H 87 -10.36 30.93 30.59
C SER H 87 -11.63 31.01 29.76
N GLY H 88 -11.47 31.04 28.44
CA GLY H 88 -12.59 31.02 27.52
C GLY H 88 -12.62 29.72 26.76
N SER H 89 -13.82 29.19 26.54
CA SER H 89 -13.98 27.94 25.82
C SER H 89 -15.30 27.94 25.08
N GLY H 90 -15.46 26.96 24.21
CA GLY H 90 -16.69 26.82 23.46
C GLY H 90 -16.50 27.17 21.99
N SER H 91 -17.58 26.96 21.22
CA SER H 91 -17.56 27.20 19.80
C SER H 91 -18.99 27.26 19.29
N GLY H 92 -19.13 27.42 17.98
CA GLY H 92 -20.42 27.50 17.35
C GLY H 92 -21.25 28.65 17.88
N THR H 93 -22.28 28.34 18.66
CA THR H 93 -23.10 29.36 19.30
C THR H 93 -22.98 29.35 20.82
N ASP H 94 -22.25 28.42 21.40
CA ASP H 94 -22.16 28.27 22.85
C ASP H 94 -20.74 28.53 23.32
N PHE H 95 -20.58 29.49 24.23
CA PHE H 95 -19.27 29.81 24.77
C PHE H 95 -19.39 29.99 26.28
N SER H 96 -18.27 29.78 26.98
CA SER H 96 -18.23 29.85 28.43
C SER H 96 -16.95 30.53 28.88
N LEU H 97 -17.09 31.34 29.93
CA LEU H 97 -15.96 31.97 30.61
C LEU H 97 -15.89 31.41 32.02
N ASN H 98 -14.72 30.90 32.39
CA ASN H 98 -14.52 30.20 33.65
C ASN H 98 -13.39 30.87 34.44
N ILE H 99 -13.64 31.10 35.73
CA ILE H 99 -12.65 31.68 36.64
C ILE H 99 -12.60 30.75 37.85
N HIS H 100 -11.66 29.80 37.83
CA HIS H 100 -11.60 28.82 38.91
C HIS H 100 -10.97 29.40 40.18
N PRO H 101 -9.78 30.02 40.15
CA PRO H 101 -9.27 30.65 41.37
C PRO H 101 -9.86 32.04 41.58
N MET H 102 -11.12 32.10 42.03
CA MET H 102 -11.76 33.40 42.24
C MET H 102 -11.00 34.21 43.28
N GLU H 103 -10.80 35.49 42.97
CA GLU H 103 -10.10 36.41 43.87
C GLU H 103 -10.97 37.64 44.11
N GLU H 104 -10.49 38.51 44.99
CA GLU H 104 -11.22 39.73 45.30
C GLU H 104 -11.33 40.66 44.09
N ASP H 105 -10.26 40.73 43.30
CA ASP H 105 -10.21 41.64 42.16
C ASP H 105 -11.15 41.24 41.03
N ASP H 106 -11.74 40.04 41.07
CA ASP H 106 -12.61 39.57 40.01
C ASP H 106 -14.03 40.15 40.11
N THR H 107 -14.32 40.92 41.16
CA THR H 107 -15.63 41.56 41.27
C THR H 107 -15.77 42.62 40.19
N ALA H 108 -16.54 42.32 39.16
CA ALA H 108 -16.66 43.22 38.02
C ALA H 108 -17.86 42.79 37.18
N MET H 109 -18.12 43.56 36.13
CA MET H 109 -19.15 43.25 35.16
C MET H 109 -18.49 42.62 33.93
N TYR H 110 -18.92 41.42 33.58
CA TYR H 110 -18.34 40.64 32.49
C TYR H 110 -19.31 40.60 31.33
N PHE H 111 -18.82 40.92 30.14
CA PHE H 111 -19.63 40.95 28.93
C PHE H 111 -19.10 39.95 27.91
N CYS H 112 -20.01 39.41 27.11
CA CYS H 112 -19.65 38.61 25.94
C CYS H 112 -20.08 39.35 24.69
N GLN H 113 -19.18 39.41 23.71
CA GLN H 113 -19.36 40.21 22.52
C GLN H 113 -19.01 39.37 21.30
N GLN H 114 -19.64 39.67 20.17
CA GLN H 114 -19.40 38.95 18.93
C GLN H 114 -18.76 39.89 17.92
N SER H 115 -17.77 39.38 17.20
CA SER H 115 -17.07 40.16 16.18
C SER H 115 -17.23 39.59 14.78
N LYS H 116 -18.10 38.59 14.60
CA LYS H 116 -18.26 37.99 13.27
C LYS H 116 -18.97 38.92 12.31
N GLU H 117 -20.05 39.58 12.74
CA GLU H 117 -20.88 40.38 11.87
C GLU H 117 -20.62 41.86 12.12
N VAL H 118 -21.02 42.69 11.14
CA VAL H 118 -20.69 44.11 11.19
C VAL H 118 -21.24 44.80 12.43
N PRO H 119 -22.54 44.67 12.78
CA PRO H 119 -23.01 45.27 14.04
C PRO H 119 -22.50 44.46 15.22
N TYR H 120 -21.50 45.00 15.91
CA TYR H 120 -20.98 44.34 17.09
C TYR H 120 -22.01 44.42 18.22
N THR H 121 -22.33 43.26 18.79
CA THR H 121 -23.32 43.18 19.85
C THR H 121 -22.70 42.57 21.10
N PHE H 122 -23.06 43.13 22.25
CA PHE H 122 -22.54 42.69 23.54
C PHE H 122 -23.58 41.85 24.26
N GLY H 123 -23.13 41.12 25.28
CA GLY H 123 -24.01 40.30 26.08
C GLY H 123 -24.79 41.14 27.08
N GLY H 124 -25.68 40.47 27.81
CA GLY H 124 -26.46 41.15 28.83
C GLY H 124 -25.60 41.71 29.94
N GLY H 125 -24.51 41.04 30.28
CA GLY H 125 -23.63 41.49 31.35
C GLY H 125 -23.85 40.72 32.62
N THR H 126 -22.77 40.36 33.31
CA THR H 126 -22.84 39.56 34.52
C THR H 126 -22.03 40.26 35.61
N LYS H 127 -22.72 40.69 36.67
CA LYS H 127 -22.04 41.29 37.82
C LYS H 127 -21.62 40.16 38.75
N LEU H 128 -20.31 39.95 38.87
CA LEU H 128 -19.76 38.82 39.62
C LEU H 128 -19.49 39.26 41.05
N GLU H 129 -20.10 38.59 42.01
CA GLU H 129 -20.00 38.93 43.42
C GLU H 129 -19.41 37.77 44.19
N ILE H 130 -18.71 38.11 45.27
CA ILE H 130 -18.16 37.09 46.16
C ILE H 130 -19.22 36.70 47.19
N LYS H 131 -19.42 35.40 47.36
CA LYS H 131 -20.49 34.89 48.21
C LYS H 131 -20.05 34.82 49.66
N ARG H 132 -21.02 34.97 50.55
CA ARG H 132 -20.79 34.84 51.99
C ARG H 132 -22.04 34.26 52.62
N THR H 133 -21.99 34.08 53.94
CA THR H 133 -23.13 33.55 54.68
C THR H 133 -24.24 34.59 54.76
N VAL H 134 -25.48 34.10 54.81
CA VAL H 134 -26.64 34.98 54.89
C VAL H 134 -26.59 35.76 56.20
N ALA H 135 -26.75 37.07 56.13
CA ALA H 135 -26.66 37.94 57.29
C ALA H 135 -27.97 38.69 57.48
N ALA H 136 -28.28 38.96 58.75
CA ALA H 136 -29.51 39.63 59.11
C ALA H 136 -29.39 41.13 58.83
N PRO H 137 -30.38 41.76 58.21
CA PRO H 137 -30.34 43.21 58.01
C PRO H 137 -30.63 43.96 59.30
N SER H 138 -29.87 45.03 59.52
CA SER H 138 -30.13 45.95 60.63
C SER H 138 -31.09 47.02 60.11
N VAL H 139 -32.33 46.97 60.59
CA VAL H 139 -33.36 47.86 60.07
C VAL H 139 -33.53 49.07 60.97
N PHE H 140 -33.71 50.23 60.36
CA PHE H 140 -33.93 51.49 61.08
C PHE H 140 -34.92 52.33 60.31
N ILE H 141 -35.63 53.21 61.01
CA ILE H 141 -36.57 54.13 60.39
C ILE H 141 -36.26 55.55 60.87
N PHE H 142 -36.26 56.48 59.94
CA PHE H 142 -35.85 57.87 60.15
C PHE H 142 -36.98 58.81 59.75
N PRO H 143 -37.53 59.57 60.70
CA PRO H 143 -38.56 60.54 60.34
C PRO H 143 -37.95 61.74 59.64
N PRO H 144 -38.76 62.51 58.91
CA PRO H 144 -38.23 63.72 58.26
C PRO H 144 -37.79 64.75 59.29
N SER H 145 -36.78 65.55 58.92
CA SER H 145 -36.25 66.56 59.81
C SER H 145 -37.24 67.72 59.97
N ASP H 146 -37.08 68.46 61.07
CA ASP H 146 -37.94 69.61 61.31
C ASP H 146 -37.74 70.68 60.24
N GLU H 147 -36.49 70.93 59.85
CA GLU H 147 -36.21 71.92 58.81
C GLU H 147 -36.88 71.53 57.49
N GLN H 148 -36.82 70.23 57.15
CA GLN H 148 -37.52 69.76 55.96
C GLN H 148 -39.02 69.94 56.10
N LEU H 149 -39.56 69.69 57.29
CA LEU H 149 -40.99 69.88 57.53
C LEU H 149 -41.38 71.34 57.35
N LYS H 150 -40.45 72.26 57.62
CA LYS H 150 -40.71 73.67 57.33
C LYS H 150 -40.88 73.91 55.84
N SER H 151 -40.17 73.13 55.02
CA SER H 151 -40.17 73.35 53.58
C SER H 151 -41.37 72.71 52.89
N GLY H 152 -42.27 72.13 53.67
CA GLY H 152 -43.46 71.53 53.10
C GLY H 152 -43.24 70.18 52.47
N THR H 153 -42.12 69.53 52.75
CA THR H 153 -41.81 68.21 52.23
C THR H 153 -41.43 67.31 53.39
N ALA H 154 -41.79 66.04 53.30
CA ALA H 154 -41.48 65.06 54.33
C ALA H 154 -40.94 63.80 53.67
N SER H 155 -39.70 63.46 53.97
CA SER H 155 -39.07 62.24 53.48
C SER H 155 -38.75 61.32 54.64
N VAL H 156 -39.36 60.14 54.64
CA VAL H 156 -39.13 59.15 55.68
C VAL H 156 -38.25 58.04 55.12
N VAL H 157 -37.25 57.64 55.89
CA VAL H 157 -36.19 56.75 55.41
C VAL H 157 -36.31 55.40 56.11
N CYS H 158 -36.21 54.32 55.34
CA CYS H 158 -36.03 52.98 55.88
C CYS H 158 -34.66 52.49 55.46
N LEU H 159 -33.83 52.13 56.45
CA LEU H 159 -32.42 51.81 56.22
C LEU H 159 -32.15 50.38 56.65
N LEU H 160 -31.50 49.62 55.77
CA LEU H 160 -31.05 48.27 56.06
C LEU H 160 -29.53 48.25 55.96
N ASN H 161 -28.87 47.90 57.07
CA ASN H 161 -27.42 47.87 57.15
C ASN H 161 -26.92 46.43 57.22
N ASN H 162 -25.93 46.12 56.38
CA ASN H 162 -25.17 44.87 56.44
C ASN H 162 -26.08 43.64 56.30
N PHE H 163 -26.69 43.52 55.12
CA PHE H 163 -27.51 42.36 54.80
C PHE H 163 -26.99 41.68 53.53
N TYR H 164 -26.94 40.36 53.55
CA TYR H 164 -26.62 39.55 52.38
C TYR H 164 -27.62 38.40 52.29
N PRO H 165 -28.11 38.06 51.09
CA PRO H 165 -27.80 38.70 49.81
C PRO H 165 -28.57 40.00 49.59
N ARG H 166 -28.48 40.55 48.39
CA ARG H 166 -29.14 41.81 48.08
C ARG H 166 -30.65 41.63 47.92
N GLU H 167 -31.11 40.39 47.75
CA GLU H 167 -32.53 40.15 47.54
C GLU H 167 -33.32 40.48 48.80
N ALA H 168 -34.09 41.57 48.74
CA ALA H 168 -34.92 42.01 49.85
C ALA H 168 -36.03 42.90 49.31
N LYS H 169 -37.17 42.88 49.98
CA LYS H 169 -38.34 43.67 49.57
C LYS H 169 -38.74 44.59 50.72
N VAL H 170 -38.95 45.86 50.41
CA VAL H 170 -39.33 46.87 51.39
C VAL H 170 -40.67 47.47 50.97
N GLN H 171 -41.61 47.52 51.90
CA GLN H 171 -42.95 48.04 51.66
C GLN H 171 -43.25 49.13 52.69
N TRP H 172 -43.95 50.17 52.26
CA TRP H 172 -44.31 51.28 53.13
C TRP H 172 -45.79 51.18 53.48
N LYS H 173 -46.10 51.34 54.77
CA LYS H 173 -47.47 51.26 55.27
C LYS H 173 -47.77 52.56 56.01
N VAL H 174 -48.61 53.40 55.42
CA VAL H 174 -49.06 54.64 56.05
C VAL H 174 -50.48 54.43 56.56
N ASP H 175 -50.65 54.44 57.88
CA ASP H 175 -51.93 54.09 58.51
C ASP H 175 -52.44 52.75 57.98
N ASN H 176 -51.64 51.70 58.20
CA ASN H 176 -51.90 50.32 57.77
C ASN H 176 -52.39 50.23 56.33
N ALA H 177 -51.99 51.17 55.49
CA ALA H 177 -52.32 51.17 54.06
C ALA H 177 -51.03 51.15 53.25
N LEU H 178 -50.94 50.19 52.33
CA LEU H 178 -49.73 50.01 51.53
C LEU H 178 -49.60 51.12 50.49
N GLN H 179 -48.38 51.59 50.28
CA GLN H 179 -48.10 52.64 49.32
C GLN H 179 -47.48 52.06 48.05
N SER H 180 -47.73 52.74 46.94
CA SER H 180 -47.22 52.29 45.64
C SER H 180 -46.88 53.49 44.77
N GLY H 181 -45.75 53.42 44.08
CA GLY H 181 -45.36 54.48 43.17
C GLY H 181 -44.95 55.78 43.82
N ASN H 182 -44.51 55.73 45.08
CA ASN H 182 -44.13 56.93 45.81
C ASN H 182 -42.87 56.75 46.66
N SER H 183 -42.10 55.68 46.44
CA SER H 183 -40.89 55.41 47.19
C SER H 183 -39.73 55.20 46.22
N GLN H 184 -38.57 55.78 46.56
CA GLN H 184 -37.36 55.62 45.77
C GLN H 184 -36.29 54.96 46.63
N GLU H 185 -35.76 53.84 46.16
CA GLU H 185 -34.81 53.06 46.94
C GLU H 185 -33.46 53.02 46.24
N SER H 186 -32.41 52.94 47.04
CA SER H 186 -31.04 52.85 46.56
C SER H 186 -30.32 51.74 47.29
N VAL H 187 -29.38 51.09 46.60
CA VAL H 187 -28.59 50.01 47.17
C VAL H 187 -27.11 50.34 46.98
N THR H 188 -26.38 50.48 48.07
CA THR H 188 -24.94 50.67 47.98
C THR H 188 -24.26 49.37 47.58
N GLU H 189 -23.23 49.48 46.76
CA GLU H 189 -22.54 48.30 46.25
C GLU H 189 -21.96 47.47 47.39
N GLN H 190 -21.64 46.22 47.07
CA GLN H 190 -21.15 45.25 48.05
C GLN H 190 -19.89 45.76 48.75
N ASP H 191 -19.85 45.60 50.08
CA ASP H 191 -18.72 46.09 50.86
C ASP H 191 -17.45 45.33 50.52
N SER H 192 -16.32 46.05 50.48
CA SER H 192 -15.05 45.44 50.13
C SER H 192 -14.65 44.37 51.15
N LYS H 193 -14.86 44.65 52.44
CA LYS H 193 -14.51 43.72 53.50
C LYS H 193 -15.70 42.96 54.05
N ASP H 194 -16.78 43.66 54.41
CA ASP H 194 -17.94 42.99 55.00
C ASP H 194 -18.66 42.11 53.99
N SER H 195 -18.57 42.45 52.70
CA SER H 195 -19.26 41.73 51.62
C SER H 195 -20.77 41.72 51.83
N THR H 196 -21.31 42.78 52.39
CA THR H 196 -22.73 42.88 52.70
C THR H 196 -23.31 44.13 52.05
N TYR H 197 -24.52 44.01 51.50
CA TYR H 197 -25.17 45.13 50.86
C TYR H 197 -25.83 46.04 51.90
N SER H 198 -26.11 47.27 51.48
CA SER H 198 -26.85 48.23 52.28
C SER H 198 -27.94 48.86 51.43
N LEU H 199 -29.12 49.05 52.03
CA LEU H 199 -30.27 49.55 51.29
C LEU H 199 -30.86 50.75 52.02
N SER H 200 -31.40 51.69 51.26
CA SER H 200 -32.04 52.87 51.84
C SER H 200 -33.19 53.27 50.94
N SER H 201 -34.42 53.21 51.46
CA SER H 201 -35.61 53.59 50.71
C SER H 201 -36.22 54.83 51.33
N THR H 202 -36.49 55.83 50.49
CA THR H 202 -37.05 57.10 50.93
C THR H 202 -38.45 57.24 50.36
N LEU H 203 -39.41 57.49 51.25
CA LEU H 203 -40.78 57.81 50.87
C LEU H 203 -40.99 59.32 51.01
N THR H 204 -41.40 59.96 49.92
CA THR H 204 -41.54 61.39 49.86
C THR H 204 -43.02 61.76 49.85
N LEU H 205 -43.39 62.79 50.62
CA LEU H 205 -44.77 63.22 50.74
C LEU H 205 -44.81 64.73 50.92
N SER H 206 -45.95 65.33 50.59
CA SER H 206 -46.19 66.72 50.93
C SER H 206 -46.48 66.84 52.42
N LYS H 207 -46.22 68.04 52.96
CA LYS H 207 -46.44 68.27 54.39
C LYS H 207 -47.90 68.06 54.77
N ALA H 208 -48.83 68.53 53.94
CA ALA H 208 -50.25 68.34 54.23
C ALA H 208 -50.61 66.86 54.25
N ASP H 209 -50.07 66.08 53.32
CA ASP H 209 -50.34 64.65 53.31
C ASP H 209 -49.62 63.93 54.44
N TYR H 210 -48.41 64.37 54.80
CA TYR H 210 -47.68 63.73 55.88
C TYR H 210 -48.38 63.95 57.22
N GLU H 211 -48.86 65.16 57.47
CA GLU H 211 -49.53 65.47 58.72
C GLU H 211 -50.94 64.90 58.80
N LYS H 212 -51.47 64.35 57.71
CA LYS H 212 -52.80 63.76 57.73
C LYS H 212 -52.80 62.32 58.23
N HIS H 213 -51.63 61.74 58.52
CA HIS H 213 -51.52 60.39 59.02
C HIS H 213 -50.56 60.33 60.19
N LYS H 214 -50.74 59.32 61.04
CA LYS H 214 -49.97 59.18 62.27
C LYS H 214 -48.94 58.04 62.18
N VAL H 215 -49.39 56.84 61.87
CA VAL H 215 -48.53 55.66 61.91
C VAL H 215 -47.85 55.48 60.55
N TYR H 216 -46.53 55.49 60.54
CA TYR H 216 -45.74 55.19 59.36
C TYR H 216 -44.84 54.00 59.66
N ALA H 217 -44.93 52.96 58.84
CA ALA H 217 -44.22 51.72 59.08
C ALA H 217 -43.48 51.27 57.82
N CYS H 218 -42.34 50.64 58.04
CA CYS H 218 -41.56 50.01 56.99
C CYS H 218 -41.54 48.51 57.26
N GLU H 219 -42.03 47.73 56.32
CA GLU H 219 -42.11 46.28 56.42
C GLU H 219 -41.10 45.67 55.45
N VAL H 220 -40.15 44.92 55.97
CA VAL H 220 -39.06 44.39 55.16
C VAL H 220 -39.09 42.87 55.23
N THR H 221 -38.94 42.22 54.07
CA THR H 221 -38.75 40.78 53.99
C THR H 221 -37.43 40.48 53.32
N HIS H 222 -36.72 39.47 53.84
CA HIS H 222 -35.38 39.13 53.41
C HIS H 222 -35.14 37.66 53.67
N GLN H 223 -34.14 37.10 52.99
CA GLN H 223 -33.82 35.68 53.15
C GLN H 223 -33.33 35.37 54.56
N GLY H 224 -32.59 36.28 55.18
CA GLY H 224 -32.07 36.04 56.51
C GLY H 224 -33.06 36.22 57.64
N LEU H 225 -34.28 36.67 57.33
CA LEU H 225 -35.32 36.86 58.33
C LEU H 225 -36.34 35.74 58.19
N SER H 226 -36.65 35.07 59.31
CA SER H 226 -37.70 34.05 59.29
C SER H 226 -39.06 34.65 59.01
N SER H 227 -39.34 35.83 59.57
CA SER H 227 -40.60 36.54 59.33
C SER H 227 -40.25 37.98 59.03
N PRO H 228 -41.05 38.67 58.21
CA PRO H 228 -40.74 40.06 57.88
C PRO H 228 -40.71 40.95 59.12
N VAL H 229 -39.76 41.89 59.13
CA VAL H 229 -39.53 42.76 60.28
C VAL H 229 -40.17 44.11 59.99
N THR H 230 -40.88 44.65 60.96
CA THR H 230 -41.54 45.94 60.83
C THR H 230 -40.88 46.96 61.74
N LYS H 231 -40.75 48.19 61.26
CA LYS H 231 -40.26 49.31 62.05
C LYS H 231 -41.20 50.49 61.82
N SER H 232 -41.87 50.94 62.88
CA SER H 232 -42.92 51.93 62.75
C SER H 232 -42.70 53.05 63.75
N PHE H 233 -43.29 54.21 63.42
CA PHE H 233 -43.29 55.34 64.34
C PHE H 233 -44.57 56.14 64.14
N ASN H 234 -44.94 56.87 65.19
CA ASN H 234 -46.09 57.76 65.16
C ASN H 234 -45.62 59.20 65.11
N ARG H 235 -46.19 59.97 64.20
CA ARG H 235 -45.80 61.37 64.04
C ARG H 235 -46.07 62.15 65.32
N GLY H 236 -45.01 62.75 65.86
CA GLY H 236 -45.12 63.52 67.08
C GLY H 236 -44.41 62.86 68.25
N VAL I 21 -0.57 52.09 24.06
CA VAL I 21 -1.85 52.51 23.50
C VAL I 21 -2.68 53.25 24.54
N GLN I 22 -2.84 54.56 24.36
CA GLN I 22 -3.61 55.39 25.27
C GLN I 22 -4.63 56.20 24.48
N LEU I 23 -5.85 56.29 25.01
CA LEU I 23 -6.92 57.07 24.42
C LEU I 23 -7.48 58.00 25.48
N GLN I 24 -7.53 59.29 25.17
CA GLN I 24 -7.96 60.32 26.11
C GLN I 24 -9.19 61.02 25.57
N GLN I 25 -10.14 61.34 26.44
CA GLN I 25 -11.43 61.85 26.01
C GLN I 25 -11.76 63.17 26.71
N SER I 26 -12.91 63.72 26.33
CA SER I 26 -13.47 64.87 27.03
C SER I 26 -13.99 64.43 28.40
N ALA I 27 -14.54 65.38 29.15
CA ALA I 27 -14.95 65.12 30.53
C ALA I 27 -16.36 65.63 30.78
N ALA I 28 -17.29 64.70 30.97
CA ALA I 28 -18.60 64.95 31.55
C ALA I 28 -19.32 66.16 30.96
N GLU I 29 -19.70 66.10 29.69
CA GLU I 29 -20.38 67.19 29.03
C GLU I 29 -21.88 67.12 29.28
N LEU I 30 -22.48 68.27 29.56
CA LEU I 30 -23.90 68.39 29.83
C LEU I 30 -24.55 69.25 28.75
N ALA I 31 -25.69 68.79 28.23
CA ALA I 31 -26.39 69.51 27.18
C ALA I 31 -27.89 69.35 27.37
N ARG I 32 -28.63 70.36 26.92
CA ARG I 32 -30.08 70.31 26.95
C ARG I 32 -30.61 69.51 25.77
N PRO I 33 -31.82 68.96 25.87
CA PRO I 33 -32.39 68.21 24.75
C PRO I 33 -32.50 69.07 23.50
N GLY I 34 -32.23 68.46 22.36
CA GLY I 34 -32.26 69.12 21.08
C GLY I 34 -30.93 69.69 20.63
N ALA I 35 -29.99 69.86 21.54
CA ALA I 35 -28.68 70.39 21.19
C ALA I 35 -27.78 69.28 20.64
N SER I 36 -26.58 69.67 20.23
CA SER I 36 -25.59 68.76 19.68
C SER I 36 -24.36 68.74 20.57
N VAL I 37 -23.71 67.58 20.64
CA VAL I 37 -22.51 67.39 21.45
C VAL I 37 -21.38 66.90 20.56
N LYS I 38 -20.22 67.55 20.68
CA LYS I 38 -19.04 67.23 19.89
C LYS I 38 -18.03 66.59 20.84
N MET I 39 -17.65 65.35 20.56
CA MET I 39 -16.88 64.51 21.45
C MET I 39 -15.56 64.12 20.80
N SER I 40 -14.49 64.18 21.58
CA SER I 40 -13.15 64.00 21.06
C SER I 40 -12.45 62.83 21.74
N CYS I 41 -11.57 62.18 20.99
CA CYS I 41 -10.75 61.07 21.47
C CYS I 41 -9.35 61.25 20.87
N LYS I 42 -8.42 61.73 21.68
CA LYS I 42 -7.01 61.79 21.32
C LYS I 42 -6.38 60.41 21.46
N ALA I 43 -5.54 60.05 20.51
CA ALA I 43 -4.90 58.74 20.47
C ALA I 43 -3.40 58.89 20.56
N SER I 44 -2.75 58.00 21.32
CA SER I 44 -1.31 58.01 21.45
C SER I 44 -0.83 56.57 21.63
N GLY I 45 0.47 56.37 21.39
CA GLY I 45 1.07 55.06 21.52
C GLY I 45 1.02 54.19 20.29
N TYR I 46 0.45 54.68 19.19
CA TYR I 46 0.41 53.92 17.95
C TYR I 46 0.26 54.89 16.79
N THR I 47 0.23 54.33 15.57
CA THR I 47 0.28 55.15 14.37
C THR I 47 -1.03 55.91 14.15
N PHE I 48 -2.16 55.31 14.57
CA PHE I 48 -3.50 55.89 14.45
C PHE I 48 -3.99 55.86 13.01
N THR I 49 -3.11 55.52 12.06
CA THR I 49 -3.50 55.39 10.67
C THR I 49 -3.68 53.94 10.23
N SER I 50 -3.45 52.98 11.13
CA SER I 50 -3.54 51.58 10.79
C SER I 50 -4.63 50.83 11.53
N TYR I 51 -5.33 51.48 12.46
CA TYR I 51 -6.38 50.84 13.23
C TYR I 51 -7.64 51.69 13.18
N THR I 52 -8.77 51.05 12.89
CA THR I 52 -10.03 51.78 12.85
C THR I 52 -10.49 52.12 14.27
N MET I 53 -11.35 53.13 14.38
CA MET I 53 -11.76 53.70 15.64
C MET I 53 -13.24 53.41 15.85
N HIS I 54 -13.58 52.73 16.95
CA HIS I 54 -14.95 52.40 17.29
C HIS I 54 -15.45 53.24 18.45
N TRP I 55 -16.77 53.38 18.54
CA TRP I 55 -17.40 54.08 19.64
C TRP I 55 -18.49 53.21 20.24
N VAL I 56 -18.58 53.19 21.56
CA VAL I 56 -19.52 52.33 22.28
C VAL I 56 -20.28 53.18 23.30
N LYS I 57 -21.59 52.98 23.36
CA LYS I 57 -22.47 53.67 24.29
C LYS I 57 -22.84 52.74 25.43
N GLN I 58 -22.89 53.27 26.65
CA GLN I 58 -23.28 52.49 27.83
C GLN I 58 -24.13 53.38 28.73
N ARG I 59 -25.41 53.06 28.85
CA ARG I 59 -26.24 53.73 29.83
C ARG I 59 -25.80 53.31 31.23
N PRO I 60 -25.95 54.20 32.22
CA PRO I 60 -25.47 53.88 33.58
C PRO I 60 -26.08 52.60 34.14
N GLY I 61 -25.21 51.69 34.58
CA GLY I 61 -25.68 50.41 35.11
C GLY I 61 -26.43 49.58 34.09
N GLN I 62 -26.04 49.65 32.82
CA GLN I 62 -26.71 48.89 31.76
C GLN I 62 -25.69 48.20 30.86
N GLY I 63 -26.18 47.63 29.76
CA GLY I 63 -25.31 46.94 28.83
C GLY I 63 -24.61 47.88 27.87
N LEU I 64 -23.71 47.31 27.08
CA LEU I 64 -22.92 48.05 26.11
C LEU I 64 -23.56 47.96 24.73
N GLU I 65 -23.65 49.10 24.04
CA GLU I 65 -24.17 49.16 22.69
C GLU I 65 -23.13 49.77 21.77
N TRP I 66 -22.79 49.05 20.71
CA TRP I 66 -21.83 49.55 19.73
C TRP I 66 -22.49 50.61 18.85
N ILE I 67 -21.81 51.73 18.68
CA ILE I 67 -22.32 52.85 17.90
C ILE I 67 -21.86 52.77 16.45
N GLY I 68 -20.56 52.85 16.22
CA GLY I 68 -20.04 52.81 14.87
C GLY I 68 -18.54 52.97 14.87
N TYR I 69 -17.96 52.75 13.70
CA TYR I 69 -16.52 52.86 13.54
C TYR I 69 -16.19 53.69 12.31
N ILE I 70 -14.98 54.24 12.34
CA ILE I 70 -14.44 55.07 11.28
C ILE I 70 -13.04 54.58 10.95
N ASN I 71 -12.72 54.51 9.65
CA ASN I 71 -11.37 54.22 9.22
C ASN I 71 -10.58 55.52 9.15
N PRO I 72 -9.52 55.69 9.95
CA PRO I 72 -8.79 56.97 9.94
C PRO I 72 -8.19 57.32 8.59
N THR I 73 -7.65 56.34 7.86
CA THR I 73 -6.98 56.64 6.60
C THR I 73 -7.98 57.10 5.54
N SER I 74 -9.07 56.37 5.37
CA SER I 74 -10.13 56.73 4.44
C SER I 74 -11.43 56.87 5.22
N GLY I 75 -12.07 58.02 5.10
CA GLY I 75 -13.20 58.33 5.95
C GLY I 75 -14.44 57.49 5.66
N TYR I 76 -14.28 56.17 5.72
CA TYR I 76 -15.40 55.26 5.56
C TYR I 76 -15.98 54.93 6.93
N THR I 77 -17.13 55.52 7.24
CA THR I 77 -17.78 55.35 8.53
C THR I 77 -18.94 54.38 8.40
N GLU I 78 -19.01 53.43 9.32
CA GLU I 78 -20.12 52.49 9.38
C GLU I 78 -20.76 52.58 10.76
N TYR I 79 -22.07 52.85 10.78
CA TYR I 79 -22.80 53.09 12.02
C TYR I 79 -23.78 51.95 12.28
N ASN I 80 -24.19 51.84 13.54
CA ASN I 80 -25.30 50.98 13.88
C ASN I 80 -26.59 51.55 13.30
N GLN I 81 -27.57 50.66 13.07
CA GLN I 81 -28.84 51.11 12.50
C GLN I 81 -29.54 52.08 13.44
N ASN I 82 -29.49 51.81 14.74
CA ASN I 82 -30.14 52.70 15.71
C ASN I 82 -29.52 54.08 15.72
N PHE I 83 -28.19 54.16 15.65
CA PHE I 83 -27.47 55.42 15.78
C PHE I 83 -27.17 56.09 14.46
N LYS I 84 -27.66 55.55 13.35
CA LYS I 84 -27.28 56.08 12.04
C LYS I 84 -27.72 57.53 11.86
N ASP I 85 -28.95 57.86 12.28
CA ASP I 85 -29.50 59.18 12.01
C ASP I 85 -28.87 60.26 12.89
N LYS I 86 -28.70 59.96 14.18
CA LYS I 86 -28.34 61.00 15.15
C LYS I 86 -26.85 61.08 15.44
N THR I 87 -26.01 60.31 14.76
CA THR I 87 -24.59 60.27 15.05
C THR I 87 -23.78 60.51 13.79
N THR I 88 -22.65 61.20 13.95
CA THR I 88 -21.72 61.44 12.84
C THR I 88 -20.29 61.27 13.32
N LEU I 89 -19.53 60.40 12.68
CA LEU I 89 -18.15 60.12 13.07
C LEU I 89 -17.19 60.79 12.09
N THR I 90 -16.16 61.44 12.63
CA THR I 90 -15.13 62.07 11.82
C THR I 90 -13.78 61.86 12.49
N ALA I 91 -12.71 62.11 11.74
CA ALA I 91 -11.36 61.92 12.27
C ALA I 91 -10.39 62.90 11.63
N ASP I 92 -9.43 63.35 12.42
CA ASP I 92 -8.34 64.21 11.96
C ASP I 92 -7.04 63.47 12.19
N LYS I 93 -6.38 63.08 11.09
CA LYS I 93 -5.12 62.35 11.20
C LYS I 93 -3.96 63.28 11.58
N SER I 94 -4.08 64.58 11.27
CA SER I 94 -3.00 65.50 11.55
C SER I 94 -2.71 65.60 13.05
N SER I 95 -3.77 65.68 13.86
CA SER I 95 -3.63 65.71 15.31
C SER I 95 -3.86 64.35 15.95
N SER I 96 -4.13 63.32 15.14
CA SER I 96 -4.40 61.96 15.61
C SER I 96 -5.55 61.96 16.62
N THR I 97 -6.73 62.35 16.13
CA THR I 97 -7.90 62.50 16.99
C THR I 97 -9.14 62.04 16.24
N ALA I 98 -10.10 61.48 16.98
CA ALA I 98 -11.39 61.11 16.44
C ALA I 98 -12.49 61.93 17.12
N TYR I 99 -13.62 62.08 16.45
CA TYR I 99 -14.73 62.85 16.97
C TYR I 99 -16.06 62.17 16.65
N MET I 100 -16.96 62.22 17.62
CA MET I 100 -18.35 61.81 17.45
C MET I 100 -19.25 62.99 17.70
N GLN I 101 -20.18 63.23 16.78
CA GLN I 101 -21.17 64.29 16.93
C GLN I 101 -22.52 63.65 17.18
N LEU I 102 -23.15 64.01 18.29
CA LEU I 102 -24.50 63.58 18.61
C LEU I 102 -25.46 64.74 18.38
N ASN I 103 -26.49 64.49 17.58
CA ASN I 103 -27.44 65.51 17.20
C ASN I 103 -28.85 65.12 17.65
N SER I 104 -29.65 66.14 17.96
CA SER I 104 -31.02 65.97 18.43
C SER I 104 -31.07 65.09 19.68
N LEU I 105 -30.44 65.59 20.74
CA LEU I 105 -30.30 64.82 21.96
C LEU I 105 -31.64 64.64 22.66
N THR I 106 -31.81 63.47 23.28
CA THR I 106 -32.97 63.17 24.12
C THR I 106 -32.47 62.64 25.45
N SER I 107 -33.41 62.45 26.38
CA SER I 107 -33.04 61.96 27.71
C SER I 107 -32.41 60.57 27.63
N GLU I 108 -32.74 59.79 26.62
CA GLU I 108 -32.16 58.46 26.47
C GLU I 108 -30.67 58.54 26.15
N ASP I 109 -30.21 59.66 25.58
CA ASP I 109 -28.83 59.76 25.15
C ASP I 109 -27.87 59.94 26.32
N SER I 110 -28.36 60.29 27.51
CA SER I 110 -27.49 60.46 28.66
C SER I 110 -26.82 59.14 29.02
N ALA I 111 -25.51 59.04 28.79
CA ALA I 111 -24.80 57.78 28.97
C ALA I 111 -23.30 58.05 28.88
N VAL I 112 -22.51 57.02 29.14
CA VAL I 112 -21.06 57.08 29.04
C VAL I 112 -20.67 56.54 27.68
N TYR I 113 -19.90 57.33 26.93
CA TYR I 113 -19.39 56.92 25.63
C TYR I 113 -17.91 56.62 25.73
N TYR I 114 -17.50 55.53 25.07
CA TYR I 114 -16.13 55.07 25.05
C TYR I 114 -15.63 55.05 23.61
N CYS I 115 -14.38 55.45 23.43
CA CYS I 115 -13.68 55.34 22.16
C CYS I 115 -12.66 54.22 22.26
N ALA I 116 -12.68 53.32 21.29
CA ALA I 116 -11.86 52.12 21.34
C ALA I 116 -11.11 51.93 20.03
N ARG I 117 -9.95 51.30 20.14
CA ARG I 117 -9.11 50.96 19.01
C ARG I 117 -9.25 49.49 18.68
N GLU I 118 -9.26 49.20 17.37
CA GLU I 118 -9.34 47.84 16.88
C GLU I 118 -8.10 47.06 17.27
N GLY I 119 -8.30 45.78 17.58
CA GLY I 119 -7.19 44.91 17.92
C GLY I 119 -7.64 43.49 18.22
N HIS I 120 -6.79 42.52 17.89
CA HIS I 120 -7.05 41.11 18.16
C HIS I 120 -8.36 40.63 17.52
N ARG I 121 -8.67 41.18 16.33
CA ARG I 121 -9.88 40.83 15.58
C ARG I 121 -11.13 41.24 16.33
N VAL I 122 -10.98 41.97 17.43
CA VAL I 122 -12.10 42.55 18.15
C VAL I 122 -12.33 43.96 17.62
N GLY I 123 -13.59 44.35 17.46
CA GLY I 123 -13.90 45.68 17.02
C GLY I 123 -13.46 46.73 18.03
N PRO I 124 -14.16 46.78 19.16
CA PRO I 124 -13.72 47.67 20.24
C PRO I 124 -12.74 46.99 21.19
N ALA I 125 -11.47 46.91 20.80
CA ALA I 125 -10.51 46.15 21.60
C ALA I 125 -9.97 46.99 22.75
N TYR I 126 -9.30 48.10 22.47
CA TYR I 126 -8.62 48.89 23.49
C TYR I 126 -9.42 50.16 23.77
N TRP I 127 -10.02 50.22 24.95
CA TRP I 127 -10.93 51.30 25.31
C TRP I 127 -10.19 52.43 26.00
N GLY I 128 -10.69 53.66 25.83
CA GLY I 128 -10.11 54.83 26.47
C GLY I 128 -11.08 55.42 27.48
N GLN I 129 -10.68 55.39 28.75
CA GLN I 129 -11.45 55.82 29.90
C GLN I 129 -12.97 55.83 29.67
N GLY I 130 -13.58 57.00 29.53
CA GLY I 130 -15.00 57.10 29.23
C GLY I 130 -15.51 58.49 29.55
N THR I 131 -16.34 59.06 28.68
CA THR I 131 -16.84 60.41 28.87
C THR I 131 -18.35 60.37 29.00
N LEU I 132 -18.89 61.07 30.00
CA LEU I 132 -20.30 61.01 30.33
C LEU I 132 -21.01 62.20 29.69
N VAL I 133 -22.05 61.92 28.91
CA VAL I 133 -22.89 62.95 28.32
C VAL I 133 -24.23 62.93 29.05
N THR I 134 -24.60 64.06 29.63
CA THR I 134 -25.83 64.18 30.41
C THR I 134 -26.78 65.12 29.68
N VAL I 135 -27.92 64.58 29.25
CA VAL I 135 -28.91 65.35 28.50
C VAL I 135 -30.04 65.74 29.45
N SER I 136 -30.19 67.05 29.67
CA SER I 136 -31.21 67.57 30.56
C SER I 136 -31.36 69.07 30.40
N ALA I 137 -32.59 69.57 30.48
CA ALA I 137 -32.85 71.01 30.41
C ALA I 137 -32.72 71.70 31.76
N ALA I 138 -32.39 70.94 32.81
CA ALA I 138 -32.29 71.50 34.15
C ALA I 138 -31.03 72.36 34.27
N SER I 139 -30.95 73.07 35.39
CA SER I 139 -29.85 73.97 35.68
C SER I 139 -29.25 73.64 37.04
N THR I 140 -28.04 74.16 37.27
CA THR I 140 -27.34 73.89 38.53
C THR I 140 -28.14 74.45 39.70
N LYS I 141 -28.31 73.60 40.73
CA LYS I 141 -29.04 73.99 41.94
C LYS I 141 -28.32 73.44 43.14
N GLY I 142 -28.18 74.27 44.19
CA GLY I 142 -27.49 73.88 45.38
C GLY I 142 -28.23 72.81 46.16
N PRO I 143 -27.48 71.87 46.75
CA PRO I 143 -28.10 70.82 47.56
C PRO I 143 -28.63 71.36 48.89
N SER I 144 -29.66 70.70 49.40
CA SER I 144 -30.15 70.95 50.74
C SER I 144 -29.89 69.72 51.62
N VAL I 145 -29.22 69.93 52.74
CA VAL I 145 -28.82 68.87 53.65
C VAL I 145 -29.71 68.93 54.88
N PHE I 146 -30.39 67.82 55.17
CA PHE I 146 -31.42 67.74 56.19
C PHE I 146 -31.02 66.66 57.19
N PRO I 147 -30.97 66.95 58.49
CA PRO I 147 -30.46 65.96 59.45
C PRO I 147 -31.46 64.84 59.71
N LEU I 148 -31.04 63.61 59.44
CA LEU I 148 -31.79 62.41 59.82
C LEU I 148 -31.26 62.02 61.21
N ALA I 149 -31.94 62.52 62.24
CA ALA I 149 -31.44 62.38 63.60
C ALA I 149 -31.70 60.97 64.12
N PRO I 150 -30.92 60.50 65.09
CA PRO I 150 -31.18 59.18 65.67
C PRO I 150 -32.55 59.12 66.32
N SER I 151 -33.19 57.95 66.21
CA SER I 151 -34.48 57.75 66.86
C SER I 151 -34.30 57.69 68.37
N SER I 152 -35.24 58.27 69.10
CA SER I 152 -35.19 58.29 70.55
C SER I 152 -35.51 56.91 71.14
N GLY I 158 -27.00 49.90 72.63
CA GLY I 158 -26.04 49.25 71.74
C GLY I 158 -25.52 50.17 70.66
N THR I 159 -26.03 50.01 69.45
CA THR I 159 -25.63 50.82 68.30
C THR I 159 -26.86 51.50 67.71
N ALA I 160 -26.77 52.82 67.53
CA ALA I 160 -27.82 53.59 66.90
C ALA I 160 -27.37 54.05 65.52
N ALA I 161 -28.31 54.57 64.74
CA ALA I 161 -28.04 55.04 63.39
C ALA I 161 -28.45 56.49 63.25
N LEU I 162 -27.72 57.22 62.41
CA LEU I 162 -28.01 58.63 62.15
C LEU I 162 -27.49 58.98 60.77
N GLY I 163 -27.70 60.22 60.36
CA GLY I 163 -27.12 60.68 59.12
C GLY I 163 -27.73 61.98 58.66
N CYS I 164 -27.58 62.24 57.37
CA CYS I 164 -28.21 63.39 56.74
C CYS I 164 -28.58 63.07 55.29
N LEU I 165 -29.67 63.68 54.84
CA LEU I 165 -30.22 63.47 53.51
C LEU I 165 -29.93 64.71 52.66
N VAL I 166 -29.38 64.49 51.48
CA VAL I 166 -29.09 65.56 50.53
C VAL I 166 -30.14 65.52 49.44
N LYS I 167 -30.81 66.65 49.19
CA LYS I 167 -31.93 66.71 48.28
C LYS I 167 -31.79 67.89 47.33
N ASP I 168 -32.28 67.68 46.10
CA ASP I 168 -32.44 68.74 45.11
C ASP I 168 -31.11 69.42 44.78
N TYR I 169 -30.19 68.65 44.19
CA TYR I 169 -28.93 69.19 43.69
C TYR I 169 -28.69 68.72 42.26
N PHE I 170 -28.06 69.58 41.47
CA PHE I 170 -27.75 69.28 40.08
C PHE I 170 -26.43 69.94 39.71
N PRO I 171 -25.50 69.20 39.09
CA PRO I 171 -25.53 67.77 38.83
C PRO I 171 -24.64 66.96 39.76
N GLU I 172 -24.50 65.67 39.47
CA GLU I 172 -23.54 64.85 40.19
C GLU I 172 -22.12 65.32 39.88
N PRO I 173 -21.14 65.06 40.76
CA PRO I 173 -21.24 64.40 42.06
C PRO I 173 -21.18 65.37 43.24
N VAL I 174 -21.43 64.85 44.44
CA VAL I 174 -21.26 65.59 45.68
C VAL I 174 -20.41 64.74 46.63
N THR I 175 -19.48 65.38 47.33
CA THR I 175 -18.59 64.70 48.27
C THR I 175 -19.19 64.82 49.66
N VAL I 176 -19.42 63.67 50.30
CA VAL I 176 -20.01 63.61 51.63
C VAL I 176 -19.02 62.93 52.56
N SER I 177 -18.72 63.60 53.68
CA SER I 177 -17.83 63.04 54.69
C SER I 177 -18.41 63.22 56.08
N TRP I 178 -17.80 62.60 57.08
CA TRP I 178 -18.27 62.72 58.46
C TRP I 178 -17.14 63.27 59.32
N ASN I 179 -17.38 64.45 59.90
CA ASN I 179 -16.42 65.11 60.80
C ASN I 179 -15.05 65.24 60.15
N SER I 180 -15.07 65.62 58.87
CA SER I 180 -13.85 65.80 58.07
C SER I 180 -12.99 64.54 58.09
N GLY I 181 -13.65 63.40 57.85
CA GLY I 181 -12.96 62.12 57.77
C GLY I 181 -12.69 61.44 59.09
N ALA I 182 -13.09 62.05 60.21
CA ALA I 182 -12.87 61.44 61.52
C ALA I 182 -13.79 60.27 61.79
N LEU I 183 -14.91 60.15 61.07
CA LEU I 183 -15.87 59.06 61.24
C LEU I 183 -16.03 58.39 59.88
N THR I 184 -15.31 57.29 59.68
CA THR I 184 -15.31 56.59 58.39
C THR I 184 -15.87 55.19 58.48
N SER I 185 -15.59 54.46 59.55
CA SER I 185 -16.09 53.09 59.68
C SER I 185 -17.61 53.09 59.82
N GLY I 186 -18.27 52.20 59.08
CA GLY I 186 -19.71 52.10 59.14
C GLY I 186 -20.46 53.21 58.44
N VAL I 187 -19.80 53.97 57.59
CA VAL I 187 -20.43 55.07 56.87
C VAL I 187 -20.88 54.58 55.50
N HIS I 188 -22.16 54.78 55.20
CA HIS I 188 -22.73 54.39 53.91
C HIS I 188 -23.36 55.62 53.27
N THR I 189 -22.76 56.10 52.20
CA THR I 189 -23.29 57.21 51.41
C THR I 189 -23.91 56.61 50.15
N PHE I 190 -25.23 56.47 50.15
CA PHE I 190 -25.88 55.71 49.08
C PHE I 190 -25.88 56.53 47.79
N PRO I 191 -25.71 55.90 46.63
CA PRO I 191 -25.71 56.65 45.37
C PRO I 191 -27.04 57.35 45.15
N ALA I 192 -26.95 58.57 44.61
CA ALA I 192 -28.15 59.36 44.39
C ALA I 192 -29.00 58.76 43.27
N VAL I 193 -30.29 59.04 43.33
CA VAL I 193 -31.23 58.61 42.30
C VAL I 193 -31.84 59.85 41.66
N LEU I 194 -32.08 59.78 40.36
CA LEU I 194 -32.65 60.89 39.61
C LEU I 194 -34.16 60.91 39.84
N GLN I 195 -34.65 61.99 40.44
CA GLN I 195 -36.06 62.13 40.74
C GLN I 195 -36.83 62.59 39.52
N SER I 196 -38.16 62.46 39.60
CA SER I 196 -39.01 62.92 38.52
C SER I 196 -38.92 64.43 38.30
N SER I 197 -38.57 65.18 39.35
CA SER I 197 -38.42 66.63 39.23
C SER I 197 -37.19 67.03 38.43
N GLY I 198 -36.27 66.10 38.18
CA GLY I 198 -35.07 66.39 37.43
C GLY I 198 -33.81 66.60 38.25
N LEU I 199 -33.89 66.45 39.57
CA LEU I 199 -32.75 66.64 40.45
C LEU I 199 -32.35 65.30 41.06
N TYR I 200 -31.37 65.34 41.96
CA TYR I 200 -30.81 64.13 42.57
C TYR I 200 -30.95 64.21 44.09
N SER I 201 -31.26 63.07 44.70
CA SER I 201 -31.39 62.96 46.15
C SER I 201 -30.66 61.71 46.62
N LEU I 202 -29.90 61.84 47.70
CA LEU I 202 -29.18 60.72 48.29
C LEU I 202 -29.21 60.85 49.81
N SER I 203 -28.68 59.82 50.48
CA SER I 203 -28.63 59.81 51.94
C SER I 203 -27.28 59.28 52.40
N SER I 204 -26.70 59.93 53.40
CA SER I 204 -25.48 59.47 54.05
C SER I 204 -25.83 59.06 55.46
N VAL I 205 -25.54 57.80 55.80
CA VAL I 205 -25.90 57.25 57.11
C VAL I 205 -24.64 56.70 57.77
N VAL I 206 -24.69 56.60 59.09
CA VAL I 206 -23.60 56.07 59.89
C VAL I 206 -24.16 55.49 61.17
N THR I 207 -23.59 54.37 61.60
CA THR I 207 -23.95 53.71 62.84
C THR I 207 -22.91 54.05 63.90
N VAL I 208 -23.38 54.51 65.06
CA VAL I 208 -22.50 54.96 66.14
C VAL I 208 -22.89 54.27 67.43
N PRO I 209 -21.97 54.12 68.39
CA PRO I 209 -22.33 53.54 69.68
C PRO I 209 -23.40 54.34 70.41
N SER I 210 -24.28 53.66 71.15
CA SER I 210 -25.32 54.35 71.90
C SER I 210 -24.72 55.20 73.02
N SER I 211 -23.50 54.87 73.46
CA SER I 211 -22.85 55.68 74.50
C SER I 211 -22.53 57.08 74.02
N SER I 212 -22.09 57.23 72.77
CA SER I 212 -21.74 58.53 72.22
C SER I 212 -22.95 59.34 71.80
N LEU I 213 -24.16 58.95 72.19
CA LEU I 213 -25.36 59.69 71.80
C LEU I 213 -25.32 61.12 72.33
N GLY I 214 -25.05 61.30 73.61
CA GLY I 214 -25.07 62.62 74.21
C GLY I 214 -23.75 63.35 74.22
N THR I 215 -22.65 62.63 73.99
CA THR I 215 -21.31 63.20 74.14
C THR I 215 -20.70 63.60 72.80
N GLN I 216 -20.54 62.63 71.89
CA GLN I 216 -19.82 62.86 70.65
C GLN I 216 -20.65 63.70 69.70
N THR I 217 -20.04 64.72 69.11
CA THR I 217 -20.73 65.56 68.15
C THR I 217 -20.48 65.04 66.74
N TYR I 218 -21.56 64.85 65.97
CA TYR I 218 -21.49 64.32 64.62
C TYR I 218 -21.94 65.39 63.64
N ILE I 219 -21.11 65.65 62.63
CA ILE I 219 -21.40 66.61 61.58
C ILE I 219 -21.09 65.97 60.24
N CYS I 220 -22.04 66.06 59.30
CA CYS I 220 -21.81 65.59 57.95
C CYS I 220 -21.47 66.78 57.05
N ASN I 221 -20.42 66.62 56.27
CA ASN I 221 -19.90 67.67 55.41
C ASN I 221 -20.27 67.33 53.97
N VAL I 222 -21.01 68.21 53.31
CA VAL I 222 -21.49 67.99 51.96
C VAL I 222 -20.92 69.10 51.08
N ASN I 223 -20.23 68.69 50.02
CA ASN I 223 -19.53 69.61 49.13
C ASN I 223 -20.03 69.37 47.71
N HIS I 224 -20.58 70.40 47.10
CA HIS I 224 -21.09 70.33 45.73
C HIS I 224 -20.33 71.36 44.89
N LYS I 225 -19.32 70.89 44.17
CA LYS I 225 -18.43 71.76 43.41
C LYS I 225 -19.14 72.51 42.29
N PRO I 226 -19.99 71.87 41.47
CA PRO I 226 -20.68 72.63 40.41
C PRO I 226 -21.48 73.82 40.92
N SER I 227 -22.16 73.68 42.06
CA SER I 227 -22.88 74.79 42.66
C SER I 227 -22.05 75.51 43.72
N ASN I 228 -20.84 75.03 44.02
CA ASN I 228 -19.98 75.62 45.03
C ASN I 228 -20.70 75.76 46.37
N THR I 229 -21.41 74.70 46.75
CA THR I 229 -22.18 74.67 47.99
C THR I 229 -21.44 73.80 48.99
N LYS I 230 -20.88 74.43 50.02
CA LYS I 230 -20.15 73.74 51.08
C LYS I 230 -20.97 73.88 52.36
N VAL I 231 -21.64 72.80 52.76
CA VAL I 231 -22.57 72.83 53.88
C VAL I 231 -22.14 71.80 54.92
N ASP I 232 -22.04 72.25 56.17
CA ASP I 232 -21.60 71.41 57.28
C ASP I 232 -22.78 71.31 58.25
N LYS I 233 -23.45 70.16 58.26
CA LYS I 233 -24.68 70.00 59.00
C LYS I 233 -24.44 69.17 60.26
N LYS I 234 -24.81 69.73 61.41
CA LYS I 234 -24.66 69.06 62.69
C LYS I 234 -25.89 68.20 62.97
N VAL I 235 -25.68 66.91 63.17
CA VAL I 235 -26.77 65.99 63.48
C VAL I 235 -26.75 65.70 64.98
N GLU I 236 -27.88 65.95 65.64
CA GLU I 236 -27.99 65.72 67.07
C GLU I 236 -29.23 64.89 67.37
N PRO I 237 -29.20 64.09 68.44
CA PRO I 237 -30.37 63.29 68.86
C PRO I 237 -31.33 64.10 69.72
C1 NAG J . -1.56 -23.02 -99.25
C2 NAG J . -2.69 -22.00 -99.29
C3 NAG J . -4.02 -22.70 -99.59
C4 NAG J . -3.91 -23.56 -100.84
C5 NAG J . -2.72 -24.51 -100.72
C6 NAG J . -2.47 -25.31 -101.97
C7 NAG J . -3.29 -20.05 -97.93
C8 NAG J . -3.29 -19.44 -96.56
N2 NAG J . -2.77 -21.28 -98.04
O3 NAG J . -5.04 -21.71 -99.76
O4 NAG J . -5.09 -24.35 -101.02
O5 NAG J . -1.53 -23.75 -100.47
O6 NAG J . -1.13 -25.18 -102.41
O7 NAG J . -3.74 -19.44 -98.90
C1 NAG J . -5.96 -23.71 -101.96
C2 NAG J . -6.49 -24.73 -102.96
C3 NAG J . -7.47 -24.08 -103.92
C4 NAG J . -8.57 -23.37 -103.15
C5 NAG J . -7.97 -22.41 -102.13
C6 NAG J . -9.01 -21.78 -101.22
C7 NAG J . -5.24 -26.68 -103.78
C8 NAG J . -4.08 -27.15 -104.60
N2 NAG J . -5.40 -25.36 -103.70
O3 NAG J . -8.03 -25.06 -104.78
O4 NAG J . -9.41 -22.64 -104.04
O5 NAG J . -7.05 -23.10 -101.27
O6 NAG J . -9.15 -22.51 -100.01
O7 NAG J . -6.02 -27.47 -103.24
C1 NAG K . 15.76 -13.98 -95.53
C2 NAG K . 16.32 -12.87 -96.40
C3 NAG K . 16.68 -13.41 -97.78
C4 NAG K . 17.59 -14.63 -97.68
C5 NAG K . 16.98 -15.65 -96.72
C6 NAG K . 17.90 -16.83 -96.45
C7 NAG K . 15.41 -10.68 -95.75
C8 NAG K . 14.35 -9.66 -96.01
N2 NAG K . 15.37 -11.78 -96.52
O3 NAG K . 17.33 -12.39 -98.55
O4 NAG K . 17.75 -15.22 -98.96
O5 NAG K . 16.71 -15.05 -95.45
O6 NAG K . 19.14 -16.42 -95.92
O7 NAG K . 16.27 -10.54 -94.88
C1 NAG K . 19.14 -15.28 -99.32
C2 NAG K . 19.22 -15.63 -100.81
C3 NAG K . 20.67 -15.65 -101.31
C4 NAG K . 21.39 -14.38 -100.91
C5 NAG K . 21.23 -14.10 -99.42
C6 NAG K . 21.83 -12.80 -98.97
C7 NAG K . 18.69 -18.11 -100.76
C8 NAG K . 19.82 -18.36 -99.79
N2 NAG K . 18.49 -16.84 -101.17
O3 NAG K . 20.70 -15.81 -102.72
O4 NAG K . 22.77 -14.47 -101.22
O5 NAG K . 19.84 -14.04 -99.08
O6 NAG K . 22.87 -13.00 -98.02
O7 NAG K . 17.98 -19.03 -101.16
C1 NAG L . 41.42 -13.40 -62.71
C2 NAG L . 42.76 -13.92 -63.19
C3 NAG L . 43.88 -13.35 -62.33
C4 NAG L . 43.79 -11.83 -62.22
C5 NAG L . 42.38 -11.41 -61.83
C6 NAG L . 42.17 -9.91 -61.91
C7 NAG L . 43.47 -16.10 -64.07
C8 NAG L . 43.39 -17.59 -63.91
N2 NAG L . 42.79 -15.37 -63.18
O3 NAG L . 45.14 -13.73 -62.89
O4 NAG L . 44.69 -11.40 -61.21
O5 NAG L . 41.42 -11.99 -62.73
O6 NAG L . 42.85 -9.34 -63.01
O7 NAG L . 44.13 -15.58 -64.97
C1 NAG L . 45.66 -10.46 -61.70
C2 NAG L . 46.21 -9.68 -60.51
C3 NAG L . 47.30 -8.70 -60.96
C4 NAG L . 48.37 -9.44 -61.76
C5 NAG L . 47.73 -10.21 -62.90
C6 NAG L . 48.73 -11.06 -63.67
C7 NAG L . 44.41 -7.99 -60.32
C8 NAG L . 43.37 -7.41 -59.39
N2 NAG L . 45.16 -8.98 -59.79
O3 NAG L . 47.89 -8.09 -59.82
O4 NAG L . 49.31 -8.51 -62.28
O5 NAG L . 46.74 -11.12 -62.40
O6 NAG L . 48.21 -12.35 -63.94
O7 NAG L . 44.57 -7.59 -61.46
C1 NAG M . 26.36 -9.75 -78.24
C2 NAG M . 27.11 -9.37 -79.52
C3 NAG M . 28.59 -9.14 -79.21
C4 NAG M . 28.76 -8.16 -78.05
C5 NAG M . 27.94 -8.61 -76.85
C6 NAG M . 27.97 -7.63 -75.71
C7 NAG M . 26.24 -10.21 -81.65
C8 NAG M . 26.18 -11.36 -82.59
N2 NAG M . 26.96 -10.38 -80.53
O3 NAG M . 29.23 -8.64 -80.38
O4 NAG M . 30.13 -8.07 -77.69
O5 NAG M . 26.57 -8.76 -77.23
O6 NAG M . 28.35 -8.26 -74.49
O7 NAG M . 25.65 -9.15 -81.88
C1 NAG M . 30.60 -6.73 -77.93
C2 NAG M . 32.05 -6.63 -77.47
C3 NAG M . 32.60 -5.24 -77.75
C4 NAG M . 32.42 -4.88 -79.21
C5 NAG M . 30.96 -5.05 -79.62
C6 NAG M . 30.73 -4.84 -81.10
C7 NAG M . 32.57 -8.16 -75.61
C8 NAG M . 32.63 -8.32 -74.13
N2 NAG M . 32.16 -6.96 -76.05
O3 NAG M . 33.98 -5.20 -77.40
O4 NAG M . 32.82 -3.53 -79.43
O5 NAG M . 30.52 -6.39 -79.32
O6 NAG M . 29.83 -3.76 -81.34
O7 NAG M . 32.88 -9.06 -76.38
C1 NAG N . -4.36 -11.87 -87.83
C2 NAG N . -5.50 -12.64 -88.51
C3 NAG N . -5.72 -12.13 -89.94
C4 NAG N . -5.88 -10.61 -89.95
C5 NAG N . -4.74 -9.94 -89.19
C6 NAG N . -4.91 -8.45 -89.04
C7 NAG N . -4.38 -14.88 -88.99
C8 NAG N . -3.27 -14.19 -89.74
N2 NAG N . -5.35 -14.10 -88.46
O3 NAG N . -6.87 -12.75 -90.49
O4 NAG N . -5.85 -10.13 -91.29
O5 NAG N . -4.65 -10.48 -87.85
O6 NAG N . -5.67 -8.12 -87.88
O7 NAG N . -4.40 -16.08 -88.85
C1 NAG N . -7.20 -9.89 -91.76
C2 NAG N . -7.21 -8.60 -92.59
C3 NAG N . -8.60 -8.37 -93.18
C4 NAG N . -9.06 -9.60 -93.95
C5 NAG N . -8.98 -10.83 -93.07
C6 NAG N . -9.30 -12.11 -93.81
C7 NAG N . -5.76 -6.68 -92.11
C8 NAG N . -5.47 -5.54 -91.18
N2 NAG N . -6.80 -7.46 -91.79
O3 NAG N . -8.57 -7.23 -94.03
O4 NAG N . -10.40 -9.42 -94.40
O5 NAG N . -7.64 -10.98 -92.57
O6 NAG N . -8.13 -12.88 -94.07
O7 NAG N . -5.07 -6.90 -93.11
C1 NAG O . 11.74 36.79 -5.99
C2 NAG O . 10.94 36.39 -4.77
C3 NAG O . 9.62 37.17 -4.74
C4 NAG O . 9.87 38.67 -4.96
C5 NAG O . 10.85 38.92 -6.11
C6 NAG O . 11.26 40.36 -6.25
C7 NAG O . 10.47 34.29 -3.59
C8 NAG O . 10.24 32.82 -3.72
N2 NAG O . 10.69 34.95 -4.72
O3 NAG O . 8.98 36.96 -3.50
O4 NAG O . 8.72 39.40 -5.37
O5 NAG O . 12.05 38.15 -5.93
O6 NAG O . 10.69 41.17 -5.22
O7 NAG O . 10.45 34.85 -2.50
C1 NAG O . 7.37 39.13 -4.99
C2 NAG O . 6.75 40.52 -4.86
C3 NAG O . 5.26 40.42 -4.58
C4 NAG O . 4.59 39.58 -5.67
C5 NAG O . 5.26 38.22 -5.72
C6 NAG O . 4.71 37.35 -6.84
C7 NAG O . 8.24 42.31 -4.08
C8 NAG O . 8.82 43.00 -2.89
N2 NAG O . 7.41 41.29 -3.82
O3 NAG O . 4.70 41.73 -4.57
O4 NAG O . 3.20 39.44 -5.40
O5 NAG O . 6.66 38.38 -5.97
O6 NAG O . 3.66 38.01 -7.54
O7 NAG O . 8.51 42.64 -5.23
C1 NAG P . -28.80 26.66 10.98
C2 NAG P . -29.83 27.58 11.61
C3 NAG P . -30.85 28.04 10.57
C4 NAG P . -30.14 28.64 9.37
C5 NAG P . -29.10 27.67 8.83
C6 NAG P . -28.27 28.23 7.70
C7 NAG P . -30.09 27.03 13.99
C8 NAG P . -30.89 26.29 15.01
N2 NAG P . -30.51 26.93 12.73
O3 NAG P . -31.74 28.97 11.17
O4 NAG P . -31.06 28.94 8.33
O5 NAG P . -28.18 27.31 9.88
O6 NAG P . -26.89 27.93 7.86
O7 NAG P . -29.11 27.69 14.30
C1 NAG P . -31.49 30.32 8.42
C2 NAG P . -31.13 31.06 7.13
C3 NAG P . -31.66 32.50 7.19
C4 NAG P . -33.15 32.51 7.51
C5 NAG P . -33.42 31.71 8.77
C6 NAG P . -34.90 31.58 9.08
C7 NAG P . -29.15 31.11 5.68
C8 NAG P . -27.66 31.09 5.62
N2 NAG P . -29.71 31.06 6.90
O3 NAG P . -31.42 33.15 5.95
O4 NAG P . -33.59 33.85 7.70
O5 NAG P . -32.91 30.37 8.63
O6 NAG P . -35.53 30.67 8.19
O7 NAG P . -29.85 31.16 4.66
C1 NAG Q . 7.69 -63.14 -79.65
C2 NAG Q . 7.32 -64.20 -78.63
C3 NAG Q . 8.51 -65.13 -78.38
C4 NAG Q . 9.05 -65.69 -79.68
C5 NAG Q . 9.35 -64.56 -80.65
C6 NAG Q . 9.77 -65.03 -82.02
C7 NAG Q . 6.04 -64.19 -76.53
C8 NAG Q . 5.70 -63.41 -75.30
N2 NAG Q . 6.88 -63.59 -77.38
O3 NAG Q . 8.10 -66.19 -77.52
O4 NAG Q . 10.26 -66.42 -79.47
O5 NAG Q . 8.17 -63.76 -80.84
O6 NAG Q . 8.94 -64.49 -83.04
O7 NAG Q . 5.57 -65.30 -76.75
C1 NAG Q . 9.95 -67.82 -79.38
C2 NAG Q . 10.93 -68.63 -80.22
C3 NAG Q . 10.65 -70.11 -80.08
C4 NAG Q . 10.65 -70.51 -78.61
C5 NAG Q . 9.69 -69.63 -77.82
C6 NAG Q . 9.75 -69.88 -76.32
C7 NAG Q . 11.96 -67.86 -82.32
C8 NAG Q . 11.73 -67.49 -83.75
N2 NAG Q . 10.88 -68.23 -81.62
O3 NAG Q . 11.64 -70.86 -80.79
O4 NAG Q . 10.24 -71.87 -78.49
O5 NAG Q . 10.02 -68.25 -78.02
O6 NAG Q . 10.58 -68.93 -75.68
O7 NAG Q . 13.08 -67.82 -81.81
C1 NAG R . -7.68 -51.06 -83.10
C2 NAG R . -9.04 -51.54 -83.59
C3 NAG R . -8.93 -52.12 -85.01
C4 NAG R . -8.25 -51.11 -85.93
C5 NAG R . -6.93 -50.65 -85.34
C6 NAG R . -6.26 -49.56 -86.15
C7 NAG R . -10.52 -52.24 -81.77
C8 NAG R . -10.98 -53.39 -80.91
N2 NAG R . -9.59 -52.54 -82.68
O3 NAG R . -10.23 -52.42 -85.49
O4 NAG R . -8.00 -51.75 -87.18
O5 NAG R . -7.15 -50.11 -84.02
O6 NAG R . -7.11 -48.43 -86.30
O7 NAG R . -10.97 -51.10 -81.63
C1 NAG R . -8.63 -51.03 -88.25
C2 NAG R . -8.57 -51.90 -89.51
C3 NAG R . -9.29 -51.23 -90.70
C4 NAG R . -10.69 -50.81 -90.28
C5 NAG R . -10.66 -49.97 -89.01
C6 NAG R . -12.03 -49.60 -88.50
C7 NAG R . -6.14 -51.58 -90.19
C8 NAG R . -6.32 -50.08 -90.23
N2 NAG R . -7.22 -52.33 -89.86
O3 NAG R . -9.35 -52.14 -91.79
O4 NAG R . -11.29 -50.05 -91.33
O5 NAG R . -10.01 -50.71 -87.96
O6 NAG R . -12.22 -48.19 -88.50
O7 NAG R . -5.07 -52.09 -90.46
C1 NAG S . -15.75 -11.23 -73.85
C2 NAG S . -16.02 -10.50 -75.16
C3 NAG S . -16.91 -9.29 -74.93
C4 NAG S . -18.16 -9.69 -74.16
C5 NAG S . -17.81 -10.51 -72.92
C6 NAG S . -19.01 -11.09 -72.22
C7 NAG S . -14.55 -10.14 -77.11
C8 NAG S . -13.21 -9.67 -77.57
N2 NAG S . -14.76 -10.09 -75.79
O3 NAG S . -17.28 -8.73 -76.19
O4 NAG S . -18.83 -8.51 -73.74
O5 NAG S . -16.97 -11.61 -73.27
O6 NAG S . -20.00 -11.51 -73.16
O7 NAG S . -15.41 -10.54 -77.89
C1 NAG S . -20.18 -8.41 -74.26
C2 NAG S . -20.96 -7.45 -73.36
C3 NAG S . -22.38 -7.26 -73.90
C4 NAG S . -22.34 -6.85 -75.37
C5 NAG S . -21.52 -7.85 -76.17
C6 NAG S . -21.34 -7.45 -77.62
C7 NAG S . -21.56 -9.03 -71.55
C8 NAG S . -21.47 -9.30 -70.08
N2 NAG S . -20.98 -7.89 -71.98
O3 NAG S . -23.04 -6.26 -73.13
O4 NAG S . -23.67 -6.81 -75.89
O5 NAG S . -20.20 -7.95 -75.61
O6 NAG S . -20.04 -7.71 -78.08
O7 NAG S . -22.13 -9.80 -72.32
C1 NAG T . -14.05 -33.15 -74.93
C2 NAG T . -14.90 -33.58 -76.13
C3 NAG T . -15.73 -32.41 -76.64
C4 NAG T . -16.52 -31.78 -75.50
C5 NAG T . -15.59 -31.42 -74.35
C6 NAG T . -16.32 -30.90 -73.14
C7 NAG T . -14.00 -35.41 -77.51
C8 NAG T . -13.09 -35.77 -78.64
N2 NAG T . -14.06 -34.11 -77.19
O3 NAG T . -16.61 -32.87 -77.65
O4 NAG T . -17.16 -30.60 -75.97
O5 NAG T . -14.88 -32.59 -73.93
O6 NAG T . -15.82 -29.63 -72.74
O7 NAG T . -14.66 -36.25 -76.90
C1 NAG T . -18.59 -30.76 -75.86
C2 NAG T . -19.26 -29.45 -76.30
C3 NAG T . -20.78 -29.59 -76.23
C4 NAG T . -21.24 -30.80 -77.03
C5 NAG T . -20.48 -32.05 -76.58
C6 NAG T . -20.80 -33.27 -77.43
C7 NAG T . -17.92 -27.44 -75.92
C8 NAG T . -17.55 -26.35 -74.94
N2 NAG T . -18.80 -28.34 -75.48
O3 NAG T . -21.38 -28.41 -76.74
O4 NAG T . -22.63 -31.00 -76.85
O5 NAG T . -19.07 -31.85 -76.67
O6 NAG T . -21.17 -34.39 -76.63
O7 NAG T . -17.41 -27.51 -77.03
C1 NAG U . 0.74 -60.09 -65.29
C2 NAG U . 1.84 -61.14 -65.48
C3 NAG U . 1.29 -62.39 -66.17
C4 NAG U . 0.05 -62.90 -65.44
C5 NAG U . -0.96 -61.76 -65.24
C6 NAG U . -2.15 -62.17 -64.40
C7 NAG U . 3.18 -60.11 -67.38
C8 NAG U . 1.95 -60.04 -68.25
N2 NAG U . 3.04 -60.63 -66.14
O3 NAG U . 2.30 -63.40 -66.18
O4 NAG U . -0.58 -63.91 -66.22
O5 NAG U . -0.34 -60.66 -64.56
O6 NAG U . -1.94 -61.87 -63.03
O7 NAG U . 4.27 -59.73 -67.78
C1 NAG U . -0.25 -65.22 -65.70
C2 NAG U . -1.49 -66.11 -65.77
C3 NAG U . -1.15 -67.52 -65.30
C4 NAG U . 0.04 -68.06 -66.09
C5 NAG U . 1.22 -67.10 -65.99
C6 NAG U . 2.39 -67.51 -66.85
C7 NAG U . -3.77 -65.25 -65.51
C8 NAG U . -4.79 -64.71 -64.55
N2 NAG U . -2.58 -65.57 -64.99
O3 NAG U . -2.28 -68.37 -65.49
O4 NAG U . 0.42 -69.33 -65.56
O5 NAG U . 0.81 -65.80 -66.45
O6 NAG U . 2.48 -66.73 -68.03
O7 NAG U . -4.01 -65.41 -66.70
C1 NAG V . -38.51 -5.52 4.18
C2 NAG V . -37.55 -5.18 5.31
C3 NAG V . -37.57 -6.32 6.35
C4 NAG V . -39.00 -6.74 6.70
C5 NAG V . -39.92 -6.77 5.48
C6 NAG V . -41.39 -6.92 5.84
C7 NAG V . -35.34 -4.13 5.42
C8 NAG V . -33.99 -4.00 4.78
N2 NAG V . -36.21 -4.95 4.81
O3 NAG V . -36.89 -5.87 7.51
O4 NAG V . -39.06 -8.09 7.14
O5 NAG V . -39.80 -5.59 4.69
O6 NAG V . -41.63 -6.52 7.18
O7 NAG V . -35.63 -3.54 6.46
C1 NAG V . -38.27 -8.60 8.21
C2 NAG V . -39.23 -9.22 9.22
C3 NAG V . -38.48 -10.00 10.29
C4 NAG V . -37.55 -11.02 9.65
C5 NAG V . -36.61 -10.30 8.69
C6 NAG V . -35.71 -11.23 7.93
C7 NAG V . -41.41 -8.18 9.66
C8 NAG V . -42.13 -7.07 10.37
N2 NAG V . -40.08 -8.21 9.82
O3 NAG V . -39.42 -10.65 11.13
O4 NAG V . -36.81 -11.71 10.64
O5 NAG V . -37.38 -9.58 7.71
O6 NAG V . -36.02 -12.60 8.22
O7 NAG V . -42.00 -8.99 8.96
C1 NAG W . -8.55 -18.98 35.08
C2 NAG W . -8.81 -19.49 36.51
C3 NAG W . -8.86 -21.01 36.51
C4 NAG W . -9.88 -21.51 35.49
C5 NAG W . -9.57 -20.92 34.13
C6 NAG W . -10.58 -21.29 33.07
C7 NAG W . -7.89 -17.85 38.09
C8 NAG W . -6.74 -17.51 38.99
N2 NAG W . -7.79 -19.00 37.42
O3 NAG W . -9.20 -21.44 37.83
O4 NAG W . -9.84 -22.94 35.40
O5 NAG W . -9.56 -19.49 34.21
O6 NAG W . -11.03 -20.15 32.34
O7 NAG W . -8.87 -17.12 37.98
C1 NAG W . -10.83 -23.53 36.26
C2 NAG W . -11.83 -24.35 35.43
C3 NAG W . -12.83 -25.03 36.36
C4 NAG W . -12.11 -25.85 37.42
C5 NAG W . -11.11 -24.98 38.16
C6 NAG W . -10.27 -25.75 39.16
C7 NAG W . -12.98 -23.97 33.30
C8 NAG W . -13.68 -22.98 32.42
N2 NAG W . -12.52 -23.51 34.47
O3 NAG W . -13.68 -25.88 35.59
O4 NAG W . -13.06 -26.38 38.34
O5 NAG W . -10.19 -24.37 37.23
O6 NAG W . -9.48 -26.72 38.51
O7 NAG W . -12.86 -25.15 32.97
C1 NAG X . 41.26 -33.10 -87.04
C2 NAG X . 42.52 -32.41 -86.52
C3 NAG X . 42.84 -31.19 -87.38
C4 NAG X . 42.89 -31.57 -88.86
C5 NAG X . 41.61 -32.28 -89.26
C6 NAG X . 41.63 -32.79 -90.68
C7 NAG X . 43.39 -31.87 -84.29
C8 NAG X . 43.04 -31.47 -82.89
N2 NAG X . 42.36 -32.03 -85.13
O3 NAG X . 44.09 -30.64 -86.96
O4 NAG X . 43.02 -30.41 -89.67
O5 NAG X . 41.42 -33.42 -88.41
O6 NAG X . 41.44 -34.20 -90.72
O7 NAG X . 44.55 -32.04 -84.66
C1 NAG X . 44.40 -30.20 -90.00
C2 NAG X . 44.56 -29.93 -91.51
C3 NAG X . 46.01 -29.65 -91.84
C4 NAG X . 46.54 -28.51 -90.98
C5 NAG X . 46.31 -28.82 -89.51
C6 NAG X . 46.69 -27.67 -88.59
C7 NAG X . 43.18 -30.91 -93.29
C8 NAG X . 42.78 -32.17 -94.01
N2 NAG X . 44.06 -31.06 -92.29
O3 NAG X . 46.12 -29.30 -93.22
O4 NAG X . 47.94 -28.36 -91.20
O5 NAG X . 44.92 -29.09 -89.27
O6 NAG X . 45.57 -26.82 -88.35
O7 NAG X . 42.74 -29.81 -93.61
C1 NAG Y . 37.31 -49.15 -75.90
C2 NAG Y . 38.29 -50.29 -75.69
C3 NAG Y . 38.54 -51.03 -77.00
C4 NAG Y . 37.23 -51.46 -77.64
C5 NAG Y . 36.28 -50.26 -77.76
C6 NAG Y . 34.91 -50.64 -78.26
C7 NAG Y . 39.83 -49.79 -73.84
C8 NAG Y . 41.17 -49.23 -73.45
N2 NAG Y . 39.55 -49.79 -75.14
O3 NAG Y . 39.36 -52.17 -76.76
O4 NAG Y . 37.48 -51.97 -78.94
O5 NAG Y . 36.10 -49.66 -76.46
O6 NAG Y . 34.26 -51.55 -77.38
O7 NAG Y . 39.03 -50.20 -73.01
C1 NAG Y . 37.01 -53.33 -79.05
C2 NAG Y . 37.61 -53.93 -80.33
C3 NAG Y . 37.22 -55.39 -80.50
C4 NAG Y . 37.53 -56.17 -79.22
C5 NAG Y . 36.91 -55.48 -78.01
C6 NAG Y . 37.27 -56.16 -76.71
C7 NAG Y . 36.14 -52.83 -82.10
C8 NAG Y . 34.90 -53.38 -81.44
N2 NAG Y . 37.33 -53.13 -81.54
O3 NAG Y . 37.92 -55.95 -81.60
O4 NAG Y . 37.02 -57.50 -79.33
O5 NAG Y . 37.39 -54.13 -77.92
O6 NAG Y . 36.10 -56.60 -76.02
O7 NAG Y . 36.08 -52.16 -83.12
C1 NAG Z . 7.29 -58.46 -48.54
C2 NAG Z . 6.61 -59.73 -49.05
C3 NAG Z . 6.01 -60.50 -47.88
C4 NAG Z . 7.03 -60.73 -46.78
C5 NAG Z . 7.73 -59.42 -46.41
C6 NAG Z . 8.89 -59.61 -45.46
C7 NAG Z . 5.31 -60.19 -51.08
C8 NAG Z . 4.22 -59.71 -51.99
N2 NAG Z . 5.59 -59.41 -50.03
O3 NAG Z . 5.51 -61.75 -48.35
O4 NAG Z . 6.37 -61.21 -45.62
O5 NAG Z . 8.27 -58.79 -47.58
O6 NAG Z . 9.59 -60.82 -45.73
O7 NAG Z . 5.91 -61.25 -51.28
C1 NAG Z . 6.83 -62.52 -45.21
C2 NAG Z . 6.48 -62.69 -43.73
C3 NAG Z . 6.89 -64.09 -43.24
C4 NAG Z . 6.31 -65.16 -44.15
C5 NAG Z . 6.69 -64.88 -45.60
C6 NAG Z . 6.06 -65.85 -46.57
C7 NAG Z . 8.40 -61.49 -42.73
C8 NAG Z . 8.80 -60.36 -41.83
N2 NAG Z . 7.07 -61.66 -42.90
O3 NAG Z . 6.44 -64.27 -41.91
O4 NAG Z . 6.81 -66.44 -43.77
O5 NAG Z . 6.25 -63.57 -45.98
O6 NAG Z . 5.50 -65.18 -47.70
O7 NAG Z . 9.23 -62.21 -43.28
C1 NAG AA . 25.56 -52.47 -59.20
C2 NAG AA . 26.18 -53.76 -59.75
C3 NAG AA . 25.47 -54.98 -59.17
C4 NAG AA . 25.42 -54.91 -57.65
C5 NAG AA . 24.82 -53.59 -57.21
C6 NAG AA . 24.83 -53.39 -55.71
C7 NAG AA . 27.20 -53.62 -61.97
C8 NAG AA . 26.96 -53.67 -63.45
N2 NAG AA . 26.13 -53.78 -61.20
O3 NAG AA . 26.16 -56.16 -59.58
O4 NAG AA . 24.65 -55.99 -57.14
O5 NAG AA . 25.57 -52.50 -57.78
O6 NAG AA . 23.52 -53.16 -55.20
O7 NAG AA . 28.32 -53.44 -61.50
C1 NAG AA . 25.48 -56.81 -56.29
C2 NAG AA . 24.61 -57.90 -55.68
C3 NAG AA . 25.45 -58.81 -54.80
C4 NAG AA . 26.64 -59.36 -55.58
C5 NAG AA . 27.43 -58.22 -56.23
C6 NAG AA . 28.52 -58.71 -57.14
C7 NAG AA . 22.25 -57.25 -55.38
C8 NAG AA . 21.25 -56.62 -54.46
N2 NAG AA . 23.50 -57.33 -54.91
O3 NAG AA . 24.65 -59.88 -54.32
O4 NAG AA . 27.49 -60.10 -54.72
O5 NAG AA . 26.54 -57.41 -57.03
O6 NAG AA . 29.79 -58.18 -56.75
O7 NAG AA . 21.95 -57.66 -56.49
C1 NAG BA . 43.71 -28.86 -71.65
C2 NAG BA . 44.11 -27.97 -72.82
C3 NAG BA . 45.36 -28.49 -73.52
C4 NAG BA . 46.48 -28.71 -72.50
C5 NAG BA . 45.98 -29.56 -71.33
C6 NAG BA . 47.00 -29.70 -70.22
C7 NAG BA . 42.33 -28.60 -74.53
C8 NAG BA . 42.72 -30.06 -74.44
N2 NAG BA . 43.01 -27.73 -73.77
O3 NAG BA . 45.77 -27.55 -74.51
O4 NAG BA . 47.56 -29.40 -73.11
O5 NAG BA . 44.82 -28.96 -70.74
O6 NAG BA . 46.75 -28.78 -69.17
O7 NAG BA . 41.44 -28.23 -75.28
C1 NAG BA . 48.61 -28.48 -73.46
C2 NAG BA . 49.97 -29.13 -73.17
C3 NAG BA . 51.10 -28.20 -73.60
C4 NAG BA . 50.93 -27.80 -75.06
C5 NAG BA . 49.54 -27.20 -75.28
C6 NAG BA . 49.27 -26.88 -76.72
C7 NAG BA . 50.31 -30.71 -71.32
C8 NAG BA . 50.42 -30.88 -69.84
N2 NAG BA . 50.10 -29.46 -71.76
O3 NAG BA . 52.35 -28.87 -73.43
O4 NAG BA . 51.92 -26.85 -75.42
O5 NAG BA . 48.54 -28.13 -74.85
O6 NAG BA . 48.23 -27.71 -77.25
O7 NAG BA . 50.40 -31.66 -72.09
C1 NAG CA . 23.12 -22.06 22.63
C2 NAG CA . 22.57 -20.69 22.98
C3 NAG CA . 23.73 -19.72 23.22
C4 NAG CA . 24.81 -20.33 24.12
C5 NAG CA . 25.07 -21.82 23.81
C6 NAG CA . 25.91 -22.50 24.87
C7 NAG CA . 20.64 -19.40 22.20
C8 NAG CA . 19.83 -18.97 21.00
N2 NAG CA . 21.69 -20.19 21.94
O3 NAG CA . 23.22 -18.53 23.81
O4 NAG CA . 26.08 -19.74 23.89
O5 NAG CA . 23.85 -22.55 23.70
O6 NAG CA . 25.76 -21.87 26.14
O7 NAG CA . 20.34 -19.07 23.34
C1 NAG CA . 26.26 -18.32 24.00
C2 NAG CA . 27.30 -18.06 25.07
C3 NAG CA . 27.64 -16.56 25.13
C4 NAG CA . 28.04 -16.06 23.75
C5 NAG CA . 26.94 -16.39 22.75
C6 NAG CA . 27.31 -16.02 21.33
C7 NAG CA . 27.49 -19.51 27.04
C8 NAG CA . 26.90 -19.87 28.37
N2 NAG CA . 26.86 -18.53 26.37
O3 NAG CA . 28.70 -16.36 26.05
O4 NAG CA . 28.23 -14.64 23.80
O5 NAG CA . 26.69 -17.80 22.75
O6 NAG CA . 28.70 -15.73 21.22
O7 NAG CA . 28.48 -20.07 26.59
C1 NAG DA . 25.21 23.04 22.30
C2 NAG DA . 25.95 23.97 23.25
C3 NAG DA . 27.33 24.33 22.67
C4 NAG DA . 28.10 23.06 22.31
C5 NAG DA . 27.25 22.18 21.40
C6 NAG DA . 27.90 20.86 21.07
C7 NAG DA . 24.31 25.28 24.52
C8 NAG DA . 23.61 26.59 24.64
N2 NAG DA . 25.20 25.18 23.52
O3 NAG DA . 28.05 25.10 23.63
O4 NAG DA . 29.32 23.38 21.64
O5 NAG DA . 26.00 21.89 22.03
O6 NAG DA . 26.96 19.79 21.17
O7 NAG DA . 24.11 24.36 25.29
C1 NAG DA . 30.40 23.45 22.58
C2 NAG DA . 31.49 22.42 22.21
C3 NAG DA . 32.67 22.54 23.16
C4 NAG DA . 33.18 23.97 23.19
C5 NAG DA . 32.05 24.94 23.53
C6 NAG DA . 32.46 26.39 23.46
C7 NAG DA . 31.40 20.10 21.44
C8 NAG DA . 30.75 18.76 21.60
N2 NAG DA . 30.95 21.07 22.23
O3 NAG DA . 33.71 21.67 22.73
O4 NAG DA . 34.20 24.10 24.18
O5 NAG DA . 30.97 24.76 22.58
O6 NAG DA . 32.82 26.76 22.14
O7 NAG DA . 32.31 20.27 20.64
C1 NAG EA . 1.33 21.62 -63.53
C2 NAG EA . -0.12 21.67 -63.03
C3 NAG EA . -0.74 23.04 -63.29
C4 NAG EA . 0.16 24.13 -62.72
C5 NAG EA . 1.60 23.98 -63.21
C6 NAG EA . 2.56 24.96 -62.58
C7 NAG EA . -1.17 20.50 -64.95
C8 NAG EA . -2.03 19.34 -65.34
N2 NAG EA . -0.93 20.61 -63.63
O3 NAG EA . -2.02 23.11 -62.68
O4 NAG EA . -0.33 25.41 -63.13
O5 NAG EA . 2.08 22.66 -62.89
O6 NAG EA . 2.48 24.93 -61.15
O7 NAG EA . -0.72 21.28 -65.76
C1 NAG FA . -10.37 20.19 -44.18
C2 NAG FA . -10.01 21.02 -45.42
C3 NAG FA . -9.90 20.13 -46.66
C4 NAG FA . -9.26 18.79 -46.29
C5 NAG FA . -10.23 18.02 -45.39
C6 NAG FA . -9.52 17.07 -44.44
C7 NAG FA . -11.15 23.11 -44.83
C8 NAG FA . -12.22 24.09 -45.24
N2 NAG FA . -10.98 22.07 -45.66
O3 NAG FA . -9.09 20.77 -47.64
O4 NAG FA . -9.02 18.03 -47.46
O5 NAG FA . -11.01 18.92 -44.59
O6 NAG FA . -10.39 16.02 -44.01
O7 NAG FA . -10.49 23.26 -43.82
C1 NAG GA . 27.04 11.99 -47.94
C2 NAG GA . 27.72 12.52 -49.23
C3 NAG GA . 29.20 12.10 -49.30
C4 NAG GA . 29.43 10.79 -48.55
C5 NAG GA . 28.20 9.92 -48.65
C6 NAG GA . 28.41 8.53 -48.10
C7 NAG GA . 26.42 12.98 -51.27
C8 NAG GA . 25.73 12.37 -52.45
N2 NAG GA . 27.00 12.12 -50.43
O3 NAG GA . 30.00 13.14 -48.75
O4 NAG GA . 30.54 10.11 -49.12
O5 NAG GA . 27.13 10.51 -47.89
O6 NAG GA . 28.07 7.53 -49.05
O7 NAG GA . 26.47 14.19 -51.08
C1 NAG HA . 19.37 44.25 10.05
C2 NAG HA . 19.48 43.74 11.50
C3 NAG HA . 19.76 44.88 12.46
C4 NAG HA . 20.88 45.75 11.92
C5 NAG HA . 20.39 46.47 10.66
C6 NAG HA . 21.47 46.66 9.61
C7 NAG HA . 18.05 41.73 11.61
C8 NAG HA . 16.75 41.17 12.09
N2 NAG HA . 18.27 43.03 11.89
O3 NAG HA . 20.13 44.36 13.74
O4 NAG HA . 21.28 46.71 12.88
O5 NAG HA . 19.32 45.74 10.04
O6 NAG HA . 22.72 46.15 10.07
O7 NAG HA . 18.88 41.06 11.01
C1 NAG IA . 16.97 39.83 -31.75
C2 NAG IA . 16.69 39.47 -33.22
C3 NAG IA . 15.22 39.70 -33.60
C4 NAG IA . 14.52 40.58 -32.59
C5 NAG IA . 15.44 41.74 -32.21
C6 NAG IA . 14.77 42.76 -31.33
C7 NAG IA . 18.67 39.64 -34.67
C8 NAG IA . 18.96 38.22 -34.31
N2 NAG IA . 17.58 40.19 -34.12
O3 NAG IA . 14.55 38.45 -33.70
O4 NAG IA . 13.32 41.11 -33.14
O5 NAG IA . 16.57 41.24 -31.48
O6 NAG IA . 13.93 42.15 -30.36
O7 NAG IA . 19.40 40.29 -35.43
C1 NAG JA . 42.82 13.45 -26.63
C2 NAG JA . 43.09 14.54 -27.70
C3 NAG JA . 44.28 14.14 -28.56
C4 NAG JA . 45.49 13.83 -27.70
C5 NAG JA . 45.13 12.74 -26.68
C6 NAG JA . 46.26 12.43 -25.73
C7 NAG JA . 41.35 13.85 -29.33
C8 NAG JA . 40.15 14.31 -30.10
N2 NAG JA . 41.91 14.78 -28.53
O3 NAG JA . 44.60 15.22 -29.44
O4 NAG JA . 46.56 13.36 -28.51
O5 NAG JA . 44.02 13.20 -25.89
O6 NAG JA . 45.85 12.62 -24.38
O7 NAG JA . 41.79 12.71 -29.43
C1 NAG KA . 41.90 42.69 -2.52
C2 NAG KA . 41.30 43.36 -1.29
C3 NAG KA . 41.56 44.87 -1.34
C4 NAG KA . 43.05 45.15 -1.52
C5 NAG KA . 43.58 44.39 -2.74
C6 NAG KA . 45.07 44.53 -2.90
C7 NAG KA . 39.19 43.23 -0.05
C8 NAG KA . 37.72 42.93 -0.12
N2 NAG KA . 39.87 43.09 -1.19
O3 NAG KA . 41.10 45.48 -0.14
O4 NAG KA . 43.27 46.54 -1.70
O5 NAG KA . 43.30 42.99 -2.61
O6 NAG KA . 45.78 43.77 -1.93
O7 NAG KA . 39.73 43.59 0.99
C1 NAG LA . -32.65 29.41 -17.19
C2 NAG LA . -31.79 30.68 -17.22
C3 NAG LA . -32.50 31.77 -18.04
C4 NAG LA . -32.85 31.24 -19.42
C5 NAG LA . -33.67 29.97 -19.31
C6 NAG LA . -33.97 29.33 -20.64
C7 NAG LA . -30.51 31.96 -15.56
C8 NAG LA . -30.38 32.36 -14.12
N2 NAG LA . -31.53 31.17 -15.87
O3 NAG LA . -31.64 32.90 -18.15
O4 NAG LA . -33.59 32.22 -20.14
O5 NAG LA . -32.96 29.00 -18.53
O6 NAG LA . -32.77 28.87 -21.26
O7 NAG LA . -29.70 32.35 -16.41
C1 NAG MA . 10.00 -5.28 -84.71
C2 NAG MA . 11.14 -4.33 -84.28
C3 NAG MA . 10.63 -2.91 -84.41
C4 NAG MA . 9.43 -2.67 -83.50
C5 NAG MA . 8.45 -3.84 -83.37
C6 NAG MA . 7.16 -3.61 -84.15
C7 NAG MA . 12.42 -5.38 -82.46
C8 NAG MA . 11.98 -6.22 -81.29
N2 NAG MA . 11.51 -4.52 -82.88
O3 NAG MA . 10.30 -2.64 -85.78
O4 NAG MA . 9.88 -2.32 -82.18
O5 NAG MA . 9.02 -5.13 -83.68
O6 NAG MA . 6.76 -2.24 -84.00
O7 NAG MA . 13.53 -5.45 -82.96
C1 NAG NA . 8.57 -5.86 -87.25
C2 NAG NA . 8.52 -6.29 -88.75
C3 NAG NA . 8.76 -5.13 -89.71
C4 NAG NA . 7.80 -4.00 -89.38
C5 NAG NA . 7.99 -3.65 -87.91
C6 NAG NA . 7.13 -2.44 -87.55
C7 NAG NA . 9.20 -8.52 -89.49
C8 NAG NA . 10.31 -9.26 -90.17
N2 NAG NA . 9.52 -7.31 -89.03
O3 NAG NA . 8.52 -5.59 -91.04
O4 NAG NA . 8.10 -2.85 -90.18
O5 NAG NA . 7.65 -4.79 -87.12
O6 NAG NA . 5.74 -2.81 -87.57
O7 NAG NA . 8.10 -9.01 -89.37
C1 NAG OA . -28.04 -48.10 -37.44
C2 NAG OA . -27.35 -48.78 -36.26
C3 NAG OA . -28.31 -49.73 -35.55
C4 NAG OA . -29.60 -48.99 -35.19
C5 NAG OA . -30.18 -48.28 -36.41
C6 NAG OA . -31.39 -47.43 -36.08
C7 NAG OA . -26.11 -50.51 -37.53
C8 NAG OA . -24.75 -51.09 -37.81
N2 NAG OA . -26.14 -49.48 -36.67
O3 NAG OA . -27.70 -50.23 -34.37
O4 NAG OA . -30.56 -49.92 -34.70
O5 NAG OA . -29.21 -47.40 -36.99
O6 NAG OA . -31.07 -46.42 -35.14
O7 NAG OA . -27.13 -50.95 -38.06
C1 NAG PA . -18.83 -42.47 -17.56
C2 NAG PA . -19.90 -43.28 -18.32
C3 NAG PA . -19.34 -43.83 -19.63
C4 NAG PA . -18.40 -42.81 -20.27
C5 NAG PA . -17.16 -42.67 -19.40
C6 NAG PA . -16.51 -41.31 -19.49
C7 NAG PA . -21.11 -44.21 -16.38
C8 NAG PA . -21.53 -45.45 -15.67
N2 NAG PA . -20.40 -44.38 -17.51
O3 NAG PA . -20.41 -44.11 -20.53
O4 NAG PA . -18.00 -43.25 -21.56
O5 NAG PA . -17.48 -42.88 -18.01
O6 NAG PA . -15.14 -41.35 -19.11
O7 NAG PA . -21.38 -43.09 -15.95
C1 NAG QA . -29.45 -17.72 -45.28
C2 NAG QA . -30.97 -17.46 -45.22
C3 NAG QA . -31.31 -16.05 -45.67
C4 NAG QA . -30.20 -15.43 -46.50
C5 NAG QA . -29.61 -16.50 -47.43
C6 NAG QA . -28.57 -15.95 -48.37
C7 NAG QA . -32.91 -18.89 -45.73
C8 NAG QA . -33.49 -19.91 -46.66
N2 NAG QA . -31.68 -18.45 -46.02
O3 NAG QA . -31.58 -15.24 -44.54
O4 NAG QA . -30.71 -14.37 -47.29
O5 NAG QA . -28.95 -17.52 -46.65
O6 NAG QA . -27.26 -16.32 -47.98
O7 NAG QA . -33.53 -18.48 -44.75
C1 NAG RA . -46.28 8.80 14.35
C2 NAG RA . -45.71 9.99 15.13
C3 NAG RA . -46.73 10.50 16.14
C4 NAG RA . -48.08 10.67 15.47
C5 NAG RA . -48.62 9.29 15.12
C6 NAG RA . -49.43 9.27 13.84
C7 NAG RA . -43.28 9.61 15.20
C8 NAG RA . -42.11 9.21 16.05
N2 NAG RA . -44.46 9.62 15.81
O3 NAG RA . -46.28 11.76 16.66
O4 NAG RA . -48.98 11.32 16.34
O5 NAG RA . -47.56 8.34 14.96
O6 NAG RA . -49.52 10.57 13.27
O7 NAG RA . -43.15 9.91 14.01
C1 NAG SA . -46.98 -20.29 -16.08
C2 NAG SA . -46.73 -21.41 -17.13
C3 NAG SA . -46.28 -22.72 -16.47
C4 NAG SA . -46.62 -22.74 -14.99
C5 NAG SA . -48.01 -22.15 -14.79
C6 NAG SA . -48.50 -22.29 -13.36
C7 NAG SA . -48.01 -21.11 -19.20
C8 NAG SA . -46.86 -20.29 -19.70
N2 NAG SA . -47.89 -21.62 -17.97
O3 NAG SA . -44.88 -22.89 -16.66
O4 NAG SA . -46.60 -24.08 -14.50
O5 NAG SA . -47.98 -20.75 -15.08
O6 NAG SA . -47.46 -22.03 -12.43
O7 NAG SA . -49.01 -21.31 -19.89
C1 NAG TA . -35.10 7.53 -37.82
C2 NAG TA . -36.35 6.73 -38.27
C3 NAG TA . -36.70 7.06 -39.72
C4 NAG TA . -36.83 8.57 -39.93
C5 NAG TA . -35.55 9.25 -39.46
C6 NAG TA . -35.62 10.76 -39.55
C7 NAG TA . -35.23 4.58 -38.76
C8 NAG TA . -35.21 3.11 -38.44
N2 NAG TA . -36.15 5.31 -38.11
O3 NAG TA . -37.93 6.43 -40.06
O4 NAG TA . -37.06 8.86 -41.30
O5 NAG TA . -35.30 8.94 -38.09
O6 NAG TA . -35.57 11.36 -38.27
O7 NAG TA . -34.45 5.08 -39.56
C1 NAG UA . -56.21 16.51 -7.55
C2 NAG UA . -57.67 16.49 -8.03
C3 NAG UA . -58.63 16.42 -6.84
C4 NAG UA . -58.26 15.29 -5.89
C5 NAG UA . -56.79 15.42 -5.49
C6 NAG UA . -56.32 14.29 -4.61
C7 NAG UA . -57.94 17.63 -10.20
C8 NAG UA . -58.28 18.91 -10.88
N2 NAG UA . -57.97 17.65 -8.86
O3 NAG UA . -59.97 16.25 -7.31
O4 NAG UA . -59.06 15.33 -4.74
O5 NAG UA . -55.97 15.41 -6.67
O6 NAG UA . -55.36 14.74 -3.67
O7 NAG UA . -57.64 16.61 -10.82
C1 NAG VA . -12.99 -41.62 18.16
C2 NAG VA . -14.51 -41.41 18.14
C3 NAG VA . -15.25 -42.72 18.40
C4 NAG VA . -14.80 -43.78 17.40
C5 NAG VA . -13.28 -43.93 17.46
C6 NAG VA . -12.75 -44.89 16.41
C7 NAG VA . -16.03 -39.69 19.06
C8 NAG VA . -16.26 -38.72 20.17
N2 NAG VA . -14.89 -40.40 19.14
O3 NAG VA . -16.65 -42.52 18.28
O4 NAG VA . -15.40 -45.03 17.72
O5 NAG VA . -12.65 -42.67 17.21
O6 NAG VA . -13.11 -44.47 15.11
O7 NAG VA . -16.82 -39.84 18.14
C1 NAG WA . -11.94 -49.66 -67.60
C2 NAG WA . -13.29 -48.93 -67.40
C3 NAG WA . -14.13 -49.63 -66.35
C4 NAG WA . -13.36 -49.77 -65.04
C5 NAG WA . -11.92 -50.26 -65.21
C6 NAG WA . -11.80 -51.78 -65.30
C7 NAG WA . -12.74 -46.62 -67.91
C8 NAG WA . -11.80 -45.57 -67.38
N2 NAG WA . -13.09 -47.55 -67.03
O3 NAG WA . -14.58 -50.91 -66.83
O4 NAG WA . -13.31 -48.51 -64.36
O5 NAG WA . -11.26 -49.64 -66.33
O6 NAG WA . -12.61 -52.40 -64.30
O7 NAG WA . -13.15 -46.60 -69.06
C1 NAG XA . -10.76 -51.61 -69.45
C2 NAG XA . -10.38 -52.56 -70.64
C3 NAG XA . -11.52 -53.47 -71.10
C4 NAG XA . -12.04 -54.27 -69.92
C5 NAG XA . -12.38 -53.27 -68.84
C6 NAG XA . -13.01 -54.00 -67.66
C7 NAG XA . -8.78 -52.34 -72.46
C8 NAG XA . -8.78 -52.20 -73.96
N2 NAG XA . -9.86 -51.89 -71.83
O3 NAG XA . -11.04 -54.40 -72.09
O4 NAG XA . -13.22 -54.99 -70.30
O5 NAG XA . -11.17 -52.60 -68.49
O6 NAG XA . -12.06 -54.88 -67.06
O7 NAG XA . -7.86 -52.85 -71.87
C1 NAG YA . 50.15 -32.44 -30.49
C2 NAG YA . 50.55 -30.98 -30.31
C3 NAG YA . 51.91 -30.89 -29.61
C4 NAG YA . 51.91 -31.70 -28.33
C5 NAG YA . 51.41 -33.13 -28.59
C6 NAG YA . 51.27 -33.94 -27.33
C7 NAG YA . 51.37 -30.55 -32.61
C8 NAG YA . 51.22 -29.69 -33.83
N2 NAG YA . 50.57 -30.26 -31.58
O3 NAG YA . 52.20 -29.52 -29.32
O4 NAG YA . 53.21 -31.76 -27.78
O5 NAG YA . 50.13 -33.09 -29.22
O6 NAG YA . 50.26 -33.42 -26.48
O7 NAG YA . 52.17 -31.49 -32.57
C1 NAG ZA . 43.61 -14.02 -19.16
C2 NAG ZA . 44.70 -15.06 -19.46
C3 NAG ZA . 44.70 -15.41 -20.95
C4 NAG ZA . 43.29 -15.44 -21.50
C5 NAG ZA . 42.72 -14.02 -21.48
C6 NAG ZA . 41.22 -13.98 -21.35
C7 NAG ZA . 46.36 -14.37 -17.78
C8 NAG ZA . 47.75 -13.87 -17.56
N2 NAG ZA . 46.01 -14.58 -19.06
O3 NAG ZA . 45.32 -16.69 -21.14
O4 NAG ZA . 43.30 -15.91 -22.84
O5 NAG ZA . 43.26 -13.27 -20.38
O6 NAG ZA . 40.67 -12.83 -21.96
O7 NAG ZA . 45.58 -14.57 -16.85
C1 NAG AB . 23.01 -46.54 -22.83
C2 NAG AB . 23.54 -47.63 -21.87
C3 NAG AB . 22.43 -48.62 -21.48
C4 NAG AB . 21.28 -48.59 -22.49
C5 NAG AB . 21.85 -48.45 -23.90
C6 NAG AB . 20.78 -48.55 -24.96
C7 NAG AB . 25.68 -48.82 -21.73
C8 NAG AB . 26.77 -49.51 -22.50
N2 NAG AB . 24.67 -48.33 -22.45
O3 NAG AB . 21.95 -48.31 -20.19
O4 NAG AB . 20.54 -49.79 -22.39
O5 NAG AB . 22.47 -47.17 -24.06
O6 NAG AB . 20.51 -47.27 -25.55
O7 NAG AB . 25.70 -48.73 -20.50
C1 NAG BB . 15.52 -24.06 40.02
C2 NAG BB . 14.30 -23.41 40.71
C3 NAG BB . 14.42 -23.55 42.23
C4 NAG BB . 14.79 -24.98 42.59
C5 NAG BB . 16.22 -25.26 42.12
C6 NAG BB . 16.42 -26.68 41.67
C7 NAG BB . 13.53 -21.60 39.25
C8 NAG BB . 13.49 -20.12 39.02
N2 NAG BB . 14.17 -22.01 40.35
O3 NAG BB . 13.17 -23.20 42.82
O4 NAG BB . 14.71 -25.17 43.99
O5 NAG BB . 16.57 -24.40 41.02
O6 NAG BB . 15.24 -27.45 41.81
O7 NAG BB . 12.99 -22.39 38.48
C1 NAG CB . 37.30 -37.88 6.87
C2 NAG CB . 38.01 -38.12 5.51
C3 NAG CB . 39.04 -37.03 5.18
C4 NAG CB . 39.40 -36.23 6.43
C5 NAG CB . 39.58 -37.18 7.60
C6 NAG CB . 40.11 -36.50 8.83
C7 NAG CB . 38.08 -40.50 4.86
C8 NAG CB . 36.76 -40.26 4.19
N2 NAG CB . 38.62 -39.44 5.47
O3 NAG CB . 38.50 -36.16 4.18
O4 NAG CB . 40.61 -35.52 6.20
O5 NAG CB . 38.31 -37.75 7.95
O6 NAG CB . 39.51 -35.23 9.02
O7 NAG CB . 38.63 -41.60 4.85
C1 NAG DB . 4.60 -51.82 -4.09
C2 NAG DB . 5.84 -52.74 -4.10
C3 NAG DB . 5.52 -54.05 -4.84
C4 NAG DB . 4.28 -54.71 -4.28
C5 NAG DB . 3.11 -53.71 -4.32
C6 NAG DB . 1.85 -54.26 -3.71
C7 NAG DB . 7.07 -51.67 -5.95
C8 NAG DB . 8.36 -51.01 -6.34
N2 NAG DB . 7.00 -52.09 -4.68
O3 NAG DB . 6.64 -54.93 -4.71
O4 NAG DB . 3.95 -55.85 -5.04
O5 NAG DB . 3.46 -52.54 -3.58
O6 NAG DB . 1.22 -53.30 -2.86
O7 NAG DB . 6.14 -51.80 -6.75
C1 NAG EB . 11.34 -48.55 33.07
C2 NAG EB . 11.30 -47.70 34.33
C3 NAG EB . 12.25 -48.27 35.39
C4 NAG EB . 11.94 -49.74 35.63
C5 NAG EB . 11.96 -50.51 34.32
C6 NAG EB . 11.54 -51.96 34.48
C7 NAG EB . 11.32 -45.30 34.86
C8 NAG EB . 11.76 -43.94 34.41
N2 NAG EB . 11.65 -46.31 34.05
O3 NAG EB . 12.12 -47.55 36.60
O4 NAG EB . 12.91 -50.30 36.52
O5 NAG EB . 11.04 -49.92 33.39
O6 NAG EB . 10.83 -52.42 33.33
O7 NAG EB . 10.71 -45.48 35.90
C1 NAG FB . 44.85 14.19 3.48
C2 NAG FB . 45.34 13.14 4.46
C3 NAG FB . 46.86 13.13 4.53
C4 NAG FB . 47.46 12.98 3.14
C5 NAG FB . 46.91 14.05 2.21
C6 NAG FB . 47.36 13.89 0.77
C7 NAG FB . 44.66 12.39 6.70
C8 NAG FB . 44.04 12.79 8.01
N2 NAG FB . 44.78 13.35 5.79
O3 NAG FB . 47.31 12.08 5.37
O4 NAG FB . 48.88 13.09 3.20
O5 NAG FB . 45.48 13.99 2.19
O6 NAG FB . 46.80 12.72 0.19
O7 NAG FB . 45.02 11.23 6.48
C1 NAG GB . 39.83 -41.85 -62.98
C2 NAG GB . 39.71 -42.87 -61.83
C3 NAG GB . 40.97 -42.82 -61.00
C4 NAG GB . 41.19 -41.43 -60.40
C5 NAG GB . 40.76 -40.25 -61.29
C6 NAG GB . 41.95 -39.52 -61.90
C7 NAG GB . 37.36 -42.98 -61.08
C8 NAG GB . 36.32 -41.91 -60.90
N2 NAG GB . 38.61 -42.56 -60.93
O3 NAG GB . 42.09 -43.21 -61.82
O4 NAG GB . 40.49 -41.33 -59.15
O5 NAG GB . 39.78 -40.58 -62.29
O6 NAG GB . 42.98 -39.39 -60.91
O7 NAG GB . 37.09 -44.15 -61.33
C1 NAG HB . 41.50 -41.55 -65.40
C2 NAG HB . 42.08 -41.99 -66.79
C3 NAG HB . 43.31 -42.89 -66.67
C4 NAG HB . 44.33 -42.25 -65.75
C5 NAG HB . 43.64 -41.91 -64.44
C6 NAG HB . 44.65 -41.35 -63.43
C7 NAG HB . 40.62 -42.29 -68.74
C8 NAG HB . 39.95 -43.33 -69.60
N2 NAG HB . 41.08 -42.72 -67.56
O3 NAG HB . 43.87 -43.05 -67.97
O4 NAG HB . 45.41 -43.16 -65.49
O5 NAG HB . 42.60 -40.97 -64.70
O6 NAG HB . 45.06 -40.04 -63.85
O7 NAG HB . 40.71 -41.13 -69.11
#